data_7MT9
#
_entry.id   7MT9
#
loop_
_entity.id
_entity.type
_entity.pdbx_description
1 polymer 'Rhodopsin kinase GRK1'
2 polymer Rhodopsin
3 non-polymer SANGIVAMYCIN
4 non-polymer RETINAL
#
loop_
_entity_poly.entity_id
_entity_poly.type
_entity_poly.pdbx_seq_one_letter_code
_entity_poly.pdbx_strand_id
1 'polypeptide(L)'
;MDFGSLETVVANSAFIAARGSFDASSGPASRDRKYLARLKLPPLSKCEALRESLDLGFEGMCLEQPIGKRLFQQFLRTHE
QHGPALQLWKDIEDYDTADDALRPQKAQALRAAYLEPQAQLFCSFLDAETVARARAGAGDGLFQPLLRAVLAHLGQAPFQ
EFLDSLYFLRFLQWKWLEAQPMGEDWFLDFRVLGRGGFGEVFACQMKATGKLYACKKLNKKRLKKRKGYQGAMVEKKILA
KVHSRFIVSLAYAFETKTDLCLVMTIMNGGDIRYHIYNVDEDNPGFQEPRAIFYTAQIVSGLEHLHQRNIIYRDLKPENV
LLDDDGNVRISDLGLAVELKAGQTKTKGYAGTPGFMAPELLLGEEYDFSVDYFALGVTLYEMIAARGPFRARGEKVENKE
LKQRVLEQAVTYPDKFSPASKDFCEALLQKDPEKRLGFRDGSCDGLRTHPLFRDISWRQLEAGMLTPPFVPDSRTVYAKN
IQDVGAFSTVKGVAFEKADTEFFQEFASGTCPIPWQEEMIETGVFGDLNVWRPDGVDHHHHHH
;
G
2 'polypeptide(L)'
;MNGTEGPNFYVPFSNKTGVVRSPFEAPQYYLAEPWQFSMLAAYMFLLIMLGFPINFLTLYVTVQHKKLRTPLNYILLNLA
VADLFMVFGGFTTTLYTSLHGYFVFGPTGCNLEGFFATLGGEIALWSLVVLAIERYVVVCKPMSNFRFGENHAIMGVAFT
WVMALACAAPPLVGWSRYIPEGMQCSCGIDYYTPHEETNNESFVIYMFVVHFIIPLIVIFFCYGQLVFTVKEAAAQQQES
ATTQKAEKEVTRMVIIMVIAFLICWLPYAGVAFYIFTHQGSDFGPIFMTIPAFFAKTSAVYNPVIYIMMNKQFRNCMVTT
LCCGKNPLGDDEASTTVSKTETSQVAPA
;
R
#
loop_
_chem_comp.id
_chem_comp.type
_chem_comp.name
_chem_comp.formula
RET non-polymer RETINAL 'C20 H28 O'
SGV non-polymer SANGIVAMYCIN 'C12 H15 N5 O5'
#
# COMPACT_ATOMS: atom_id res chain seq x y z
N LEU A 6 11.40 -6.50 0.85
CA LEU A 6 11.06 -7.27 -0.30
C LEU A 6 10.29 -6.36 -1.19
N GLU A 7 8.95 -6.41 -1.15
CA GLU A 7 8.06 -5.48 -1.80
C GLU A 7 8.22 -4.09 -1.22
N THR A 8 8.49 -4.03 0.09
CA THR A 8 8.83 -2.80 0.78
C THR A 8 10.10 -2.18 0.24
N VAL A 9 11.11 -3.01 -0.08
CA VAL A 9 12.31 -2.61 -0.78
C VAL A 9 12.03 -2.15 -2.20
N VAL A 10 11.06 -2.77 -2.92
CA VAL A 10 10.62 -2.35 -4.24
C VAL A 10 10.04 -0.96 -4.18
N ALA A 11 9.24 -0.69 -3.13
CA ALA A 11 8.69 0.63 -2.86
C ALA A 11 9.78 1.63 -2.57
N ASN A 12 10.82 1.21 -1.81
CA ASN A 12 12.00 2.00 -1.51
C ASN A 12 12.76 2.29 -2.78
N SER A 13 12.85 1.30 -3.70
CA SER A 13 13.48 1.49 -4.99
C SER A 13 12.78 2.51 -5.83
N ALA A 14 11.41 2.52 -5.84
CA ALA A 14 10.69 3.56 -6.57
C ALA A 14 10.93 4.96 -6.02
N PHE A 15 11.09 5.07 -4.68
CA PHE A 15 11.41 6.30 -3.99
C PHE A 15 12.78 6.82 -4.38
N ILE A 16 13.78 5.91 -4.43
CA ILE A 16 15.15 6.19 -4.80
C ILE A 16 15.19 6.72 -6.21
N ALA A 17 14.34 6.13 -7.08
CA ALA A 17 14.21 6.47 -8.48
C ALA A 17 13.72 7.89 -8.61
N ALA A 18 12.68 8.27 -7.81
CA ALA A 18 12.12 9.60 -7.83
C ALA A 18 13.09 10.66 -7.37
N ARG A 19 13.88 10.35 -6.31
CA ARG A 19 14.87 11.21 -5.71
C ARG A 19 15.96 11.54 -6.68
N GLY A 20 16.38 10.51 -7.46
CA GLY A 20 17.42 10.57 -8.46
C GLY A 20 17.06 11.53 -9.56
N SER A 21 15.79 11.45 -10.04
CA SER A 21 15.23 12.31 -11.05
C SER A 21 15.15 13.74 -10.53
N PHE A 22 14.73 13.91 -9.26
CA PHE A 22 14.63 15.20 -8.61
C PHE A 22 15.97 15.87 -8.45
N ASP A 23 17.00 15.09 -8.04
CA ASP A 23 18.36 15.56 -7.84
C ASP A 23 18.98 16.02 -9.13
N ALA A 24 18.71 15.28 -10.23
CA ALA A 24 19.15 15.62 -11.56
C ALA A 24 18.07 16.43 -12.21
N MET A 182 -6.05 19.28 -10.55
CA MET A 182 -5.50 18.18 -11.27
C MET A 182 -6.36 16.98 -10.97
N GLY A 183 -5.96 16.18 -9.96
CA GLY A 183 -5.93 14.74 -10.10
C GLY A 183 -4.58 14.28 -9.67
N GLU A 184 -4.49 13.01 -9.21
CA GLU A 184 -3.29 12.43 -8.68
C GLU A 184 -2.61 11.62 -9.75
N ASP A 185 -3.06 11.77 -11.02
CA ASP A 185 -2.63 10.94 -12.13
C ASP A 185 -1.59 11.75 -12.90
N TRP A 186 -1.31 12.99 -12.41
CA TRP A 186 -0.46 13.97 -13.04
C TRP A 186 0.74 14.14 -12.15
N PHE A 187 0.83 13.27 -11.11
CA PHE A 187 1.93 13.20 -10.21
C PHE A 187 2.14 11.72 -10.06
N LEU A 188 3.39 11.24 -10.26
CA LEU A 188 3.71 9.85 -10.09
C LEU A 188 3.87 9.69 -8.59
N ASP A 189 3.27 8.63 -8.03
CA ASP A 189 3.10 8.50 -6.60
C ASP A 189 4.05 7.44 -6.13
N PHE A 190 4.66 7.70 -4.95
CA PHE A 190 5.63 6.82 -4.34
C PHE A 190 5.12 6.44 -2.98
N ARG A 191 6.00 5.81 -2.18
CA ARG A 191 5.77 5.40 -0.82
C ARG A 191 5.30 6.49 0.09
N VAL A 192 4.49 6.10 1.09
CA VAL A 192 4.00 6.97 2.12
C VAL A 192 5.12 7.38 3.02
N LEU A 193 4.92 8.53 3.69
CA LEU A 193 5.89 9.20 4.51
C LEU A 193 5.28 9.22 5.90
N GLY A 194 4.02 8.74 5.99
CA GLY A 194 3.29 8.58 7.20
C GLY A 194 1.89 8.35 6.75
N ARG A 195 1.02 7.96 7.72
CA ARG A 195 -0.39 7.81 7.51
C ARG A 195 -0.91 8.82 8.46
N GLY A 196 -1.46 9.94 7.92
CA GLY A 196 -2.12 10.98 8.66
C GLY A 196 -3.36 10.53 9.38
N GLY A 197 -4.13 11.49 9.93
CA GLY A 197 -5.41 11.22 10.56
C GLY A 197 -6.41 10.88 9.50
N PHE A 198 -6.22 11.49 8.31
CA PHE A 198 -7.09 11.37 7.18
C PHE A 198 -6.13 11.02 6.09
N GLY A 199 -6.39 9.87 5.42
CA GLY A 199 -5.68 9.36 4.27
C GLY A 199 -4.19 9.22 4.38
N GLU A 200 -3.57 8.85 3.24
CA GLU A 200 -2.16 8.62 3.06
C GLU A 200 -1.51 9.98 2.95
N VAL A 201 -0.20 10.08 3.28
CA VAL A 201 0.55 11.25 2.91
C VAL A 201 1.78 10.66 2.29
N PHE A 202 1.88 10.72 0.94
CA PHE A 202 2.98 10.16 0.19
C PHE A 202 3.73 11.24 -0.52
N ALA A 203 5.02 10.94 -0.81
CA ALA A 203 5.80 11.74 -1.73
C ALA A 203 5.33 11.44 -3.13
N CYS A 204 5.57 12.38 -4.05
CA CYS A 204 5.01 12.33 -5.37
C CYS A 204 5.86 13.28 -6.15
N GLN A 205 5.75 13.25 -7.49
CA GLN A 205 6.60 14.06 -8.32
C GLN A 205 5.71 14.43 -9.46
N MET A 206 5.75 15.71 -9.86
CA MET A 206 5.13 16.24 -11.04
C MET A 206 5.68 15.62 -12.28
N LYS A 207 4.77 15.08 -13.10
CA LYS A 207 5.08 14.37 -14.31
C LYS A 207 5.54 15.34 -15.38
N ALA A 208 5.16 16.64 -15.24
CA ALA A 208 5.36 17.63 -16.25
C ALA A 208 6.37 18.66 -15.81
N THR A 209 6.89 18.58 -14.55
CA THR A 209 7.71 19.63 -13.98
C THR A 209 8.99 18.98 -13.52
N GLY A 210 8.88 17.80 -12.85
CA GLY A 210 10.02 17.03 -12.42
C GLY A 210 10.47 17.51 -11.07
N LYS A 211 9.52 18.04 -10.27
CA LYS A 211 9.76 18.56 -8.95
C LYS A 211 8.96 17.73 -8.01
N LEU A 212 9.49 17.50 -6.78
CA LEU A 212 8.89 16.67 -5.77
C LEU A 212 8.01 17.53 -4.92
N TYR A 213 6.85 16.97 -4.54
CA TYR A 213 5.89 17.61 -3.69
C TYR A 213 5.45 16.49 -2.78
N ALA A 214 5.01 16.85 -1.55
CA ALA A 214 4.24 15.95 -0.72
C ALA A 214 2.80 16.17 -1.04
N CYS A 215 2.01 15.07 -1.04
CA CYS A 215 0.60 15.11 -1.32
C CYS A 215 -0.03 14.57 -0.08
N LYS A 216 -0.56 15.49 0.77
CA LYS A 216 -1.34 15.16 1.93
C LYS A 216 -2.73 14.88 1.40
N LYS A 217 -3.09 13.58 1.31
CA LYS A 217 -4.41 13.13 0.98
C LYS A 217 -5.20 13.00 2.24
N LEU A 218 -6.46 13.46 2.21
CA LEU A 218 -7.40 13.36 3.29
C LEU A 218 -8.53 12.56 2.74
N ASN A 219 -8.62 11.26 3.11
CA ASN A 219 -9.63 10.34 2.64
C ASN A 219 -11.03 10.77 3.04
N LYS A 220 -11.96 10.75 2.05
CA LYS A 220 -13.34 11.17 2.17
C LYS A 220 -14.11 10.43 3.23
N LYS A 221 -13.86 9.10 3.35
CA LYS A 221 -14.49 8.24 4.31
C LYS A 221 -14.11 8.63 5.71
N ARG A 222 -12.78 8.70 5.99
CA ARG A 222 -12.22 9.09 7.27
C ARG A 222 -12.60 10.48 7.72
N LEU A 223 -12.77 11.42 6.75
CA LEU A 223 -13.23 12.77 6.96
C LEU A 223 -14.63 12.78 7.53
N LYS A 224 -15.54 12.00 6.93
CA LYS A 224 -16.91 11.84 7.40
C LYS A 224 -16.97 11.24 8.78
N LYS A 225 -16.12 10.22 9.08
CA LYS A 225 -16.13 9.55 10.36
C LYS A 225 -15.82 10.47 11.52
N ARG A 226 -14.69 11.24 11.45
CA ARG A 226 -14.33 12.17 12.51
C ARG A 226 -15.05 13.50 12.41
N LYS A 227 -15.74 13.77 11.27
CA LYS A 227 -16.34 15.04 10.93
C LYS A 227 -15.31 16.15 10.92
N GLY A 228 -14.22 15.93 10.14
CA GLY A 228 -13.01 16.74 10.15
C GLY A 228 -13.01 17.77 9.07
N TYR A 229 -14.21 18.29 8.71
CA TYR A 229 -14.39 19.19 7.59
C TYR A 229 -13.87 20.56 7.92
N GLN A 230 -14.04 21.01 9.18
CA GLN A 230 -13.61 22.32 9.62
C GLN A 230 -12.10 22.44 9.56
N GLY A 231 -11.40 21.42 10.08
CA GLY A 231 -9.96 21.37 10.22
C GLY A 231 -9.25 21.42 8.90
N ALA A 232 -9.87 20.79 7.86
CA ALA A 232 -9.37 20.74 6.51
C ALA A 232 -9.37 22.10 5.87
N MET A 233 -10.52 22.83 5.97
CA MET A 233 -10.77 24.11 5.35
C MET A 233 -9.83 25.17 5.90
N VAL A 234 -9.49 25.04 7.19
CA VAL A 234 -8.62 25.94 7.92
C VAL A 234 -7.22 25.83 7.39
N GLU A 235 -6.70 24.58 7.29
CA GLU A 235 -5.37 24.27 6.80
C GLU A 235 -5.12 24.79 5.42
N LYS A 236 -6.17 24.71 4.55
CA LYS A 236 -6.18 25.17 3.17
C LYS A 236 -5.95 26.66 3.14
N LYS A 237 -6.91 27.44 3.71
CA LYS A 237 -6.93 28.88 3.68
C LYS A 237 -5.70 29.53 4.25
N ILE A 238 -5.14 28.96 5.35
CA ILE A 238 -3.97 29.47 6.04
C ILE A 238 -2.75 29.28 5.17
N LEU A 239 -2.39 28.02 4.80
CA LEU A 239 -1.25 27.71 3.94
C LEU A 239 -1.27 28.42 2.61
N ALA A 240 -2.48 28.61 2.02
CA ALA A 240 -2.72 29.31 0.78
C ALA A 240 -2.30 30.75 0.83
N LYS A 241 -2.43 31.37 2.03
CA LYS A 241 -2.24 32.78 2.24
C LYS A 241 -0.85 33.06 2.73
N VAL A 242 -0.29 32.13 3.53
CA VAL A 242 0.96 32.33 4.22
C VAL A 242 1.99 31.45 3.58
N HIS A 243 3.01 32.09 2.96
CA HIS A 243 4.09 31.44 2.27
C HIS A 243 5.29 32.19 2.75
N SER A 244 6.30 31.48 3.30
CA SER A 244 7.54 32.09 3.69
C SER A 244 8.59 31.02 3.63
N ARG A 245 9.65 31.14 4.47
CA ARG A 245 10.72 30.20 4.58
C ARG A 245 10.61 29.50 5.91
N PHE A 246 9.45 29.66 6.60
CA PHE A 246 9.16 29.05 7.88
C PHE A 246 7.76 28.51 7.87
N ILE A 247 6.99 28.77 6.78
CA ILE A 247 5.72 28.15 6.54
C ILE A 247 5.85 27.63 5.14
N VAL A 248 5.52 26.32 4.94
CA VAL A 248 5.58 25.65 3.65
C VAL A 248 4.67 26.32 2.66
N SER A 249 5.14 26.47 1.40
CA SER A 249 4.34 26.94 0.30
C SER A 249 3.35 25.89 -0.12
N LEU A 250 2.14 26.32 -0.54
CA LEU A 250 1.12 25.45 -1.06
C LEU A 250 1.15 25.67 -2.54
N ALA A 251 1.13 24.57 -3.33
CA ALA A 251 1.31 24.65 -4.76
C ALA A 251 0.03 24.36 -5.47
N TYR A 252 -0.81 23.44 -4.94
CA TYR A 252 -2.04 23.05 -5.60
C TYR A 252 -2.98 22.61 -4.50
N ALA A 253 -4.30 22.83 -4.72
CA ALA A 253 -5.33 22.29 -3.86
C ALA A 253 -6.40 21.81 -4.80
N PHE A 254 -6.48 20.48 -5.00
CA PHE A 254 -7.47 19.84 -5.82
C PHE A 254 -8.03 18.68 -5.01
N GLU A 255 -8.99 17.94 -5.61
CA GLU A 255 -9.55 16.75 -5.02
C GLU A 255 -9.55 15.73 -6.11
N THR A 256 -9.63 14.44 -5.70
CA THR A 256 -9.88 13.31 -6.56
C THR A 256 -11.30 12.92 -6.21
N LYS A 257 -11.66 11.62 -6.35
CA LYS A 257 -13.01 11.15 -6.14
C LYS A 257 -13.04 10.32 -4.89
N THR A 258 -11.94 10.36 -4.10
CA THR A 258 -11.72 9.41 -3.02
C THR A 258 -11.11 10.19 -1.89
N ASP A 259 -10.47 11.35 -2.18
CA ASP A 259 -9.74 12.07 -1.17
C ASP A 259 -9.56 13.48 -1.64
N LEU A 260 -9.36 14.41 -0.69
CA LEU A 260 -9.01 15.80 -0.92
C LEU A 260 -7.53 15.91 -0.80
N CYS A 261 -6.88 16.73 -1.66
CA CYS A 261 -5.44 16.80 -1.71
C CYS A 261 -4.99 18.19 -1.41
N LEU A 262 -3.93 18.33 -0.59
CA LEU A 262 -3.14 19.52 -0.51
C LEU A 262 -1.79 19.08 -0.96
N VAL A 263 -1.29 19.69 -2.05
CA VAL A 263 0.01 19.38 -2.59
C VAL A 263 0.89 20.55 -2.25
N MET A 264 1.90 20.31 -1.39
CA MET A 264 2.73 21.35 -0.83
C MET A 264 4.15 21.05 -1.21
N THR A 265 5.04 22.08 -1.13
CA THR A 265 6.46 21.99 -1.40
C THR A 265 7.16 21.07 -0.42
N ILE A 266 8.15 20.32 -0.95
CA ILE A 266 8.97 19.39 -0.22
C ILE A 266 9.77 19.93 0.92
N MET A 267 10.05 18.98 1.84
CA MET A 267 10.81 19.12 3.04
C MET A 267 11.35 17.71 3.10
N ASN A 268 12.36 17.44 2.24
CA ASN A 268 12.89 16.13 1.92
C ASN A 268 13.66 15.49 3.04
N GLY A 269 14.01 16.29 4.08
CA GLY A 269 14.98 15.91 5.08
C GLY A 269 14.35 15.13 6.20
N GLY A 270 13.02 14.87 6.14
CA GLY A 270 12.24 14.19 7.15
C GLY A 270 11.83 15.17 8.21
N ASP A 271 11.08 14.70 9.24
CA ASP A 271 10.50 15.55 10.26
C ASP A 271 11.29 15.38 11.53
N ILE A 272 11.22 16.40 12.43
CA ILE A 272 11.93 16.45 13.70
C ILE A 272 11.61 15.25 14.56
N ARG A 273 10.35 14.76 14.53
CA ARG A 273 9.91 13.62 15.30
C ARG A 273 10.64 12.35 14.94
N TYR A 274 10.84 12.11 13.62
CA TYR A 274 11.63 11.06 13.03
C TYR A 274 13.05 11.13 13.51
N HIS A 275 13.59 12.37 13.54
CA HIS A 275 14.98 12.68 13.73
C HIS A 275 15.42 12.48 15.14
N ILE A 276 14.48 12.48 16.12
CA ILE A 276 14.72 12.06 17.48
C ILE A 276 15.26 10.64 17.49
N TYR A 277 14.67 9.74 16.66
CA TYR A 277 15.01 8.35 16.67
C TYR A 277 16.00 8.01 15.57
N ASN A 278 16.12 8.87 14.52
CA ASN A 278 16.94 8.59 13.36
C ASN A 278 18.37 9.00 13.54
N VAL A 279 18.65 9.99 14.44
CA VAL A 279 19.97 10.46 14.80
C VAL A 279 20.86 9.32 15.30
N ASP A 280 20.21 8.38 16.03
CA ASP A 280 20.72 7.17 16.62
C ASP A 280 19.84 7.05 17.83
N GLU A 281 19.46 5.80 18.20
CA GLU A 281 18.60 5.53 19.32
C GLU A 281 19.38 5.54 20.61
N ASP A 282 20.73 5.46 20.51
CA ASP A 282 21.63 5.47 21.63
C ASP A 282 22.17 6.87 21.85
N ASN A 283 21.68 7.85 21.06
CA ASN A 283 22.00 9.25 21.23
C ASN A 283 20.80 9.81 21.97
N PRO A 284 20.94 10.47 23.13
CA PRO A 284 19.78 10.87 23.92
C PRO A 284 19.38 12.25 23.46
N GLY A 285 18.63 12.32 22.33
CA GLY A 285 18.21 13.53 21.70
C GLY A 285 19.36 14.34 21.15
N PHE A 286 19.00 15.46 20.50
CA PHE A 286 19.87 16.42 19.86
C PHE A 286 20.81 17.04 20.84
N GLN A 287 22.00 17.45 20.31
CA GLN A 287 22.96 18.30 20.96
C GLN A 287 22.30 19.64 21.17
N GLU A 288 22.64 20.35 22.27
CA GLU A 288 22.00 21.61 22.64
C GLU A 288 22.00 22.66 21.54
N PRO A 289 23.09 23.05 20.87
CA PRO A 289 23.07 24.02 19.78
C PRO A 289 22.11 23.69 18.66
N ARG A 290 22.02 22.40 18.28
CA ARG A 290 21.21 21.90 17.20
C ARG A 290 19.74 22.04 17.48
N ALA A 291 19.33 21.76 18.74
CA ALA A 291 17.99 21.92 19.23
C ALA A 291 17.59 23.37 19.29
N ILE A 292 18.52 24.24 19.77
CA ILE A 292 18.35 25.67 19.93
C ILE A 292 18.07 26.32 18.60
N PHE A 293 18.85 25.94 17.55
CA PHE A 293 18.65 26.40 16.19
C PHE A 293 17.27 26.10 15.66
N TYR A 294 16.80 24.83 15.77
CA TYR A 294 15.49 24.44 15.31
C TYR A 294 14.36 25.14 16.05
N THR A 295 14.49 25.30 17.39
CA THR A 295 13.57 26.01 18.25
C THR A 295 13.40 27.45 17.85
N ALA A 296 14.53 28.14 17.53
CA ALA A 296 14.57 29.52 17.07
C ALA A 296 13.80 29.70 15.79
N GLN A 297 13.96 28.73 14.86
CA GLN A 297 13.29 28.69 13.58
C GLN A 297 11.80 28.46 13.72
N ILE A 298 11.39 27.61 14.69
CA ILE A 298 9.99 27.43 15.04
C ILE A 298 9.39 28.73 15.55
N VAL A 299 10.10 29.48 16.42
CA VAL A 299 9.67 30.76 16.96
C VAL A 299 9.37 31.80 15.91
N SER A 300 10.24 31.95 14.87
CA SER A 300 10.00 32.86 13.75
C SER A 300 8.76 32.51 12.98
N GLY A 301 8.50 31.19 12.81
CA GLY A 301 7.29 30.69 12.17
C GLY A 301 6.05 31.00 12.95
N LEU A 302 6.08 30.82 14.30
CA LEU A 302 5.01 31.17 15.21
C LEU A 302 4.71 32.64 15.17
N GLU A 303 5.75 33.49 15.16
CA GLU A 303 5.67 34.93 15.10
C GLU A 303 4.94 35.41 13.88
N HIS A 304 5.23 34.81 12.69
CA HIS A 304 4.61 35.12 11.43
C HIS A 304 3.12 34.84 11.44
N LEU A 305 2.70 33.74 12.12
CA LEU A 305 1.31 33.38 12.32
C LEU A 305 0.62 34.40 13.18
N HIS A 306 1.29 34.84 14.27
CA HIS A 306 0.78 35.77 15.26
C HIS A 306 0.58 37.14 14.65
N GLN A 307 1.45 37.54 13.69
CA GLN A 307 1.33 38.77 12.94
C GLN A 307 0.10 38.82 12.04
N ARG A 308 -0.47 37.64 11.69
CA ARG A 308 -1.69 37.54 10.90
C ARG A 308 -2.83 37.27 11.83
N ASN A 309 -2.55 37.18 13.16
CA ASN A 309 -3.48 36.97 14.24
C ASN A 309 -4.06 35.59 14.22
N ILE A 310 -3.18 34.56 14.15
CA ILE A 310 -3.56 33.18 14.08
C ILE A 310 -2.99 32.56 15.33
N ILE A 311 -3.85 31.83 16.08
CA ILE A 311 -3.45 31.04 17.23
C ILE A 311 -3.37 29.65 16.65
N TYR A 312 -2.23 28.96 16.84
CA TYR A 312 -2.00 27.68 16.21
C TYR A 312 -2.44 26.52 17.08
N ARG A 313 -2.50 26.71 18.42
CA ARG A 313 -2.84 25.68 19.39
C ARG A 313 -1.82 24.58 19.38
N ASP A 314 -2.17 23.37 18.86
CA ASP A 314 -1.31 22.22 18.78
C ASP A 314 -0.20 22.43 17.78
N LEU A 315 1.04 22.43 18.32
CA LEU A 315 2.31 22.42 17.63
C LEU A 315 2.95 21.18 18.18
N LYS A 316 3.66 20.40 17.33
CA LYS A 316 4.36 19.24 17.81
C LYS A 316 5.50 18.92 16.87
N PRO A 317 6.52 18.13 17.27
CA PRO A 317 7.71 17.79 16.50
C PRO A 317 7.46 17.31 15.09
N GLU A 318 6.41 16.51 14.90
CA GLU A 318 6.05 15.90 13.63
C GLU A 318 5.49 16.91 12.66
N ASN A 319 5.17 18.14 13.13
CA ASN A 319 4.65 19.20 12.32
C ASN A 319 5.75 20.20 12.06
N VAL A 320 6.96 19.94 12.60
CA VAL A 320 8.15 20.69 12.28
C VAL A 320 8.95 19.81 11.37
N LEU A 321 9.08 20.22 10.08
CA LEU A 321 9.71 19.44 9.05
C LEU A 321 11.08 20.01 8.79
N LEU A 322 12.07 19.14 8.46
CA LEU A 322 13.40 19.49 8.00
C LEU A 322 13.43 19.31 6.50
N ASP A 323 14.17 20.19 5.78
CA ASP A 323 14.48 20.00 4.38
C ASP A 323 15.95 19.65 4.34
N ASP A 324 16.58 19.72 3.15
CA ASP A 324 17.96 19.33 2.94
C ASP A 324 18.87 20.54 3.00
N ASP A 325 18.32 21.73 3.36
CA ASP A 325 19.09 22.95 3.52
C ASP A 325 19.36 23.19 4.98
N GLY A 326 18.76 22.36 5.87
CA GLY A 326 18.91 22.49 7.30
C GLY A 326 18.13 23.64 7.86
N ASN A 327 16.99 23.97 7.20
CA ASN A 327 16.06 24.98 7.66
C ASN A 327 14.75 24.27 7.83
N VAL A 328 14.02 24.60 8.93
CA VAL A 328 12.79 23.91 9.26
C VAL A 328 11.64 24.83 8.97
N ARG A 329 10.45 24.24 8.79
CA ARG A 329 9.24 24.98 8.58
C ARG A 329 8.15 24.23 9.29
N ILE A 330 7.16 24.98 9.84
CA ILE A 330 5.94 24.42 10.38
C ILE A 330 5.00 24.10 9.25
N SER A 331 4.04 23.20 9.52
CA SER A 331 3.10 22.68 8.57
C SER A 331 1.97 22.16 9.39
N ASP A 332 0.87 21.70 8.74
CA ASP A 332 -0.31 21.16 9.39
C ASP A 332 -1.00 22.25 10.18
N LEU A 333 -1.43 23.31 9.48
CA LEU A 333 -1.95 24.52 10.08
C LEU A 333 -3.46 24.45 10.17
N GLY A 334 -4.01 23.22 10.22
CA GLY A 334 -5.43 22.94 10.26
C GLY A 334 -5.85 22.76 11.69
N LEU A 335 -4.88 22.87 12.62
CA LEU A 335 -5.06 22.75 14.04
C LEU A 335 -5.21 24.13 14.63
N ALA A 336 -5.16 25.17 13.77
CA ALA A 336 -5.22 26.57 14.12
C ALA A 336 -6.64 27.05 14.14
N VAL A 337 -6.82 28.30 14.64
CA VAL A 337 -8.02 29.08 14.54
C VAL A 337 -7.51 30.45 14.25
N GLU A 338 -8.17 31.18 13.32
CA GLU A 338 -7.83 32.55 13.06
C GLU A 338 -8.81 33.37 13.86
N LEU A 339 -8.27 34.16 14.82
CA LEU A 339 -9.04 35.07 15.64
C LEU A 339 -8.20 36.29 15.74
N LYS A 340 -8.74 37.46 15.29
CA LYS A 340 -8.10 38.75 15.40
C LYS A 340 -7.92 39.11 16.85
N ALA A 341 -6.93 39.96 17.17
CA ALA A 341 -6.71 40.45 18.51
C ALA A 341 -7.92 41.19 19.00
N GLY A 342 -8.35 40.85 20.25
CA GLY A 342 -9.53 41.42 20.87
C GLY A 342 -10.69 40.47 20.70
N GLN A 343 -10.40 39.19 20.35
CA GLN A 343 -11.38 38.14 20.39
C GLN A 343 -10.64 36.83 20.37
N THR A 344 -9.30 36.86 20.62
CA THR A 344 -8.44 35.70 20.72
C THR A 344 -8.91 34.83 21.86
N LYS A 345 -9.26 35.48 23.00
CA LYS A 345 -9.83 34.87 24.17
C LYS A 345 -11.22 34.44 23.86
N THR A 346 -11.52 33.16 24.18
CA THR A 346 -12.79 32.52 23.94
C THR A 346 -12.49 31.11 24.32
N LYS A 347 -13.44 30.48 25.06
CA LYS A 347 -13.40 29.09 25.45
C LYS A 347 -13.33 28.15 24.29
N GLY A 348 -12.62 27.01 24.47
CA GLY A 348 -12.51 26.03 23.43
C GLY A 348 -11.54 24.98 23.84
N TYR A 349 -11.68 23.81 23.19
CA TYR A 349 -10.87 22.63 23.36
C TYR A 349 -10.48 22.30 21.94
N ALA A 350 -9.17 22.22 21.66
CA ALA A 350 -8.70 21.94 20.32
C ALA A 350 -7.32 21.41 20.43
N GLY A 351 -6.87 20.66 19.41
CA GLY A 351 -5.55 20.07 19.36
C GLY A 351 -5.64 18.67 19.86
N THR A 352 -4.53 17.92 19.71
CA THR A 352 -4.44 16.52 20.05
C THR A 352 -3.89 16.45 21.45
N PRO A 353 -4.51 15.75 22.43
CA PRO A 353 -4.00 15.54 23.77
C PRO A 353 -2.52 15.22 23.89
N GLY A 354 -1.83 15.87 24.85
CA GLY A 354 -0.41 15.70 25.08
C GLY A 354 0.37 16.64 24.21
N PHE A 355 -0.34 17.54 23.49
CA PHE A 355 0.23 18.55 22.64
C PHE A 355 -0.73 19.70 22.76
N MET A 356 -1.23 19.93 23.99
CA MET A 356 -2.21 20.94 24.31
C MET A 356 -1.73 21.59 25.57
N ALA A 357 -2.27 22.81 25.83
CA ALA A 357 -1.88 23.65 26.93
C ALA A 357 -2.98 23.52 27.96
N PRO A 358 -2.73 23.84 29.24
CA PRO A 358 -3.72 23.79 30.31
C PRO A 358 -5.06 24.42 30.01
N GLU A 359 -5.06 25.65 29.46
CA GLU A 359 -6.21 26.44 29.08
C GLU A 359 -7.20 25.71 28.22
N LEU A 360 -6.69 24.97 27.21
CA LEU A 360 -7.45 24.25 26.24
C LEU A 360 -8.20 23.09 26.85
N LEU A 361 -7.51 22.30 27.72
CA LEU A 361 -8.05 21.12 28.36
C LEU A 361 -9.21 21.42 29.29
N LEU A 362 -9.15 22.58 29.98
CA LEU A 362 -10.16 22.99 30.92
C LEU A 362 -11.29 23.73 30.25
N GLY A 363 -11.20 23.96 28.91
CA GLY A 363 -12.24 24.57 28.13
C GLY A 363 -12.35 26.03 28.48
N GLU A 364 -11.19 26.69 28.62
CA GLU A 364 -11.06 28.05 29.07
C GLU A 364 -10.53 28.85 27.93
N GLU A 365 -10.57 30.20 28.06
CA GLU A 365 -10.03 31.15 27.13
C GLU A 365 -8.55 30.95 26.92
N TYR A 366 -8.10 31.22 25.67
CA TYR A 366 -6.75 30.97 25.26
C TYR A 366 -6.38 32.04 24.28
N ASP A 367 -5.07 32.28 24.08
CA ASP A 367 -4.57 33.14 23.05
C ASP A 367 -3.27 32.51 22.63
N PHE A 368 -2.32 33.32 22.07
CA PHE A 368 -1.00 32.91 21.64
C PHE A 368 -0.16 32.17 22.66
N SER A 369 -0.49 32.30 23.98
CA SER A 369 0.18 31.66 25.10
C SER A 369 0.40 30.17 24.94
N VAL A 370 -0.62 29.46 24.39
CA VAL A 370 -0.68 28.03 24.22
C VAL A 370 0.41 27.52 23.29
N ASP A 371 0.79 28.35 22.30
CA ASP A 371 1.79 28.07 21.30
C ASP A 371 3.16 28.03 21.92
N TYR A 372 3.37 28.89 22.93
CA TYR A 372 4.61 28.97 23.67
C TYR A 372 4.74 27.79 24.61
N PHE A 373 3.60 27.21 25.08
CA PHE A 373 3.59 26.03 25.90
C PHE A 373 4.06 24.85 25.10
N ALA A 374 3.54 24.73 23.86
CA ALA A 374 3.86 23.73 22.88
C ALA A 374 5.30 23.76 22.47
N LEU A 375 5.88 24.99 22.33
CA LEU A 375 7.27 25.24 22.02
C LEU A 375 8.19 24.62 23.05
N GLY A 376 7.80 24.75 24.34
CA GLY A 376 8.48 24.24 25.50
C GLY A 376 8.54 22.73 25.48
N VAL A 377 7.38 22.09 25.21
CA VAL A 377 7.19 20.67 25.06
C VAL A 377 8.08 20.12 23.98
N THR A 378 8.20 20.88 22.85
CA THR A 378 8.97 20.53 21.69
C THR A 378 10.45 20.50 21.99
N LEU A 379 11.01 21.61 22.55
CA LEU A 379 12.39 21.68 22.97
C LEU A 379 12.78 20.63 23.97
N TYR A 380 11.88 20.31 24.94
CA TYR A 380 12.12 19.35 25.99
C TYR A 380 12.29 17.97 25.38
N GLU A 381 11.44 17.67 24.38
CA GLU A 381 11.45 16.44 23.64
C GLU A 381 12.67 16.33 22.75
N MET A 382 13.19 17.46 22.21
CA MET A 382 14.39 17.48 21.39
C MET A 382 15.61 16.99 22.12
N ILE A 383 15.75 17.33 23.42
CA ILE A 383 16.93 17.04 24.19
C ILE A 383 16.80 15.74 24.94
N ALA A 384 15.62 15.43 25.51
CA ALA A 384 15.49 14.33 26.43
C ALA A 384 14.97 13.11 25.75
N ALA A 385 14.50 13.26 24.48
CA ALA A 385 13.95 12.20 23.66
C ALA A 385 12.67 11.66 24.28
N ARG A 386 11.92 12.55 24.95
CA ARG A 386 10.63 12.25 25.49
C ARG A 386 9.94 13.54 25.76
N GLY A 387 8.59 13.56 25.69
CA GLY A 387 7.82 14.73 26.00
C GLY A 387 7.74 14.86 27.49
N PRO A 388 7.17 15.90 28.05
CA PRO A 388 7.01 16.02 29.49
C PRO A 388 5.93 15.12 30.03
N PHE A 389 4.90 14.81 29.22
CA PHE A 389 3.67 14.23 29.70
C PHE A 389 3.69 12.74 29.53
N ARG A 390 4.83 12.20 29.05
CA ARG A 390 5.04 10.79 28.97
C ARG A 390 6.52 10.61 29.14
N ALA A 391 6.90 9.51 29.83
CA ALA A 391 8.28 9.17 30.07
C ALA A 391 8.73 8.33 28.92
N ARG A 392 8.60 7.00 29.08
CA ARG A 392 9.08 6.02 28.14
C ARG A 392 8.53 4.70 28.61
N GLY A 393 7.65 4.75 29.63
CA GLY A 393 6.93 3.63 30.18
C GLY A 393 5.49 4.05 30.24
N GLU A 394 5.20 5.34 29.94
CA GLU A 394 3.86 5.88 29.95
C GLU A 394 3.29 5.81 28.56
N LYS A 395 2.04 5.28 28.47
CA LYS A 395 1.23 5.22 27.27
C LYS A 395 -0.19 5.24 27.80
N VAL A 396 -0.36 5.85 28.99
CA VAL A 396 -1.60 6.04 29.71
C VAL A 396 -2.64 6.80 28.93
N GLU A 397 -3.92 6.48 29.23
CA GLU A 397 -5.14 7.08 28.71
C GLU A 397 -5.17 8.59 28.84
N ASN A 398 -6.16 9.21 28.15
CA ASN A 398 -6.34 10.64 27.98
C ASN A 398 -6.47 11.37 29.30
N LYS A 399 -7.23 10.83 30.27
CA LYS A 399 -7.47 11.45 31.55
C LYS A 399 -6.21 11.69 32.36
N GLU A 400 -5.28 10.71 32.40
CA GLU A 400 -4.03 10.84 33.10
C GLU A 400 -3.10 11.79 32.41
N LEU A 401 -3.10 11.77 31.05
CA LEU A 401 -2.30 12.61 30.19
C LEU A 401 -2.66 14.08 30.38
N LYS A 402 -3.98 14.35 30.54
CA LYS A 402 -4.56 15.62 30.88
C LYS A 402 -4.08 16.11 32.22
N GLN A 403 -3.96 15.21 33.21
CA GLN A 403 -3.46 15.53 34.53
C GLN A 403 -2.00 15.92 34.48
N ARG A 404 -1.18 15.23 33.64
CA ARG A 404 0.23 15.56 33.46
C ARG A 404 0.40 16.97 32.95
N VAL A 405 -0.37 17.35 31.89
CA VAL A 405 -0.30 18.67 31.29
C VAL A 405 -0.64 19.79 32.25
N LEU A 406 -1.68 19.56 33.09
CA LEU A 406 -2.22 20.53 34.00
C LEU A 406 -1.40 20.79 35.25
N GLU A 407 -0.66 19.79 35.76
CA GLU A 407 -0.13 19.86 37.11
C GLU A 407 1.37 19.85 37.15
N GLN A 408 2.01 19.14 36.21
CA GLN A 408 3.40 18.81 36.34
C GLN A 408 4.34 19.84 35.79
N ALA A 409 5.46 20.00 36.53
CA ALA A 409 6.66 20.67 36.11
C ALA A 409 7.61 19.54 36.33
N VAL A 410 8.10 18.97 35.21
CA VAL A 410 8.88 17.76 35.18
C VAL A 410 10.29 17.99 35.63
N THR A 411 11.05 16.88 35.84
CA THR A 411 12.47 16.90 36.12
C THR A 411 13.16 17.41 34.87
N TYR A 412 14.21 18.25 35.02
CA TYR A 412 14.88 18.86 33.91
C TYR A 412 16.27 18.28 33.93
N PRO A 413 16.67 17.45 32.96
CA PRO A 413 18.01 16.89 32.85
C PRO A 413 19.13 17.88 32.90
N ASP A 414 20.35 17.40 33.24
CA ASP A 414 21.54 18.21 33.31
C ASP A 414 22.24 18.10 31.98
N LYS A 415 21.60 17.38 31.03
CA LYS A 415 21.95 17.23 29.64
C LYS A 415 21.80 18.61 29.01
N PHE A 416 20.75 19.35 29.45
CA PHE A 416 20.51 20.74 29.13
C PHE A 416 21.67 21.64 29.52
N SER A 417 21.89 22.70 28.71
CA SER A 417 22.66 23.88 29.03
C SER A 417 21.90 24.62 30.11
N PRO A 418 22.47 25.48 30.93
CA PRO A 418 21.73 26.25 31.92
C PRO A 418 20.66 27.12 31.30
N ALA A 419 20.96 27.79 30.16
CA ALA A 419 20.02 28.60 29.44
C ALA A 419 18.82 27.82 28.92
N SER A 420 19.05 26.61 28.35
CA SER A 420 17.99 25.79 27.81
C SER A 420 17.13 25.19 28.90
N LYS A 421 17.75 24.79 30.03
CA LYS A 421 17.13 24.27 31.22
C LYS A 421 16.15 25.27 31.75
N ASP A 422 16.61 26.53 31.93
CA ASP A 422 15.89 27.67 32.44
C ASP A 422 14.69 27.98 31.57
N PHE A 423 14.88 27.94 30.23
CA PHE A 423 13.84 28.19 29.25
C PHE A 423 12.72 27.19 29.36
N CYS A 424 13.07 25.88 29.51
CA CYS A 424 12.12 24.80 29.71
C CYS A 424 11.37 24.92 31.00
N GLU A 425 12.08 25.26 32.10
CA GLU A 425 11.51 25.50 33.41
C GLU A 425 10.43 26.54 33.43
N ALA A 426 10.65 27.69 32.72
CA ALA A 426 9.70 28.77 32.62
C ALA A 426 8.41 28.42 31.90
N LEU A 427 8.49 27.58 30.84
CA LEU A 427 7.36 27.26 30.02
C LEU A 427 6.52 26.14 30.58
N LEU A 428 7.16 25.19 31.31
CA LEU A 428 6.49 24.03 31.84
C LEU A 428 6.06 24.29 33.26
N GLN A 429 6.25 25.55 33.72
CA GLN A 429 5.62 26.07 34.91
C GLN A 429 4.35 26.71 34.45
N LYS A 430 3.24 26.29 35.09
CA LYS A 430 1.89 26.71 34.84
C LYS A 430 1.71 28.19 35.07
N ASP A 431 0.78 28.79 34.29
CA ASP A 431 0.34 30.17 34.32
C ASP A 431 0.93 30.83 33.09
N PRO A 432 0.15 31.43 32.18
CA PRO A 432 0.64 32.09 30.99
C PRO A 432 1.51 33.28 31.32
N GLU A 433 1.19 34.00 32.42
CA GLU A 433 1.91 35.15 32.89
C GLU A 433 3.35 34.81 33.23
N LYS A 434 3.61 33.55 33.68
CA LYS A 434 4.90 33.07 34.10
C LYS A 434 5.53 32.27 32.99
N ARG A 435 4.85 32.19 31.83
CA ARG A 435 5.26 31.42 30.68
C ARG A 435 5.84 32.48 29.78
N LEU A 436 7.04 32.22 29.21
CA LEU A 436 7.73 33.12 28.31
C LEU A 436 6.92 33.37 27.06
N GLY A 437 7.03 34.60 26.51
CA GLY A 437 6.25 35.05 25.39
C GLY A 437 5.17 35.89 25.99
N PHE A 438 4.09 35.25 26.48
CA PHE A 438 2.95 35.94 27.03
C PHE A 438 3.35 36.60 28.32
N ARG A 439 3.18 37.93 28.39
CA ARG A 439 3.46 38.73 29.53
C ARG A 439 2.40 39.78 29.43
N ASP A 440 2.47 40.59 28.34
CA ASP A 440 1.38 41.43 27.91
C ASP A 440 0.86 40.86 26.62
N GLY A 441 1.47 39.75 26.13
CA GLY A 441 1.06 39.05 24.94
C GLY A 441 2.13 39.21 23.90
N SER A 442 3.39 39.46 24.35
CA SER A 442 4.54 39.63 23.49
C SER A 442 4.83 38.37 22.70
N CYS A 443 5.31 38.55 21.45
CA CYS A 443 5.85 37.48 20.65
C CYS A 443 7.35 37.55 20.69
N ASP A 444 7.88 38.60 21.36
CA ASP A 444 9.29 38.85 21.50
C ASP A 444 9.62 38.74 22.96
N GLY A 445 8.71 38.15 23.77
CA GLY A 445 8.94 37.86 25.17
C GLY A 445 9.87 36.69 25.30
N LEU A 446 9.78 35.74 24.34
CA LEU A 446 10.67 34.60 24.19
C LEU A 446 12.10 35.04 23.97
N ARG A 447 12.29 36.06 23.10
CA ARG A 447 13.56 36.58 22.65
C ARG A 447 14.46 37.19 23.70
N THR A 448 13.97 37.42 24.94
CA THR A 448 14.74 38.09 25.97
C THR A 448 15.56 37.10 26.77
N HIS A 449 15.29 35.78 26.60
CA HIS A 449 15.92 34.73 27.36
C HIS A 449 17.38 34.62 26.97
N PRO A 450 18.33 34.30 27.87
CA PRO A 450 19.77 34.21 27.57
C PRO A 450 20.09 33.19 26.51
N LEU A 451 19.19 32.19 26.30
CA LEU A 451 19.21 31.17 25.28
C LEU A 451 19.45 31.67 23.87
N PHE A 452 18.98 32.90 23.58
CA PHE A 452 18.96 33.50 22.26
C PHE A 452 20.12 34.43 22.06
N ARG A 453 21.20 34.25 22.87
CA ARG A 453 22.43 34.98 22.76
C ARG A 453 23.19 34.42 21.57
N ASP A 454 22.80 33.20 21.14
CA ASP A 454 23.43 32.44 20.08
C ASP A 454 22.64 32.62 18.81
N ILE A 455 21.56 33.44 18.85
CA ILE A 455 20.65 33.67 17.75
C ILE A 455 20.75 35.12 17.41
N SER A 456 20.88 35.41 16.09
CA SER A 456 20.82 36.74 15.54
C SER A 456 19.52 36.77 14.78
N TRP A 457 18.73 37.84 15.00
CA TRP A 457 17.38 37.99 14.50
C TRP A 457 17.35 38.17 13.01
N ARG A 458 18.32 38.92 12.45
CA ARG A 458 18.44 39.19 11.03
C ARG A 458 18.69 37.92 10.23
N GLN A 459 19.55 37.04 10.78
CA GLN A 459 19.93 35.79 10.16
C GLN A 459 18.83 34.78 10.30
N LEU A 460 18.10 34.80 11.44
CA LEU A 460 16.93 34.00 11.69
C LEU A 460 15.84 34.27 10.68
N GLU A 461 15.51 35.55 10.43
CA GLU A 461 14.49 35.98 9.51
C GLU A 461 14.81 35.67 8.06
N ALA A 462 16.10 35.49 7.73
CA ALA A 462 16.54 35.23 6.38
C ALA A 462 16.75 33.75 6.17
N GLY A 463 16.57 32.92 7.23
CA GLY A 463 16.65 31.47 7.16
C GLY A 463 18.03 30.98 6.87
N MET A 464 19.05 31.54 7.57
CA MET A 464 20.44 31.30 7.28
C MET A 464 21.10 30.57 8.42
N LEU A 465 20.31 30.09 9.41
CA LEU A 465 20.84 29.42 10.57
C LEU A 465 21.19 28.01 10.17
N THR A 466 22.39 27.53 10.61
CA THR A 466 22.93 26.25 10.23
C THR A 466 23.05 25.38 11.47
N PRO A 467 22.24 24.33 11.64
CA PRO A 467 22.31 23.48 12.81
C PRO A 467 23.23 22.32 12.51
N PRO A 468 23.86 21.67 13.50
CA PRO A 468 24.60 20.43 13.31
C PRO A 468 23.69 19.37 12.73
N PHE A 469 24.15 18.65 11.68
CA PHE A 469 23.43 17.63 10.95
C PHE A 469 22.47 18.32 10.02
N VAL A 470 22.75 18.23 8.70
CA VAL A 470 21.93 18.79 7.66
C VAL A 470 21.64 17.62 6.73
N PRO A 471 20.38 17.25 6.48
CA PRO A 471 20.01 16.15 5.59
C PRO A 471 20.60 16.21 4.21
N ASP A 472 21.01 15.05 3.65
CA ASP A 472 21.55 14.91 2.32
C ASP A 472 20.41 14.52 1.39
N SER A 473 20.64 14.66 0.07
CA SER A 473 19.67 14.38 -0.97
C SER A 473 19.90 13.00 -1.54
N ARG A 474 20.97 12.30 -1.07
CA ARG A 474 21.29 10.95 -1.48
C ARG A 474 21.13 10.05 -0.29
N THR A 475 20.46 10.55 0.76
CA THR A 475 20.11 9.83 1.95
C THR A 475 18.62 9.97 1.95
N VAL A 476 17.90 8.83 2.04
CA VAL A 476 16.46 8.79 1.96
C VAL A 476 15.86 8.89 3.34
N TYR A 477 14.75 9.66 3.43
CA TYR A 477 14.01 9.89 4.65
C TYR A 477 12.61 9.66 4.17
N ALA A 478 11.91 8.63 4.75
CA ALA A 478 10.56 8.26 4.41
C ALA A 478 10.32 6.88 4.94
N LYS A 479 9.04 6.57 5.25
CA LYS A 479 8.58 5.28 5.70
C LYS A 479 8.32 4.43 4.49
N ASN A 480 8.11 3.11 4.72
CA ASN A 480 7.71 2.15 3.72
C ASN A 480 6.25 2.36 3.39
N ILE A 481 5.84 1.98 2.16
CA ILE A 481 4.56 2.29 1.57
C ILE A 481 3.39 1.71 2.31
N GLN A 482 3.55 0.47 2.86
CA GLN A 482 2.48 -0.22 3.53
C GLN A 482 2.42 0.04 5.01
N ASP A 483 3.23 1.00 5.53
CA ASP A 483 3.19 1.38 6.92
C ASP A 483 2.00 2.29 7.05
N VAL A 484 0.95 1.80 7.76
CA VAL A 484 -0.28 2.51 7.93
C VAL A 484 -0.71 2.41 9.35
N GLY A 485 -1.63 3.33 9.76
CA GLY A 485 -2.13 3.43 11.09
C GLY A 485 -3.49 2.79 11.14
N ALA A 486 -4.30 3.00 10.06
CA ALA A 486 -5.63 2.48 9.87
C ALA A 486 -6.65 3.13 10.79
N PHE A 487 -7.72 3.69 10.21
CA PHE A 487 -8.76 4.37 10.96
C PHE A 487 -10.02 4.15 10.16
N SER A 488 -11.21 4.16 10.85
CA SER A 488 -12.55 3.87 10.37
C SER A 488 -12.80 4.27 8.93
N THR A 489 -13.21 3.28 8.13
CA THR A 489 -13.76 3.49 6.81
C THR A 489 -15.02 2.69 6.79
N VAL A 490 -15.89 2.97 5.79
CA VAL A 490 -17.31 2.75 5.87
C VAL A 490 -17.68 1.31 6.11
N LYS A 491 -18.74 1.11 6.91
CA LYS A 491 -19.22 -0.17 7.34
C LYS A 491 -20.55 -0.41 6.66
N GLY A 492 -20.77 0.23 5.50
CA GLY A 492 -21.96 0.09 4.70
C GLY A 492 -22.63 1.43 4.65
N VAL A 493 -21.84 2.51 4.82
CA VAL A 493 -22.31 3.82 5.18
C VAL A 493 -22.06 4.67 3.97
N ALA A 494 -23.08 5.45 3.56
CA ALA A 494 -23.10 6.16 2.31
C ALA A 494 -23.19 7.61 2.63
N PHE A 495 -22.43 8.44 1.87
CA PHE A 495 -22.26 9.86 2.11
C PHE A 495 -23.55 10.63 1.99
N GLU A 496 -23.70 11.66 2.86
CA GLU A 496 -24.73 12.65 2.80
C GLU A 496 -24.37 13.66 1.74
N LYS A 497 -25.39 14.38 1.22
CA LYS A 497 -25.25 15.48 0.29
C LYS A 497 -24.29 16.55 0.78
N ALA A 498 -24.39 16.89 2.09
CA ALA A 498 -23.57 17.85 2.79
C ALA A 498 -22.09 17.60 2.70
N ASP A 499 -21.71 16.30 2.84
CA ASP A 499 -20.34 15.82 2.79
C ASP A 499 -19.72 16.12 1.45
N THR A 500 -20.45 15.76 0.37
CA THR A 500 -20.13 15.98 -1.03
C THR A 500 -19.93 17.45 -1.32
N GLU A 501 -20.78 18.32 -0.73
CA GLU A 501 -20.75 19.75 -0.90
C GLU A 501 -19.53 20.37 -0.29
N PHE A 502 -19.07 19.85 0.89
CA PHE A 502 -17.82 20.27 1.47
C PHE A 502 -16.64 19.87 0.60
N PHE A 503 -16.67 18.65 0.03
CA PHE A 503 -15.59 18.11 -0.76
C PHE A 503 -15.33 18.91 -2.03
N GLN A 504 -16.40 19.29 -2.77
CA GLN A 504 -16.33 20.18 -3.91
C GLN A 504 -15.82 21.56 -3.56
N GLU A 505 -16.30 22.10 -2.41
CA GLU A 505 -16.01 23.43 -1.93
C GLU A 505 -14.56 23.61 -1.59
N PHE A 506 -13.96 22.59 -0.93
CA PHE A 506 -12.54 22.49 -0.65
C PHE A 506 -11.69 22.61 -1.90
N ALA A 507 -12.06 21.85 -2.96
CA ALA A 507 -11.33 21.77 -4.21
C ALA A 507 -11.33 23.09 -4.94
N SER A 508 -10.19 23.41 -5.61
CA SER A 508 -10.00 24.70 -6.22
C SER A 508 -8.95 24.51 -7.27
N MET B 1 -2.74 -37.90 -33.37
CA MET B 1 -3.75 -38.79 -32.85
C MET B 1 -3.10 -40.09 -32.54
N ASN B 2 -3.51 -40.70 -31.40
CA ASN B 2 -2.92 -41.90 -30.87
C ASN B 2 -3.83 -42.40 -29.76
N GLY B 3 -4.87 -41.61 -29.43
CA GLY B 3 -5.92 -41.95 -28.50
C GLY B 3 -7.03 -42.67 -29.19
N THR B 4 -8.28 -42.22 -28.92
CA THR B 4 -9.50 -42.79 -29.41
C THR B 4 -10.42 -41.65 -29.69
N GLU B 5 -10.81 -41.48 -30.98
CA GLU B 5 -11.66 -40.40 -31.41
C GLU B 5 -13.08 -40.88 -31.20
N GLY B 6 -14.00 -39.91 -30.95
CA GLY B 6 -15.38 -40.18 -30.75
C GLY B 6 -16.06 -38.87 -31.07
N PRO B 7 -17.35 -38.88 -31.38
CA PRO B 7 -18.10 -37.69 -31.74
C PRO B 7 -18.46 -36.85 -30.54
N ASN B 8 -17.94 -37.16 -29.33
CA ASN B 8 -18.20 -36.35 -28.16
C ASN B 8 -17.19 -36.70 -27.11
N PHE B 9 -16.11 -37.44 -27.46
CA PHE B 9 -15.09 -37.76 -26.50
C PHE B 9 -13.81 -37.99 -27.23
N TYR B 10 -12.67 -37.81 -26.52
CA TYR B 10 -11.38 -38.16 -27.03
C TYR B 10 -10.63 -38.69 -25.84
N VAL B 11 -10.66 -40.03 -25.65
CA VAL B 11 -9.90 -40.71 -24.63
C VAL B 11 -8.45 -40.70 -25.05
N PRO B 12 -7.46 -40.15 -24.33
CA PRO B 12 -6.07 -40.11 -24.75
C PRO B 12 -5.38 -41.47 -24.58
N PHE B 13 -6.16 -42.56 -24.41
CA PHE B 13 -5.70 -43.91 -24.34
C PHE B 13 -6.32 -44.60 -25.52
N SER B 14 -5.52 -45.46 -26.21
CA SER B 14 -5.89 -46.22 -27.38
C SER B 14 -7.01 -47.19 -27.14
N ASN B 15 -7.84 -47.44 -28.20
CA ASN B 15 -8.94 -48.36 -28.16
C ASN B 15 -8.41 -49.72 -28.52
N LYS B 16 -8.59 -50.69 -27.60
CA LYS B 16 -8.09 -52.03 -27.78
C LYS B 16 -8.67 -52.87 -26.69
N THR B 17 -9.43 -52.26 -25.75
CA THR B 17 -10.11 -52.97 -24.68
C THR B 17 -11.59 -52.97 -24.97
N GLY B 18 -12.04 -52.12 -25.93
CA GLY B 18 -13.39 -52.10 -26.44
C GLY B 18 -14.36 -51.39 -25.53
N VAL B 19 -13.84 -50.77 -24.44
CA VAL B 19 -14.62 -50.09 -23.44
C VAL B 19 -14.13 -48.66 -23.37
N VAL B 20 -13.47 -48.19 -24.45
CA VAL B 20 -12.88 -46.87 -24.53
C VAL B 20 -13.91 -45.94 -25.12
N ARG B 21 -15.09 -46.50 -25.48
CA ARG B 21 -16.30 -45.76 -25.80
C ARG B 21 -16.78 -45.08 -24.54
N SER B 22 -17.29 -43.82 -24.67
CA SER B 22 -17.95 -43.04 -23.64
C SER B 22 -17.28 -43.10 -22.26
N PRO B 23 -16.19 -42.39 -22.00
CA PRO B 23 -15.52 -42.39 -20.70
C PRO B 23 -16.32 -41.62 -19.66
N PHE B 24 -17.46 -41.00 -20.05
CA PHE B 24 -18.39 -40.33 -19.19
C PHE B 24 -19.00 -41.26 -18.17
N GLU B 25 -19.42 -42.45 -18.60
CA GLU B 25 -20.19 -43.34 -17.76
C GLU B 25 -19.54 -44.68 -17.68
N ALA B 26 -18.34 -44.85 -18.29
CA ALA B 26 -17.65 -46.11 -18.29
C ALA B 26 -16.72 -46.11 -17.09
N PRO B 27 -16.66 -47.16 -16.26
CA PRO B 27 -15.73 -47.21 -15.13
C PRO B 27 -14.32 -47.25 -15.65
N GLN B 28 -13.43 -46.39 -15.12
CA GLN B 28 -12.09 -46.24 -15.65
C GLN B 28 -11.20 -47.16 -14.86
N TYR B 29 -10.66 -48.17 -15.56
CA TYR B 29 -9.90 -49.27 -15.00
C TYR B 29 -9.18 -49.89 -16.17
N TYR B 30 -9.41 -49.34 -17.39
CA TYR B 30 -8.78 -49.76 -18.61
C TYR B 30 -7.70 -48.78 -18.95
N LEU B 31 -7.40 -47.83 -18.04
CA LEU B 31 -6.34 -46.88 -18.22
C LEU B 31 -5.96 -46.32 -16.88
N ALA B 32 -6.49 -46.90 -15.79
CA ALA B 32 -6.16 -46.46 -14.45
C ALA B 32 -6.32 -47.65 -13.55
N GLU B 33 -5.91 -47.48 -12.27
CA GLU B 33 -5.96 -48.54 -11.28
C GLU B 33 -6.54 -47.92 -10.03
N PRO B 34 -7.08 -48.70 -9.07
CA PRO B 34 -7.58 -48.19 -7.80
C PRO B 34 -6.59 -47.41 -6.98
N TRP B 35 -5.28 -47.77 -7.02
CA TRP B 35 -4.25 -47.15 -6.23
C TRP B 35 -4.00 -45.74 -6.71
N GLN B 36 -3.99 -45.56 -8.06
CA GLN B 36 -3.88 -44.29 -8.73
C GLN B 36 -4.99 -43.33 -8.40
N PHE B 37 -6.22 -43.85 -8.16
CA PHE B 37 -7.35 -43.08 -7.70
C PHE B 37 -7.19 -42.60 -6.29
N SER B 38 -6.58 -43.42 -5.40
CA SER B 38 -6.30 -43.04 -4.04
C SER B 38 -5.31 -41.90 -3.99
N MET B 39 -4.25 -41.98 -4.85
CA MET B 39 -3.27 -40.92 -5.00
C MET B 39 -3.83 -39.65 -5.59
N LEU B 40 -4.76 -39.77 -6.58
CA LEU B 40 -5.48 -38.67 -7.18
C LEU B 40 -6.30 -37.93 -6.16
N ALA B 41 -7.07 -38.69 -5.34
CA ALA B 41 -7.92 -38.20 -4.29
C ALA B 41 -7.11 -37.53 -3.21
N ALA B 42 -5.95 -38.11 -2.83
CA ALA B 42 -4.99 -37.53 -1.91
C ALA B 42 -4.50 -36.18 -2.37
N TYR B 43 -4.10 -36.07 -3.66
CA TYR B 43 -3.59 -34.86 -4.25
C TYR B 43 -4.64 -33.76 -4.26
N MET B 44 -5.91 -34.10 -4.62
CA MET B 44 -7.01 -33.15 -4.64
C MET B 44 -7.38 -32.66 -3.27
N PHE B 45 -7.26 -33.53 -2.24
CA PHE B 45 -7.54 -33.23 -0.86
C PHE B 45 -6.57 -32.20 -0.34
N LEU B 46 -5.25 -32.43 -0.60
CA LEU B 46 -4.15 -31.53 -0.35
C LEU B 46 -4.41 -30.13 -0.85
N LEU B 47 -4.74 -30.01 -2.17
CA LEU B 47 -5.01 -28.75 -2.84
C LEU B 47 -6.13 -27.93 -2.24
N ILE B 48 -7.16 -28.58 -1.66
CA ILE B 48 -8.27 -27.93 -0.98
C ILE B 48 -7.79 -27.43 0.36
N MET B 49 -7.16 -28.34 1.16
CA MET B 49 -6.64 -28.11 2.49
C MET B 49 -5.67 -26.96 2.60
N LEU B 50 -4.83 -26.75 1.57
CA LEU B 50 -3.91 -25.64 1.53
C LEU B 50 -4.58 -24.45 0.91
N GLY B 51 -5.23 -24.63 -0.25
CA GLY B 51 -5.78 -23.56 -1.07
C GLY B 51 -6.80 -22.70 -0.41
N PHE B 52 -7.78 -23.30 0.32
CA PHE B 52 -8.85 -22.59 0.97
C PHE B 52 -8.39 -21.66 2.10
N PRO B 53 -7.54 -22.07 3.06
CA PRO B 53 -7.01 -21.19 4.10
C PRO B 53 -6.24 -20.03 3.54
N ILE B 54 -5.33 -20.29 2.59
CA ILE B 54 -4.48 -19.34 1.90
C ILE B 54 -5.28 -18.21 1.26
N ASN B 55 -6.41 -18.54 0.60
CA ASN B 55 -7.21 -17.57 -0.13
C ASN B 55 -8.09 -16.83 0.85
N PHE B 56 -8.51 -17.51 1.94
CA PHE B 56 -9.29 -16.90 3.00
C PHE B 56 -8.51 -15.82 3.69
N LEU B 57 -7.23 -16.09 4.03
CA LEU B 57 -6.29 -15.16 4.63
C LEU B 57 -6.11 -13.88 3.86
N THR B 58 -6.05 -13.96 2.50
CA THR B 58 -5.88 -12.82 1.63
C THR B 58 -7.01 -11.82 1.76
N LEU B 59 -8.25 -12.33 1.83
CA LEU B 59 -9.44 -11.55 2.05
C LEU B 59 -9.54 -11.03 3.46
N TYR B 60 -9.16 -11.89 4.44
CA TYR B 60 -9.32 -11.70 5.86
C TYR B 60 -8.50 -10.55 6.39
N VAL B 61 -7.19 -10.54 6.04
CA VAL B 61 -6.23 -9.59 6.52
C VAL B 61 -6.56 -8.15 6.19
N THR B 62 -7.21 -7.89 5.03
CA THR B 62 -7.59 -6.55 4.63
C THR B 62 -8.71 -6.00 5.50
N VAL B 63 -9.63 -6.87 5.95
CA VAL B 63 -10.77 -6.51 6.77
C VAL B 63 -10.38 -6.07 8.17
N GLN B 64 -9.23 -6.54 8.70
CA GLN B 64 -8.86 -6.24 10.08
C GLN B 64 -8.15 -4.92 10.22
N HIS B 65 -7.64 -4.35 9.11
CA HIS B 65 -7.06 -3.03 9.13
C HIS B 65 -7.68 -2.28 8.00
N LYS B 66 -8.44 -1.22 8.36
CA LYS B 66 -9.08 -0.23 7.53
C LYS B 66 -8.30 0.23 6.34
N LYS B 67 -7.04 0.68 6.57
CA LYS B 67 -6.15 1.22 5.55
C LYS B 67 -5.78 0.27 4.45
N LEU B 68 -5.95 -1.06 4.68
CA LEU B 68 -5.66 -2.10 3.71
C LEU B 68 -6.77 -2.18 2.70
N ARG B 69 -7.98 -1.66 3.04
CA ARG B 69 -9.12 -1.63 2.16
C ARG B 69 -8.89 -0.38 1.33
N THR B 70 -8.16 -0.54 0.19
CA THR B 70 -7.76 0.54 -0.68
C THR B 70 -7.61 -0.05 -2.06
N PRO B 71 -7.63 0.75 -3.14
CA PRO B 71 -7.56 0.31 -4.54
C PRO B 71 -6.46 -0.65 -4.91
N LEU B 72 -5.23 -0.46 -4.38
CA LEU B 72 -4.06 -1.21 -4.78
C LEU B 72 -4.08 -2.64 -4.29
N ASN B 73 -5.05 -2.99 -3.41
CA ASN B 73 -5.23 -4.30 -2.85
C ASN B 73 -6.29 -5.08 -3.55
N TYR B 74 -7.17 -4.40 -4.35
CA TYR B 74 -8.27 -4.97 -5.11
C TYR B 74 -7.88 -6.19 -5.92
N ILE B 75 -6.73 -6.11 -6.63
CA ILE B 75 -6.23 -7.16 -7.49
C ILE B 75 -5.87 -8.40 -6.68
N LEU B 76 -5.42 -8.22 -5.42
CA LEU B 76 -5.06 -9.29 -4.51
C LEU B 76 -6.27 -10.03 -4.05
N LEU B 77 -7.36 -9.28 -3.75
CA LEU B 77 -8.64 -9.85 -3.43
C LEU B 77 -9.19 -10.66 -4.57
N ASN B 78 -9.05 -10.14 -5.81
CA ASN B 78 -9.44 -10.79 -7.04
C ASN B 78 -8.74 -12.10 -7.23
N LEU B 79 -7.39 -12.12 -7.03
CA LEU B 79 -6.56 -13.31 -7.06
C LEU B 79 -7.07 -14.40 -6.14
N ALA B 80 -7.44 -14.03 -4.90
CA ALA B 80 -7.95 -14.97 -3.93
C ALA B 80 -9.26 -15.60 -4.34
N VAL B 81 -10.18 -14.79 -4.93
CA VAL B 81 -11.45 -15.23 -5.47
C VAL B 81 -11.29 -16.18 -6.62
N ALA B 82 -10.38 -15.84 -7.58
CA ALA B 82 -10.01 -16.64 -8.72
C ALA B 82 -9.60 -18.04 -8.35
N ASP B 83 -8.70 -18.11 -7.34
CA ASP B 83 -8.18 -19.32 -6.74
C ASP B 83 -9.28 -20.15 -6.13
N LEU B 84 -10.29 -19.52 -5.50
CA LEU B 84 -11.43 -20.18 -4.88
C LEU B 84 -12.33 -20.80 -5.92
N PHE B 85 -12.48 -20.14 -7.10
CA PHE B 85 -13.10 -20.74 -8.28
C PHE B 85 -12.46 -22.05 -8.68
N MET B 86 -11.10 -22.12 -8.70
CA MET B 86 -10.38 -23.36 -8.94
C MET B 86 -10.65 -24.44 -7.90
N VAL B 87 -10.91 -24.05 -6.62
CA VAL B 87 -11.09 -24.98 -5.52
C VAL B 87 -12.42 -25.67 -5.65
N PHE B 88 -13.48 -24.90 -5.95
CA PHE B 88 -14.84 -25.39 -5.89
C PHE B 88 -15.28 -25.88 -7.24
N GLY B 89 -14.70 -25.35 -8.33
CA GLY B 89 -14.98 -25.78 -9.67
C GLY B 89 -14.22 -27.02 -10.02
N GLY B 90 -12.91 -27.06 -9.68
CA GLY B 90 -12.02 -28.13 -10.07
C GLY B 90 -11.85 -29.16 -8.99
N PHE B 91 -11.20 -28.75 -7.87
CA PHE B 91 -10.61 -29.67 -6.92
C PHE B 91 -11.61 -30.60 -6.25
N THR B 92 -12.74 -30.02 -5.76
CA THR B 92 -13.77 -30.73 -5.02
C THR B 92 -14.48 -31.78 -5.83
N THR B 93 -14.93 -31.40 -7.05
CA THR B 93 -15.51 -32.28 -8.04
C THR B 93 -14.63 -33.47 -8.35
N THR B 94 -13.33 -33.23 -8.65
CA THR B 94 -12.38 -34.27 -9.01
C THR B 94 -12.12 -35.22 -7.87
N LEU B 95 -12.12 -34.71 -6.61
CA LEU B 95 -12.00 -35.51 -5.41
C LEU B 95 -13.15 -36.47 -5.23
N TYR B 96 -14.39 -35.98 -5.45
CA TYR B 96 -15.61 -36.77 -5.36
C TYR B 96 -15.64 -37.90 -6.36
N THR B 97 -15.42 -37.56 -7.65
CA THR B 97 -15.45 -38.47 -8.78
C THR B 97 -14.41 -39.55 -8.75
N SER B 98 -13.14 -39.21 -8.39
CA SER B 98 -12.03 -40.14 -8.36
C SER B 98 -12.25 -41.39 -7.53
N LEU B 99 -13.00 -41.27 -6.41
CA LEU B 99 -13.27 -42.34 -5.49
C LEU B 99 -14.32 -43.30 -5.98
N HIS B 100 -15.13 -42.89 -6.98
CA HIS B 100 -16.02 -43.79 -7.69
C HIS B 100 -15.27 -44.49 -8.79
N GLY B 101 -14.17 -43.88 -9.27
CA GLY B 101 -13.28 -44.43 -10.27
C GLY B 101 -13.65 -43.96 -11.64
N TYR B 102 -14.63 -43.04 -11.76
CA TYR B 102 -14.99 -42.45 -13.02
C TYR B 102 -15.81 -41.23 -12.69
N PHE B 103 -16.09 -40.40 -13.72
CA PHE B 103 -16.75 -39.14 -13.59
C PHE B 103 -18.23 -39.44 -13.56
N VAL B 104 -18.97 -39.01 -12.50
CA VAL B 104 -20.31 -39.49 -12.27
C VAL B 104 -21.35 -38.42 -12.53
N PHE B 105 -20.95 -37.21 -13.01
CA PHE B 105 -21.91 -36.14 -13.21
C PHE B 105 -22.40 -36.11 -14.64
N GLY B 106 -21.87 -37.01 -15.52
CA GLY B 106 -22.35 -37.19 -16.87
C GLY B 106 -21.88 -36.11 -17.81
N PRO B 107 -22.24 -36.17 -19.09
CA PRO B 107 -21.82 -35.22 -20.12
C PRO B 107 -22.14 -33.77 -19.82
N THR B 108 -23.33 -33.48 -19.25
CA THR B 108 -23.76 -32.14 -18.92
C THR B 108 -22.94 -31.60 -17.77
N GLY B 109 -22.72 -32.47 -16.75
CA GLY B 109 -21.86 -32.26 -15.62
C GLY B 109 -20.45 -31.93 -16.00
N CYS B 110 -19.90 -32.65 -17.01
CA CYS B 110 -18.59 -32.45 -17.58
C CYS B 110 -18.42 -31.06 -18.13
N ASN B 111 -19.46 -30.52 -18.82
CA ASN B 111 -19.44 -29.20 -19.38
C ASN B 111 -19.45 -28.13 -18.31
N LEU B 112 -20.28 -28.32 -17.25
CA LEU B 112 -20.33 -27.47 -16.08
C LEU B 112 -19.04 -27.41 -15.31
N GLU B 113 -18.56 -28.58 -14.85
CA GLU B 113 -17.37 -28.78 -14.06
C GLU B 113 -16.13 -28.25 -14.74
N GLY B 114 -16.03 -28.53 -16.06
CA GLY B 114 -14.94 -28.12 -16.92
C GLY B 114 -14.92 -26.63 -17.08
N PHE B 115 -16.13 -26.00 -17.11
CA PHE B 115 -16.30 -24.58 -17.23
C PHE B 115 -15.79 -23.88 -16.00
N PHE B 116 -16.19 -24.36 -14.80
CA PHE B 116 -15.84 -23.72 -13.55
C PHE B 116 -14.36 -23.83 -13.25
N ALA B 117 -13.77 -25.00 -13.55
CA ALA B 117 -12.35 -25.24 -13.39
C ALA B 117 -11.51 -24.37 -14.28
N THR B 118 -11.89 -24.28 -15.58
CA THR B 118 -11.22 -23.49 -16.59
C THR B 118 -11.31 -22.03 -16.27
N LEU B 119 -12.53 -21.55 -15.95
CA LEU B 119 -12.83 -20.20 -15.55
C LEU B 119 -11.93 -19.75 -14.43
N GLY B 120 -11.88 -20.54 -13.33
CA GLY B 120 -11.01 -20.37 -12.18
C GLY B 120 -9.58 -20.13 -12.55
N GLY B 121 -8.97 -21.13 -13.24
CA GLY B 121 -7.59 -21.11 -13.67
C GLY B 121 -7.22 -19.96 -14.56
N GLU B 122 -8.18 -19.48 -15.37
CA GLU B 122 -7.97 -18.42 -16.32
C GLU B 122 -8.02 -17.08 -15.65
N ILE B 123 -8.94 -16.86 -14.68
CA ILE B 123 -8.96 -15.64 -13.88
C ILE B 123 -7.65 -15.50 -13.13
N ALA B 124 -7.13 -16.63 -12.57
CA ALA B 124 -5.86 -16.74 -11.89
C ALA B 124 -4.70 -16.33 -12.78
N LEU B 125 -4.61 -16.94 -13.99
CA LEU B 125 -3.65 -16.63 -15.03
C LEU B 125 -3.56 -15.15 -15.30
N TRP B 126 -4.72 -14.52 -15.60
CA TRP B 126 -4.79 -13.13 -15.97
C TRP B 126 -4.56 -12.19 -14.83
N SER B 127 -4.83 -12.61 -13.57
CA SER B 127 -4.47 -11.88 -12.37
C SER B 127 -2.98 -11.70 -12.30
N LEU B 128 -2.21 -12.80 -12.41
CA LEU B 128 -0.76 -12.80 -12.46
C LEU B 128 -0.17 -11.91 -13.51
N VAL B 129 -0.85 -11.79 -14.67
CA VAL B 129 -0.43 -10.97 -15.79
C VAL B 129 -0.61 -9.52 -15.42
N VAL B 130 -1.84 -9.14 -15.03
CA VAL B 130 -2.20 -7.81 -14.58
C VAL B 130 -1.31 -7.32 -13.45
N LEU B 131 -1.00 -8.19 -12.46
CA LEU B 131 -0.13 -7.91 -11.34
C LEU B 131 1.26 -7.49 -11.75
N ALA B 132 1.85 -8.22 -12.72
CA ALA B 132 3.14 -7.93 -13.28
C ALA B 132 3.16 -6.60 -14.00
N ILE B 133 2.08 -6.32 -14.78
CA ILE B 133 1.86 -5.07 -15.50
C ILE B 133 1.85 -3.92 -14.54
N GLU B 134 0.99 -3.99 -13.49
CA GLU B 134 0.84 -2.99 -12.45
C GLU B 134 2.13 -2.67 -11.75
N ARG B 135 2.92 -3.71 -11.39
CA ARG B 135 4.22 -3.54 -10.77
C ARG B 135 5.21 -2.83 -11.67
N TYR B 136 5.22 -3.20 -12.97
CA TYR B 136 6.05 -2.60 -13.99
C TYR B 136 5.74 -1.14 -14.19
N VAL B 137 4.43 -0.79 -14.34
CA VAL B 137 3.95 0.56 -14.55
C VAL B 137 4.31 1.46 -13.40
N VAL B 138 3.95 1.04 -12.17
CA VAL B 138 4.12 1.83 -10.96
C VAL B 138 5.56 2.09 -10.61
N VAL B 139 6.45 1.07 -10.72
CA VAL B 139 7.76 1.16 -10.14
C VAL B 139 8.77 1.61 -11.15
N CYS B 140 8.78 0.99 -12.35
CA CYS B 140 9.73 1.29 -13.40
C CYS B 140 9.40 2.55 -14.14
N LYS B 141 8.12 3.01 -14.04
CA LYS B 141 7.62 4.25 -14.63
C LYS B 141 7.79 4.36 -16.14
N PRO B 142 7.14 3.56 -16.99
CA PRO B 142 7.42 3.57 -18.42
C PRO B 142 6.29 4.25 -19.15
N MET B 143 5.08 4.31 -18.55
CA MET B 143 3.86 4.76 -19.18
C MET B 143 3.34 5.92 -18.39
N SER B 144 2.67 6.85 -19.10
CA SER B 144 2.16 8.09 -18.55
C SER B 144 0.66 8.07 -18.65
N ASN B 145 -0.01 8.54 -17.57
CA ASN B 145 -1.44 8.73 -17.44
C ASN B 145 -2.05 7.44 -16.94
N PHE B 146 -1.27 6.68 -16.14
CA PHE B 146 -1.71 5.45 -15.52
C PHE B 146 -1.39 5.56 -14.07
N ARG B 147 -2.27 4.97 -13.24
CA ARG B 147 -2.17 4.94 -11.81
C ARG B 147 -2.92 3.69 -11.46
N PHE B 148 -2.89 3.29 -10.16
CA PHE B 148 -3.52 2.09 -9.67
C PHE B 148 -4.62 2.56 -8.76
N GLY B 149 -5.22 3.74 -9.09
CA GLY B 149 -6.31 4.38 -8.38
C GLY B 149 -7.55 3.57 -8.55
N GLU B 150 -8.65 3.94 -7.84
CA GLU B 150 -9.87 3.16 -7.78
C GLU B 150 -10.45 2.74 -9.11
N ASN B 151 -10.55 3.67 -10.10
CA ASN B 151 -11.05 3.36 -11.43
C ASN B 151 -10.20 2.36 -12.18
N HIS B 152 -8.85 2.53 -12.11
CA HIS B 152 -7.89 1.67 -12.76
C HIS B 152 -7.89 0.29 -12.20
N ALA B 153 -7.94 0.18 -10.86
CA ALA B 153 -8.00 -1.05 -10.10
C ALA B 153 -9.17 -1.92 -10.48
N ILE B 154 -10.36 -1.29 -10.60
CA ILE B 154 -11.61 -1.92 -10.97
C ILE B 154 -11.53 -2.46 -12.38
N MET B 155 -11.00 -1.64 -13.33
CA MET B 155 -10.75 -2.04 -14.70
C MET B 155 -9.88 -3.26 -14.81
N GLY B 156 -8.74 -3.26 -14.07
CA GLY B 156 -7.82 -4.36 -13.94
C GLY B 156 -8.44 -5.64 -13.50
N VAL B 157 -9.31 -5.59 -12.46
CA VAL B 157 -10.03 -6.71 -11.92
C VAL B 157 -11.00 -7.28 -12.94
N ALA B 158 -11.82 -6.39 -13.55
CA ALA B 158 -12.80 -6.71 -14.56
C ALA B 158 -12.20 -7.41 -15.75
N PHE B 159 -11.01 -6.93 -16.22
CA PHE B 159 -10.25 -7.47 -17.31
C PHE B 159 -9.90 -8.94 -17.14
N THR B 160 -9.56 -9.40 -15.91
CA THR B 160 -9.14 -10.76 -15.68
C THR B 160 -10.32 -11.69 -15.89
N TRP B 161 -11.51 -11.30 -15.38
CA TRP B 161 -12.75 -11.98 -15.64
C TRP B 161 -13.09 -12.09 -17.11
N VAL B 162 -13.00 -10.96 -17.86
CA VAL B 162 -13.36 -10.91 -19.27
C VAL B 162 -12.53 -11.83 -20.12
N MET B 163 -11.19 -11.80 -19.94
CA MET B 163 -10.26 -12.69 -20.61
C MET B 163 -10.48 -14.15 -20.29
N ALA B 164 -10.90 -14.43 -19.04
CA ALA B 164 -11.11 -15.77 -18.55
C ALA B 164 -12.34 -16.39 -19.15
N LEU B 165 -13.45 -15.63 -19.18
CA LEU B 165 -14.69 -15.93 -19.84
C LEU B 165 -14.51 -16.15 -21.31
N ALA B 166 -13.62 -15.34 -21.96
CA ALA B 166 -13.24 -15.49 -23.34
C ALA B 166 -12.61 -16.82 -23.71
N CYS B 167 -12.25 -17.66 -22.70
CA CYS B 167 -11.60 -18.94 -22.88
C CYS B 167 -12.56 -20.00 -22.41
N ALA B 168 -13.15 -19.80 -21.20
CA ALA B 168 -14.01 -20.77 -20.57
C ALA B 168 -15.35 -20.91 -21.26
N ALA B 169 -15.88 -19.83 -21.87
CA ALA B 169 -17.19 -19.84 -22.51
C ALA B 169 -17.21 -20.54 -23.87
N PRO B 170 -16.28 -20.40 -24.82
CA PRO B 170 -16.28 -21.11 -26.10
C PRO B 170 -16.58 -22.60 -26.12
N PRO B 171 -16.06 -23.52 -25.30
CA PRO B 171 -16.40 -24.94 -25.40
C PRO B 171 -17.85 -25.26 -25.07
N LEU B 172 -18.62 -24.30 -24.50
CA LEU B 172 -20.02 -24.49 -24.18
C LEU B 172 -20.92 -24.20 -25.34
N VAL B 173 -20.40 -23.53 -26.40
CA VAL B 173 -21.20 -23.10 -27.53
C VAL B 173 -20.73 -23.84 -28.75
N GLY B 174 -19.94 -24.93 -28.55
CA GLY B 174 -19.62 -25.87 -29.60
C GLY B 174 -18.52 -25.36 -30.47
N TRP B 175 -17.56 -24.64 -29.87
CA TRP B 175 -16.38 -24.15 -30.55
C TRP B 175 -15.21 -25.00 -30.11
N SER B 176 -15.55 -26.10 -29.39
CA SER B 176 -14.68 -26.98 -28.64
C SER B 176 -15.67 -27.62 -27.71
N ARG B 177 -15.23 -28.59 -26.88
CA ARG B 177 -16.10 -29.30 -25.99
C ARG B 177 -15.29 -29.66 -24.80
N TYR B 178 -15.98 -29.83 -23.64
CA TYR B 178 -15.38 -30.36 -22.44
C TYR B 178 -15.61 -31.83 -22.49
N ILE B 179 -14.54 -32.59 -22.15
CA ILE B 179 -14.51 -34.03 -22.22
C ILE B 179 -13.53 -34.40 -21.14
N PRO B 180 -13.61 -35.57 -20.50
CA PRO B 180 -12.67 -36.00 -19.48
C PRO B 180 -11.20 -35.89 -19.87
N GLU B 181 -10.34 -35.41 -18.94
CA GLU B 181 -8.91 -35.34 -19.07
C GLU B 181 -8.37 -36.19 -17.96
N GLY B 182 -7.04 -36.41 -17.94
CA GLY B 182 -6.34 -37.11 -16.88
C GLY B 182 -6.73 -38.56 -16.84
N MET B 183 -7.19 -39.04 -15.66
CA MET B 183 -7.57 -40.43 -15.46
C MET B 183 -9.03 -40.57 -15.79
N GLN B 184 -9.64 -39.47 -16.29
CA GLN B 184 -10.95 -39.36 -16.89
C GLN B 184 -11.95 -39.16 -15.78
N CYS B 185 -11.46 -38.62 -14.63
CA CYS B 185 -12.23 -38.36 -13.44
C CYS B 185 -12.21 -36.87 -13.22
N SER B 186 -11.71 -36.11 -14.21
CA SER B 186 -11.76 -34.68 -14.22
C SER B 186 -12.06 -34.37 -15.64
N CYS B 187 -12.67 -33.20 -15.94
CA CYS B 187 -13.02 -32.81 -17.27
C CYS B 187 -12.16 -31.64 -17.60
N GLY B 188 -11.49 -31.73 -18.78
CA GLY B 188 -10.67 -30.68 -19.29
C GLY B 188 -11.16 -30.29 -20.64
N ILE B 189 -10.33 -29.49 -21.31
CA ILE B 189 -10.50 -28.97 -22.65
C ILE B 189 -10.09 -30.01 -23.65
N ASP B 190 -10.86 -30.13 -24.76
CA ASP B 190 -10.53 -30.98 -25.87
C ASP B 190 -9.57 -30.19 -26.73
N TYR B 191 -8.37 -30.76 -26.98
CA TYR B 191 -7.32 -30.10 -27.72
C TYR B 191 -6.48 -31.18 -28.33
N TYR B 192 -6.92 -32.44 -28.17
CA TYR B 192 -6.21 -33.63 -28.57
C TYR B 192 -6.41 -33.89 -30.03
N THR B 193 -7.40 -33.21 -30.65
CA THR B 193 -7.71 -33.34 -32.05
C THR B 193 -7.93 -31.95 -32.60
N PRO B 194 -7.80 -31.76 -33.91
CA PRO B 194 -8.15 -30.51 -34.57
C PRO B 194 -9.49 -30.77 -35.23
N HIS B 195 -10.37 -31.53 -34.53
CA HIS B 195 -11.66 -32.01 -34.99
C HIS B 195 -12.58 -30.87 -35.35
N GLU B 196 -12.75 -30.69 -36.68
CA GLU B 196 -13.41 -29.59 -37.35
C GLU B 196 -14.86 -29.45 -36.98
N GLU B 197 -15.56 -30.60 -36.84
CA GLU B 197 -16.98 -30.69 -36.58
C GLU B 197 -17.40 -30.03 -35.28
N THR B 198 -16.44 -29.78 -34.37
CA THR B 198 -16.68 -29.15 -33.10
C THR B 198 -15.82 -27.91 -33.06
N ASN B 199 -14.92 -27.72 -34.05
CA ASN B 199 -14.17 -26.50 -34.34
C ASN B 199 -13.00 -26.35 -33.41
N ASN B 200 -12.45 -27.50 -32.94
CA ASN B 200 -11.35 -27.61 -32.02
C ASN B 200 -10.09 -26.89 -32.47
N GLU B 201 -9.74 -27.00 -33.78
CA GLU B 201 -8.48 -26.54 -34.33
C GLU B 201 -8.22 -25.08 -34.10
N SER B 202 -9.19 -24.21 -34.45
CA SER B 202 -9.10 -22.78 -34.27
C SER B 202 -9.00 -22.36 -32.82
N PHE B 203 -9.75 -23.04 -31.94
CA PHE B 203 -9.74 -22.82 -30.51
C PHE B 203 -8.39 -23.11 -29.89
N VAL B 204 -7.75 -24.24 -30.28
CA VAL B 204 -6.46 -24.67 -29.77
C VAL B 204 -5.37 -23.67 -30.10
N ILE B 205 -5.40 -23.11 -31.33
CA ILE B 205 -4.49 -22.09 -31.81
C ILE B 205 -4.66 -20.83 -31.00
N TYR B 206 -5.94 -20.40 -30.81
CA TYR B 206 -6.34 -19.26 -30.02
C TYR B 206 -5.82 -19.35 -28.59
N MET B 207 -6.05 -20.50 -27.91
CA MET B 207 -5.55 -20.80 -26.59
C MET B 207 -4.06 -20.69 -26.44
N PHE B 208 -3.30 -21.36 -27.34
CA PHE B 208 -1.87 -21.39 -27.29
C PHE B 208 -1.25 -20.01 -27.43
N VAL B 209 -1.79 -19.18 -28.36
CA VAL B 209 -1.25 -17.87 -28.61
C VAL B 209 -1.67 -16.89 -27.55
N VAL B 210 -2.99 -16.67 -27.39
CA VAL B 210 -3.52 -15.59 -26.57
C VAL B 210 -3.40 -15.87 -25.10
N HIS B 211 -3.51 -17.14 -24.68
CA HIS B 211 -3.60 -17.48 -23.27
C HIS B 211 -2.34 -18.15 -22.76
N PHE B 212 -1.31 -18.40 -23.61
CA PHE B 212 -0.03 -18.84 -23.08
C PHE B 212 1.08 -17.94 -23.53
N ILE B 213 1.30 -17.83 -24.87
CA ILE B 213 2.42 -17.10 -25.44
C ILE B 213 2.44 -15.63 -25.08
N ILE B 214 1.32 -14.90 -25.29
CA ILE B 214 1.10 -13.53 -24.86
C ILE B 214 1.47 -13.33 -23.39
N PRO B 215 0.82 -13.98 -22.40
CA PRO B 215 1.23 -14.01 -21.00
C PRO B 215 2.69 -14.23 -20.76
N LEU B 216 3.31 -15.24 -21.40
CA LEU B 216 4.70 -15.61 -21.27
C LEU B 216 5.63 -14.48 -21.61
N ILE B 217 5.35 -13.77 -22.74
CA ILE B 217 6.09 -12.60 -23.18
C ILE B 217 6.01 -11.48 -22.17
N VAL B 218 4.77 -11.15 -21.73
CA VAL B 218 4.47 -10.11 -20.77
C VAL B 218 5.19 -10.33 -19.45
N ILE B 219 5.12 -11.57 -18.91
CA ILE B 219 5.76 -12.00 -17.69
C ILE B 219 7.25 -11.79 -17.73
N PHE B 220 7.91 -12.20 -18.84
CA PHE B 220 9.34 -12.04 -19.02
C PHE B 220 9.77 -10.60 -19.08
N PHE B 221 9.01 -9.77 -19.85
CA PHE B 221 9.23 -8.36 -20.04
C PHE B 221 9.23 -7.58 -18.73
N CYS B 222 8.06 -7.60 -18.05
CA CYS B 222 7.76 -6.96 -16.80
C CYS B 222 8.77 -7.26 -15.73
N TYR B 223 9.03 -8.57 -15.49
CA TYR B 223 9.90 -9.02 -14.44
C TYR B 223 11.37 -8.77 -14.73
N GLY B 224 11.77 -8.81 -16.01
CA GLY B 224 13.09 -8.40 -16.46
C GLY B 224 13.39 -6.96 -16.12
N GLN B 225 12.46 -6.07 -16.50
CA GLN B 225 12.44 -4.66 -16.17
C GLN B 225 12.53 -4.39 -14.70
N LEU B 226 11.69 -5.08 -13.88
CA LEU B 226 11.64 -4.96 -12.45
C LEU B 226 12.97 -5.27 -11.80
N VAL B 227 13.64 -6.38 -12.21
CA VAL B 227 14.94 -6.76 -11.72
C VAL B 227 16.00 -5.75 -12.07
N PHE B 228 15.92 -5.17 -13.30
CA PHE B 228 16.82 -4.13 -13.78
C PHE B 228 16.74 -2.92 -12.87
N THR B 229 15.51 -2.37 -12.72
CA THR B 229 15.16 -1.27 -11.85
C THR B 229 15.68 -1.42 -10.44
N VAL B 230 15.45 -2.60 -9.80
CA VAL B 230 15.80 -2.84 -8.40
C VAL B 230 17.30 -2.92 -8.21
N LYS B 231 18.04 -3.54 -9.16
CA LYS B 231 19.49 -3.56 -9.18
C LYS B 231 20.09 -2.19 -9.29
N GLU B 232 19.54 -1.37 -10.21
CA GLU B 232 19.92 0.00 -10.47
C GLU B 232 19.75 0.88 -9.26
N ALA B 233 18.53 0.83 -8.65
CA ALA B 233 18.15 1.52 -7.42
C ALA B 233 19.08 1.24 -6.27
N ALA B 234 19.47 -0.06 -6.09
CA ALA B 234 20.34 -0.51 -5.02
C ALA B 234 21.72 0.07 -5.17
N ALA B 235 22.23 0.12 -6.43
CA ALA B 235 23.47 0.74 -6.81
C ALA B 235 23.50 2.23 -6.51
N GLN B 236 22.35 2.92 -6.71
CA GLN B 236 22.18 4.33 -6.46
C GLN B 236 21.87 4.65 -5.01
N GLN B 237 21.97 3.66 -4.10
CA GLN B 237 21.59 3.87 -2.72
C GLN B 237 22.29 2.81 -1.94
N GLN B 238 23.65 2.79 -2.05
CA GLN B 238 24.46 1.84 -1.34
C GLN B 238 24.91 2.57 -0.11
N GLU B 239 24.29 2.22 1.02
CA GLU B 239 24.57 2.81 2.30
C GLU B 239 23.81 1.99 3.33
N SER B 240 23.04 0.99 2.85
CA SER B 240 22.28 0.11 3.70
C SER B 240 22.60 -1.26 3.20
N ALA B 241 23.20 -2.09 4.11
CA ALA B 241 23.55 -3.47 3.89
C ALA B 241 22.33 -4.29 3.55
N THR B 242 21.24 -4.03 4.31
CA THR B 242 19.92 -4.61 4.18
C THR B 242 19.41 -4.47 2.77
N THR B 243 19.44 -3.24 2.19
CA THR B 243 18.98 -2.96 0.85
C THR B 243 19.72 -3.73 -0.21
N GLN B 244 21.05 -3.95 -0.05
CA GLN B 244 21.83 -4.72 -1.00
C GLN B 244 21.49 -6.19 -1.01
N LYS B 245 21.27 -6.78 0.20
CA LYS B 245 20.85 -8.15 0.38
C LYS B 245 19.50 -8.39 -0.20
N ALA B 246 18.56 -7.48 0.13
CA ALA B 246 17.21 -7.39 -0.34
C ALA B 246 17.12 -7.38 -1.83
N GLU B 247 18.00 -6.62 -2.53
CA GLU B 247 18.02 -6.50 -3.97
C GLU B 247 18.31 -7.83 -4.64
N LYS B 248 19.27 -8.59 -4.08
CA LYS B 248 19.65 -9.91 -4.51
C LYS B 248 18.52 -10.90 -4.30
N GLU B 249 17.89 -10.82 -3.11
CA GLU B 249 16.76 -11.63 -2.70
C GLU B 249 15.56 -11.43 -3.58
N VAL B 250 15.22 -10.16 -3.91
CA VAL B 250 14.13 -9.74 -4.77
C VAL B 250 14.32 -10.29 -6.17
N THR B 251 15.57 -10.29 -6.68
CA THR B 251 15.91 -10.85 -7.97
C THR B 251 15.66 -12.34 -8.00
N ARG B 252 16.05 -13.05 -6.92
CA ARG B 252 15.80 -14.47 -6.71
C ARG B 252 14.33 -14.78 -6.73
N MET B 253 13.53 -14.03 -5.94
CA MET B 253 12.09 -14.06 -5.89
C MET B 253 11.45 -13.92 -7.24
N VAL B 254 11.95 -12.98 -8.08
CA VAL B 254 11.44 -12.69 -9.40
C VAL B 254 11.62 -13.88 -10.32
N ILE B 255 12.74 -14.63 -10.19
CA ILE B 255 13.00 -15.85 -10.92
C ILE B 255 11.96 -16.88 -10.54
N ILE B 256 11.68 -17.04 -9.22
CA ILE B 256 10.65 -17.90 -8.67
C ILE B 256 9.29 -17.55 -9.25
N MET B 257 8.93 -16.24 -9.34
CA MET B 257 7.68 -15.74 -9.86
C MET B 257 7.45 -16.10 -11.33
N VAL B 258 8.52 -16.02 -12.15
CA VAL B 258 8.48 -16.30 -13.57
C VAL B 258 8.29 -17.79 -13.77
N ILE B 259 9.13 -18.59 -13.08
CA ILE B 259 9.09 -20.04 -12.99
C ILE B 259 7.73 -20.56 -12.58
N ALA B 260 7.05 -19.89 -11.64
CA ALA B 260 5.76 -20.27 -11.13
C ALA B 260 4.69 -20.14 -12.20
N PHE B 261 4.79 -19.12 -13.09
CA PHE B 261 3.91 -18.98 -14.22
C PHE B 261 4.13 -20.08 -15.23
N LEU B 262 5.41 -20.43 -15.46
CA LEU B 262 5.82 -21.45 -16.38
C LEU B 262 5.27 -22.80 -16.00
N ILE B 263 5.52 -23.25 -14.74
CA ILE B 263 5.06 -24.51 -14.20
C ILE B 263 3.58 -24.72 -14.39
N CYS B 264 2.78 -23.65 -14.18
CA CYS B 264 1.35 -23.75 -14.20
C CYS B 264 0.75 -24.01 -15.57
N TRP B 265 1.25 -23.36 -16.65
CA TRP B 265 0.58 -23.40 -17.94
C TRP B 265 1.40 -24.03 -19.03
N LEU B 266 2.73 -24.13 -18.85
CA LEU B 266 3.62 -24.77 -19.79
C LEU B 266 3.28 -26.22 -20.06
N PRO B 267 2.95 -27.11 -19.12
CA PRO B 267 2.59 -28.50 -19.40
C PRO B 267 1.48 -28.67 -20.41
N TYR B 268 0.34 -27.97 -20.23
CA TYR B 268 -0.77 -27.92 -21.16
C TYR B 268 -0.38 -27.46 -22.53
N ALA B 269 0.39 -26.35 -22.60
CA ALA B 269 0.85 -25.75 -23.81
C ALA B 269 1.76 -26.65 -24.59
N GLY B 270 2.74 -27.26 -23.89
CA GLY B 270 3.71 -28.20 -24.40
C GLY B 270 3.10 -29.40 -25.06
N VAL B 271 2.21 -30.11 -24.33
CA VAL B 271 1.50 -31.28 -24.82
C VAL B 271 0.68 -30.99 -26.05
N ALA B 272 -0.18 -29.94 -25.98
CA ALA B 272 -1.02 -29.47 -27.05
C ALA B 272 -0.27 -29.14 -28.31
N PHE B 273 0.88 -28.44 -28.16
CA PHE B 273 1.73 -28.01 -29.24
C PHE B 273 2.36 -29.19 -29.94
N TYR B 274 2.89 -30.17 -29.17
CA TYR B 274 3.60 -31.31 -29.69
C TYR B 274 2.75 -32.19 -30.59
N ILE B 275 1.51 -32.53 -30.14
CA ILE B 275 0.59 -33.32 -30.95
C ILE B 275 0.20 -32.63 -32.24
N PHE B 276 0.05 -31.28 -32.21
CA PHE B 276 -0.29 -30.47 -33.35
C PHE B 276 0.82 -30.41 -34.38
N THR B 277 2.08 -30.23 -33.93
CA THR B 277 3.23 -30.10 -34.81
C THR B 277 3.60 -31.41 -35.44
N HIS B 278 3.43 -32.52 -34.68
CA HIS B 278 3.72 -33.84 -35.17
C HIS B 278 2.62 -34.70 -34.64
N GLN B 279 1.83 -35.31 -35.55
CA GLN B 279 0.70 -36.14 -35.20
C GLN B 279 1.17 -37.37 -34.46
N GLY B 280 0.39 -37.78 -33.44
CA GLY B 280 0.69 -38.89 -32.58
C GLY B 280 1.63 -38.47 -31.50
N SER B 281 1.59 -39.20 -30.38
CA SER B 281 2.40 -38.95 -29.23
C SER B 281 2.54 -40.27 -28.55
N ASP B 282 3.46 -40.35 -27.57
CA ASP B 282 3.68 -41.53 -26.76
C ASP B 282 3.26 -41.16 -25.35
N PHE B 283 2.56 -40.02 -25.19
CA PHE B 283 1.95 -39.59 -23.95
C PHE B 283 0.90 -40.57 -23.51
N GLY B 284 0.85 -40.84 -22.18
CA GLY B 284 -0.07 -41.78 -21.57
C GLY B 284 -1.31 -41.03 -21.19
N PRO B 285 -2.15 -41.61 -20.33
CA PRO B 285 -3.38 -40.97 -19.90
C PRO B 285 -3.15 -40.46 -18.51
N ILE B 286 -2.24 -41.09 -17.73
CA ILE B 286 -1.83 -40.70 -16.40
C ILE B 286 -0.92 -39.50 -16.56
N PHE B 287 -0.21 -39.45 -17.71
CA PHE B 287 0.62 -38.38 -18.17
C PHE B 287 -0.17 -37.08 -18.30
N MET B 288 -1.46 -37.18 -18.72
CA MET B 288 -2.33 -36.03 -18.88
C MET B 288 -2.87 -35.52 -17.57
N THR B 289 -2.65 -36.24 -16.44
CA THR B 289 -3.07 -35.79 -15.13
C THR B 289 -1.98 -34.92 -14.55
N ILE B 290 -0.72 -35.10 -15.04
CA ILE B 290 0.45 -34.35 -14.65
C ILE B 290 0.27 -32.84 -14.88
N PRO B 291 -0.14 -32.32 -16.04
CA PRO B 291 -0.44 -30.91 -16.25
C PRO B 291 -1.46 -30.34 -15.31
N ALA B 292 -2.47 -31.15 -14.88
CA ALA B 292 -3.53 -30.73 -14.01
C ALA B 292 -3.03 -30.49 -12.61
N PHE B 293 -2.11 -31.37 -12.14
CA PHE B 293 -1.49 -31.25 -10.84
C PHE B 293 -0.74 -29.94 -10.71
N PHE B 294 0.10 -29.62 -11.72
CA PHE B 294 0.89 -28.41 -11.77
C PHE B 294 0.06 -27.16 -11.79
N ALA B 295 -1.02 -27.16 -12.61
CA ALA B 295 -1.90 -26.03 -12.78
C ALA B 295 -2.64 -25.72 -11.51
N LYS B 296 -3.23 -26.76 -10.87
CA LYS B 296 -4.05 -26.65 -9.68
C LYS B 296 -3.32 -26.12 -8.48
N THR B 297 -2.01 -26.42 -8.36
CA THR B 297 -1.16 -26.00 -7.26
C THR B 297 -0.95 -24.50 -7.25
N SER B 298 -1.23 -23.76 -8.35
CA SER B 298 -1.07 -22.31 -8.37
C SER B 298 -2.03 -21.58 -7.45
N ALA B 299 -3.12 -22.25 -7.02
CA ALA B 299 -4.04 -21.74 -6.02
C ALA B 299 -3.40 -21.61 -4.65
N VAL B 300 -2.27 -22.32 -4.44
CA VAL B 300 -1.51 -22.32 -3.22
C VAL B 300 -0.36 -21.37 -3.38
N TYR B 301 0.47 -21.50 -4.45
CA TYR B 301 1.71 -20.75 -4.50
C TYR B 301 1.57 -19.30 -4.87
N ASN B 302 0.57 -18.89 -5.72
CA ASN B 302 0.42 -17.48 -6.05
C ASN B 302 0.23 -16.57 -4.85
N PRO B 303 -0.71 -16.74 -3.90
CA PRO B 303 -0.80 -15.88 -2.73
C PRO B 303 0.38 -16.02 -1.80
N VAL B 304 1.05 -17.19 -1.73
CA VAL B 304 2.23 -17.33 -0.90
C VAL B 304 3.31 -16.36 -1.33
N ILE B 305 3.61 -16.33 -2.65
CA ILE B 305 4.58 -15.44 -3.23
C ILE B 305 4.19 -13.97 -3.09
N TYR B 306 2.92 -13.63 -3.44
CA TYR B 306 2.52 -12.25 -3.66
C TYR B 306 1.93 -11.55 -2.47
N ILE B 307 1.69 -12.26 -1.33
CA ILE B 307 1.01 -11.72 -0.17
C ILE B 307 1.93 -11.88 1.00
N MET B 308 2.30 -13.13 1.33
CA MET B 308 3.00 -13.52 2.53
C MET B 308 4.33 -12.82 2.72
N MET B 309 5.05 -12.46 1.64
CA MET B 309 6.37 -11.88 1.74
C MET B 309 6.33 -10.37 1.81
N ASN B 310 5.17 -9.75 2.13
CA ASN B 310 5.05 -8.32 2.34
C ASN B 310 4.77 -8.09 3.80
N LYS B 311 5.53 -7.12 4.38
CA LYS B 311 5.60 -6.75 5.78
C LYS B 311 4.32 -6.55 6.54
N GLN B 312 3.35 -5.78 5.99
CA GLN B 312 2.14 -5.39 6.69
C GLN B 312 1.30 -6.59 7.05
N PHE B 313 0.99 -7.41 6.01
CA PHE B 313 0.21 -8.62 6.11
C PHE B 313 0.78 -9.57 7.12
N ARG B 314 2.12 -9.74 7.12
CA ARG B 314 2.87 -10.55 8.05
C ARG B 314 2.59 -10.18 9.48
N ASN B 315 2.77 -8.89 9.84
CA ASN B 315 2.51 -8.37 11.17
C ASN B 315 1.11 -8.69 11.68
N CYS B 316 0.07 -8.36 10.87
CA CYS B 316 -1.32 -8.61 11.16
C CYS B 316 -1.65 -10.06 11.39
N MET B 317 -1.13 -10.96 10.52
CA MET B 317 -1.27 -12.39 10.61
C MET B 317 -0.67 -12.99 11.84
N VAL B 318 0.55 -12.53 12.21
CA VAL B 318 1.26 -12.95 13.40
C VAL B 318 0.48 -12.56 14.63
N THR B 319 -0.03 -11.31 14.69
CA THR B 319 -0.85 -10.81 15.77
C THR B 319 -2.08 -11.67 16.01
N THR B 320 -2.83 -12.01 14.93
CA THR B 320 -4.04 -12.80 15.05
C THR B 320 -3.79 -14.24 15.44
N LEU B 321 -2.73 -14.87 14.90
CA LEU B 321 -2.37 -16.24 15.20
C LEU B 321 -1.83 -16.39 16.60
N CYS B 322 -1.15 -15.36 17.13
CA CYS B 322 -0.63 -15.32 18.47
C CYS B 322 -1.59 -14.54 19.32
N CYS B 323 -2.89 -14.93 19.24
CA CYS B 323 -3.98 -14.48 20.08
C CYS B 323 -4.44 -13.13 19.63
N GLY B 324 -5.58 -13.09 18.91
CA GLY B 324 -6.13 -11.86 18.39
C GLY B 324 -7.26 -12.23 17.51
N1 SGV C . 7.24 17.47 2.84
C2 SGV C . 7.61 16.21 3.16
N3 SGV C . 6.95 15.31 3.94
C4 SGV C . 5.78 15.81 4.40
C5 SGV C . 5.26 17.09 4.16
C6 SGV C . 6.06 17.94 3.35
N6 SGV C . 5.71 19.26 3.05
C7 SGV C . 4.02 17.16 4.87
C8 SGV C . 3.83 15.93 5.49
N9 SGV C . 4.91 15.13 5.21
C1' SGV C . 5.17 13.79 5.76
C10 SGV C . 3.10 18.29 5.00
N11 SGV C . 1.81 17.96 5.36
O12 SGV C . 3.44 19.44 4.81
C2' SGV C . 5.86 13.89 7.11
O2' SGV C . 6.77 12.79 7.20
C3' SGV C . 4.70 13.73 8.05
O3' SGV C . 5.06 13.31 9.36
C4' SGV C . 3.85 12.72 7.34
O4' SGV C . 3.92 13.10 5.96
C5' SGV C . 2.41 12.76 7.85
O5' SGV C . 1.72 11.60 7.41
C1 RET D . -2.95 -23.23 -22.64
C2 RET D . -2.01 -23.38 -23.84
C3 RET D . -2.65 -24.03 -25.05
C4 RET D . -3.16 -25.41 -24.66
C5 RET D . -4.12 -25.32 -23.48
C6 RET D . -4.02 -24.34 -22.54
C7 RET D . -4.89 -24.24 -21.35
C8 RET D . -5.33 -25.26 -20.60
C9 RET D . -6.14 -25.11 -19.40
C10 RET D . -6.34 -26.19 -18.57
C11 RET D . -6.97 -26.13 -17.32
C12 RET D . -7.05 -27.24 -16.52
C13 RET D . -7.54 -27.24 -15.21
C14 RET D . -7.47 -28.42 -14.45
C15 RET D . -7.82 -28.52 -13.11
C16 RET D . -3.61 -21.85 -22.72
C17 RET D . -2.04 -23.23 -21.39
C18 RET D . -5.20 -26.41 -23.46
C19 RET D . -6.73 -23.73 -19.06
C20 RET D . -8.11 -25.96 -14.61
N LEU A 6 11.46 -6.29 0.50
CA LEU A 6 11.26 -7.02 -0.71
C LEU A 6 10.41 -6.15 -1.58
N GLU A 7 9.09 -6.37 -1.59
CA GLU A 7 8.13 -5.54 -2.28
C GLU A 7 8.08 -4.14 -1.70
N THR A 8 8.24 -4.03 -0.36
CA THR A 8 8.44 -2.77 0.31
C THR A 8 9.70 -2.07 -0.11
N VAL A 9 10.80 -2.83 -0.32
CA VAL A 9 12.03 -2.31 -0.88
C VAL A 9 11.84 -1.82 -2.30
N VAL A 10 10.99 -2.51 -3.11
CA VAL A 10 10.61 -2.11 -4.45
C VAL A 10 9.88 -0.78 -4.43
N ALA A 11 8.98 -0.59 -3.43
CA ALA A 11 8.29 0.67 -3.25
C ALA A 11 9.26 1.79 -2.90
N ASN A 12 10.27 1.47 -2.06
CA ASN A 12 11.37 2.34 -1.69
C ASN A 12 12.22 2.65 -2.89
N SER A 13 12.46 1.66 -3.77
CA SER A 13 13.20 1.81 -5.00
C SER A 13 12.52 2.75 -5.95
N ALA A 14 11.16 2.69 -6.09
CA ALA A 14 10.47 3.64 -6.94
C ALA A 14 10.60 5.09 -6.46
N PHE A 15 10.63 5.28 -5.11
CA PHE A 15 10.87 6.56 -4.48
C PHE A 15 12.24 7.07 -4.79
N ILE A 16 13.26 6.18 -4.71
CA ILE A 16 14.66 6.45 -4.98
C ILE A 16 14.81 6.89 -6.42
N ALA A 17 14.03 6.25 -7.32
CA ALA A 17 14.04 6.51 -8.75
C ALA A 17 13.56 7.91 -9.01
N ALA A 18 12.46 8.32 -8.32
CA ALA A 18 11.91 9.65 -8.43
C ALA A 18 12.85 10.72 -7.93
N ARG A 19 13.53 10.44 -6.78
CA ARG A 19 14.49 11.32 -6.13
C ARG A 19 15.66 11.61 -7.03
N GLY A 20 16.15 10.56 -7.73
CA GLY A 20 17.26 10.58 -8.64
C GLY A 20 16.99 11.50 -9.81
N SER A 21 15.76 11.39 -10.38
CA SER A 21 15.28 12.22 -11.46
C SER A 21 15.18 13.66 -11.03
N PHE A 22 14.66 13.89 -9.79
CA PHE A 22 14.53 15.21 -9.22
C PHE A 22 15.88 15.87 -8.97
N ASP A 23 16.85 15.09 -8.42
CA ASP A 23 18.18 15.54 -8.11
C ASP A 23 18.94 15.94 -9.35
N ALA A 24 18.77 15.15 -10.44
CA ALA A 24 19.35 15.43 -11.73
C ALA A 24 18.34 16.21 -12.53
N MET A 182 -1.38 20.14 -10.95
CA MET A 182 -2.69 20.17 -11.53
C MET A 182 -3.47 19.06 -10.91
N GLY A 183 -3.47 17.87 -11.57
CA GLY A 183 -4.68 17.13 -11.80
C GLY A 183 -4.83 16.06 -10.77
N GLU A 184 -5.88 15.21 -10.91
CA GLU A 184 -6.23 14.19 -9.96
C GLU A 184 -5.67 12.85 -10.39
N ASP A 185 -4.88 12.86 -11.49
CA ASP A 185 -4.39 11.68 -12.14
C ASP A 185 -3.32 12.23 -13.03
N TRP A 186 -2.30 12.84 -12.39
CA TRP A 186 -1.38 13.71 -13.07
C TRP A 186 -0.16 13.82 -12.19
N PHE A 187 -0.07 12.96 -11.15
CA PHE A 187 1.07 12.86 -10.30
C PHE A 187 1.31 11.40 -10.09
N LEU A 188 2.56 10.96 -10.34
CA LEU A 188 3.03 9.60 -10.20
C LEU A 188 3.26 9.40 -8.73
N ASP A 189 2.81 8.25 -8.17
CA ASP A 189 2.75 8.05 -6.74
C ASP A 189 3.89 7.14 -6.39
N PHE A 190 4.56 7.45 -5.27
CA PHE A 190 5.64 6.65 -4.72
C PHE A 190 5.22 6.26 -3.35
N ARG A 191 6.18 5.70 -2.57
CA ARG A 191 6.03 5.29 -1.20
C ARG A 191 5.53 6.43 -0.33
N VAL A 192 4.77 6.05 0.71
CA VAL A 192 4.27 6.96 1.70
C VAL A 192 5.44 7.45 2.53
N LEU A 193 5.22 8.62 3.17
CA LEU A 193 6.21 9.33 3.93
C LEU A 193 5.67 9.37 5.33
N GLY A 194 4.43 8.89 5.51
CA GLY A 194 3.77 8.73 6.77
C GLY A 194 2.33 8.51 6.45
N ARG A 195 1.54 8.13 7.46
CA ARG A 195 0.11 8.00 7.34
C ARG A 195 -0.41 9.01 8.32
N GLY A 196 -1.01 10.11 7.79
CA GLY A 196 -1.72 11.12 8.55
C GLY A 196 -2.93 10.62 9.28
N GLY A 197 -3.74 11.55 9.84
CA GLY A 197 -4.98 11.25 10.52
C GLY A 197 -6.03 10.82 9.53
N PHE A 198 -6.01 11.48 8.35
CA PHE A 198 -6.95 11.26 7.29
C PHE A 198 -6.03 10.92 6.17
N GLY A 199 -6.16 9.69 5.62
CA GLY A 199 -5.44 9.16 4.48
C GLY A 199 -3.93 9.22 4.55
N GLU A 200 -3.31 8.65 3.50
CA GLU A 200 -1.88 8.54 3.31
C GLU A 200 -1.33 9.87 2.87
N VAL A 201 -0.02 10.10 3.12
CA VAL A 201 0.68 11.25 2.61
C VAL A 201 1.92 10.67 2.00
N PHE A 202 1.97 10.65 0.64
CA PHE A 202 3.04 10.07 -0.13
C PHE A 202 3.73 11.14 -0.93
N ALA A 203 5.01 10.85 -1.28
CA ALA A 203 5.73 11.64 -2.25
C ALA A 203 5.20 11.32 -3.61
N CYS A 204 5.37 12.25 -4.56
CA CYS A 204 4.74 12.16 -5.84
C CYS A 204 5.50 13.09 -6.72
N GLN A 205 5.29 13.01 -8.05
CA GLN A 205 6.09 13.77 -8.99
C GLN A 205 5.18 14.12 -10.12
N MET A 206 5.25 15.40 -10.57
CA MET A 206 4.65 15.89 -11.78
C MET A 206 5.22 15.21 -12.99
N LYS A 207 4.33 14.64 -13.83
CA LYS A 207 4.68 13.88 -15.01
C LYS A 207 4.84 14.80 -16.20
N ALA A 208 5.33 16.03 -15.98
CA ALA A 208 5.32 17.07 -16.97
C ALA A 208 6.27 18.16 -16.56
N THR A 209 6.89 18.05 -15.35
CA THR A 209 7.69 19.12 -14.79
C THR A 209 8.83 18.47 -14.08
N GLY A 210 8.64 17.20 -13.60
CA GLY A 210 9.68 16.38 -13.03
C GLY A 210 10.13 16.89 -11.69
N LYS A 211 9.19 17.51 -10.93
CA LYS A 211 9.45 18.07 -9.63
C LYS A 211 8.58 17.33 -8.66
N LEU A 212 9.12 17.14 -7.43
CA LEU A 212 8.51 16.39 -6.37
C LEU A 212 7.66 17.30 -5.53
N TYR A 213 6.49 16.77 -5.11
CA TYR A 213 5.53 17.44 -4.28
C TYR A 213 5.09 16.36 -3.33
N ALA A 214 4.65 16.74 -2.11
CA ALA A 214 3.89 15.85 -1.26
C ALA A 214 2.43 16.01 -1.54
N CYS A 215 1.70 14.87 -1.49
CA CYS A 215 0.28 14.81 -1.71
C CYS A 215 -0.33 14.27 -0.46
N LYS A 216 -0.90 15.17 0.37
CA LYS A 216 -1.69 14.83 1.52
C LYS A 216 -3.07 14.47 1.07
N LYS A 217 -3.37 13.14 1.08
CA LYS A 217 -4.68 12.63 0.82
C LYS A 217 -5.39 12.61 2.14
N LEU A 218 -6.67 13.05 2.14
CA LEU A 218 -7.54 13.02 3.27
C LEU A 218 -8.70 12.18 2.80
N ASN A 219 -8.78 10.90 3.25
CA ASN A 219 -9.81 9.97 2.83
C ASN A 219 -11.20 10.43 3.22
N LYS A 220 -12.15 10.38 2.25
CA LYS A 220 -13.52 10.81 2.35
C LYS A 220 -14.30 10.13 3.44
N LYS A 221 -14.08 8.81 3.63
CA LYS A 221 -14.75 8.03 4.66
C LYS A 221 -14.36 8.52 6.02
N ARG A 222 -13.03 8.59 6.30
CA ARG A 222 -12.47 9.03 7.55
C ARG A 222 -12.85 10.46 7.92
N LEU A 223 -13.00 11.34 6.91
CA LEU A 223 -13.46 12.71 7.04
C LEU A 223 -14.85 12.76 7.59
N LYS A 224 -15.78 11.96 7.01
CA LYS A 224 -17.15 11.84 7.45
C LYS A 224 -17.28 11.32 8.87
N LYS A 225 -16.46 10.31 9.23
CA LYS A 225 -16.47 9.68 10.53
C LYS A 225 -16.15 10.63 11.66
N ARG A 226 -15.01 11.37 11.56
CA ARG A 226 -14.62 12.31 12.58
C ARG A 226 -15.29 13.66 12.43
N LYS A 227 -15.98 13.90 11.29
CA LYS A 227 -16.53 15.18 10.89
C LYS A 227 -15.47 16.27 10.85
N GLY A 228 -14.38 16.01 10.07
CA GLY A 228 -13.19 16.82 10.06
C GLY A 228 -13.21 17.81 8.94
N TYR A 229 -14.41 18.29 8.55
CA TYR A 229 -14.60 19.14 7.39
C TYR A 229 -14.11 20.54 7.66
N GLN A 230 -14.34 21.05 8.90
CA GLN A 230 -13.93 22.38 9.30
C GLN A 230 -12.43 22.52 9.28
N GLY A 231 -11.72 21.53 9.88
CA GLY A 231 -10.28 21.54 10.08
C GLY A 231 -9.53 21.55 8.78
N ALA A 232 -10.09 20.86 7.76
CA ALA A 232 -9.53 20.76 6.44
C ALA A 232 -9.56 22.09 5.75
N MET A 233 -10.73 22.78 5.79
CA MET A 233 -10.98 24.05 5.14
C MET A 233 -10.10 25.15 5.69
N VAL A 234 -9.79 25.10 7.01
CA VAL A 234 -8.99 26.09 7.71
C VAL A 234 -7.57 26.02 7.21
N GLU A 235 -6.97 24.80 7.18
CA GLU A 235 -5.62 24.57 6.71
C GLU A 235 -5.41 25.01 5.28
N LYS A 236 -6.45 24.80 4.44
CA LYS A 236 -6.49 25.15 3.03
C LYS A 236 -6.35 26.64 2.90
N LYS A 237 -7.33 27.41 3.42
CA LYS A 237 -7.43 28.85 3.30
C LYS A 237 -6.22 29.59 3.82
N ILE A 238 -5.61 29.13 4.95
CA ILE A 238 -4.46 29.77 5.55
C ILE A 238 -3.25 29.60 4.66
N LEU A 239 -2.84 28.34 4.37
CA LEU A 239 -1.71 28.03 3.51
C LEU A 239 -1.80 28.62 2.13
N ALA A 240 -3.03 28.68 1.57
CA ALA A 240 -3.36 29.24 0.26
C ALA A 240 -3.03 30.71 0.19
N LYS A 241 -3.16 31.42 1.33
CA LYS A 241 -3.05 32.86 1.41
C LYS A 241 -1.66 33.24 1.80
N VAL A 242 -1.00 32.42 2.65
CA VAL A 242 0.27 32.75 3.23
C VAL A 242 1.28 31.77 2.70
N HIS A 243 2.23 32.29 1.90
CA HIS A 243 3.28 31.54 1.28
C HIS A 243 4.52 32.24 1.73
N SER A 244 5.43 31.51 2.40
CA SER A 244 6.70 32.06 2.82
C SER A 244 7.68 30.92 2.80
N ARG A 245 8.82 31.10 3.51
CA ARG A 245 9.87 30.11 3.63
C ARG A 245 9.94 29.67 5.07
N PHE A 246 8.88 29.97 5.86
CA PHE A 246 8.78 29.60 7.26
C PHE A 246 7.40 29.02 7.46
N ILE A 247 6.56 29.04 6.40
CA ILE A 247 5.27 28.38 6.35
C ILE A 247 5.26 27.84 4.96
N VAL A 248 4.87 26.55 4.79
CA VAL A 248 4.81 25.85 3.52
C VAL A 248 3.89 26.54 2.53
N SER A 249 4.26 26.46 1.24
CA SER A 249 3.44 26.93 0.15
C SER A 249 2.54 25.81 -0.29
N LEU A 250 1.27 26.14 -0.57
CA LEU A 250 0.27 25.23 -1.09
C LEU A 250 0.14 25.55 -2.55
N ALA A 251 0.13 24.52 -3.42
CA ALA A 251 0.15 24.74 -4.85
C ALA A 251 -1.17 24.39 -5.45
N TYR A 252 -1.90 23.37 -4.93
CA TYR A 252 -3.14 22.93 -5.51
C TYR A 252 -3.98 22.33 -4.42
N ALA A 253 -5.32 22.46 -4.59
CA ALA A 253 -6.30 21.83 -3.75
C ALA A 253 -7.34 21.33 -4.71
N PHE A 254 -7.32 20.00 -4.95
CA PHE A 254 -8.23 19.30 -5.83
C PHE A 254 -8.72 18.11 -5.06
N GLU A 255 -9.59 17.29 -5.68
CA GLU A 255 -10.11 16.09 -5.07
C GLU A 255 -9.97 15.03 -6.12
N THR A 256 -9.97 13.76 -5.67
CA THR A 256 -9.97 12.58 -6.51
C THR A 256 -11.21 11.86 -6.03
N LYS A 257 -11.39 10.58 -6.45
CA LYS A 257 -12.57 9.76 -6.24
C LYS A 257 -12.92 9.55 -4.79
N THR A 258 -11.90 9.25 -3.95
CA THR A 258 -12.11 8.71 -2.63
C THR A 258 -11.45 9.58 -1.61
N ASP A 259 -10.90 10.75 -2.01
CA ASP A 259 -10.09 11.53 -1.10
C ASP A 259 -10.01 12.93 -1.63
N LEU A 260 -9.73 13.87 -0.70
CA LEU A 260 -9.41 15.25 -0.96
C LEU A 260 -7.92 15.38 -0.92
N CYS A 261 -7.33 16.19 -1.82
CA CYS A 261 -5.90 16.27 -1.96
C CYS A 261 -5.47 17.69 -1.69
N LEU A 262 -4.36 17.84 -0.93
CA LEU A 262 -3.60 19.05 -0.86
C LEU A 262 -2.26 18.70 -1.39
N VAL A 263 -1.82 19.36 -2.48
CA VAL A 263 -0.52 19.16 -3.06
C VAL A 263 0.28 20.38 -2.72
N MET A 264 1.33 20.18 -1.88
CA MET A 264 2.12 21.24 -1.33
C MET A 264 3.54 21.01 -1.74
N THR A 265 4.37 22.08 -1.66
CA THR A 265 5.78 22.07 -1.97
C THR A 265 6.54 21.18 -1.01
N ILE A 266 7.57 20.48 -1.55
CA ILE A 266 8.43 19.57 -0.83
C ILE A 266 9.18 20.21 0.31
N MET A 267 9.39 19.34 1.31
CA MET A 267 10.12 19.56 2.52
C MET A 267 10.69 18.18 2.67
N ASN A 268 11.51 17.79 1.66
CA ASN A 268 12.00 16.44 1.42
C ASN A 268 13.18 16.06 2.28
N GLY A 269 13.28 16.67 3.48
CA GLY A 269 14.40 16.55 4.37
C GLY A 269 13.92 15.80 5.57
N GLY A 270 12.63 15.37 5.56
CA GLY A 270 11.94 14.67 6.63
C GLY A 270 11.42 15.68 7.62
N ASP A 271 10.72 15.22 8.68
CA ASP A 271 10.12 16.07 9.70
C ASP A 271 10.95 15.96 10.94
N ILE A 272 10.88 16.99 11.83
CA ILE A 272 11.66 17.07 13.05
C ILE A 272 11.44 15.88 13.95
N ARG A 273 10.19 15.35 14.03
CA ARG A 273 9.82 14.22 14.88
C ARG A 273 10.55 12.95 14.50
N TYR A 274 10.65 12.67 13.17
CA TYR A 274 11.41 11.60 12.57
C TYR A 274 12.85 11.71 12.95
N HIS A 275 13.37 12.96 12.92
CA HIS A 275 14.76 13.32 13.04
C HIS A 275 15.24 13.19 14.45
N ILE A 276 14.33 13.20 15.46
CA ILE A 276 14.64 12.85 16.85
C ILE A 276 15.24 11.45 16.88
N TYR A 277 14.65 10.51 16.09
CA TYR A 277 15.03 9.13 16.10
C TYR A 277 15.99 8.81 14.97
N ASN A 278 16.05 9.65 13.90
CA ASN A 278 16.82 9.34 12.72
C ASN A 278 18.26 9.76 12.85
N VAL A 279 18.55 10.78 13.71
CA VAL A 279 19.89 11.23 14.07
C VAL A 279 20.70 10.08 14.64
N ASP A 280 19.99 9.20 15.39
CA ASP A 280 20.38 7.98 16.04
C ASP A 280 19.60 8.08 17.32
N GLU A 281 18.98 6.97 17.78
CA GLU A 281 18.16 6.96 18.97
C GLU A 281 19.02 6.89 20.20
N ASP A 282 20.32 6.52 20.02
CA ASP A 282 21.31 6.46 21.08
C ASP A 282 21.76 7.85 21.44
N ASN A 283 21.60 8.82 20.51
CA ASN A 283 21.83 10.23 20.74
C ASN A 283 20.54 10.75 21.32
N PRO A 284 20.46 11.28 22.54
CA PRO A 284 19.20 11.60 23.16
C PRO A 284 18.82 13.01 22.80
N GLY A 285 18.30 13.22 21.56
CA GLY A 285 17.94 14.49 21.04
C GLY A 285 19.14 15.21 20.49
N PHE A 286 18.88 16.26 19.70
CA PHE A 286 19.84 17.08 19.01
C PHE A 286 20.73 17.82 19.96
N GLN A 287 21.97 18.11 19.50
CA GLN A 287 22.87 19.07 20.11
C GLN A 287 22.25 20.44 20.07
N GLU A 288 22.56 21.26 21.11
CA GLU A 288 21.93 22.54 21.38
C GLU A 288 21.92 23.50 20.22
N PRO A 289 22.99 23.85 19.48
CA PRO A 289 22.92 24.77 18.36
C PRO A 289 21.91 24.40 17.31
N ARG A 290 21.77 23.09 16.98
CA ARG A 290 20.86 22.62 15.97
C ARG A 290 19.42 22.81 16.39
N ALA A 291 19.11 22.57 17.68
CA ALA A 291 17.80 22.75 18.25
C ALA A 291 17.40 24.20 18.29
N ILE A 292 18.35 25.09 18.67
CA ILE A 292 18.18 26.53 18.75
C ILE A 292 17.82 27.10 17.40
N PHE A 293 18.55 26.69 16.33
CA PHE A 293 18.29 27.07 14.96
C PHE A 293 16.90 26.73 14.50
N TYR A 294 16.45 25.46 14.68
CA TYR A 294 15.13 25.03 14.27
C TYR A 294 14.04 25.77 14.99
N THR A 295 14.21 25.99 16.32
CA THR A 295 13.31 26.77 17.15
C THR A 295 13.13 28.19 16.68
N ALA A 296 14.23 28.87 16.29
CA ALA A 296 14.22 30.22 15.76
C ALA A 296 13.43 30.34 14.49
N GLN A 297 13.58 29.34 13.58
CA GLN A 297 12.90 29.27 12.31
C GLN A 297 11.42 29.03 12.48
N ILE A 298 11.05 28.19 13.48
CA ILE A 298 9.68 27.95 13.90
C ILE A 298 9.04 29.21 14.42
N VAL A 299 9.78 30.02 15.22
CA VAL A 299 9.38 31.30 15.77
C VAL A 299 8.96 32.27 14.69
N SER A 300 9.75 32.35 13.57
CA SER A 300 9.43 33.19 12.43
C SER A 300 8.10 32.79 11.81
N GLY A 301 7.82 31.46 11.75
CA GLY A 301 6.56 30.93 11.29
C GLY A 301 5.40 31.28 12.19
N LEU A 302 5.57 31.18 13.54
CA LEU A 302 4.58 31.55 14.53
C LEU A 302 4.25 33.02 14.46
N GLU A 303 5.28 33.87 14.30
CA GLU A 303 5.18 35.31 14.20
C GLU A 303 4.31 35.72 13.04
N HIS A 304 4.50 35.05 11.87
CA HIS A 304 3.75 35.29 10.66
C HIS A 304 2.28 34.99 10.85
N LEU A 305 1.94 33.93 11.61
CA LEU A 305 0.57 33.58 11.97
C LEU A 305 -0.04 34.63 12.85
N HIS A 306 0.72 35.13 13.85
CA HIS A 306 0.31 36.10 14.83
C HIS A 306 0.02 37.43 14.19
N GLN A 307 0.79 37.81 13.14
CA GLN A 307 0.59 39.02 12.36
C GLN A 307 -0.73 39.06 11.60
N ARG A 308 -1.37 37.89 11.33
CA ARG A 308 -2.65 37.86 10.64
C ARG A 308 -3.71 37.53 11.68
N ASN A 309 -3.30 37.39 12.96
CA ASN A 309 -4.13 37.13 14.11
C ASN A 309 -4.71 35.74 14.08
N ILE A 310 -3.83 34.72 14.00
CA ILE A 310 -4.19 33.33 13.92
C ILE A 310 -3.63 32.70 15.17
N ILE A 311 -4.49 31.94 15.91
CA ILE A 311 -4.08 31.16 17.05
C ILE A 311 -3.94 29.79 16.46
N TYR A 312 -2.77 29.15 16.67
CA TYR A 312 -2.42 27.90 16.04
C TYR A 312 -2.99 26.72 16.79
N ARG A 313 -2.73 26.64 18.12
CA ARG A 313 -3.13 25.55 18.99
C ARG A 313 -2.40 24.29 18.62
N ASP A 314 -1.35 23.96 19.41
CA ASP A 314 -0.51 22.78 19.28
C ASP A 314 0.45 22.94 18.13
N LEU A 315 1.72 23.11 18.51
CA LEU A 315 2.88 23.08 17.65
C LEU A 315 3.52 21.79 18.04
N LYS A 316 3.72 20.91 17.04
CA LYS A 316 4.26 19.60 17.25
C LYS A 316 5.46 19.48 16.33
N PRO A 317 6.55 18.78 16.71
CA PRO A 317 7.73 18.50 15.89
C PRO A 317 7.37 17.93 14.55
N GLU A 318 6.35 17.06 14.51
CA GLU A 318 5.89 16.35 13.33
C GLU A 318 5.20 17.26 12.35
N ASN A 319 4.87 18.51 12.78
CA ASN A 319 4.23 19.51 11.96
C ASN A 319 5.27 20.54 11.58
N VAL A 320 6.53 20.37 12.04
CA VAL A 320 7.66 21.15 11.61
C VAL A 320 8.44 20.28 10.68
N LEU A 321 8.48 20.65 9.38
CA LEU A 321 9.12 19.88 8.36
C LEU A 321 10.43 20.53 8.04
N LEU A 322 11.47 19.71 7.72
CA LEU A 322 12.77 20.15 7.24
C LEU A 322 12.80 19.96 5.76
N ASP A 323 13.46 20.88 5.03
CA ASP A 323 13.79 20.72 3.63
C ASP A 323 15.29 20.52 3.61
N ASP A 324 15.91 20.59 2.41
CA ASP A 324 17.32 20.34 2.22
C ASP A 324 18.06 21.65 2.13
N ASP A 325 17.39 22.79 2.41
CA ASP A 325 17.98 24.11 2.38
C ASP A 325 18.32 24.56 3.78
N GLY A 326 17.90 23.80 4.81
CA GLY A 326 18.17 24.10 6.20
C GLY A 326 17.27 25.16 6.76
N ASN A 327 16.04 25.30 6.20
CA ASN A 327 15.02 26.16 6.73
C ASN A 327 13.84 25.27 6.96
N VAL A 328 13.19 25.39 8.14
CA VAL A 328 12.09 24.55 8.51
C VAL A 328 10.86 25.40 8.40
N ARG A 329 9.69 24.74 8.25
CA ARG A 329 8.45 25.44 8.09
C ARG A 329 7.41 24.67 8.82
N ILE A 330 6.42 25.40 9.40
CA ILE A 330 5.25 24.83 10.00
C ILE A 330 4.27 24.47 8.91
N SER A 331 3.34 23.54 9.25
CA SER A 331 2.38 22.98 8.34
C SER A 331 1.30 22.42 9.23
N ASP A 332 0.21 21.90 8.64
CA ASP A 332 -0.94 21.35 9.33
C ASP A 332 -1.61 22.42 10.16
N LEU A 333 -2.13 23.45 9.47
CA LEU A 333 -2.69 24.63 10.08
C LEU A 333 -4.18 24.45 10.21
N GLY A 334 -4.62 23.17 10.33
CA GLY A 334 -6.00 22.78 10.40
C GLY A 334 -6.41 22.62 11.83
N LEU A 335 -5.45 22.83 12.76
CA LEU A 335 -5.65 22.79 14.17
C LEU A 335 -5.87 24.20 14.65
N ALA A 336 -5.75 25.19 13.74
CA ALA A 336 -5.84 26.61 14.02
C ALA A 336 -7.26 27.10 14.01
N VAL A 337 -7.44 28.34 14.51
CA VAL A 337 -8.64 29.11 14.39
C VAL A 337 -8.11 30.48 14.11
N GLU A 338 -8.74 31.21 13.16
CA GLU A 338 -8.39 32.57 12.88
C GLU A 338 -9.37 33.41 13.66
N LEU A 339 -8.86 34.21 14.61
CA LEU A 339 -9.66 35.11 15.41
C LEU A 339 -8.85 36.35 15.54
N LYS A 340 -9.39 37.51 15.08
CA LYS A 340 -8.80 38.81 15.24
C LYS A 340 -8.69 39.17 16.70
N ALA A 341 -7.69 40.00 17.07
CA ALA A 341 -7.53 40.48 18.42
C ALA A 341 -8.75 41.21 18.90
N GLY A 342 -9.22 40.84 20.12
CA GLY A 342 -10.42 41.38 20.72
C GLY A 342 -11.55 40.43 20.51
N GLN A 343 -11.25 39.17 20.14
CA GLN A 343 -12.20 38.08 20.13
C GLN A 343 -11.43 36.79 20.10
N THR A 344 -10.09 36.87 20.34
CA THR A 344 -9.19 35.76 20.43
C THR A 344 -9.60 34.82 21.54
N LYS A 345 -10.04 35.40 22.68
CA LYS A 345 -10.46 34.70 23.87
C LYS A 345 -11.66 33.84 23.56
N THR A 346 -11.43 32.51 23.57
CA THR A 346 -12.48 31.57 23.25
C THR A 346 -12.09 30.32 23.99
N LYS A 347 -13.12 29.59 24.48
CA LYS A 347 -12.98 28.28 25.08
C LYS A 347 -13.00 27.26 23.98
N GLY A 348 -12.48 26.04 24.26
CA GLY A 348 -12.47 24.98 23.29
C GLY A 348 -11.36 24.01 23.60
N TYR A 349 -11.31 22.95 22.77
CA TYR A 349 -10.34 21.88 22.86
C TYR A 349 -9.81 21.77 21.45
N ALA A 350 -8.47 21.70 21.27
CA ALA A 350 -7.90 21.63 19.95
C ALA A 350 -6.65 20.81 20.02
N GLY A 351 -6.46 19.91 19.02
CA GLY A 351 -5.33 19.02 18.89
C GLY A 351 -5.24 17.99 19.98
N THR A 352 -4.14 17.21 19.99
CA THR A 352 -3.96 16.09 20.91
C THR A 352 -3.25 16.58 22.15
N PRO A 353 -3.60 16.11 23.36
CA PRO A 353 -2.96 16.48 24.62
C PRO A 353 -1.47 16.23 24.65
N GLY A 354 -0.77 16.90 25.61
CA GLY A 354 0.66 16.86 25.77
C GLY A 354 1.17 18.16 25.25
N PHE A 355 0.98 18.37 23.92
CA PHE A 355 1.28 19.57 23.17
C PHE A 355 0.46 20.73 23.68
N MET A 356 -0.81 20.43 24.04
CA MET A 356 -1.80 21.34 24.55
C MET A 356 -1.38 22.06 25.80
N ALA A 357 -1.85 23.32 25.94
CA ALA A 357 -1.51 24.21 27.03
C ALA A 357 -2.58 24.03 28.07
N PRO A 358 -2.34 24.37 29.34
CA PRO A 358 -3.31 24.31 30.43
C PRO A 358 -4.67 24.86 30.12
N GLU A 359 -4.73 26.08 29.55
CA GLU A 359 -5.92 26.79 29.14
C GLU A 359 -6.84 25.99 28.27
N LEU A 360 -6.27 25.25 27.28
CA LEU A 360 -7.03 24.46 26.34
C LEU A 360 -7.70 23.28 27.02
N LEU A 361 -6.92 22.57 27.87
CA LEU A 361 -7.33 21.37 28.55
C LEU A 361 -8.45 21.57 29.54
N LEU A 362 -8.45 22.74 30.23
CA LEU A 362 -9.42 23.06 31.24
C LEU A 362 -10.67 23.68 30.66
N GLY A 363 -10.69 23.91 29.32
CA GLY A 363 -11.83 24.42 28.61
C GLY A 363 -12.02 25.88 28.92
N GLU A 364 -10.90 26.60 29.16
CA GLU A 364 -10.87 27.99 29.55
C GLU A 364 -10.55 28.75 28.31
N GLU A 365 -10.79 30.09 28.35
CA GLU A 365 -10.43 31.00 27.29
C GLU A 365 -8.94 31.09 27.09
N TYR A 366 -8.53 31.38 25.84
CA TYR A 366 -7.13 31.40 25.46
C TYR A 366 -6.96 32.29 24.27
N ASP A 367 -5.70 32.69 24.02
CA ASP A 367 -5.30 33.43 22.86
C ASP A 367 -3.98 32.86 22.45
N PHE A 368 -3.12 33.69 21.80
CA PHE A 368 -1.80 33.37 21.29
C PHE A 368 -0.83 32.74 22.27
N SER A 369 -1.08 32.89 23.61
CA SER A 369 -0.27 32.37 24.70
C SER A 369 0.07 30.89 24.58
N VAL A 370 -0.92 30.08 24.15
CA VAL A 370 -0.87 28.64 24.02
C VAL A 370 0.16 28.17 23.04
N ASP A 371 0.43 28.96 21.98
CA ASP A 371 1.37 28.64 20.93
C ASP A 371 2.78 28.70 21.46
N TYR A 372 3.04 29.63 22.40
CA TYR A 372 4.32 29.76 23.06
C TYR A 372 4.55 28.67 24.07
N PHE A 373 3.46 28.09 24.65
CA PHE A 373 3.56 26.96 25.55
C PHE A 373 4.04 25.76 24.79
N ALA A 374 3.43 25.55 23.60
CA ALA A 374 3.73 24.50 22.66
C ALA A 374 5.15 24.58 22.14
N LEU A 375 5.67 25.80 21.90
CA LEU A 375 7.02 26.07 21.48
C LEU A 375 8.04 25.55 22.48
N GLY A 376 7.74 25.75 23.78
CA GLY A 376 8.52 25.30 24.91
C GLY A 376 8.61 23.81 24.97
N VAL A 377 7.44 23.14 24.82
CA VAL A 377 7.26 21.71 24.78
C VAL A 377 8.10 21.11 23.66
N THR A 378 8.11 21.79 22.49
CA THR A 378 8.81 21.38 21.30
C THR A 378 10.31 21.41 21.51
N LEU A 379 10.88 22.56 21.97
CA LEU A 379 12.30 22.68 22.25
C LEU A 379 12.80 21.68 23.26
N TYR A 380 12.01 21.39 24.32
CA TYR A 380 12.39 20.45 25.36
C TYR A 380 12.53 19.08 24.77
N GLU A 381 11.57 18.72 23.90
CA GLU A 381 11.50 17.45 23.22
C GLU A 381 12.63 17.30 22.22
N MET A 382 13.07 18.42 21.57
CA MET A 382 14.19 18.45 20.65
C MET A 382 15.50 18.05 21.26
N ILE A 383 15.73 18.48 22.53
CA ILE A 383 17.01 18.35 23.18
C ILE A 383 17.07 17.08 23.99
N ALA A 384 15.97 16.70 24.67
CA ALA A 384 16.00 15.61 25.63
C ALA A 384 15.50 14.33 25.03
N ALA A 385 14.92 14.40 23.82
CA ALA A 385 14.31 13.31 23.07
C ALA A 385 12.91 13.11 23.55
N ARG A 386 12.76 12.75 24.85
CA ARG A 386 11.51 12.69 25.56
C ARG A 386 10.87 14.04 25.68
N GLY A 387 9.51 14.07 25.70
CA GLY A 387 8.74 15.28 25.86
C GLY A 387 8.81 15.73 27.29
N PRO A 388 8.25 16.87 27.64
CA PRO A 388 8.22 17.36 29.01
C PRO A 388 7.23 16.60 29.87
N PHE A 389 6.08 16.17 29.31
CA PHE A 389 4.96 15.65 30.07
C PHE A 389 4.76 14.21 29.71
N ARG A 390 5.76 13.62 29.00
CA ARG A 390 5.75 12.24 28.65
C ARG A 390 7.18 11.84 28.51
N ALA A 391 7.47 10.57 28.82
CA ALA A 391 8.81 10.05 28.71
C ALA A 391 8.66 8.58 28.61
N ARG A 392 9.79 7.88 28.34
CA ARG A 392 9.87 6.46 28.09
C ARG A 392 9.43 5.68 29.30
N GLY A 393 8.72 4.55 29.07
CA GLY A 393 8.18 3.72 30.12
C GLY A 393 6.81 4.21 30.52
N GLU A 394 6.03 4.71 29.54
CA GLU A 394 4.69 5.18 29.76
C GLU A 394 3.83 4.60 28.67
N LYS A 395 2.50 4.64 28.91
CA LYS A 395 1.48 4.17 28.00
C LYS A 395 0.22 4.80 28.55
N VAL A 396 0.36 6.02 29.10
CA VAL A 396 -0.69 6.83 29.67
C VAL A 396 -1.76 7.18 28.67
N GLU A 397 -3.02 7.28 29.17
CA GLU A 397 -4.17 7.69 28.42
C GLU A 397 -4.26 9.19 28.51
N ASN A 398 -5.19 9.78 27.73
CA ASN A 398 -5.36 11.21 27.51
C ASN A 398 -5.60 11.97 28.79
N LYS A 399 -6.46 11.43 29.68
CA LYS A 399 -6.83 12.02 30.95
C LYS A 399 -5.66 12.23 31.88
N GLU A 400 -4.76 11.23 31.96
CA GLU A 400 -3.56 11.29 32.77
C GLU A 400 -2.54 12.24 32.20
N LEU A 401 -2.42 12.28 30.85
CA LEU A 401 -1.54 13.16 30.11
C LEU A 401 -1.91 14.61 30.35
N LYS A 402 -3.24 14.90 30.40
CA LYS A 402 -3.79 16.19 30.76
C LYS A 402 -3.38 16.60 32.14
N GLN A 403 -3.36 15.65 33.11
CA GLN A 403 -2.93 15.89 34.47
C GLN A 403 -1.45 16.21 34.51
N ARG A 404 -0.62 15.52 33.68
CA ARG A 404 0.80 15.78 33.56
C ARG A 404 1.08 17.19 33.13
N VAL A 405 0.39 17.69 32.08
CA VAL A 405 0.56 19.02 31.53
C VAL A 405 0.26 20.08 32.58
N LEU A 406 -0.80 19.86 33.37
CA LEU A 406 -1.27 20.77 34.38
C LEU A 406 -0.44 20.86 35.63
N GLU A 407 0.23 19.77 36.06
CA GLU A 407 0.77 19.71 37.41
C GLU A 407 2.27 19.57 37.45
N GLN A 408 2.88 18.87 36.47
CA GLN A 408 4.27 18.47 36.56
C GLN A 408 5.26 19.59 36.57
N ALA A 409 6.29 19.42 37.44
CA ALA A 409 7.46 20.24 37.44
C ALA A 409 8.43 19.46 36.61
N VAL A 410 8.90 20.08 35.51
CA VAL A 410 9.73 19.43 34.53
C VAL A 410 11.15 19.57 34.99
N THR A 411 11.89 18.44 34.98
CA THR A 411 13.29 18.39 35.32
C THR A 411 14.05 18.65 34.04
N TYR A 412 15.24 19.27 34.13
CA TYR A 412 15.98 19.69 32.96
C TYR A 412 17.31 19.01 33.03
N PRO A 413 17.62 18.05 32.13
CA PRO A 413 18.92 17.43 31.98
C PRO A 413 20.04 18.42 31.78
N ASP A 414 21.29 18.00 32.05
CA ASP A 414 22.44 18.88 31.99
C ASP A 414 23.03 18.87 30.60
N LYS A 415 22.39 18.12 29.66
CA LYS A 415 22.68 18.15 28.25
C LYS A 415 22.42 19.53 27.69
N PHE A 416 21.30 20.14 28.15
CA PHE A 416 20.88 21.50 27.89
C PHE A 416 21.95 22.51 28.24
N SER A 417 21.99 23.61 27.46
CA SER A 417 22.74 24.80 27.78
C SER A 417 21.95 25.56 28.82
N PRO A 418 22.51 26.51 29.57
CA PRO A 418 21.78 27.33 30.52
C PRO A 418 20.66 28.12 29.87
N ALA A 419 20.93 28.68 28.67
CA ALA A 419 19.96 29.43 27.90
C ALA A 419 18.75 28.62 27.53
N SER A 420 18.94 27.35 27.09
CA SER A 420 17.85 26.47 26.72
C SER A 420 17.05 26.01 27.91
N LYS A 421 17.71 25.74 29.08
CA LYS A 421 17.03 25.40 30.32
C LYS A 421 16.08 26.49 30.73
N ASP A 422 16.59 27.73 30.78
CA ASP A 422 15.90 28.93 31.21
C ASP A 422 14.69 29.21 30.34
N PHE A 423 14.87 29.05 28.99
CA PHE A 423 13.84 29.26 28.00
C PHE A 423 12.69 28.31 28.19
N CYS A 424 13.00 27.00 28.41
CA CYS A 424 12.04 25.97 28.68
C CYS A 424 11.29 26.18 29.98
N GLU A 425 12.00 26.56 31.06
CA GLU A 425 11.45 26.88 32.35
C GLU A 425 10.40 27.95 32.33
N ALA A 426 10.64 29.04 31.59
CA ALA A 426 9.72 30.15 31.45
C ALA A 426 8.42 29.79 30.77
N LEU A 427 8.49 28.90 29.76
CA LEU A 427 7.38 28.49 28.94
C LEU A 427 6.56 27.41 29.56
N LEU A 428 7.17 26.54 30.39
CA LEU A 428 6.52 25.37 30.96
C LEU A 428 5.95 25.73 32.31
N GLN A 429 6.01 27.03 32.68
CA GLN A 429 5.19 27.61 33.72
C GLN A 429 3.76 27.61 33.20
N LYS A 430 2.79 27.34 34.10
CA LYS A 430 1.41 27.15 33.77
C LYS A 430 0.64 28.44 33.89
N ASP A 431 1.34 29.60 33.97
CA ASP A 431 0.72 30.89 34.02
C ASP A 431 1.10 31.61 32.76
N PRO A 432 0.17 32.15 31.94
CA PRO A 432 0.45 32.85 30.70
C PRO A 432 1.19 34.14 30.98
N GLU A 433 0.89 34.79 32.13
CA GLU A 433 1.50 36.03 32.58
C GLU A 433 2.99 35.90 32.78
N LYS A 434 3.44 34.68 33.17
CA LYS A 434 4.83 34.38 33.43
C LYS A 434 5.44 33.66 32.26
N ARG A 435 4.66 33.47 31.17
CA ARG A 435 5.07 32.72 30.02
C ARG A 435 5.76 33.68 29.12
N LEU A 436 7.02 33.36 28.75
CA LEU A 436 7.87 34.13 27.87
C LEU A 436 7.26 34.25 26.50
N GLY A 437 7.43 35.43 25.86
CA GLY A 437 6.88 35.70 24.55
C GLY A 437 5.42 36.00 24.62
N PHE A 438 4.95 36.45 25.80
CA PHE A 438 3.57 36.71 26.01
C PHE A 438 3.60 37.50 27.28
N ARG A 439 3.80 38.83 27.11
CA ARG A 439 3.85 39.78 28.19
C ARG A 439 2.61 40.58 27.92
N ASP A 440 1.47 39.85 27.79
CA ASP A 440 0.13 40.33 27.59
C ASP A 440 -0.04 40.44 26.09
N GLY A 441 0.70 39.57 25.35
CA GLY A 441 0.73 39.48 23.92
C GLY A 441 1.96 40.22 23.47
N SER A 442 2.91 39.46 22.88
CA SER A 442 4.12 40.02 22.34
C SER A 442 4.65 38.99 21.38
N CYS A 443 5.48 39.41 20.41
CA CYS A 443 6.26 38.51 19.60
C CYS A 443 7.69 38.96 19.67
N ASP A 444 7.94 40.18 20.18
CA ASP A 444 9.25 40.78 20.26
C ASP A 444 9.69 40.77 21.71
N GLY A 445 8.82 40.26 22.63
CA GLY A 445 9.15 40.06 24.01
C GLY A 445 9.86 38.74 24.16
N LEU A 446 9.53 37.79 23.25
CA LEU A 446 10.15 36.50 23.11
C LEU A 446 11.63 36.62 22.83
N ARG A 447 11.97 37.56 21.91
CA ARG A 447 13.27 37.81 21.35
C ARG A 447 14.37 38.25 22.31
N THR A 448 14.03 38.57 23.57
CA THR A 448 14.97 39.13 24.51
C THR A 448 15.73 38.07 25.27
N HIS A 449 15.29 36.79 25.19
CA HIS A 449 15.85 35.70 25.94
C HIS A 449 17.29 35.41 25.52
N PRO A 450 18.18 34.96 26.41
CA PRO A 450 19.58 34.67 26.10
C PRO A 450 19.79 33.64 25.01
N LEU A 451 18.79 32.75 24.77
CA LEU A 451 18.72 31.79 23.68
C LEU A 451 18.99 32.38 22.31
N PHE A 452 18.61 33.66 22.11
CA PHE A 452 18.63 34.37 20.86
C PHE A 452 19.86 35.21 20.73
N ARG A 453 20.93 34.88 21.51
CA ARG A 453 22.21 35.54 21.46
C ARG A 453 22.94 35.00 20.24
N ASP A 454 22.48 33.83 19.73
CA ASP A 454 23.06 33.11 18.62
C ASP A 454 22.25 33.38 17.38
N ILE A 455 21.18 34.21 17.52
CA ILE A 455 20.24 34.50 16.46
C ILE A 455 20.31 35.97 16.17
N SER A 456 20.36 36.32 14.87
CA SER A 456 20.23 37.66 14.36
C SER A 456 18.93 37.62 13.63
N TRP A 457 18.01 38.55 13.96
CA TRP A 457 16.64 38.55 13.48
C TRP A 457 16.51 38.85 12.03
N ARG A 458 17.34 39.77 11.50
CA ARG A 458 17.34 40.18 10.12
C ARG A 458 17.74 39.06 9.20
N GLN A 459 18.75 38.26 9.63
CA GLN A 459 19.29 37.14 8.90
C GLN A 459 18.37 35.96 8.98
N LEU A 460 17.71 35.79 10.15
CA LEU A 460 16.70 34.78 10.39
C LEU A 460 15.53 34.90 9.44
N GLU A 461 15.01 36.14 9.30
CA GLU A 461 13.90 36.49 8.43
C GLU A 461 14.21 36.32 6.97
N ALA A 462 15.52 36.32 6.61
CA ALA A 462 15.97 36.18 5.25
C ALA A 462 16.35 34.75 4.99
N GLY A 463 16.25 33.87 6.02
CA GLY A 463 16.48 32.45 5.93
C GLY A 463 17.91 32.09 5.69
N MET A 464 18.85 32.92 6.20
CA MET A 464 20.27 32.80 5.96
C MET A 464 20.92 32.07 7.10
N LEU A 465 20.14 31.81 8.19
CA LEU A 465 20.62 31.09 9.34
C LEU A 465 20.24 29.67 9.08
N THR A 466 21.17 28.72 9.35
CA THR A 466 20.97 27.33 9.03
C THR A 466 21.60 26.52 10.15
N PRO A 467 21.00 25.39 10.56
CA PRO A 467 21.52 24.50 11.59
C PRO A 467 22.81 23.84 11.17
N PRO A 468 23.63 23.30 12.08
CA PRO A 468 24.83 22.55 11.73
C PRO A 468 24.57 21.29 10.93
N PHE A 469 23.36 20.68 11.04
CA PHE A 469 23.00 19.52 10.26
C PHE A 469 21.85 19.95 9.39
N VAL A 470 22.07 19.93 8.06
CA VAL A 470 21.09 20.23 7.05
C VAL A 470 20.88 18.91 6.34
N PRO A 471 19.65 18.40 6.17
CA PRO A 471 19.34 17.14 5.50
C PRO A 471 20.03 16.93 4.17
N ASP A 472 20.44 15.66 3.92
CA ASP A 472 21.01 15.17 2.68
C ASP A 472 20.04 15.30 1.53
N SER A 473 20.56 15.54 0.31
CA SER A 473 19.77 15.75 -0.87
C SER A 473 19.82 14.53 -1.76
N ARG A 474 20.66 13.52 -1.42
CA ARG A 474 20.79 12.31 -2.20
C ARG A 474 20.49 11.10 -1.36
N THR A 475 19.93 11.28 -0.15
CA THR A 475 19.56 10.19 0.72
C THR A 475 18.13 10.45 1.06
N VAL A 476 17.26 9.46 0.74
CA VAL A 476 15.83 9.48 0.94
C VAL A 476 15.45 9.51 2.41
N TYR A 477 14.34 10.21 2.73
CA TYR A 477 13.79 10.33 4.05
C TYR A 477 12.34 10.01 3.90
N ALA A 478 11.86 8.96 4.61
CA ALA A 478 10.47 8.58 4.56
C ALA A 478 10.19 7.71 5.75
N LYS A 479 8.88 7.44 6.00
CA LYS A 479 8.39 6.52 7.00
C LYS A 479 7.66 5.49 6.20
N ASN A 480 7.97 4.20 6.50
CA ASN A 480 7.45 2.98 5.89
C ASN A 480 5.98 2.93 5.56
N ILE A 481 5.64 2.00 4.64
CA ILE A 481 4.32 1.82 4.08
C ILE A 481 3.71 0.60 4.74
N GLN A 482 4.44 0.03 5.73
CA GLN A 482 3.98 -1.07 6.54
C GLN A 482 3.75 -0.54 7.93
N ASP A 483 3.91 0.79 8.12
CA ASP A 483 3.71 1.47 9.38
C ASP A 483 2.52 2.38 9.21
N VAL A 484 1.73 2.16 8.12
CA VAL A 484 0.47 2.83 7.87
C VAL A 484 -0.53 2.53 8.95
N GLY A 485 -1.42 3.53 9.22
CA GLY A 485 -2.41 3.48 10.26
C GLY A 485 -3.59 2.65 9.84
N ALA A 486 -4.78 3.02 10.37
CA ALA A 486 -6.03 2.37 10.08
C ALA A 486 -7.01 3.02 11.00
N PHE A 487 -8.05 3.64 10.40
CA PHE A 487 -9.08 4.35 11.12
C PHE A 487 -10.29 4.13 10.28
N SER A 488 -11.48 3.97 10.94
CA SER A 488 -12.76 3.58 10.38
C SER A 488 -13.06 4.12 9.00
N THR A 489 -13.32 3.19 8.06
CA THR A 489 -13.93 3.47 6.79
C THR A 489 -15.24 2.75 6.85
N VAL A 490 -16.21 3.16 5.98
CA VAL A 490 -17.63 3.01 6.21
C VAL A 490 -18.06 1.58 6.39
N LYS A 491 -19.05 1.39 7.30
CA LYS A 491 -19.56 0.09 7.70
C LYS A 491 -20.90 -0.14 7.04
N GLY A 492 -21.13 0.51 5.88
CA GLY A 492 -22.33 0.36 5.10
C GLY A 492 -23.04 1.68 5.07
N VAL A 493 -22.27 2.77 5.27
CA VAL A 493 -22.80 4.06 5.62
C VAL A 493 -22.62 4.87 4.37
N ALA A 494 -23.70 5.56 3.94
CA ALA A 494 -23.78 6.19 2.64
C ALA A 494 -23.77 7.66 2.88
N PHE A 495 -22.96 8.38 2.05
CA PHE A 495 -22.69 9.79 2.21
C PHE A 495 -23.93 10.63 2.06
N GLU A 496 -24.02 11.66 2.93
CA GLU A 496 -25.02 12.70 2.90
C GLU A 496 -24.68 13.68 1.82
N LYS A 497 -25.70 14.45 1.35
CA LYS A 497 -25.57 15.54 0.40
C LYS A 497 -24.56 16.57 0.85
N ALA A 498 -24.57 16.91 2.15
CA ALA A 498 -23.68 17.85 2.82
C ALA A 498 -22.23 17.52 2.65
N ASP A 499 -21.88 16.21 2.79
CA ASP A 499 -20.55 15.67 2.67
C ASP A 499 -19.98 15.91 1.29
N THR A 500 -20.79 15.58 0.26
CA THR A 500 -20.53 15.76 -1.16
C THR A 500 -20.26 17.21 -1.49
N GLU A 501 -21.04 18.13 -0.88
CA GLU A 501 -20.92 19.55 -1.08
C GLU A 501 -19.64 20.10 -0.51
N PHE A 502 -19.18 19.58 0.67
CA PHE A 502 -17.90 19.95 1.23
C PHE A 502 -16.74 19.50 0.35
N PHE A 503 -16.84 18.27 -0.21
CA PHE A 503 -15.82 17.66 -1.04
C PHE A 503 -15.61 18.45 -2.31
N GLN A 504 -16.73 18.88 -2.94
CA GLN A 504 -16.77 19.75 -4.09
C GLN A 504 -16.16 21.11 -3.83
N GLU A 505 -16.48 21.69 -2.65
CA GLU A 505 -16.05 23.00 -2.19
C GLU A 505 -14.56 23.06 -2.00
N PHE A 506 -13.99 22.00 -1.38
CA PHE A 506 -12.58 21.79 -1.19
C PHE A 506 -11.81 21.86 -2.50
N ALA A 507 -12.31 21.14 -3.53
CA ALA A 507 -11.69 21.08 -4.84
C ALA A 507 -11.80 22.42 -5.53
N SER A 508 -10.75 22.81 -6.26
CA SER A 508 -10.64 24.12 -6.84
C SER A 508 -9.51 24.06 -7.82
N MET B 1 -4.16 -40.38 -35.07
CA MET B 1 -4.21 -40.15 -33.66
C MET B 1 -3.66 -41.35 -32.96
N ASN B 2 -3.90 -41.49 -31.64
CA ASN B 2 -3.28 -42.52 -30.84
C ASN B 2 -4.13 -42.72 -29.61
N GLY B 3 -5.33 -42.08 -29.57
CA GLY B 3 -6.32 -42.27 -28.55
C GLY B 3 -7.42 -43.08 -29.14
N THR B 4 -8.68 -42.68 -28.85
CA THR B 4 -9.86 -43.32 -29.37
C THR B 4 -10.83 -42.20 -29.60
N GLU B 5 -11.22 -41.97 -30.87
CA GLU B 5 -12.13 -40.92 -31.24
C GLU B 5 -13.54 -41.43 -31.13
N GLY B 6 -14.46 -40.48 -30.86
CA GLY B 6 -15.86 -40.73 -30.70
C GLY B 6 -16.56 -39.50 -31.14
N PRO B 7 -17.88 -39.50 -31.11
CA PRO B 7 -18.71 -38.39 -31.55
C PRO B 7 -18.80 -37.33 -30.48
N ASN B 8 -18.21 -37.56 -29.29
CA ASN B 8 -18.23 -36.59 -28.23
C ASN B 8 -17.14 -36.93 -27.24
N PHE B 9 -16.16 -37.78 -27.61
CA PHE B 9 -15.09 -38.12 -26.71
C PHE B 9 -13.85 -38.32 -27.49
N TYR B 10 -12.71 -38.14 -26.80
CA TYR B 10 -11.40 -38.48 -27.29
C TYR B 10 -10.68 -38.98 -26.07
N VAL B 11 -10.69 -40.32 -25.86
CA VAL B 11 -10.00 -40.96 -24.78
C VAL B 11 -8.52 -40.89 -25.12
N PRO B 12 -7.60 -40.31 -24.35
CA PRO B 12 -6.20 -40.17 -24.74
C PRO B 12 -5.54 -41.53 -24.75
N PHE B 13 -6.04 -42.48 -23.92
CA PHE B 13 -5.65 -43.87 -23.92
C PHE B 13 -6.09 -44.51 -25.22
N SER B 14 -5.21 -45.34 -25.82
CA SER B 14 -5.45 -46.02 -27.07
C SER B 14 -6.44 -47.14 -26.86
N ASN B 15 -7.25 -47.46 -27.91
CA ASN B 15 -8.22 -48.53 -27.88
C ASN B 15 -7.47 -49.84 -27.94
N LYS B 16 -7.67 -50.71 -26.94
CA LYS B 16 -6.96 -51.96 -26.88
C LYS B 16 -7.62 -52.83 -25.85
N THR B 17 -8.60 -52.28 -25.08
CA THR B 17 -9.35 -53.03 -24.10
C THR B 17 -10.75 -53.18 -24.62
N GLY B 18 -11.14 -52.33 -25.61
CA GLY B 18 -12.39 -52.45 -26.33
C GLY B 18 -13.50 -51.73 -25.62
N VAL B 19 -13.20 -51.14 -24.44
CA VAL B 19 -14.12 -50.45 -23.58
C VAL B 19 -13.62 -49.02 -23.45
N VAL B 20 -12.77 -48.59 -24.41
CA VAL B 20 -12.13 -47.30 -24.45
C VAL B 20 -13.04 -46.36 -25.23
N ARG B 21 -14.37 -46.52 -25.02
CA ARG B 21 -15.41 -45.71 -25.58
C ARG B 21 -16.13 -45.16 -24.38
N SER B 22 -16.51 -43.86 -24.45
CA SER B 22 -17.32 -43.18 -23.46
C SER B 22 -16.65 -43.16 -22.10
N PRO B 23 -15.60 -42.36 -21.88
CA PRO B 23 -14.93 -42.25 -20.59
C PRO B 23 -15.72 -41.43 -19.59
N PHE B 24 -17.03 -41.17 -19.86
CA PHE B 24 -17.93 -40.49 -18.97
C PHE B 24 -18.37 -41.42 -17.87
N GLU B 25 -19.50 -42.15 -18.08
CA GLU B 25 -20.15 -42.90 -17.04
C GLU B 25 -19.65 -44.31 -16.97
N ALA B 26 -18.67 -44.68 -17.83
CA ALA B 26 -18.10 -46.00 -17.82
C ALA B 26 -17.07 -46.03 -16.71
N PRO B 27 -16.89 -47.12 -15.96
CA PRO B 27 -15.88 -47.18 -14.91
C PRO B 27 -14.50 -47.08 -15.52
N GLN B 28 -13.64 -46.19 -14.99
CA GLN B 28 -12.34 -45.93 -15.55
C GLN B 28 -11.38 -46.69 -14.69
N TYR B 29 -10.84 -47.77 -15.25
CA TYR B 29 -10.02 -48.75 -14.57
C TYR B 29 -9.32 -49.53 -15.65
N TYR B 30 -9.56 -49.14 -16.93
CA TYR B 30 -8.92 -49.69 -18.09
C TYR B 30 -7.83 -48.75 -18.51
N LEU B 31 -7.56 -47.71 -17.69
CA LEU B 31 -6.52 -46.76 -17.94
C LEU B 31 -6.09 -46.15 -16.65
N ALA B 32 -6.53 -46.75 -15.51
CA ALA B 32 -6.16 -46.31 -14.19
C ALA B 32 -6.32 -47.50 -13.30
N GLU B 33 -5.90 -47.36 -12.02
CA GLU B 33 -5.95 -48.44 -11.05
C GLU B 33 -6.52 -47.82 -9.80
N PRO B 34 -7.09 -48.59 -8.85
CA PRO B 34 -7.63 -48.06 -7.60
C PRO B 34 -6.66 -47.29 -6.75
N TRP B 35 -5.35 -47.64 -6.75
CA TRP B 35 -4.36 -47.00 -5.91
C TRP B 35 -4.09 -45.61 -6.42
N GLN B 36 -4.04 -45.45 -7.76
CA GLN B 36 -3.89 -44.19 -8.46
C GLN B 36 -5.00 -43.22 -8.17
N PHE B 37 -6.24 -43.72 -7.98
CA PHE B 37 -7.37 -42.94 -7.55
C PHE B 37 -7.28 -42.46 -6.13
N SER B 38 -6.71 -43.28 -5.23
CA SER B 38 -6.49 -42.90 -3.85
C SER B 38 -5.49 -41.77 -3.76
N MET B 39 -4.40 -41.85 -4.55
CA MET B 39 -3.40 -40.81 -4.68
C MET B 39 -3.94 -39.54 -5.30
N LEU B 40 -4.83 -39.66 -6.31
CA LEU B 40 -5.53 -38.56 -6.96
C LEU B 40 -6.38 -37.81 -5.95
N ALA B 41 -7.17 -38.56 -5.16
CA ALA B 41 -8.06 -38.05 -4.14
C ALA B 41 -7.28 -37.36 -3.04
N ALA B 42 -6.13 -37.95 -2.62
CA ALA B 42 -5.20 -37.36 -1.67
C ALA B 42 -4.69 -36.01 -2.14
N TYR B 43 -4.26 -35.94 -3.42
CA TYR B 43 -3.72 -34.74 -4.03
C TYR B 43 -4.74 -33.63 -4.10
N MET B 44 -6.00 -33.96 -4.49
CA MET B 44 -7.08 -33.00 -4.54
C MET B 44 -7.50 -32.48 -3.20
N PHE B 45 -7.42 -33.33 -2.15
CA PHE B 45 -7.75 -33.02 -0.78
C PHE B 45 -6.79 -31.97 -0.25
N LEU B 46 -5.47 -32.22 -0.46
CA LEU B 46 -4.37 -31.33 -0.21
C LEU B 46 -4.59 -29.94 -0.77
N LEU B 47 -4.89 -29.85 -2.09
CA LEU B 47 -5.09 -28.62 -2.81
C LEU B 47 -6.20 -27.73 -2.25
N ILE B 48 -7.25 -28.35 -1.65
CA ILE B 48 -8.34 -27.67 -0.99
C ILE B 48 -7.85 -27.15 0.34
N MET B 49 -7.22 -28.04 1.15
CA MET B 49 -6.70 -27.79 2.48
C MET B 49 -5.72 -26.64 2.57
N LEU B 50 -4.88 -26.45 1.53
CA LEU B 50 -3.95 -25.35 1.48
C LEU B 50 -4.59 -24.14 0.87
N GLY B 51 -5.26 -24.31 -0.30
CA GLY B 51 -5.78 -23.23 -1.10
C GLY B 51 -6.79 -22.35 -0.41
N PHE B 52 -7.77 -22.97 0.32
CA PHE B 52 -8.83 -22.25 0.97
C PHE B 52 -8.36 -21.34 2.11
N PRO B 53 -7.51 -21.74 3.06
CA PRO B 53 -6.99 -20.87 4.11
C PRO B 53 -6.22 -19.69 3.57
N ILE B 54 -5.29 -19.93 2.63
CA ILE B 54 -4.45 -18.93 1.98
C ILE B 54 -5.26 -17.82 1.37
N ASN B 55 -6.38 -18.16 0.67
CA ASN B 55 -7.20 -17.21 -0.05
C ASN B 55 -8.10 -16.50 0.92
N PHE B 56 -8.51 -17.18 2.01
CA PHE B 56 -9.30 -16.58 3.06
C PHE B 56 -8.53 -15.48 3.75
N LEU B 57 -7.25 -15.73 4.12
CA LEU B 57 -6.34 -14.77 4.70
C LEU B 57 -6.20 -13.48 3.93
N THR B 58 -6.11 -13.57 2.57
CA THR B 58 -5.95 -12.44 1.68
C THR B 58 -7.08 -11.45 1.80
N LEU B 59 -8.33 -11.99 1.86
CA LEU B 59 -9.53 -11.20 2.06
C LEU B 59 -9.63 -10.68 3.48
N TYR B 60 -9.27 -11.53 4.46
CA TYR B 60 -9.46 -11.35 5.88
C TYR B 60 -8.67 -10.20 6.45
N VAL B 61 -7.35 -10.16 6.14
CA VAL B 61 -6.42 -9.19 6.69
C VAL B 61 -6.78 -7.75 6.35
N THR B 62 -7.39 -7.50 5.17
CA THR B 62 -7.77 -6.17 4.74
C THR B 62 -8.93 -5.63 5.54
N VAL B 63 -9.87 -6.50 5.97
CA VAL B 63 -11.05 -6.12 6.72
C VAL B 63 -10.71 -5.62 8.12
N GLN B 64 -9.56 -6.07 8.67
CA GLN B 64 -9.18 -5.74 10.03
C GLN B 64 -8.14 -4.65 10.06
N HIS B 65 -7.70 -4.17 8.87
CA HIS B 65 -6.84 -3.02 8.79
C HIS B 65 -7.38 -2.20 7.66
N LYS B 66 -8.15 -1.15 8.03
CA LYS B 66 -8.78 -0.15 7.19
C LYS B 66 -7.97 0.33 6.01
N LYS B 67 -6.71 0.78 6.26
CA LYS B 67 -5.82 1.35 5.27
C LYS B 67 -5.43 0.43 4.14
N LEU B 68 -5.58 -0.90 4.33
CA LEU B 68 -5.23 -1.88 3.33
C LEU B 68 -6.30 -1.94 2.27
N ARG B 69 -7.54 -1.49 2.58
CA ARG B 69 -8.63 -1.46 1.63
C ARG B 69 -8.50 -0.17 0.87
N THR B 70 -7.75 -0.26 -0.26
CA THR B 70 -7.38 0.80 -1.15
C THR B 70 -7.34 0.16 -2.52
N PRO B 71 -7.36 0.91 -3.63
CA PRO B 71 -7.38 0.40 -5.00
C PRO B 71 -6.36 -0.66 -5.36
N LEU B 72 -5.10 -0.53 -4.88
CA LEU B 72 -3.99 -1.38 -5.26
C LEU B 72 -4.09 -2.78 -4.68
N ASN B 73 -5.04 -3.04 -3.76
CA ASN B 73 -5.25 -4.35 -3.16
C ASN B 73 -6.37 -5.08 -3.83
N TYR B 74 -7.24 -4.39 -4.60
CA TYR B 74 -8.37 -4.95 -5.33
C TYR B 74 -8.00 -6.18 -6.14
N ILE B 75 -6.88 -6.12 -6.87
CA ILE B 75 -6.35 -7.18 -7.69
C ILE B 75 -5.96 -8.39 -6.86
N LEU B 76 -5.49 -8.18 -5.61
CA LEU B 76 -5.12 -9.22 -4.67
C LEU B 76 -6.34 -9.96 -4.17
N LEU B 77 -7.43 -9.22 -3.89
CA LEU B 77 -8.72 -9.78 -3.52
C LEU B 77 -9.26 -10.63 -4.65
N ASN B 78 -9.13 -10.14 -5.90
CA ASN B 78 -9.51 -10.81 -7.12
C ASN B 78 -8.76 -12.11 -7.27
N LEU B 79 -7.42 -12.11 -7.07
CA LEU B 79 -6.59 -13.29 -7.07
C LEU B 79 -7.09 -14.37 -6.13
N ALA B 80 -7.48 -13.99 -4.90
CA ALA B 80 -7.98 -14.91 -3.92
C ALA B 80 -9.29 -15.54 -4.33
N VAL B 81 -10.20 -14.75 -4.95
CA VAL B 81 -11.46 -15.19 -5.49
C VAL B 81 -11.30 -16.16 -6.64
N ALA B 82 -10.39 -15.84 -7.58
CA ALA B 82 -10.01 -16.63 -8.73
C ALA B 82 -9.57 -18.02 -8.35
N ASP B 83 -8.67 -18.09 -7.35
CA ASP B 83 -8.15 -19.29 -6.74
C ASP B 83 -9.23 -20.14 -6.14
N LEU B 84 -10.25 -19.51 -5.50
CA LEU B 84 -11.38 -20.18 -4.88
C LEU B 84 -12.28 -20.79 -5.90
N PHE B 85 -12.44 -20.15 -7.09
CA PHE B 85 -13.07 -20.74 -8.26
C PHE B 85 -12.42 -22.04 -8.66
N MET B 86 -11.07 -22.11 -8.69
CA MET B 86 -10.33 -23.35 -8.96
C MET B 86 -10.62 -24.43 -7.93
N VAL B 87 -10.88 -24.04 -6.66
CA VAL B 87 -11.11 -24.94 -5.55
C VAL B 87 -12.44 -25.61 -5.71
N PHE B 88 -13.50 -24.83 -6.04
CA PHE B 88 -14.85 -25.32 -6.01
C PHE B 88 -15.29 -25.83 -7.35
N GLY B 89 -14.70 -25.32 -8.45
CA GLY B 89 -14.97 -25.78 -9.78
C GLY B 89 -14.20 -27.03 -10.11
N GLY B 90 -12.90 -27.03 -9.76
CA GLY B 90 -12.00 -28.11 -10.13
C GLY B 90 -11.82 -29.12 -9.03
N PHE B 91 -11.18 -28.70 -7.92
CA PHE B 91 -10.61 -29.60 -6.93
C PHE B 91 -11.63 -30.51 -6.27
N THR B 92 -12.76 -29.93 -5.82
CA THR B 92 -13.80 -30.62 -5.09
C THR B 92 -14.50 -31.66 -5.91
N THR B 93 -14.93 -31.30 -7.14
CA THR B 93 -15.49 -32.21 -8.12
C THR B 93 -14.61 -33.40 -8.39
N THR B 94 -13.30 -33.17 -8.67
CA THR B 94 -12.34 -34.21 -9.00
C THR B 94 -12.11 -35.14 -7.83
N LEU B 95 -12.13 -34.60 -6.58
CA LEU B 95 -12.04 -35.37 -5.35
C LEU B 95 -13.20 -36.32 -5.20
N TYR B 96 -14.44 -35.83 -5.44
CA TYR B 96 -15.66 -36.61 -5.37
C TYR B 96 -15.67 -37.77 -6.34
N THR B 97 -15.41 -37.46 -7.64
CA THR B 97 -15.42 -38.40 -8.74
C THR B 97 -14.39 -39.48 -8.65
N SER B 98 -13.14 -39.13 -8.26
CA SER B 98 -12.02 -40.05 -8.12
C SER B 98 -12.30 -41.26 -7.26
N LEU B 99 -13.11 -41.08 -6.19
CA LEU B 99 -13.43 -42.13 -5.24
C LEU B 99 -14.45 -43.11 -5.77
N HIS B 100 -15.21 -42.74 -6.83
CA HIS B 100 -16.02 -43.67 -7.59
C HIS B 100 -15.17 -44.34 -8.63
N GLY B 101 -14.09 -43.65 -9.06
CA GLY B 101 -13.14 -44.11 -10.02
C GLY B 101 -13.57 -43.78 -11.41
N TYR B 102 -14.56 -42.87 -11.56
CA TYR B 102 -14.99 -42.40 -12.86
C TYR B 102 -15.79 -41.15 -12.60
N PHE B 103 -16.09 -40.40 -13.69
CA PHE B 103 -16.75 -39.13 -13.64
C PHE B 103 -18.23 -39.44 -13.62
N VAL B 104 -18.95 -39.00 -12.56
CA VAL B 104 -20.30 -39.48 -12.30
C VAL B 104 -21.36 -38.48 -12.67
N PHE B 105 -21.00 -37.27 -13.18
CA PHE B 105 -21.99 -36.24 -13.46
C PHE B 105 -22.42 -36.26 -14.91
N GLY B 106 -21.83 -37.15 -15.74
CA GLY B 106 -22.25 -37.39 -17.11
C GLY B 106 -21.79 -36.31 -18.04
N PRO B 107 -22.08 -36.39 -19.34
CA PRO B 107 -21.66 -35.44 -20.36
C PRO B 107 -22.02 -34.00 -20.10
N THR B 108 -23.25 -33.74 -19.58
CA THR B 108 -23.72 -32.40 -19.28
C THR B 108 -22.95 -31.84 -18.10
N GLY B 109 -22.76 -32.69 -17.07
CA GLY B 109 -21.94 -32.45 -15.90
C GLY B 109 -20.52 -32.09 -16.22
N CYS B 110 -19.93 -32.81 -17.21
CA CYS B 110 -18.59 -32.61 -17.73
C CYS B 110 -18.42 -31.23 -18.30
N ASN B 111 -19.45 -30.73 -19.01
CA ASN B 111 -19.45 -29.40 -19.60
C ASN B 111 -19.50 -28.33 -18.54
N LEU B 112 -20.37 -28.52 -17.53
CA LEU B 112 -20.48 -27.65 -16.36
C LEU B 112 -19.22 -27.56 -15.54
N GLU B 113 -18.72 -28.72 -15.05
CA GLU B 113 -17.56 -28.90 -14.21
C GLU B 113 -16.32 -28.36 -14.87
N GLY B 114 -16.18 -28.67 -16.18
CA GLY B 114 -15.08 -28.26 -17.02
C GLY B 114 -15.08 -26.78 -17.20
N PHE B 115 -16.28 -26.16 -17.26
CA PHE B 115 -16.46 -24.74 -17.41
C PHE B 115 -15.98 -24.03 -16.17
N PHE B 116 -16.37 -24.51 -14.96
CA PHE B 116 -16.05 -23.85 -13.71
C PHE B 116 -14.58 -23.95 -13.40
N ALA B 117 -13.96 -25.12 -13.69
CA ALA B 117 -12.55 -25.35 -13.51
C ALA B 117 -11.70 -24.49 -14.40
N THR B 118 -12.07 -24.42 -15.72
CA THR B 118 -11.39 -23.64 -16.73
C THR B 118 -11.49 -22.17 -16.44
N LEU B 119 -12.73 -21.69 -16.15
CA LEU B 119 -13.04 -20.32 -15.78
C LEU B 119 -12.17 -19.86 -14.65
N GLY B 120 -12.14 -20.65 -13.54
CA GLY B 120 -11.31 -20.46 -12.37
C GLY B 120 -9.87 -20.22 -12.69
N GLY B 121 -9.24 -21.23 -13.34
CA GLY B 121 -7.85 -21.21 -13.75
C GLY B 121 -7.47 -20.08 -14.66
N GLU B 122 -8.42 -19.61 -15.50
CA GLU B 122 -8.19 -18.57 -16.46
C GLU B 122 -8.26 -17.21 -15.82
N ILE B 123 -9.21 -16.97 -14.88
CA ILE B 123 -9.27 -15.75 -14.08
C ILE B 123 -8.00 -15.62 -13.29
N ALA B 124 -7.50 -16.74 -12.71
CA ALA B 124 -6.24 -16.83 -12.01
C ALA B 124 -5.08 -16.42 -12.87
N LEU B 125 -4.94 -17.03 -14.08
CA LEU B 125 -3.95 -16.71 -15.11
C LEU B 125 -3.86 -15.24 -15.40
N TRP B 126 -5.01 -14.62 -15.73
CA TRP B 126 -5.07 -13.24 -16.12
C TRP B 126 -4.85 -12.30 -14.97
N SER B 127 -5.13 -12.74 -13.72
CA SER B 127 -4.77 -12.02 -12.52
C SER B 127 -3.28 -11.85 -12.43
N LEU B 128 -2.50 -12.95 -12.55
CA LEU B 128 -1.04 -12.94 -12.58
C LEU B 128 -0.45 -12.01 -13.59
N VAL B 129 -1.14 -11.87 -14.77
CA VAL B 129 -0.74 -11.04 -15.88
C VAL B 129 -0.94 -9.59 -15.51
N VAL B 130 -2.17 -9.24 -15.12
CA VAL B 130 -2.58 -7.91 -14.66
C VAL B 130 -1.70 -7.41 -13.55
N LEU B 131 -1.38 -8.28 -12.57
CA LEU B 131 -0.50 -8.01 -11.45
C LEU B 131 0.89 -7.60 -11.85
N ALA B 132 1.48 -8.32 -12.84
CA ALA B 132 2.78 -8.01 -13.39
C ALA B 132 2.79 -6.67 -14.08
N ILE B 133 1.70 -6.38 -14.85
CA ILE B 133 1.46 -5.13 -15.54
C ILE B 133 1.45 -4.01 -14.54
N GLU B 134 0.63 -4.11 -13.47
CA GLU B 134 0.52 -3.13 -12.41
C GLU B 134 1.83 -2.81 -11.75
N ARG B 135 2.66 -3.85 -11.45
CA ARG B 135 3.97 -3.66 -10.87
C ARG B 135 4.89 -2.90 -11.78
N TYR B 136 4.86 -3.21 -13.10
CA TYR B 136 5.60 -2.50 -14.11
C TYR B 136 5.19 -1.04 -14.26
N VAL B 137 3.87 -0.75 -14.36
CA VAL B 137 3.33 0.58 -14.52
C VAL B 137 3.67 1.46 -13.35
N VAL B 138 3.40 0.98 -12.12
CA VAL B 138 3.60 1.73 -10.90
C VAL B 138 5.05 2.04 -10.62
N VAL B 139 5.96 1.04 -10.82
CA VAL B 139 7.31 1.14 -10.33
C VAL B 139 8.23 1.67 -11.40
N CYS B 140 8.17 1.09 -12.62
CA CYS B 140 9.00 1.49 -13.74
C CYS B 140 8.52 2.76 -14.38
N LYS B 141 7.23 3.12 -14.15
CA LYS B 141 6.49 4.28 -14.61
C LYS B 141 6.92 4.98 -15.89
N PRO B 142 6.60 4.43 -17.07
CA PRO B 142 7.02 5.04 -18.31
C PRO B 142 5.80 5.67 -18.95
N MET B 143 4.57 5.32 -18.47
CA MET B 143 3.32 5.76 -19.03
C MET B 143 2.92 7.04 -18.34
N SER B 144 2.11 7.86 -19.03
CA SER B 144 1.63 9.14 -18.53
C SER B 144 0.14 9.06 -18.50
N ASN B 145 -0.44 9.57 -17.38
CA ASN B 145 -1.85 9.71 -17.11
C ASN B 145 -2.34 8.42 -16.48
N PHE B 146 -1.44 7.74 -15.74
CA PHE B 146 -1.73 6.54 -15.01
C PHE B 146 -1.33 6.76 -13.59
N ARG B 147 -2.31 6.55 -12.69
CA ARG B 147 -2.17 6.60 -11.27
C ARG B 147 -3.13 5.50 -10.94
N PHE B 148 -2.79 4.60 -9.98
CA PHE B 148 -3.62 3.46 -9.72
C PHE B 148 -4.68 3.88 -8.72
N GLY B 149 -5.87 4.22 -9.26
CA GLY B 149 -7.00 4.70 -8.53
C GLY B 149 -8.11 3.75 -8.81
N GLU B 150 -9.33 4.08 -8.29
CA GLU B 150 -10.52 3.26 -8.38
C GLU B 150 -10.85 2.74 -9.75
N ASN B 151 -10.81 3.63 -10.78
CA ASN B 151 -11.13 3.28 -12.15
C ASN B 151 -10.23 2.23 -12.74
N HIS B 152 -8.90 2.38 -12.50
CA HIS B 152 -7.89 1.47 -12.99
C HIS B 152 -8.02 0.11 -12.37
N ALA B 153 -8.22 0.07 -11.03
CA ALA B 153 -8.42 -1.12 -10.24
C ALA B 153 -9.56 -1.99 -10.70
N ILE B 154 -10.73 -1.33 -10.94
CA ILE B 154 -11.95 -1.96 -11.39
C ILE B 154 -11.78 -2.55 -12.76
N MET B 155 -11.18 -1.79 -13.70
CA MET B 155 -10.86 -2.22 -15.04
C MET B 155 -10.00 -3.46 -15.05
N GLY B 156 -8.90 -3.45 -14.24
CA GLY B 156 -8.00 -4.55 -14.05
C GLY B 156 -8.65 -5.82 -13.62
N VAL B 157 -9.56 -5.73 -12.62
CA VAL B 157 -10.33 -6.85 -12.11
C VAL B 157 -11.27 -7.40 -13.16
N ALA B 158 -12.04 -6.50 -13.82
CA ALA B 158 -13.00 -6.81 -14.87
C ALA B 158 -12.39 -7.56 -16.03
N PHE B 159 -11.18 -7.11 -16.46
CA PHE B 159 -10.40 -7.69 -17.52
C PHE B 159 -10.10 -9.17 -17.33
N THR B 160 -9.82 -9.61 -16.08
CA THR B 160 -9.46 -10.98 -15.80
C THR B 160 -10.65 -11.88 -16.03
N TRP B 161 -11.86 -11.45 -15.58
CA TRP B 161 -13.10 -12.15 -15.89
C TRP B 161 -13.38 -12.27 -17.36
N VAL B 162 -13.26 -11.16 -18.13
CA VAL B 162 -13.61 -11.09 -19.53
C VAL B 162 -12.77 -12.01 -20.39
N MET B 163 -11.42 -11.99 -20.20
CA MET B 163 -10.50 -12.86 -20.89
C MET B 163 -10.70 -14.32 -20.59
N ALA B 164 -11.11 -14.62 -19.34
CA ALA B 164 -11.32 -15.96 -18.87
C ALA B 164 -12.55 -16.58 -19.47
N LEU B 165 -13.67 -15.82 -19.48
CA LEU B 165 -14.92 -16.15 -20.13
C LEU B 165 -14.73 -16.39 -21.60
N ALA B 166 -13.88 -15.57 -22.26
CA ALA B 166 -13.48 -15.70 -23.64
C ALA B 166 -12.82 -17.03 -24.00
N CYS B 167 -12.44 -17.84 -22.98
CA CYS B 167 -11.74 -19.09 -23.17
C CYS B 167 -12.65 -20.19 -22.71
N ALA B 168 -13.29 -20.03 -21.52
CA ALA B 168 -14.12 -21.05 -20.93
C ALA B 168 -15.44 -21.23 -21.65
N ALA B 169 -16.00 -20.16 -22.26
CA ALA B 169 -17.29 -20.18 -22.91
C ALA B 169 -17.31 -20.86 -24.27
N PRO B 170 -16.38 -20.71 -25.23
CA PRO B 170 -16.39 -21.42 -26.51
C PRO B 170 -16.66 -22.92 -26.50
N PRO B 171 -16.11 -23.83 -25.69
CA PRO B 171 -16.44 -25.26 -25.76
C PRO B 171 -17.87 -25.59 -25.38
N LEU B 172 -18.65 -24.63 -24.82
CA LEU B 172 -20.03 -24.84 -24.47
C LEU B 172 -20.95 -24.59 -25.64
N VAL B 173 -20.45 -23.94 -26.71
CA VAL B 173 -21.25 -23.56 -27.86
C VAL B 173 -20.75 -24.32 -29.06
N GLY B 174 -19.91 -25.37 -28.82
CA GLY B 174 -19.58 -26.35 -29.82
C GLY B 174 -18.46 -25.88 -30.70
N TRP B 175 -17.55 -25.04 -30.16
CA TRP B 175 -16.39 -24.58 -30.88
C TRP B 175 -15.21 -25.36 -30.36
N SER B 176 -15.50 -26.47 -29.67
CA SER B 176 -14.64 -27.33 -28.90
C SER B 176 -15.62 -27.99 -27.98
N ARG B 177 -15.15 -28.91 -27.11
CA ARG B 177 -16.01 -29.63 -26.22
C ARG B 177 -15.23 -29.96 -25.00
N TYR B 178 -15.94 -30.16 -23.87
CA TYR B 178 -15.37 -30.67 -22.65
C TYR B 178 -15.53 -32.15 -22.69
N ILE B 179 -14.44 -32.86 -22.30
CA ILE B 179 -14.35 -34.29 -22.30
C ILE B 179 -13.37 -34.56 -21.18
N PRO B 180 -13.42 -35.69 -20.49
CA PRO B 180 -12.47 -36.04 -19.44
C PRO B 180 -11.00 -35.89 -19.79
N GLU B 181 -10.21 -35.34 -18.85
CA GLU B 181 -8.77 -35.20 -18.89
C GLU B 181 -8.28 -35.99 -17.70
N GLY B 182 -6.93 -36.12 -17.57
CA GLY B 182 -6.29 -36.73 -16.44
C GLY B 182 -6.56 -38.21 -16.38
N MET B 183 -7.08 -38.69 -15.22
CA MET B 183 -7.39 -40.09 -15.01
C MET B 183 -8.85 -40.30 -15.32
N GLN B 184 -9.49 -39.27 -15.92
CA GLN B 184 -10.80 -39.30 -16.52
C GLN B 184 -11.84 -38.98 -15.47
N CYS B 185 -11.42 -38.25 -14.41
CA CYS B 185 -12.26 -37.87 -13.29
C CYS B 185 -12.25 -36.37 -13.16
N SER B 186 -11.71 -35.67 -14.18
CA SER B 186 -11.79 -34.24 -14.27
C SER B 186 -12.04 -34.04 -15.72
N CYS B 187 -12.66 -32.93 -16.14
CA CYS B 187 -12.97 -32.65 -17.52
C CYS B 187 -12.15 -31.47 -17.94
N GLY B 188 -11.44 -31.62 -19.08
CA GLY B 188 -10.66 -30.56 -19.67
C GLY B 188 -11.14 -30.32 -21.06
N ILE B 189 -10.34 -29.53 -21.81
CA ILE B 189 -10.55 -29.17 -23.19
C ILE B 189 -10.05 -30.29 -24.06
N ASP B 190 -10.77 -30.60 -25.16
CA ASP B 190 -10.34 -31.56 -26.15
C ASP B 190 -9.37 -30.81 -27.06
N TYR B 191 -8.07 -30.78 -26.66
CA TYR B 191 -7.04 -30.06 -27.36
C TYR B 191 -6.15 -31.09 -28.01
N TYR B 192 -6.43 -32.38 -27.72
CA TYR B 192 -5.59 -33.50 -28.05
C TYR B 192 -5.68 -33.84 -29.52
N THR B 193 -6.78 -33.44 -30.18
CA THR B 193 -6.99 -33.71 -31.58
C THR B 193 -7.51 -32.44 -32.18
N PRO B 194 -7.39 -32.27 -33.50
CA PRO B 194 -7.96 -31.15 -34.22
C PRO B 194 -9.27 -31.65 -34.80
N HIS B 195 -10.08 -32.37 -33.99
CA HIS B 195 -11.29 -33.03 -34.42
C HIS B 195 -12.31 -32.07 -34.93
N GLU B 196 -12.73 -32.31 -36.19
CA GLU B 196 -13.55 -31.48 -37.03
C GLU B 196 -14.91 -31.20 -36.48
N GLU B 197 -15.57 -32.21 -35.85
CA GLU B 197 -16.96 -32.15 -35.45
C GLU B 197 -17.28 -31.03 -34.47
N THR B 198 -16.25 -30.50 -33.77
CA THR B 198 -16.41 -29.42 -32.84
C THR B 198 -15.53 -28.26 -33.23
N ASN B 199 -14.64 -28.44 -34.23
CA ASN B 199 -13.78 -27.40 -34.78
C ASN B 199 -12.69 -27.06 -33.80
N ASN B 200 -12.10 -28.12 -33.19
CA ASN B 200 -11.04 -28.07 -32.21
C ASN B 200 -9.82 -27.30 -32.66
N GLU B 201 -9.41 -27.48 -33.94
CA GLU B 201 -8.14 -27.03 -34.47
C GLU B 201 -7.92 -25.54 -34.29
N SER B 202 -8.91 -24.72 -34.72
CA SER B 202 -8.86 -23.28 -34.61
C SER B 202 -8.84 -22.80 -33.16
N PHE B 203 -9.62 -23.48 -32.28
CA PHE B 203 -9.68 -23.21 -30.86
C PHE B 203 -8.36 -23.43 -30.16
N VAL B 204 -7.66 -24.55 -30.48
CA VAL B 204 -6.38 -24.92 -29.91
C VAL B 204 -5.32 -23.90 -30.22
N ILE B 205 -5.32 -23.37 -31.47
CA ILE B 205 -4.42 -22.33 -31.93
C ILE B 205 -4.68 -21.05 -31.17
N TYR B 206 -5.98 -20.67 -31.04
CA TYR B 206 -6.44 -19.53 -30.28
C TYR B 206 -5.98 -19.56 -28.84
N MET B 207 -6.19 -20.70 -28.14
CA MET B 207 -5.74 -20.96 -26.79
C MET B 207 -4.25 -20.79 -26.60
N PHE B 208 -3.45 -21.46 -27.47
CA PHE B 208 -2.01 -21.45 -27.40
C PHE B 208 -1.43 -20.06 -27.55
N VAL B 209 -1.97 -19.25 -28.49
CA VAL B 209 -1.46 -17.94 -28.77
C VAL B 209 -1.91 -16.96 -27.72
N VAL B 210 -3.24 -16.76 -27.57
CA VAL B 210 -3.80 -15.69 -26.77
C VAL B 210 -3.66 -15.95 -25.30
N HIS B 211 -3.75 -17.22 -24.85
CA HIS B 211 -3.82 -17.56 -23.46
C HIS B 211 -2.57 -18.20 -22.93
N PHE B 212 -1.52 -18.42 -23.77
CA PHE B 212 -0.24 -18.83 -23.23
C PHE B 212 0.85 -17.90 -23.70
N ILE B 213 1.08 -17.78 -25.03
CA ILE B 213 2.17 -17.02 -25.61
C ILE B 213 2.14 -15.55 -25.24
N ILE B 214 0.99 -14.86 -25.44
CA ILE B 214 0.75 -13.50 -25.00
C ILE B 214 1.11 -13.30 -23.53
N PRO B 215 0.51 -13.98 -22.54
CA PRO B 215 0.94 -14.01 -21.14
C PRO B 215 2.42 -14.19 -20.92
N LEU B 216 3.05 -15.17 -21.59
CA LEU B 216 4.46 -15.49 -21.48
C LEU B 216 5.34 -14.32 -21.82
N ILE B 217 5.03 -13.60 -22.92
CA ILE B 217 5.71 -12.41 -23.37
C ILE B 217 5.60 -11.31 -22.33
N VAL B 218 4.35 -11.04 -21.88
CA VAL B 218 4.05 -10.02 -20.89
C VAL B 218 4.79 -10.23 -19.59
N ILE B 219 4.78 -11.47 -19.05
CA ILE B 219 5.45 -11.88 -17.84
C ILE B 219 6.93 -11.61 -17.90
N PHE B 220 7.58 -12.00 -19.02
CA PHE B 220 9.00 -11.80 -19.23
C PHE B 220 9.36 -10.33 -19.28
N PHE B 221 8.56 -9.54 -20.03
CA PHE B 221 8.71 -8.10 -20.21
C PHE B 221 8.69 -7.34 -18.90
N CYS B 222 7.54 -7.42 -18.20
CA CYS B 222 7.24 -6.77 -16.95
C CYS B 222 8.28 -7.01 -15.89
N TYR B 223 8.60 -8.30 -15.63
CA TYR B 223 9.53 -8.66 -14.58
C TYR B 223 10.96 -8.35 -14.95
N GLY B 224 11.30 -8.39 -16.26
CA GLY B 224 12.56 -7.93 -16.80
C GLY B 224 12.82 -6.47 -16.52
N GLN B 225 11.82 -5.62 -16.84
CA GLN B 225 11.74 -4.20 -16.54
C GLN B 225 11.94 -3.93 -15.07
N LEU B 226 11.21 -4.66 -14.20
CA LEU B 226 11.26 -4.56 -12.76
C LEU B 226 12.65 -4.79 -12.23
N VAL B 227 13.35 -5.85 -12.72
CA VAL B 227 14.72 -6.17 -12.37
C VAL B 227 15.68 -5.09 -12.80
N PHE B 228 15.45 -4.49 -14.00
CA PHE B 228 16.23 -3.40 -14.54
C PHE B 228 16.18 -2.22 -13.61
N THR B 229 14.95 -1.76 -13.30
CA THR B 229 14.63 -0.73 -12.35
C THR B 229 15.31 -0.92 -11.00
N VAL B 230 15.25 -2.12 -10.37
CA VAL B 230 15.78 -2.34 -9.04
C VAL B 230 17.30 -2.29 -9.01
N LYS B 231 17.98 -2.83 -10.06
CA LYS B 231 19.43 -2.71 -10.20
C LYS B 231 19.86 -1.27 -10.30
N GLU B 232 19.14 -0.48 -11.15
CA GLU B 232 19.38 0.91 -11.38
C GLU B 232 19.25 1.74 -10.12
N ALA B 233 18.12 1.58 -9.40
CA ALA B 233 17.81 2.18 -8.12
C ALA B 233 18.87 1.96 -7.08
N ALA B 234 19.39 0.71 -6.99
CA ALA B 234 20.39 0.30 -6.03
C ALA B 234 21.71 0.99 -6.31
N ALA B 235 22.07 1.11 -7.60
CA ALA B 235 23.23 1.85 -8.06
C ALA B 235 23.17 3.32 -7.71
N GLN B 236 21.96 3.93 -7.79
CA GLN B 236 21.69 5.32 -7.49
C GLN B 236 21.45 5.59 -6.02
N GLN B 237 21.68 4.61 -5.12
CA GLN B 237 21.37 4.82 -3.73
C GLN B 237 21.96 3.68 -2.96
N GLN B 238 22.99 4.03 -2.16
CA GLN B 238 23.68 3.14 -1.29
C GLN B 238 23.30 3.73 0.03
N GLU B 239 22.76 2.90 0.94
CA GLU B 239 22.28 3.42 2.19
C GLU B 239 22.24 2.32 3.20
N SER B 240 22.32 1.04 2.76
CA SER B 240 22.34 -0.04 3.70
C SER B 240 22.80 -1.25 2.94
N ALA B 241 23.44 -2.19 3.68
CA ALA B 241 23.83 -3.52 3.26
C ALA B 241 22.60 -4.29 2.87
N THR B 242 21.54 -4.13 3.72
CA THR B 242 20.21 -4.67 3.59
C THR B 242 19.63 -4.38 2.24
N THR B 243 19.63 -3.09 1.80
CA THR B 243 19.07 -2.65 0.54
C THR B 243 19.72 -3.34 -0.66
N GLN B 244 21.04 -3.58 -0.60
CA GLN B 244 21.77 -4.27 -1.64
C GLN B 244 21.42 -5.73 -1.74
N LYS B 245 21.25 -6.40 -0.58
CA LYS B 245 20.83 -7.79 -0.45
C LYS B 245 19.45 -7.98 -1.01
N ALA B 246 18.53 -7.08 -0.60
CA ALA B 246 17.16 -6.97 -1.03
C ALA B 246 17.04 -6.88 -2.53
N GLU B 247 17.91 -6.09 -3.20
CA GLU B 247 17.91 -5.91 -4.64
C GLU B 247 18.19 -7.22 -5.37
N LYS B 248 19.18 -8.01 -4.85
CA LYS B 248 19.54 -9.32 -5.34
C LYS B 248 18.41 -10.30 -5.14
N GLU B 249 17.79 -10.27 -3.95
CA GLU B 249 16.68 -11.08 -3.52
C GLU B 249 15.46 -10.87 -4.37
N VAL B 250 15.09 -9.60 -4.68
CA VAL B 250 13.98 -9.20 -5.53
C VAL B 250 14.14 -9.76 -6.93
N THR B 251 15.38 -9.73 -7.46
CA THR B 251 15.73 -10.30 -8.75
C THR B 251 15.52 -11.80 -8.77
N ARG B 252 15.94 -12.50 -7.68
CA ARG B 252 15.76 -13.91 -7.43
C ARG B 252 14.30 -14.28 -7.44
N MET B 253 13.48 -13.51 -6.67
CA MET B 253 12.04 -13.56 -6.62
C MET B 253 11.41 -13.47 -7.99
N VAL B 254 11.90 -12.56 -8.86
CA VAL B 254 11.40 -12.36 -10.20
C VAL B 254 11.58 -13.61 -11.04
N ILE B 255 12.71 -14.33 -10.87
CA ILE B 255 12.96 -15.60 -11.54
C ILE B 255 11.93 -16.61 -11.09
N ILE B 256 11.67 -16.71 -9.77
CA ILE B 256 10.65 -17.55 -9.16
C ILE B 256 9.28 -17.26 -9.73
N MET B 257 8.91 -15.96 -9.87
CA MET B 257 7.64 -15.49 -10.42
C MET B 257 7.40 -15.91 -11.85
N VAL B 258 8.46 -15.86 -12.69
CA VAL B 258 8.41 -16.20 -14.10
C VAL B 258 8.22 -17.70 -14.22
N ILE B 259 9.08 -18.47 -13.53
CA ILE B 259 9.06 -19.91 -13.40
C ILE B 259 7.72 -20.43 -12.94
N ALA B 260 7.06 -19.74 -11.98
CA ALA B 260 5.78 -20.13 -11.45
C ALA B 260 4.68 -20.04 -12.48
N PHE B 261 4.75 -19.03 -13.40
CA PHE B 261 3.84 -18.91 -14.51
C PHE B 261 4.04 -20.03 -15.50
N LEU B 262 5.33 -20.38 -15.76
CA LEU B 262 5.71 -21.43 -16.67
C LEU B 262 5.19 -22.77 -16.23
N ILE B 263 5.47 -23.19 -14.98
CA ILE B 263 5.03 -24.45 -14.40
C ILE B 263 3.54 -24.67 -14.58
N CYS B 264 2.73 -23.62 -14.37
CA CYS B 264 1.30 -23.75 -14.40
C CYS B 264 0.71 -24.01 -15.78
N TRP B 265 1.19 -23.32 -16.85
CA TRP B 265 0.53 -23.36 -18.14
C TRP B 265 1.33 -23.96 -19.25
N LEU B 266 2.67 -24.02 -19.09
CA LEU B 266 3.58 -24.63 -20.05
C LEU B 266 3.26 -26.09 -20.31
N PRO B 267 2.97 -26.98 -19.36
CA PRO B 267 2.65 -28.38 -19.62
C PRO B 267 1.54 -28.58 -20.63
N TYR B 268 0.40 -27.90 -20.44
CA TYR B 268 -0.71 -27.90 -21.37
C TYR B 268 -0.34 -27.44 -22.76
N ALA B 269 0.39 -26.31 -22.85
CA ALA B 269 0.82 -25.73 -24.09
C ALA B 269 1.77 -26.62 -24.86
N GLY B 270 2.80 -27.14 -24.16
CA GLY B 270 3.82 -28.03 -24.67
C GLY B 270 3.28 -29.29 -25.27
N VAL B 271 2.46 -30.03 -24.49
CA VAL B 271 1.82 -31.26 -24.90
C VAL B 271 0.93 -31.06 -26.09
N ALA B 272 0.02 -30.04 -26.04
CA ALA B 272 -0.89 -29.71 -27.11
C ALA B 272 -0.20 -29.41 -28.42
N PHE B 273 0.91 -28.63 -28.37
CA PHE B 273 1.68 -28.24 -29.52
C PHE B 273 2.37 -29.42 -30.18
N TYR B 274 2.98 -30.30 -29.35
CA TYR B 274 3.72 -31.46 -29.79
C TYR B 274 2.87 -32.43 -30.57
N ILE B 275 1.67 -32.74 -30.04
CA ILE B 275 0.69 -33.60 -30.67
C ILE B 275 0.21 -33.06 -32.00
N PHE B 276 0.06 -31.71 -32.13
CA PHE B 276 -0.35 -31.11 -33.37
C PHE B 276 0.72 -31.23 -34.43
N THR B 277 2.00 -31.00 -34.05
CA THR B 277 3.13 -31.03 -34.96
C THR B 277 3.46 -32.44 -35.37
N HIS B 278 3.28 -33.41 -34.45
CA HIS B 278 3.54 -34.81 -34.71
C HIS B 278 2.32 -35.50 -34.19
N GLN B 279 1.41 -35.90 -35.11
CA GLN B 279 0.13 -36.46 -34.78
C GLN B 279 0.29 -37.95 -34.75
N GLY B 280 -0.21 -38.59 -33.67
CA GLY B 280 -0.15 -40.02 -33.48
C GLY B 280 0.98 -40.38 -32.57
N SER B 281 1.58 -39.38 -31.86
CA SER B 281 2.66 -39.62 -30.93
C SER B 281 2.04 -40.03 -29.62
N ASP B 282 2.37 -41.24 -29.15
CA ASP B 282 1.85 -41.82 -27.94
C ASP B 282 2.22 -41.01 -26.71
N PHE B 283 1.22 -40.79 -25.84
CA PHE B 283 1.36 -40.23 -24.51
C PHE B 283 0.30 -40.93 -23.73
N GLY B 284 0.62 -41.33 -22.48
CA GLY B 284 -0.25 -42.09 -21.62
C GLY B 284 -1.36 -41.23 -21.06
N PRO B 285 -2.36 -41.82 -20.42
CA PRO B 285 -3.48 -41.11 -19.82
C PRO B 285 -3.04 -40.47 -18.51
N ILE B 286 -2.11 -41.11 -17.78
CA ILE B 286 -1.61 -40.69 -16.49
C ILE B 286 -0.67 -39.52 -16.70
N PHE B 287 0.00 -39.49 -17.87
CA PHE B 287 0.84 -38.40 -18.34
C PHE B 287 0.06 -37.11 -18.46
N MET B 288 -1.24 -37.18 -18.83
CA MET B 288 -2.11 -36.04 -18.97
C MET B 288 -2.62 -35.52 -17.65
N THR B 289 -2.37 -36.25 -16.52
CA THR B 289 -2.77 -35.81 -15.20
C THR B 289 -1.67 -34.94 -14.62
N ILE B 290 -0.42 -35.10 -15.14
CA ILE B 290 0.74 -34.34 -14.77
C ILE B 290 0.55 -32.83 -14.97
N PRO B 291 0.09 -32.33 -16.13
CA PRO B 291 -0.24 -30.92 -16.33
C PRO B 291 -1.26 -30.38 -15.36
N ALA B 292 -2.24 -31.21 -14.92
CA ALA B 292 -3.30 -30.80 -14.04
C ALA B 292 -2.80 -30.55 -12.64
N PHE B 293 -1.86 -31.40 -12.15
CA PHE B 293 -1.24 -31.27 -10.85
C PHE B 293 -0.51 -29.95 -10.73
N PHE B 294 0.32 -29.65 -11.75
CA PHE B 294 1.11 -28.45 -11.86
C PHE B 294 0.28 -27.20 -11.92
N ALA B 295 -0.81 -27.21 -12.72
CA ALA B 295 -1.71 -26.10 -12.87
C ALA B 295 -2.44 -25.78 -11.60
N LYS B 296 -3.02 -26.82 -10.95
CA LYS B 296 -3.85 -26.72 -9.76
C LYS B 296 -3.13 -26.16 -8.55
N THR B 297 -1.81 -26.45 -8.43
CA THR B 297 -0.98 -25.98 -7.33
C THR B 297 -0.78 -24.49 -7.35
N SER B 298 -1.04 -23.79 -8.48
CA SER B 298 -0.88 -22.34 -8.56
C SER B 298 -1.85 -21.58 -7.69
N ALA B 299 -2.94 -22.25 -7.23
CA ALA B 299 -3.90 -21.70 -6.29
C ALA B 299 -3.26 -21.50 -4.93
N VAL B 300 -2.14 -22.19 -4.67
CA VAL B 300 -1.37 -22.09 -3.46
C VAL B 300 -0.22 -21.14 -3.68
N TYR B 301 0.61 -21.35 -4.73
CA TYR B 301 1.86 -20.61 -4.83
C TYR B 301 1.74 -19.18 -5.28
N ASN B 302 0.76 -18.81 -6.13
CA ASN B 302 0.56 -17.42 -6.52
C ASN B 302 0.35 -16.47 -5.35
N PRO B 303 -0.57 -16.65 -4.40
CA PRO B 303 -0.70 -15.79 -3.24
C PRO B 303 0.47 -15.89 -2.29
N VAL B 304 1.20 -17.03 -2.21
CA VAL B 304 2.39 -17.12 -1.38
C VAL B 304 3.43 -16.12 -1.85
N ILE B 305 3.71 -16.10 -3.16
CA ILE B 305 4.64 -15.19 -3.79
C ILE B 305 4.19 -13.74 -3.65
N TYR B 306 2.91 -13.45 -3.94
CA TYR B 306 2.44 -12.09 -4.15
C TYR B 306 1.89 -11.41 -2.93
N ILE B 307 1.74 -12.13 -1.79
CA ILE B 307 1.12 -11.61 -0.58
C ILE B 307 2.14 -11.76 0.51
N MET B 308 2.56 -13.01 0.82
CA MET B 308 3.43 -13.33 1.93
C MET B 308 4.75 -12.60 1.88
N MET B 309 5.29 -12.34 0.66
CA MET B 309 6.60 -11.75 0.49
C MET B 309 6.51 -10.24 0.42
N ASN B 310 5.39 -9.67 0.90
CA ASN B 310 5.22 -8.24 1.09
C ASN B 310 5.13 -8.10 2.58
N LYS B 311 6.08 -7.31 3.15
CA LYS B 311 6.25 -7.04 4.56
C LYS B 311 5.02 -6.68 5.34
N GLN B 312 4.19 -5.73 4.83
CA GLN B 312 3.04 -5.22 5.56
C GLN B 312 2.00 -6.27 5.86
N PHE B 313 1.50 -6.98 4.83
CA PHE B 313 0.51 -8.04 4.93
C PHE B 313 0.97 -9.11 5.88
N ARG B 314 2.26 -9.51 5.75
CA ARG B 314 2.96 -10.47 6.54
C ARG B 314 2.90 -10.17 8.01
N ASN B 315 3.32 -8.95 8.43
CA ASN B 315 3.29 -8.45 9.79
C ASN B 315 1.92 -8.57 10.42
N CYS B 316 0.88 -8.05 9.72
CA CYS B 316 -0.50 -8.11 10.13
C CYS B 316 -1.00 -9.51 10.35
N MET B 317 -0.68 -10.45 9.42
CA MET B 317 -0.99 -11.85 9.53
C MET B 317 -0.35 -12.54 10.71
N VAL B 318 0.95 -12.24 10.98
CA VAL B 318 1.72 -12.76 12.08
C VAL B 318 1.10 -12.33 13.40
N THR B 319 0.73 -11.04 13.51
CA THR B 319 0.04 -10.46 14.65
C THR B 319 -1.25 -11.20 14.95
N THR B 320 -2.05 -11.46 13.89
CA THR B 320 -3.35 -12.11 14.02
C THR B 320 -3.22 -13.56 14.42
N LEU B 321 -2.21 -14.28 13.88
CA LEU B 321 -1.96 -15.67 14.19
C LEU B 321 -1.43 -15.85 15.59
N CYS B 322 -0.65 -14.86 16.09
CA CYS B 322 -0.13 -14.83 17.44
C CYS B 322 -1.03 -13.95 18.26
N CYS B 323 -2.37 -14.22 18.18
CA CYS B 323 -3.41 -13.66 19.01
C CYS B 323 -3.69 -12.25 18.58
N GLY B 324 -4.77 -12.05 17.80
CA GLY B 324 -5.12 -10.75 17.32
C GLY B 324 -6.23 -10.93 16.34
N1 SGV C . 7.43 16.88 2.28
C2 SGV C . 7.83 15.71 2.84
N3 SGV C . 7.18 14.96 3.76
C4 SGV C . 5.99 15.48 4.10
C5 SGV C . 5.44 16.67 3.62
C6 SGV C . 6.22 17.40 2.68
N6 SGV C . 5.81 18.60 2.12
C7 SGV C . 4.16 16.82 4.27
C8 SGV C . 4.01 15.71 5.09
N9 SGV C . 5.10 14.90 4.97
C1' SGV C . 5.35 13.67 5.72
C10 SGV C . 3.23 17.92 4.18
N11 SGV C . 1.93 17.61 4.54
O12 SGV C . 3.55 19.04 3.82
C2' SGV C . 5.70 13.97 7.17
O2' SGV C . 6.76 13.09 7.55
C3' SGV C . 4.42 13.65 7.89
O3' SGV C . 4.58 13.35 9.27
C4' SGV C . 3.92 12.49 7.08
O4' SGV C . 4.15 12.87 5.73
C5' SGV C . 2.45 12.19 7.31
O5' SGV C . 2.25 11.62 8.59
C1 RET D . -3.06 -23.26 -22.74
C2 RET D . -2.08 -23.47 -23.90
C3 RET D . -2.71 -24.08 -25.13
C4 RET D . -3.27 -25.45 -24.77
C5 RET D . -4.22 -25.37 -23.58
C6 RET D . -4.11 -24.40 -22.64
C7 RET D . -4.98 -24.31 -21.43
C8 RET D . -5.35 -25.35 -20.66
C9 RET D . -6.15 -25.22 -19.47
C10 RET D . -6.30 -26.30 -18.63
C11 RET D . -6.95 -26.28 -17.37
C12 RET D . -6.97 -27.37 -16.57
C13 RET D . -7.49 -27.41 -15.26
C14 RET D . -7.34 -28.57 -14.49
C15 RET D . -7.69 -28.66 -13.16
C16 RET D . -3.76 -21.90 -22.92
C17 RET D . -2.21 -23.17 -21.47
C18 RET D . -5.29 -26.46 -23.54
C19 RET D . -6.80 -23.87 -19.13
C20 RET D . -8.16 -26.16 -14.69
CA LEU A 6 11.35 -7.27 0.21
C LEU A 6 10.59 -6.48 -0.80
N GLU A 7 9.26 -6.71 -0.91
CA GLU A 7 8.34 -5.95 -1.72
C GLU A 7 8.25 -4.52 -1.22
N THR A 8 8.37 -4.36 0.11
CA THR A 8 8.50 -3.07 0.75
C THR A 8 9.74 -2.35 0.31
N VAL A 9 10.87 -3.07 0.13
CA VAL A 9 12.07 -2.55 -0.49
C VAL A 9 11.85 -2.19 -1.94
N VAL A 10 11.04 -2.95 -2.71
CA VAL A 10 10.68 -2.63 -4.08
C VAL A 10 9.96 -1.31 -4.16
N ALA A 11 9.03 -1.06 -3.20
CA ALA A 11 8.34 0.21 -3.11
C ALA A 11 9.29 1.34 -2.79
N ASN A 12 10.28 1.09 -1.90
CA ASN A 12 11.34 2.00 -1.54
C ASN A 12 12.21 2.28 -2.74
N SER A 13 12.49 1.25 -3.57
CA SER A 13 13.23 1.36 -4.79
C SER A 13 12.52 2.24 -5.78
N ALA A 14 11.17 2.13 -5.90
CA ALA A 14 10.41 3.02 -6.76
C ALA A 14 10.48 4.48 -6.33
N PHE A 15 10.54 4.74 -4.99
CA PHE A 15 10.70 6.06 -4.43
C PHE A 15 12.03 6.68 -4.80
N ILE A 16 13.11 5.86 -4.68
CA ILE A 16 14.47 6.23 -5.00
C ILE A 16 14.57 6.58 -6.47
N ALA A 17 13.84 5.80 -7.30
CA ALA A 17 13.75 5.93 -8.73
C ALA A 17 13.13 7.23 -9.11
N ALA A 18 12.02 7.62 -8.41
CA ALA A 18 11.31 8.86 -8.63
C ALA A 18 12.13 10.08 -8.32
N ARG A 19 12.93 10.01 -7.22
CA ARG A 19 13.84 11.05 -6.80
C ARG A 19 14.90 11.29 -7.85
N GLY A 20 15.37 10.18 -8.46
CA GLY A 20 16.37 10.12 -9.50
C GLY A 20 15.90 10.86 -10.73
N SER A 21 14.60 10.67 -11.10
CA SER A 21 13.94 11.34 -12.20
C SER A 21 13.88 12.83 -11.92
N PHE A 22 13.55 13.22 -10.66
CA PHE A 22 13.54 14.61 -10.24
C PHE A 22 14.92 15.23 -10.31
N ASP A 23 15.96 14.49 -9.85
CA ASP A 23 17.34 14.94 -9.82
C ASP A 23 17.86 15.20 -11.22
N ALA A 24 17.49 14.33 -12.18
CA ALA A 24 17.81 14.46 -13.57
C ALA A 24 16.68 15.19 -14.24
N MET A 182 -4.67 19.34 -11.86
CA MET A 182 -5.90 19.26 -11.14
C MET A 182 -6.57 17.99 -11.56
N GLY A 183 -7.16 17.27 -10.59
CA GLY A 183 -6.97 15.84 -10.43
C GLY A 183 -5.54 15.38 -10.32
N GLU A 184 -5.37 14.03 -10.26
CA GLU A 184 -4.10 13.38 -10.02
C GLU A 184 -3.50 12.93 -11.33
N ASP A 185 -4.00 13.45 -12.47
CA ASP A 185 -3.65 12.96 -13.78
C ASP A 185 -2.49 13.79 -14.30
N TRP A 186 -2.15 14.89 -13.58
CA TRP A 186 -1.19 15.87 -14.00
C TRP A 186 -0.03 15.74 -13.04
N PHE A 187 -0.06 14.69 -12.19
CA PHE A 187 0.95 14.41 -11.20
C PHE A 187 1.22 12.94 -11.23
N LEU A 188 2.50 12.55 -11.36
CA LEU A 188 2.94 11.17 -11.28
C LEU A 188 2.99 10.90 -9.80
N ASP A 189 2.46 9.74 -9.37
CA ASP A 189 2.27 9.46 -7.96
C ASP A 189 3.33 8.47 -7.63
N PHE A 190 3.96 8.64 -6.45
CA PHE A 190 5.00 7.76 -5.96
C PHE A 190 4.54 7.22 -4.66
N ARG A 191 5.49 6.56 -3.94
CA ARG A 191 5.30 5.97 -2.64
C ARG A 191 4.78 6.99 -1.66
N VAL A 192 3.95 6.50 -0.70
CA VAL A 192 3.46 7.25 0.41
C VAL A 192 4.60 7.52 1.37
N LEU A 193 4.43 8.59 2.16
CA LEU A 193 5.40 9.11 3.08
C LEU A 193 4.79 9.01 4.44
N GLY A 194 3.50 8.60 4.50
CA GLY A 194 2.76 8.43 5.71
C GLY A 194 1.35 8.31 5.29
N ARG A 195 0.47 7.96 6.24
CA ARG A 195 -0.96 7.96 6.06
C ARG A 195 -1.27 8.98 7.10
N GLY A 196 -1.69 10.17 6.62
CA GLY A 196 -2.09 11.33 7.38
C GLY A 196 -3.25 11.12 8.32
N GLY A 197 -3.98 12.21 8.64
CA GLY A 197 -5.12 12.19 9.52
C GLY A 197 -6.28 11.43 8.94
N PHE A 198 -6.38 11.42 7.59
CA PHE A 198 -7.50 10.89 6.88
C PHE A 198 -6.91 9.97 5.86
N GLY A 199 -6.68 10.45 4.62
CA GLY A 199 -6.06 9.69 3.56
C GLY A 199 -4.56 9.71 3.64
N GLU A 200 -3.96 9.22 2.54
CA GLU A 200 -2.54 9.06 2.31
C GLU A 200 -1.91 10.38 1.99
N VAL A 201 -0.59 10.51 2.24
CA VAL A 201 0.19 11.66 1.85
C VAL A 201 1.39 11.09 1.16
N PHE A 202 1.46 11.22 -0.19
CA PHE A 202 2.52 10.69 -1.01
C PHE A 202 3.27 11.79 -1.68
N ALA A 203 4.56 11.51 -2.04
CA ALA A 203 5.32 12.36 -2.90
C ALA A 203 4.82 12.20 -4.32
N CYS A 204 5.05 13.23 -5.16
CA CYS A 204 4.46 13.29 -6.46
C CYS A 204 5.27 14.29 -7.22
N GLN A 205 5.08 14.35 -8.55
CA GLN A 205 5.89 15.19 -9.41
C GLN A 205 4.93 15.62 -10.45
N MET A 206 4.97 16.92 -10.80
CA MET A 206 4.28 17.50 -11.92
C MET A 206 4.75 16.91 -13.21
N LYS A 207 3.79 16.40 -14.00
CA LYS A 207 4.01 15.73 -15.25
C LYS A 207 4.66 16.65 -16.25
N ALA A 208 4.23 17.94 -16.26
CA ALA A 208 4.58 18.89 -17.28
C ALA A 208 5.68 19.83 -16.83
N THR A 209 6.15 19.74 -15.55
CA THR A 209 7.04 20.74 -15.00
C THR A 209 8.27 20.03 -14.50
N GLY A 210 8.11 18.87 -13.84
CA GLY A 210 9.21 18.04 -13.41
C GLY A 210 9.71 18.49 -12.07
N LYS A 211 8.80 19.02 -11.23
CA LYS A 211 9.09 19.53 -9.91
C LYS A 211 8.32 18.70 -8.94
N LEU A 212 8.90 18.46 -7.74
CA LEU A 212 8.30 17.63 -6.72
C LEU A 212 7.45 18.45 -5.82
N TYR A 213 6.30 17.85 -5.44
CA TYR A 213 5.34 18.43 -4.55
C TYR A 213 4.93 17.27 -3.69
N ALA A 214 4.50 17.53 -2.44
CA ALA A 214 3.75 16.58 -1.65
C ALA A 214 2.30 16.78 -1.92
N CYS A 215 1.53 15.67 -1.96
CA CYS A 215 0.10 15.69 -2.19
C CYS A 215 -0.48 15.08 -0.96
N LYS A 216 -0.98 15.94 -0.04
CA LYS A 216 -1.74 15.53 1.11
C LYS A 216 -3.15 15.25 0.68
N LYS A 217 -3.48 13.95 0.57
CA LYS A 217 -4.82 13.48 0.34
C LYS A 217 -5.54 13.25 1.63
N LEU A 218 -6.82 13.69 1.66
CA LEU A 218 -7.72 13.51 2.76
C LEU A 218 -8.85 12.72 2.18
N ASN A 219 -8.93 11.40 2.48
CA ASN A 219 -9.94 10.51 1.96
C ASN A 219 -11.32 10.92 2.40
N LYS A 220 -12.26 10.98 1.43
CA LYS A 220 -13.64 11.39 1.58
C LYS A 220 -14.39 10.57 2.59
N LYS A 221 -14.10 9.25 2.59
CA LYS A 221 -14.71 8.27 3.47
C LYS A 221 -14.35 8.54 4.90
N ARG A 222 -13.03 8.62 5.17
CA ARG A 222 -12.42 8.89 6.44
C ARG A 222 -12.77 10.24 7.03
N LEU A 223 -12.98 11.26 6.14
CA LEU A 223 -13.44 12.59 6.45
C LEU A 223 -14.82 12.56 7.04
N LYS A 224 -15.75 11.83 6.38
CA LYS A 224 -17.11 11.64 6.81
C LYS A 224 -17.21 10.95 8.14
N LYS A 225 -16.37 9.91 8.36
CA LYS A 225 -16.35 9.13 9.57
C LYS A 225 -16.00 9.94 10.80
N ARG A 226 -14.88 10.67 10.73
CA ARG A 226 -14.37 11.50 11.82
C ARG A 226 -15.04 12.85 11.89
N LYS A 227 -15.82 13.24 10.85
CA LYS A 227 -16.38 14.55 10.65
C LYS A 227 -15.35 15.65 10.72
N GLY A 228 -14.29 15.51 9.89
CA GLY A 228 -13.09 16.31 9.93
C GLY A 228 -13.14 17.43 8.92
N TYR A 229 -14.35 17.95 8.62
CA TYR A 229 -14.57 18.90 7.55
C TYR A 229 -14.05 20.26 7.92
N GLN A 230 -14.22 20.67 9.20
CA GLN A 230 -13.79 21.96 9.70
C GLN A 230 -12.28 22.09 9.67
N GLY A 231 -11.55 21.04 10.16
CA GLY A 231 -10.11 21.02 10.33
C GLY A 231 -9.40 21.14 9.01
N ALA A 232 -10.00 20.53 7.97
CA ALA A 232 -9.49 20.52 6.62
C ALA A 232 -9.53 21.90 6.04
N MET A 233 -10.68 22.60 6.17
CA MET A 233 -10.94 23.91 5.62
C MET A 233 -10.03 24.97 6.20
N VAL A 234 -9.66 24.84 7.50
CA VAL A 234 -8.80 25.79 8.19
C VAL A 234 -7.40 25.72 7.62
N GLU A 235 -6.85 24.48 7.51
CA GLU A 235 -5.53 24.20 6.98
C GLU A 235 -5.35 24.71 5.58
N LYS A 236 -6.43 24.60 4.77
CA LYS A 236 -6.55 25.01 3.39
C LYS A 236 -6.38 26.50 3.34
N LYS A 237 -7.30 27.26 3.97
CA LYS A 237 -7.35 28.71 3.94
C LYS A 237 -6.08 29.40 4.39
N ILE A 238 -5.40 28.86 5.43
CA ILE A 238 -4.18 29.43 5.96
C ILE A 238 -3.07 29.26 4.95
N LEU A 239 -2.73 28.02 4.55
CA LEU A 239 -1.69 27.73 3.55
C LEU A 239 -1.92 28.43 2.22
N ALA A 240 -3.20 28.56 1.79
CA ALA A 240 -3.68 29.21 0.59
C ALA A 240 -3.34 30.67 0.57
N LYS A 241 -3.31 31.29 1.77
CA LYS A 241 -3.19 32.71 1.95
C LYS A 241 -1.75 33.07 2.19
N VAL A 242 -1.00 32.17 2.87
CA VAL A 242 0.36 32.41 3.28
C VAL A 242 1.23 31.59 2.38
N HIS A 243 1.94 32.28 1.47
CA HIS A 243 2.85 31.67 0.53
C HIS A 243 4.13 32.36 0.83
N SER A 244 5.09 31.60 1.39
CA SER A 244 6.39 32.12 1.71
C SER A 244 7.31 30.93 1.83
N ARG A 245 8.60 31.24 2.10
CA ARG A 245 9.63 30.26 2.33
C ARG A 245 9.86 30.17 3.82
N PHE A 246 8.93 30.75 4.62
CA PHE A 246 9.02 30.81 6.06
C PHE A 246 7.97 29.85 6.57
N ILE A 247 6.78 29.87 5.95
CA ILE A 247 5.71 28.93 6.19
C ILE A 247 5.33 28.47 4.82
N VAL A 248 5.23 27.12 4.65
CA VAL A 248 4.84 26.36 3.47
C VAL A 248 3.84 27.07 2.59
N SER A 249 4.15 27.17 1.27
CA SER A 249 3.24 27.66 0.26
C SER A 249 2.40 26.53 -0.30
N LEU A 250 1.15 26.87 -0.69
CA LEU A 250 0.20 25.97 -1.30
C LEU A 250 0.21 26.30 -2.76
N ALA A 251 0.25 25.26 -3.63
CA ALA A 251 0.41 25.45 -5.05
C ALA A 251 -0.87 25.14 -5.75
N TYR A 252 -1.66 24.15 -5.25
CA TYR A 252 -2.89 23.75 -5.90
C TYR A 252 -3.78 23.21 -4.82
N ALA A 253 -5.12 23.38 -5.00
CA ALA A 253 -6.12 22.78 -4.15
C ALA A 253 -7.18 22.29 -5.09
N PHE A 254 -7.21 20.96 -5.32
CA PHE A 254 -8.17 20.28 -6.15
C PHE A 254 -8.67 19.10 -5.37
N GLU A 255 -9.56 18.31 -6.00
CA GLU A 255 -10.09 17.09 -5.40
C GLU A 255 -9.98 16.09 -6.51
N THR A 256 -9.98 14.80 -6.10
CA THR A 256 -10.00 13.63 -6.96
C THR A 256 -11.28 12.92 -6.60
N LYS A 257 -11.45 11.68 -7.11
CA LYS A 257 -12.62 10.86 -6.97
C LYS A 257 -12.93 10.53 -5.53
N THR A 258 -11.88 10.18 -4.75
CA THR A 258 -12.04 9.54 -3.47
C THR A 258 -11.33 10.33 -2.40
N ASP A 259 -10.82 11.56 -2.70
CA ASP A 259 -10.01 12.28 -1.75
C ASP A 259 -10.02 13.75 -2.15
N LEU A 260 -9.76 14.63 -1.16
CA LEU A 260 -9.48 16.04 -1.33
C LEU A 260 -7.99 16.18 -1.31
N CYS A 261 -7.42 17.06 -2.14
CA CYS A 261 -5.99 17.17 -2.27
C CYS A 261 -5.58 18.56 -1.90
N LEU A 262 -4.48 18.67 -1.12
CA LEU A 262 -3.72 19.89 -0.99
C LEU A 262 -2.38 19.53 -1.51
N VAL A 263 -1.92 20.22 -2.58
CA VAL A 263 -0.62 20.01 -3.16
C VAL A 263 0.22 21.17 -2.78
N MET A 264 1.26 20.91 -1.96
CA MET A 264 2.09 21.92 -1.36
C MET A 264 3.49 21.64 -1.81
N THR A 265 4.38 22.65 -1.69
CA THR A 265 5.79 22.57 -2.00
C THR A 265 6.48 21.59 -1.08
N ILE A 266 7.46 20.82 -1.63
CA ILE A 266 8.22 19.83 -0.92
C ILE A 266 8.97 20.35 0.27
N MET A 267 9.10 19.45 1.25
CA MET A 267 9.76 19.64 2.50
C MET A 267 10.43 18.31 2.67
N ASN A 268 11.32 17.98 1.71
CA ASN A 268 12.01 16.71 1.67
C ASN A 268 13.28 16.91 2.43
N GLY A 269 13.56 15.99 3.38
CA GLY A 269 14.53 16.26 4.40
C GLY A 269 14.10 15.60 5.66
N GLY A 270 12.81 15.21 5.76
CA GLY A 270 12.24 14.57 6.92
C GLY A 270 11.81 15.57 7.94
N ASP A 271 11.24 15.07 9.06
CA ASP A 271 10.58 15.85 10.09
C ASP A 271 11.53 15.88 11.26
N ILE A 272 11.42 16.90 12.16
CA ILE A 272 12.20 16.94 13.38
C ILE A 272 11.96 15.69 14.22
N ARG A 273 10.69 15.21 14.26
CA ARG A 273 10.27 14.01 14.96
C ARG A 273 10.95 12.78 14.44
N TYR A 274 11.04 12.67 13.09
CA TYR A 274 11.70 11.61 12.37
C TYR A 274 13.13 11.49 12.79
N HIS A 275 13.82 12.64 12.91
CA HIS A 275 15.25 12.74 13.13
C HIS A 275 15.65 12.38 14.52
N ILE A 276 14.72 12.49 15.51
CA ILE A 276 14.91 12.00 16.86
C ILE A 276 15.22 10.52 16.85
N TYR A 277 14.48 9.74 16.03
CA TYR A 277 14.60 8.30 16.00
C TYR A 277 15.48 7.84 14.88
N ASN A 278 15.70 8.67 13.82
CA ASN A 278 16.41 8.23 12.64
C ASN A 278 17.91 8.38 12.77
N VAL A 279 18.39 9.33 13.62
CA VAL A 279 19.77 9.46 14.04
C VAL A 279 20.25 8.18 14.70
N ASP A 280 19.31 7.56 15.45
CA ASP A 280 19.35 6.35 16.23
C ASP A 280 18.68 6.76 17.49
N GLU A 281 17.99 5.81 18.17
CA GLU A 281 17.29 6.08 19.41
C GLU A 281 18.29 6.10 20.55
N ASP A 282 19.52 5.62 20.27
CA ASP A 282 20.67 5.58 21.15
C ASP A 282 21.07 6.99 21.55
N ASN A 283 21.03 7.93 20.56
CA ASN A 283 21.28 9.34 20.74
C ASN A 283 20.27 9.92 21.71
N PRO A 284 20.60 10.74 22.71
CA PRO A 284 19.64 11.16 23.70
C PRO A 284 19.22 12.55 23.32
N GLY A 285 19.21 12.84 22.00
CA GLY A 285 18.85 14.11 21.43
C GLY A 285 20.10 14.83 21.08
N PHE A 286 19.98 15.85 20.21
CA PHE A 286 21.09 16.63 19.74
C PHE A 286 21.49 17.66 20.75
N GLN A 287 22.73 18.16 20.58
CA GLN A 287 23.31 19.25 21.33
C GLN A 287 22.54 20.52 21.13
N GLU A 288 22.59 21.39 22.15
CA GLU A 288 21.84 22.62 22.28
C GLU A 288 21.96 23.56 21.10
N PRO A 289 23.10 23.97 20.54
CA PRO A 289 23.16 24.90 19.41
C PRO A 289 22.34 24.49 18.21
N ARG A 290 22.32 23.18 17.86
CA ARG A 290 21.60 22.64 16.74
C ARG A 290 20.10 22.75 16.93
N ALA A 291 19.65 22.52 18.19
CA ALA A 291 18.27 22.64 18.63
C ALA A 291 17.82 24.08 18.57
N ILE A 292 18.71 25.01 19.02
CA ILE A 292 18.51 26.45 19.05
C ILE A 292 18.26 26.97 17.66
N PHE A 293 19.05 26.54 16.65
CA PHE A 293 18.86 26.89 15.25
C PHE A 293 17.48 26.54 14.73
N TYR A 294 17.04 25.27 14.92
CA TYR A 294 15.72 24.84 14.48
C TYR A 294 14.60 25.60 15.16
N THR A 295 14.74 25.85 16.47
CA THR A 295 13.86 26.64 17.29
C THR A 295 13.70 28.05 16.79
N ALA A 296 14.80 28.72 16.37
CA ALA A 296 14.79 30.06 15.83
C ALA A 296 13.95 30.18 14.57
N GLN A 297 14.04 29.17 13.68
CA GLN A 297 13.25 29.11 12.46
C GLN A 297 11.78 28.85 12.76
N ILE A 298 11.48 28.01 13.78
CA ILE A 298 10.14 27.75 14.26
C ILE A 298 9.50 29.01 14.81
N VAL A 299 10.26 29.82 15.59
CA VAL A 299 9.85 31.08 16.18
C VAL A 299 9.38 32.05 15.13
N SER A 300 10.12 32.17 13.99
CA SER A 300 9.73 33.02 12.88
C SER A 300 8.39 32.62 12.30
N GLY A 301 8.13 31.29 12.19
CA GLY A 301 6.86 30.78 11.74
C GLY A 301 5.72 31.07 12.67
N LEU A 302 5.92 30.87 14.00
CA LEU A 302 4.93 31.17 15.03
C LEU A 302 4.57 32.63 15.05
N GLU A 303 5.59 33.51 14.97
CA GLU A 303 5.47 34.95 14.98
C GLU A 303 4.61 35.47 13.85
N HIS A 304 4.84 34.95 12.62
CA HIS A 304 4.11 35.32 11.44
C HIS A 304 2.64 34.99 11.52
N LEU A 305 2.29 33.83 12.12
CA LEU A 305 0.93 33.41 12.36
C LEU A 305 0.24 34.32 13.34
N HIS A 306 0.94 34.67 14.46
CA HIS A 306 0.41 35.47 15.54
C HIS A 306 0.14 36.89 15.10
N GLN A 307 0.99 37.42 14.19
CA GLN A 307 0.86 38.71 13.56
C GLN A 307 -0.36 38.85 12.68
N ARG A 308 -0.94 37.72 12.19
CA ARG A 308 -2.14 37.71 11.39
C ARG A 308 -3.32 37.35 12.26
N ASN A 309 -3.09 37.19 13.58
CA ASN A 309 -4.08 36.92 14.61
C ASN A 309 -4.58 35.51 14.50
N ILE A 310 -3.66 34.55 14.33
CA ILE A 310 -3.95 33.15 14.19
C ILE A 310 -3.29 32.54 15.39
N ILE A 311 -4.06 31.74 16.17
CA ILE A 311 -3.54 30.99 17.29
C ILE A 311 -3.35 29.64 16.69
N TYR A 312 -2.13 29.08 16.82
CA TYR A 312 -1.75 27.86 16.16
C TYR A 312 -2.07 26.65 17.01
N ARG A 313 -2.26 26.87 18.33
CA ARG A 313 -2.48 25.86 19.35
C ARG A 313 -1.33 24.86 19.38
N ASP A 314 -1.62 23.54 19.22
CA ASP A 314 -0.62 22.50 19.28
C ASP A 314 0.42 22.61 18.17
N LEU A 315 1.69 22.53 18.60
CA LEU A 315 2.87 22.42 17.78
C LEU A 315 3.47 21.12 18.23
N LYS A 316 4.01 20.34 17.28
CA LYS A 316 4.68 19.12 17.61
C LYS A 316 5.88 19.05 16.70
N PRO A 317 6.96 18.32 17.03
CA PRO A 317 8.14 18.09 16.21
C PRO A 317 7.83 17.64 14.82
N GLU A 318 6.80 16.78 14.69
CA GLU A 318 6.33 16.14 13.49
C GLU A 318 5.65 17.12 12.57
N ASN A 319 5.35 18.35 13.06
CA ASN A 319 4.69 19.38 12.31
C ASN A 319 5.74 20.39 11.92
N VAL A 320 7.01 20.17 12.31
CA VAL A 320 8.13 20.94 11.83
C VAL A 320 8.86 20.09 10.83
N LEU A 321 8.81 20.52 9.55
CA LEU A 321 9.37 19.79 8.44
C LEU A 321 10.67 20.47 8.03
N LEU A 322 11.67 19.68 7.56
CA LEU A 322 12.92 20.16 6.99
C LEU A 322 12.76 20.08 5.51
N ASP A 323 13.31 21.07 4.75
CA ASP A 323 13.35 21.06 3.31
C ASP A 323 14.79 20.92 2.88
N ASP A 324 15.00 20.99 1.55
CA ASP A 324 16.25 20.82 0.84
C ASP A 324 17.30 21.81 1.27
N ASP A 325 16.91 23.08 1.56
CA ASP A 325 17.79 24.13 2.02
C ASP A 325 18.41 23.77 3.36
N GLY A 326 17.59 23.20 4.27
CA GLY A 326 17.95 22.81 5.61
C GLY A 326 17.14 23.63 6.57
N ASN A 327 16.51 24.72 6.07
CA ASN A 327 15.56 25.56 6.76
C ASN A 327 14.31 24.78 7.08
N VAL A 328 13.66 25.07 8.23
CA VAL A 328 12.45 24.38 8.61
C VAL A 328 11.30 25.33 8.45
N ARG A 329 10.09 24.74 8.30
CA ARG A 329 8.85 25.49 8.21
C ARG A 329 7.85 24.64 8.94
N ILE A 330 6.89 25.32 9.61
CA ILE A 330 5.77 24.67 10.27
C ILE A 330 4.76 24.29 9.21
N SER A 331 3.90 23.31 9.52
CA SER A 331 2.92 22.74 8.64
C SER A 331 1.85 22.22 9.56
N ASP A 332 0.76 21.64 9.00
CA ASP A 332 -0.38 21.12 9.73
C ASP A 332 -1.10 22.25 10.42
N LEU A 333 -1.67 23.16 9.60
CA LEU A 333 -2.27 24.39 10.06
C LEU A 333 -3.75 24.17 10.25
N GLY A 334 -4.17 22.89 10.40
CA GLY A 334 -5.55 22.48 10.55
C GLY A 334 -5.86 22.36 12.01
N LEU A 335 -4.81 22.48 12.87
CA LEU A 335 -4.92 22.46 14.31
C LEU A 335 -4.90 23.87 14.82
N ALA A 336 -4.99 24.87 13.89
CA ALA A 336 -4.99 26.28 14.19
C ALA A 336 -6.42 26.74 14.24
N VAL A 337 -6.63 28.01 14.65
CA VAL A 337 -7.89 28.70 14.53
C VAL A 337 -7.48 30.07 14.09
N GLU A 338 -8.24 30.62 13.12
CA GLU A 338 -8.07 31.95 12.60
C GLU A 338 -9.03 32.86 13.28
N LEU A 339 -8.48 33.87 14.00
CA LEU A 339 -9.24 34.91 14.65
C LEU A 339 -8.84 36.17 13.94
N LYS A 340 -9.27 37.32 14.47
CA LYS A 340 -8.93 38.62 13.92
C LYS A 340 -8.65 39.46 15.14
N ALA A 341 -8.00 40.63 14.93
CA ALA A 341 -7.76 41.60 15.96
C ALA A 341 -9.08 42.18 16.42
N GLY A 342 -9.35 42.04 17.74
CA GLY A 342 -10.56 42.47 18.38
C GLY A 342 -11.09 41.31 19.18
N GLN A 343 -10.36 40.18 19.16
CA GLN A 343 -10.53 39.11 20.09
C GLN A 343 -9.24 38.36 20.01
N THR A 344 -9.03 37.46 21.00
CA THR A 344 -7.86 36.62 21.05
C THR A 344 -8.18 35.57 22.08
N LYS A 345 -9.33 35.69 22.78
CA LYS A 345 -9.75 34.77 23.81
C LYS A 345 -10.83 33.95 23.20
N THR A 346 -10.59 32.62 23.12
CA THR A 346 -11.55 31.71 22.55
C THR A 346 -11.26 30.40 23.21
N LYS A 347 -12.32 29.58 23.41
CA LYS A 347 -12.25 28.22 23.88
C LYS A 347 -12.11 27.34 22.68
N GLY A 348 -11.70 26.07 22.88
CA GLY A 348 -11.57 25.14 21.79
C GLY A 348 -10.74 23.98 22.25
N TYR A 349 -10.29 23.16 21.27
CA TYR A 349 -9.51 21.98 21.51
C TYR A 349 -8.66 21.88 20.27
N ALA A 350 -7.44 21.33 20.40
CA ALA A 350 -6.55 21.17 19.27
C ALA A 350 -5.65 20.02 19.57
N GLY A 351 -5.17 19.35 18.50
CA GLY A 351 -4.25 18.23 18.50
C GLY A 351 -4.58 17.16 19.50
N THR A 352 -3.54 16.51 20.07
CA THR A 352 -3.68 15.41 20.98
C THR A 352 -3.00 15.81 22.27
N PRO A 353 -3.44 15.38 23.45
CA PRO A 353 -2.79 15.60 24.74
C PRO A 353 -1.32 15.24 24.76
N GLY A 354 -0.52 15.96 25.57
CA GLY A 354 0.91 15.77 25.68
C GLY A 354 1.62 16.70 24.74
N PHE A 355 0.86 17.68 24.19
CA PHE A 355 1.34 18.71 23.29
C PHE A 355 0.41 19.87 23.48
N MET A 356 -0.64 19.70 24.33
CA MET A 356 -1.64 20.69 24.62
C MET A 356 -1.22 21.43 25.86
N ALA A 357 -1.77 22.64 26.05
CA ALA A 357 -1.44 23.53 27.14
C ALA A 357 -2.56 23.37 28.15
N PRO A 358 -2.36 23.70 29.42
CA PRO A 358 -3.35 23.63 30.48
C PRO A 358 -4.72 24.18 30.17
N GLU A 359 -4.76 25.42 29.62
CA GLU A 359 -5.95 26.18 29.26
C GLU A 359 -6.94 25.44 28.41
N LEU A 360 -6.46 24.70 27.38
CA LEU A 360 -7.28 23.95 26.45
C LEU A 360 -7.96 22.80 27.14
N LEU A 361 -7.21 22.06 27.98
CA LEU A 361 -7.64 20.86 28.66
C LEU A 361 -8.77 21.13 29.63
N LEU A 362 -8.75 22.31 30.29
CA LEU A 362 -9.75 22.70 31.26
C LEU A 362 -10.94 23.34 30.60
N GLY A 363 -10.91 23.52 29.26
CA GLY A 363 -12.03 24.03 28.48
C GLY A 363 -12.17 25.51 28.68
N GLU A 364 -11.03 26.20 28.89
CA GLU A 364 -10.99 27.61 29.20
C GLU A 364 -10.52 28.32 27.97
N GLU A 365 -10.77 29.65 27.92
CA GLU A 365 -10.25 30.52 26.90
C GLU A 365 -8.76 30.64 26.97
N TYR A 366 -8.13 30.89 25.81
CA TYR A 366 -6.70 30.97 25.66
C TYR A 366 -6.42 31.96 24.58
N ASP A 367 -5.15 32.43 24.54
CA ASP A 367 -4.63 33.31 23.52
C ASP A 367 -3.33 32.69 23.07
N PHE A 368 -2.45 33.49 22.43
CA PHE A 368 -1.17 33.10 21.86
C PHE A 368 -0.21 32.39 22.80
N SER A 369 -0.40 32.51 24.14
CA SER A 369 0.39 31.89 25.18
C SER A 369 0.62 30.40 25.02
N VAL A 370 -0.44 29.67 24.61
CA VAL A 370 -0.49 28.22 24.43
C VAL A 370 0.47 27.73 23.39
N ASP A 371 0.73 28.56 22.36
CA ASP A 371 1.60 28.28 21.24
C ASP A 371 3.03 28.24 21.70
N TYR A 372 3.35 29.10 22.69
CA TYR A 372 4.65 29.15 23.32
C TYR A 372 4.84 27.98 24.26
N PHE A 373 3.74 27.42 24.82
CA PHE A 373 3.79 26.24 25.67
C PHE A 373 4.21 25.05 24.84
N ALA A 374 3.60 24.93 23.64
CA ALA A 374 3.85 23.93 22.63
C ALA A 374 5.28 23.97 22.12
N LEU A 375 5.83 25.20 21.94
CA LEU A 375 7.21 25.45 21.57
C LEU A 375 8.17 24.84 22.56
N GLY A 376 7.84 24.96 23.87
CA GLY A 376 8.59 24.44 24.99
C GLY A 376 8.67 22.93 24.94
N VAL A 377 7.51 22.28 24.71
CA VAL A 377 7.36 20.84 24.55
C VAL A 377 8.24 20.34 23.42
N THR A 378 8.27 21.11 22.30
CA THR A 378 9.02 20.81 21.10
C THR A 378 10.51 20.85 21.35
N LEU A 379 11.03 21.95 21.93
CA LEU A 379 12.43 22.11 22.31
C LEU A 379 12.90 21.03 23.25
N TYR A 380 12.03 20.62 24.21
CA TYR A 380 12.33 19.64 25.22
C TYR A 380 12.61 18.31 24.54
N GLU A 381 11.80 17.98 23.53
CA GLU A 381 11.96 16.80 22.73
C GLU A 381 13.21 16.83 21.89
N MET A 382 13.64 18.03 21.38
CA MET A 382 14.87 18.15 20.60
C MET A 382 16.12 17.77 21.35
N ILE A 383 16.18 18.13 22.65
CA ILE A 383 17.38 18.00 23.44
C ILE A 383 17.39 16.70 24.18
N ALA A 384 16.23 16.26 24.73
CA ALA A 384 16.20 15.12 25.64
C ALA A 384 15.78 13.86 24.94
N ALA A 385 15.27 13.96 23.70
CA ALA A 385 14.76 12.86 22.90
C ALA A 385 13.65 12.12 23.62
N ARG A 386 12.80 12.88 24.32
CA ARG A 386 11.65 12.31 24.98
C ARG A 386 10.75 13.47 25.25
N GLY A 387 9.44 13.17 25.41
CA GLY A 387 8.43 14.16 25.66
C GLY A 387 8.57 14.68 27.07
N PRO A 388 7.99 15.81 27.41
CA PRO A 388 7.95 16.28 28.78
C PRO A 388 6.94 15.47 29.56
N PHE A 389 5.71 15.30 29.03
CA PHE A 389 4.61 14.67 29.71
C PHE A 389 4.36 13.36 29.07
N ARG A 390 5.10 13.06 27.97
CA ARG A 390 5.07 11.79 27.29
C ARG A 390 6.48 11.30 27.23
N ALA A 391 7.23 11.52 28.34
CA ALA A 391 8.57 11.05 28.60
C ALA A 391 8.62 9.55 28.56
N ARG A 392 9.78 8.98 28.17
CA ARG A 392 9.95 7.57 27.91
C ARG A 392 9.59 6.72 29.11
N GLY A 393 8.76 5.68 28.88
CA GLY A 393 8.26 4.81 29.92
C GLY A 393 6.85 5.19 30.29
N GLU A 394 6.18 6.03 29.45
CA GLU A 394 4.81 6.43 29.65
C GLU A 394 4.05 5.98 28.44
N LYS A 395 2.77 5.58 28.66
CA LYS A 395 1.88 5.15 27.61
C LYS A 395 0.50 5.21 28.25
N VAL A 396 0.36 5.96 29.37
CA VAL A 396 -0.85 6.20 30.10
C VAL A 396 -1.92 6.86 29.27
N GLU A 397 -3.20 6.53 29.61
CA GLU A 397 -4.42 7.07 29.05
C GLU A 397 -4.50 8.58 29.14
N ASN A 398 -5.43 9.18 28.36
CA ASN A 398 -5.59 10.60 28.14
C ASN A 398 -5.84 11.37 29.41
N LYS A 399 -6.70 10.84 30.32
CA LYS A 399 -7.05 11.50 31.57
C LYS A 399 -5.85 11.75 32.47
N GLU A 400 -4.94 10.74 32.59
CA GLU A 400 -3.74 10.85 33.37
C GLU A 400 -2.74 11.77 32.74
N LEU A 401 -2.63 11.75 31.39
CA LEU A 401 -1.77 12.58 30.59
C LEU A 401 -2.13 14.05 30.75
N LYS A 402 -3.46 14.34 30.82
CA LYS A 402 -4.00 15.64 31.13
C LYS A 402 -3.58 16.11 32.48
N GLN A 403 -3.53 15.21 33.50
CA GLN A 403 -3.09 15.53 34.83
C GLN A 403 -1.63 15.88 34.85
N ARG A 404 -0.79 15.17 34.06
CA ARG A 404 0.64 15.45 33.93
C ARG A 404 0.86 16.86 33.41
N VAL A 405 0.15 17.25 32.33
CA VAL A 405 0.27 18.55 31.69
C VAL A 405 -0.07 19.69 32.65
N LEU A 406 -1.12 19.49 33.48
CA LEU A 406 -1.66 20.48 34.37
C LEU A 406 -0.84 20.72 35.62
N GLU A 407 -0.12 19.71 36.15
CA GLU A 407 0.40 19.77 37.50
C GLU A 407 1.90 19.75 37.55
N GLN A 408 2.54 19.03 36.61
CA GLN A 408 3.94 18.72 36.71
C GLN A 408 4.77 19.77 36.02
N ALA A 409 5.91 20.12 36.66
CA ALA A 409 6.96 20.91 36.07
C ALA A 409 8.05 19.89 35.98
N VAL A 410 8.33 19.47 34.73
CA VAL A 410 9.19 18.36 34.38
C VAL A 410 10.62 18.60 34.79
N THR A 411 11.30 17.54 35.28
CA THR A 411 12.69 17.54 35.67
C THR A 411 13.55 17.83 34.47
N TYR A 412 14.61 18.66 34.65
CA TYR A 412 15.46 19.10 33.57
C TYR A 412 16.76 18.40 33.83
N PRO A 413 17.32 17.63 32.89
CA PRO A 413 18.61 17.00 33.09
C PRO A 413 19.66 18.00 32.70
N ASP A 414 20.94 17.69 33.02
CA ASP A 414 22.03 18.64 32.91
C ASP A 414 22.67 18.58 31.55
N LYS A 415 22.06 17.81 30.60
CA LYS A 415 22.44 17.81 29.20
C LYS A 415 22.21 19.17 28.61
N PHE A 416 21.07 19.78 29.01
CA PHE A 416 20.62 21.11 28.70
C PHE A 416 21.63 22.15 29.14
N SER A 417 21.78 23.20 28.30
CA SER A 417 22.47 24.43 28.62
C SER A 417 21.66 25.17 29.67
N PRO A 418 22.20 26.11 30.44
CA PRO A 418 21.45 26.91 31.40
C PRO A 418 20.35 27.69 30.72
N ALA A 419 20.60 28.25 29.52
CA ALA A 419 19.63 28.99 28.76
C ALA A 419 18.42 28.15 28.37
N SER A 420 18.63 26.89 27.93
CA SER A 420 17.56 25.99 27.56
C SER A 420 16.76 25.51 28.75
N LYS A 421 17.43 25.25 29.91
CA LYS A 421 16.79 24.89 31.17
C LYS A 421 15.82 25.96 31.58
N ASP A 422 16.30 27.23 31.61
CA ASP A 422 15.61 28.42 32.01
C ASP A 422 14.38 28.66 31.14
N PHE A 423 14.55 28.45 29.81
CA PHE A 423 13.50 28.59 28.82
C PHE A 423 12.37 27.63 29.08
N CYS A 424 12.70 26.34 29.36
CA CYS A 424 11.75 25.31 29.70
C CYS A 424 11.01 25.58 31.00
N GLU A 425 11.74 26.02 32.05
CA GLU A 425 11.21 26.39 33.35
C GLU A 425 10.15 27.45 33.29
N ALA A 426 10.39 28.51 32.46
CA ALA A 426 9.49 29.62 32.27
C ALA A 426 8.16 29.23 31.67
N LEU A 427 8.20 28.24 30.74
CA LEU A 427 7.06 27.79 29.99
C LEU A 427 6.23 26.80 30.76
N LEU A 428 6.86 26.03 31.67
CA LEU A 428 6.18 24.99 32.42
C LEU A 428 5.70 25.56 33.73
N GLN A 429 5.85 26.90 33.91
CA GLN A 429 5.13 27.64 34.90
C GLN A 429 3.74 27.85 34.35
N LYS A 430 2.72 27.43 35.13
CA LYS A 430 1.34 27.49 34.75
C LYS A 430 0.83 28.83 35.17
N ASP A 431 0.84 29.78 34.22
CA ASP A 431 0.37 31.13 34.37
C ASP A 431 0.83 31.76 33.07
N PRO A 432 -0.03 32.28 32.19
CA PRO A 432 0.37 32.82 30.90
C PRO A 432 1.26 34.04 31.01
N GLU A 433 1.03 34.89 32.05
CA GLU A 433 1.81 36.08 32.32
C GLU A 433 3.26 35.76 32.58
N LYS A 434 3.53 34.58 33.19
CA LYS A 434 4.85 34.12 33.54
C LYS A 434 5.33 33.12 32.53
N ARG A 435 4.52 32.87 31.48
CA ARG A 435 4.84 31.94 30.44
C ARG A 435 5.55 32.78 29.43
N LEU A 436 6.82 32.41 29.15
CA LEU A 436 7.72 33.10 28.26
C LEU A 436 7.14 33.30 26.89
N GLY A 437 7.40 34.50 26.33
CA GLY A 437 6.87 34.94 25.06
C GLY A 437 5.75 35.88 25.37
N PHE A 438 4.70 35.37 26.04
CA PHE A 438 3.50 36.12 26.32
C PHE A 438 3.76 37.04 27.48
N ARG A 439 3.68 38.36 27.21
CA ARG A 439 3.81 39.39 28.20
C ARG A 439 2.46 40.03 28.23
N ASP A 440 1.89 40.26 27.02
CA ASP A 440 0.49 40.58 26.89
C ASP A 440 0.13 40.33 25.43
N GLY A 441 1.15 40.20 24.54
CA GLY A 441 0.86 39.89 23.17
C GLY A 441 2.13 39.74 22.38
N SER A 442 3.29 40.13 22.98
CA SER A 442 4.57 40.14 22.31
C SER A 442 5.01 38.80 21.78
N CYS A 443 5.63 38.84 20.58
CA CYS A 443 6.34 37.72 20.01
C CYS A 443 7.81 38.07 19.99
N ASP A 444 8.15 39.31 20.41
CA ASP A 444 9.51 39.80 20.41
C ASP A 444 10.03 39.74 21.82
N GLY A 445 9.14 39.41 22.78
CA GLY A 445 9.50 39.20 24.17
C GLY A 445 10.11 37.85 24.32
N LEU A 446 9.64 36.87 23.49
CA LEU A 446 10.17 35.53 23.42
C LEU A 446 11.63 35.53 23.04
N ARG A 447 11.98 36.35 22.02
CA ARG A 447 13.29 36.55 21.47
C ARG A 447 14.31 37.15 22.40
N THR A 448 13.88 37.65 23.58
CA THR A 448 14.75 38.36 24.50
C THR A 448 15.41 37.37 25.44
N HIS A 449 14.94 36.10 25.45
CA HIS A 449 15.46 35.07 26.32
C HIS A 449 16.90 34.74 25.97
N PRO A 450 17.79 34.36 26.91
CA PRO A 450 19.20 34.09 26.64
C PRO A 450 19.44 33.01 25.62
N LEU A 451 18.48 32.08 25.40
CA LEU A 451 18.48 31.06 24.39
C LEU A 451 18.80 31.56 22.98
N PHE A 452 18.36 32.80 22.68
CA PHE A 452 18.40 33.44 21.39
C PHE A 452 19.57 34.37 21.26
N ARG A 453 20.61 34.16 22.09
CA ARG A 453 21.83 34.93 22.16
C ARG A 453 22.57 35.02 20.84
N ASP A 454 22.59 33.92 20.06
CA ASP A 454 23.34 33.81 18.84
C ASP A 454 22.41 33.93 17.64
N ILE A 455 21.19 34.46 17.86
CA ILE A 455 20.18 34.58 16.84
C ILE A 455 19.98 36.05 16.56
N SER A 456 20.02 36.41 15.25
CA SER A 456 19.73 37.73 14.75
C SER A 456 18.31 37.72 14.26
N TRP A 457 17.54 38.77 14.62
CA TRP A 457 16.12 38.88 14.36
C TRP A 457 15.81 39.08 12.91
N ARG A 458 16.66 39.87 12.21
CA ARG A 458 16.50 40.19 10.81
C ARG A 458 16.63 38.97 9.94
N GLN A 459 17.59 38.09 10.29
CA GLN A 459 17.88 36.86 9.60
C GLN A 459 16.84 35.82 9.92
N LEU A 460 16.34 35.82 11.18
CA LEU A 460 15.27 34.95 11.63
C LEU A 460 14.01 35.15 10.83
N GLU A 461 13.57 36.42 10.68
CA GLU A 461 12.39 36.80 9.91
C GLU A 461 12.52 36.56 8.43
N ALA A 462 13.77 36.53 7.91
CA ALA A 462 14.05 36.38 6.50
C ALA A 462 14.37 34.94 6.17
N GLY A 463 14.38 34.05 7.20
CA GLY A 463 14.56 32.62 7.06
C GLY A 463 15.91 32.23 6.52
N MET A 464 16.97 33.02 6.82
CA MET A 464 18.27 32.84 6.22
C MET A 464 19.18 32.07 7.14
N LEU A 465 18.68 31.70 8.34
CA LEU A 465 19.44 30.93 9.29
C LEU A 465 19.16 29.50 8.92
N THR A 466 20.25 28.72 8.70
CA THR A 466 20.14 27.37 8.19
C THR A 466 20.67 26.45 9.27
N PRO A 467 19.83 25.64 9.93
CA PRO A 467 20.24 24.69 10.96
C PRO A 467 21.23 23.65 10.46
N PRO A 468 22.04 22.99 11.30
CA PRO A 468 22.94 21.91 10.93
C PRO A 468 22.25 20.79 10.17
N PHE A 469 22.98 20.14 9.23
CA PHE A 469 22.55 19.06 8.38
C PHE A 469 21.79 19.64 7.20
N VAL A 470 21.98 19.03 6.01
CA VAL A 470 21.32 19.43 4.80
C VAL A 470 21.00 18.11 4.11
N PRO A 471 19.81 17.91 3.55
CA PRO A 471 19.41 16.66 2.89
C PRO A 471 20.31 16.17 1.78
N ASP A 472 20.25 14.84 1.54
CA ASP A 472 20.89 14.16 0.42
C ASP A 472 19.73 13.57 -0.34
N SER A 473 19.88 13.48 -1.69
CA SER A 473 18.84 13.02 -2.57
C SER A 473 18.94 11.54 -2.82
N ARG A 474 19.98 10.88 -2.25
CA ARG A 474 20.17 9.45 -2.36
C ARG A 474 19.86 8.84 -1.02
N THR A 475 19.33 9.68 -0.08
CA THR A 475 18.94 9.28 1.24
C THR A 475 17.46 9.54 1.29
N VAL A 476 16.70 8.50 1.74
CA VAL A 476 15.26 8.52 1.81
C VAL A 476 14.84 8.97 3.19
N TYR A 477 13.58 9.45 3.32
CA TYR A 477 13.06 9.98 4.55
C TYR A 477 11.67 9.44 4.69
N ALA A 478 11.13 9.51 5.94
CA ALA A 478 9.78 9.17 6.33
C ALA A 478 9.41 7.72 6.12
N LYS A 479 8.12 7.41 6.41
CA LYS A 479 7.49 6.11 6.34
C LYS A 479 7.50 5.52 4.95
N ASN A 480 7.60 4.17 4.87
CA ASN A 480 7.58 3.40 3.65
C ASN A 480 6.16 3.28 3.14
N ILE A 481 5.83 2.14 2.51
CA ILE A 481 4.59 1.93 1.77
C ILE A 481 3.63 1.21 2.67
N GLN A 482 4.04 0.91 3.92
CA GLN A 482 3.19 0.21 4.83
C GLN A 482 3.58 0.43 6.26
N ASP A 483 4.60 1.29 6.51
CA ASP A 483 5.00 1.67 7.87
C ASP A 483 4.02 2.71 8.37
N VAL A 484 3.28 3.32 7.43
CA VAL A 484 2.20 4.26 7.55
C VAL A 484 1.15 3.97 8.61
N GLY A 485 0.36 5.01 8.95
CA GLY A 485 -0.72 4.99 9.92
C GLY A 485 -1.80 4.03 9.53
N ALA A 486 -2.65 3.64 10.51
CA ALA A 486 -3.68 2.66 10.29
C ALA A 486 -5.03 3.25 10.56
N PHE A 487 -5.87 3.26 9.50
CA PHE A 487 -7.25 3.65 9.59
C PHE A 487 -7.83 3.06 8.34
N SER A 488 -9.17 2.88 8.31
CA SER A 488 -9.86 2.15 7.29
C SER A 488 -10.96 3.00 6.77
N THR A 489 -11.37 2.67 5.52
CA THR A 489 -12.62 3.01 4.87
C THR A 489 -13.83 2.63 5.71
N VAL A 490 -15.05 2.96 5.21
CA VAL A 490 -16.26 3.14 5.97
C VAL A 490 -16.69 1.92 6.72
N LYS A 491 -17.41 2.12 7.85
CA LYS A 491 -17.86 1.07 8.73
C LYS A 491 -19.28 0.70 8.38
N GLY A 492 -19.76 1.10 7.17
CA GLY A 492 -21.06 0.75 6.66
C GLY A 492 -21.74 2.01 6.19
N VAL A 493 -20.98 3.13 6.17
CA VAL A 493 -21.53 4.46 6.12
C VAL A 493 -21.53 4.88 4.67
N ALA A 494 -22.66 5.49 4.23
CA ALA A 494 -22.91 5.79 2.85
C ALA A 494 -23.06 7.26 2.76
N PHE A 495 -22.51 7.86 1.66
CA PHE A 495 -22.41 9.29 1.46
C PHE A 495 -23.75 9.97 1.40
N GLU A 496 -23.78 11.20 1.95
CA GLU A 496 -24.90 12.11 1.89
C GLU A 496 -24.52 13.19 0.93
N LYS A 497 -25.54 13.89 0.37
CA LYS A 497 -25.41 15.05 -0.49
C LYS A 497 -24.56 16.14 0.13
N ALA A 498 -24.76 16.40 1.45
CA ALA A 498 -24.06 17.37 2.26
C ALA A 498 -22.56 17.21 2.25
N ASP A 499 -22.11 15.94 2.35
CA ASP A 499 -20.71 15.54 2.35
C ASP A 499 -20.06 15.95 1.05
N THR A 500 -20.72 15.60 -0.07
CA THR A 500 -20.36 15.92 -1.44
C THR A 500 -20.23 17.40 -1.66
N GLU A 501 -21.15 18.21 -1.05
CA GLU A 501 -21.17 19.64 -1.17
C GLU A 501 -20.00 20.28 -0.47
N PHE A 502 -19.56 19.75 0.70
CA PHE A 502 -18.35 20.20 1.36
C PHE A 502 -17.12 19.92 0.52
N PHE A 503 -17.07 18.72 -0.10
CA PHE A 503 -15.94 18.27 -0.90
C PHE A 503 -15.73 19.13 -2.12
N GLN A 504 -16.83 19.48 -2.83
CA GLN A 504 -16.85 20.39 -3.95
C GLN A 504 -16.41 21.79 -3.59
N GLU A 505 -16.87 22.28 -2.41
CA GLU A 505 -16.62 23.61 -1.89
C GLU A 505 -15.17 23.81 -1.56
N PHE A 506 -14.55 22.79 -0.92
CA PHE A 506 -13.13 22.73 -0.63
C PHE A 506 -12.28 22.92 -1.87
N ALA A 507 -12.61 22.18 -2.97
CA ALA A 507 -11.88 22.19 -4.22
C ALA A 507 -11.98 23.53 -4.90
N SER A 508 -10.90 23.96 -5.58
CA SER A 508 -10.81 25.28 -6.14
C SER A 508 -9.77 25.22 -7.22
N MET B 1 -5.21 -43.13 -33.93
CA MET B 1 -4.16 -42.40 -33.28
C MET B 1 -3.95 -43.04 -31.93
N ASN B 2 -3.57 -42.23 -30.91
CA ASN B 2 -3.18 -42.70 -29.60
C ASN B 2 -4.34 -42.62 -28.65
N GLY B 3 -5.55 -42.28 -29.17
CA GLY B 3 -6.76 -42.29 -28.41
C GLY B 3 -7.82 -42.97 -29.20
N THR B 4 -9.08 -42.58 -28.94
CA THR B 4 -10.21 -43.12 -29.64
C THR B 4 -11.14 -41.97 -29.81
N GLU B 5 -11.41 -41.58 -31.08
CA GLU B 5 -12.24 -40.47 -31.43
C GLU B 5 -13.68 -40.91 -31.49
N GLY B 6 -14.58 -39.94 -31.22
CA GLY B 6 -15.99 -40.15 -31.23
C GLY B 6 -16.59 -38.79 -31.43
N PRO B 7 -17.90 -38.72 -31.61
CA PRO B 7 -18.62 -37.47 -31.84
C PRO B 7 -18.86 -36.74 -30.55
N ASN B 8 -18.34 -37.22 -29.40
CA ASN B 8 -18.48 -36.52 -28.15
C ASN B 8 -17.46 -37.05 -27.18
N PHE B 9 -16.41 -37.76 -27.65
CA PHE B 9 -15.40 -38.24 -26.74
C PHE B 9 -14.09 -38.36 -27.45
N TYR B 10 -13.00 -38.20 -26.68
CA TYR B 10 -11.67 -38.49 -27.11
C TYR B 10 -10.99 -39.06 -25.91
N VAL B 11 -10.98 -40.40 -25.76
CA VAL B 11 -10.27 -41.07 -24.69
C VAL B 11 -8.80 -40.96 -25.02
N PRO B 12 -7.90 -40.37 -24.23
CA PRO B 12 -6.48 -40.23 -24.58
C PRO B 12 -5.74 -41.55 -24.41
N PHE B 13 -6.48 -42.67 -24.25
CA PHE B 13 -6.00 -44.01 -24.17
C PHE B 13 -6.58 -44.68 -25.39
N SER B 14 -5.72 -45.35 -26.18
CA SER B 14 -6.06 -46.02 -27.42
C SER B 14 -6.96 -47.20 -27.15
N ASN B 15 -7.84 -47.56 -28.12
CA ASN B 15 -8.74 -48.68 -28.00
C ASN B 15 -7.92 -49.92 -28.24
N LYS B 16 -7.88 -50.81 -27.21
CA LYS B 16 -7.07 -52.00 -27.25
C LYS B 16 -7.46 -52.87 -26.09
N THR B 17 -8.38 -52.38 -25.23
CA THR B 17 -8.94 -53.15 -24.14
C THR B 17 -10.36 -53.52 -24.52
N GLY B 18 -10.87 -52.94 -25.64
CA GLY B 18 -12.14 -53.30 -26.24
C GLY B 18 -13.30 -52.78 -25.48
N VAL B 19 -13.09 -51.73 -24.65
CA VAL B 19 -14.10 -51.14 -23.80
C VAL B 19 -13.85 -49.65 -23.78
N VAL B 20 -13.05 -49.15 -24.75
CA VAL B 20 -12.69 -47.76 -24.85
C VAL B 20 -13.77 -47.11 -25.69
N ARG B 21 -14.79 -46.56 -25.00
CA ARG B 21 -15.91 -45.89 -25.58
C ARG B 21 -15.96 -44.57 -24.89
N SER B 22 -17.10 -43.84 -24.97
CA SER B 22 -17.34 -42.59 -24.30
C SER B 22 -17.19 -42.72 -22.79
N PRO B 23 -16.27 -42.00 -22.13
CA PRO B 23 -16.14 -42.04 -20.69
C PRO B 23 -17.00 -40.97 -20.07
N PHE B 24 -17.97 -41.36 -19.22
CA PHE B 24 -18.70 -40.46 -18.39
C PHE B 24 -18.97 -41.26 -17.17
N GLU B 25 -20.09 -42.01 -17.16
CA GLU B 25 -20.54 -42.78 -16.03
C GLU B 25 -19.99 -44.17 -16.15
N ALA B 26 -19.25 -44.44 -17.26
CA ALA B 26 -18.60 -45.70 -17.54
C ALA B 26 -17.47 -45.87 -16.54
N PRO B 27 -17.20 -47.06 -16.01
CA PRO B 27 -16.15 -47.28 -15.04
C PRO B 27 -14.80 -47.09 -15.71
N GLN B 28 -13.89 -46.34 -15.06
CA GLN B 28 -12.62 -46.00 -15.62
C GLN B 28 -11.63 -46.72 -14.76
N TYR B 29 -11.06 -47.79 -15.33
CA TYR B 29 -10.23 -48.75 -14.65
C TYR B 29 -9.58 -49.59 -15.73
N TYR B 30 -9.90 -49.29 -17.01
CA TYR B 30 -9.34 -49.96 -18.16
C TYR B 30 -8.17 -49.16 -18.68
N LEU B 31 -7.73 -48.15 -17.91
CA LEU B 31 -6.65 -47.30 -18.30
C LEU B 31 -6.00 -46.70 -17.09
N ALA B 32 -6.43 -47.12 -15.87
CA ALA B 32 -5.80 -46.67 -14.65
C ALA B 32 -6.07 -47.72 -13.63
N GLU B 33 -5.21 -47.79 -12.60
CA GLU B 33 -5.30 -48.77 -11.54
C GLU B 33 -6.07 -48.18 -10.39
N PRO B 34 -6.71 -48.98 -9.52
CA PRO B 34 -7.39 -48.52 -8.32
C PRO B 34 -6.52 -47.74 -7.36
N TRP B 35 -5.21 -48.07 -7.28
CA TRP B 35 -4.29 -47.46 -6.34
C TRP B 35 -4.04 -46.03 -6.74
N GLN B 36 -3.91 -45.78 -8.06
CA GLN B 36 -3.75 -44.46 -8.64
C GLN B 36 -4.90 -43.53 -8.35
N PHE B 37 -6.15 -44.07 -8.29
CA PHE B 37 -7.32 -43.32 -7.88
C PHE B 37 -7.32 -42.93 -6.43
N SER B 38 -6.82 -43.82 -5.54
CA SER B 38 -6.69 -43.54 -4.12
C SER B 38 -5.68 -42.42 -3.89
N MET B 39 -4.55 -42.47 -4.61
CA MET B 39 -3.52 -41.46 -4.61
C MET B 39 -3.99 -40.14 -5.16
N LEU B 40 -4.84 -40.16 -6.21
CA LEU B 40 -5.49 -39.01 -6.80
C LEU B 40 -6.36 -38.32 -5.77
N ALA B 41 -7.19 -39.11 -5.05
CA ALA B 41 -8.08 -38.60 -4.03
C ALA B 41 -7.33 -38.00 -2.87
N ALA B 42 -6.24 -38.66 -2.42
CA ALA B 42 -5.35 -38.16 -1.39
C ALA B 42 -4.73 -36.81 -1.73
N TYR B 43 -4.20 -36.71 -2.98
CA TYR B 43 -3.56 -35.53 -3.50
C TYR B 43 -4.49 -34.35 -3.61
N MET B 44 -5.72 -34.57 -4.12
CA MET B 44 -6.74 -33.53 -4.24
C MET B 44 -7.25 -33.04 -2.93
N PHE B 45 -7.30 -33.93 -1.92
CA PHE B 45 -7.70 -33.63 -0.57
C PHE B 45 -6.71 -32.66 0.06
N LEU B 46 -5.40 -32.97 -0.08
CA LEU B 46 -4.28 -32.12 0.27
C LEU B 46 -4.42 -30.71 -0.28
N LEU B 47 -4.62 -30.56 -1.61
CA LEU B 47 -4.74 -29.26 -2.27
C LEU B 47 -5.87 -28.39 -1.73
N ILE B 48 -6.97 -28.99 -1.24
CA ILE B 48 -8.09 -28.30 -0.62
C ILE B 48 -7.64 -27.83 0.75
N MET B 49 -7.06 -28.76 1.55
CA MET B 49 -6.58 -28.55 2.90
C MET B 49 -5.59 -27.41 3.02
N LEU B 50 -4.71 -27.21 2.01
CA LEU B 50 -3.78 -26.11 2.01
C LEU B 50 -4.40 -24.88 1.39
N GLY B 51 -5.02 -25.02 0.19
CA GLY B 51 -5.51 -23.92 -0.61
C GLY B 51 -6.55 -23.05 0.05
N PHE B 52 -7.55 -23.68 0.72
CA PHE B 52 -8.64 -22.97 1.36
C PHE B 52 -8.20 -22.12 2.54
N PRO B 53 -7.39 -22.56 3.50
CA PRO B 53 -6.90 -21.74 4.59
C PRO B 53 -6.10 -20.55 4.13
N ILE B 54 -5.11 -20.74 3.23
CA ILE B 54 -4.25 -19.70 2.70
C ILE B 54 -5.03 -18.55 2.09
N ASN B 55 -6.08 -18.85 1.29
CA ASN B 55 -6.86 -17.85 0.60
C ASN B 55 -7.86 -17.21 1.52
N PHE B 56 -8.37 -17.99 2.51
CA PHE B 56 -9.29 -17.50 3.52
C PHE B 56 -8.62 -16.46 4.37
N LEU B 57 -7.37 -16.72 4.82
CA LEU B 57 -6.53 -15.82 5.57
C LEU B 57 -6.34 -14.48 4.91
N THR B 58 -6.16 -14.45 3.56
CA THR B 58 -5.95 -13.24 2.79
C THR B 58 -7.11 -12.28 2.93
N LEU B 59 -8.35 -12.81 2.86
CA LEU B 59 -9.57 -12.05 3.05
C LEU B 59 -9.78 -11.65 4.49
N TYR B 60 -9.50 -12.61 5.42
CA TYR B 60 -9.81 -12.58 6.83
C TYR B 60 -9.06 -11.51 7.58
N VAL B 61 -7.72 -11.47 7.36
CA VAL B 61 -6.79 -10.58 8.00
C VAL B 61 -7.08 -9.12 7.73
N THR B 62 -7.65 -8.80 6.54
CA THR B 62 -7.94 -7.45 6.11
C THR B 62 -9.08 -6.83 6.89
N VAL B 63 -10.07 -7.64 7.31
CA VAL B 63 -11.22 -7.20 8.06
C VAL B 63 -10.86 -6.77 9.47
N GLN B 64 -9.74 -7.29 10.02
CA GLN B 64 -9.35 -7.04 11.39
C GLN B 64 -8.12 -6.19 11.49
N HIS B 65 -7.60 -5.67 10.36
CA HIS B 65 -6.51 -4.73 10.38
C HIS B 65 -6.87 -3.60 9.47
N LYS B 66 -7.12 -2.44 10.11
CA LYS B 66 -7.42 -1.14 9.53
C LYS B 66 -6.64 -0.75 8.31
N LYS B 67 -5.28 -0.77 8.41
CA LYS B 67 -4.37 -0.32 7.37
C LYS B 67 -4.48 -1.14 6.09
N LEU B 68 -5.01 -2.38 6.17
CA LEU B 68 -5.18 -3.26 5.04
C LEU B 68 -6.39 -2.89 4.22
N ARG B 69 -7.36 -2.18 4.81
CA ARG B 69 -8.56 -1.77 4.12
C ARG B 69 -8.27 -0.47 3.42
N THR B 70 -7.69 -0.61 2.20
CA THR B 70 -7.25 0.45 1.34
C THR B 70 -7.46 -0.09 -0.07
N PRO B 71 -7.68 0.75 -1.08
CA PRO B 71 -7.90 0.36 -2.47
C PRO B 71 -6.91 -0.59 -3.11
N LEU B 72 -5.59 -0.44 -2.82
CA LEU B 72 -4.52 -1.13 -3.50
C LEU B 72 -4.42 -2.62 -3.15
N ASN B 73 -5.18 -3.09 -2.14
CA ASN B 73 -5.17 -4.46 -1.70
C ASN B 73 -6.30 -5.24 -2.31
N TYR B 74 -7.34 -4.56 -2.84
CA TYR B 74 -8.52 -5.14 -3.47
C TYR B 74 -8.20 -6.25 -4.45
N ILE B 75 -7.22 -6.01 -5.35
CA ILE B 75 -6.77 -6.92 -6.37
C ILE B 75 -6.16 -8.18 -5.77
N LEU B 76 -5.49 -8.07 -4.60
CA LEU B 76 -4.89 -9.16 -3.87
C LEU B 76 -5.94 -10.06 -3.29
N LEU B 77 -7.03 -9.46 -2.76
CA LEU B 77 -8.20 -10.17 -2.29
C LEU B 77 -8.84 -10.93 -3.43
N ASN B 78 -8.92 -10.29 -4.62
CA ASN B 78 -9.43 -10.87 -5.85
C ASN B 78 -8.67 -12.10 -6.25
N LEU B 79 -7.31 -12.04 -6.23
CA LEU B 79 -6.42 -13.14 -6.47
C LEU B 79 -6.73 -14.35 -5.60
N ALA B 80 -6.98 -14.10 -4.29
CA ALA B 80 -7.32 -15.14 -3.34
C ALA B 80 -8.64 -15.81 -3.68
N VAL B 81 -9.64 -15.01 -4.12
CA VAL B 81 -10.93 -15.46 -4.59
C VAL B 81 -10.83 -16.32 -5.83
N ALA B 82 -10.02 -15.91 -6.83
CA ALA B 82 -9.71 -16.65 -8.04
C ALA B 82 -9.23 -18.05 -7.75
N ASP B 83 -8.26 -18.15 -6.80
CA ASP B 83 -7.69 -19.37 -6.30
C ASP B 83 -8.74 -20.27 -5.69
N LEU B 84 -9.73 -19.68 -4.97
CA LEU B 84 -10.82 -20.39 -4.31
C LEU B 84 -11.78 -20.98 -5.32
N PHE B 85 -11.98 -20.30 -6.48
CA PHE B 85 -12.67 -20.86 -7.63
C PHE B 85 -12.06 -22.17 -8.07
N MET B 86 -10.71 -22.24 -8.16
CA MET B 86 -10.02 -23.48 -8.47
C MET B 86 -10.27 -24.59 -7.46
N VAL B 87 -10.48 -24.23 -6.16
CA VAL B 87 -10.66 -25.19 -5.08
C VAL B 87 -12.01 -25.83 -5.21
N PHE B 88 -13.07 -25.02 -5.44
CA PHE B 88 -14.43 -25.47 -5.36
C PHE B 88 -14.96 -25.92 -6.70
N GLY B 89 -14.41 -25.38 -7.81
CA GLY B 89 -14.75 -25.78 -9.15
C GLY B 89 -14.04 -27.03 -9.53
N GLY B 90 -12.72 -27.09 -9.22
CA GLY B 90 -11.86 -28.18 -9.65
C GLY B 90 -11.68 -29.23 -8.59
N PHE B 91 -10.99 -28.85 -7.47
CA PHE B 91 -10.44 -29.80 -6.53
C PHE B 91 -11.44 -30.71 -5.86
N THR B 92 -12.56 -30.12 -5.35
CA THR B 92 -13.59 -30.79 -4.59
C THR B 92 -14.33 -31.82 -5.40
N THR B 93 -14.79 -31.43 -6.60
CA THR B 93 -15.37 -32.30 -7.61
C THR B 93 -14.50 -33.50 -7.92
N THR B 94 -13.19 -33.25 -8.21
CA THR B 94 -12.24 -34.29 -8.56
C THR B 94 -12.01 -35.25 -7.42
N LEU B 95 -12.01 -34.76 -6.16
CA LEU B 95 -11.93 -35.56 -4.96
C LEU B 95 -13.09 -36.51 -4.82
N TYR B 96 -14.33 -36.02 -5.05
CA TYR B 96 -15.54 -36.79 -4.99
C TYR B 96 -15.53 -37.93 -5.99
N THR B 97 -15.28 -37.60 -7.27
CA THR B 97 -15.27 -38.51 -8.40
C THR B 97 -14.22 -39.59 -8.31
N SER B 98 -12.97 -39.22 -7.90
CA SER B 98 -11.83 -40.10 -7.74
C SER B 98 -12.07 -41.30 -6.85
N LEU B 99 -12.91 -41.12 -5.79
CA LEU B 99 -13.18 -42.17 -4.82
C LEU B 99 -14.16 -43.19 -5.36
N HIS B 100 -14.94 -42.85 -6.42
CA HIS B 100 -15.70 -43.82 -7.19
C HIS B 100 -14.82 -44.43 -8.25
N GLY B 101 -13.76 -43.69 -8.66
CA GLY B 101 -12.80 -44.10 -9.65
C GLY B 101 -13.27 -43.77 -11.03
N TYR B 102 -14.34 -42.97 -11.16
CA TYR B 102 -14.84 -42.51 -12.42
C TYR B 102 -15.71 -41.33 -12.15
N PHE B 103 -16.10 -40.61 -13.22
CA PHE B 103 -16.79 -39.34 -13.15
C PHE B 103 -18.26 -39.66 -12.94
N VAL B 104 -18.87 -39.15 -11.85
CA VAL B 104 -20.20 -39.56 -11.44
C VAL B 104 -21.21 -38.46 -11.57
N PHE B 105 -20.83 -37.28 -12.16
CA PHE B 105 -21.78 -36.19 -12.30
C PHE B 105 -22.41 -36.22 -13.68
N GLY B 106 -21.99 -37.18 -14.55
CA GLY B 106 -22.60 -37.43 -15.83
C GLY B 106 -22.21 -36.43 -16.89
N PRO B 107 -22.70 -36.57 -18.12
CA PRO B 107 -22.36 -35.72 -19.26
C PRO B 107 -22.59 -34.24 -19.05
N THR B 108 -23.72 -33.88 -18.38
CA THR B 108 -24.11 -32.52 -18.09
C THR B 108 -23.17 -31.95 -17.05
N GLY B 109 -22.87 -32.77 -16.02
CA GLY B 109 -21.92 -32.54 -14.97
C GLY B 109 -20.56 -32.24 -15.48
N CYS B 110 -20.09 -32.96 -16.51
CA CYS B 110 -18.81 -32.78 -17.16
C CYS B 110 -18.66 -31.38 -17.73
N ASN B 111 -19.74 -30.85 -18.36
CA ASN B 111 -19.74 -29.51 -18.92
C ASN B 111 -19.69 -28.46 -17.84
N LEU B 112 -20.50 -28.64 -16.76
CA LEU B 112 -20.52 -27.80 -15.59
C LEU B 112 -19.22 -27.71 -14.84
N GLU B 113 -18.72 -28.87 -14.37
CA GLU B 113 -17.51 -29.07 -13.60
C GLU B 113 -16.31 -28.55 -14.32
N GLY B 114 -16.24 -28.85 -15.64
CA GLY B 114 -15.16 -28.45 -16.51
C GLY B 114 -15.15 -26.97 -16.69
N PHE B 115 -16.34 -26.33 -16.69
CA PHE B 115 -16.50 -24.90 -16.83
C PHE B 115 -15.96 -24.21 -15.60
N PHE B 116 -16.34 -24.69 -14.39
CA PHE B 116 -15.96 -24.04 -13.14
C PHE B 116 -14.49 -24.16 -12.88
N ALA B 117 -13.89 -25.34 -13.20
CA ALA B 117 -12.48 -25.57 -13.07
C ALA B 117 -11.66 -24.70 -13.98
N THR B 118 -12.06 -24.63 -15.28
CA THR B 118 -11.40 -23.84 -16.30
C THR B 118 -11.48 -22.38 -15.99
N LEU B 119 -12.70 -21.89 -15.67
CA LEU B 119 -12.99 -20.52 -15.29
C LEU B 119 -12.09 -20.07 -14.17
N GLY B 120 -12.06 -20.86 -13.08
CA GLY B 120 -11.21 -20.69 -11.92
C GLY B 120 -9.77 -20.48 -12.26
N GLY B 121 -9.16 -21.48 -12.93
CA GLY B 121 -7.78 -21.51 -13.35
C GLY B 121 -7.39 -20.37 -14.26
N GLU B 122 -8.34 -19.89 -15.09
CA GLU B 122 -8.11 -18.85 -16.05
C GLU B 122 -8.14 -17.50 -15.40
N ILE B 123 -9.07 -17.25 -14.45
CA ILE B 123 -9.10 -16.04 -13.66
C ILE B 123 -7.81 -15.92 -12.88
N ALA B 124 -7.31 -17.05 -12.31
CA ALA B 124 -6.04 -17.15 -11.63
C ALA B 124 -4.89 -16.76 -12.52
N LEU B 125 -4.78 -17.37 -13.73
CA LEU B 125 -3.81 -17.07 -14.78
C LEU B 125 -3.70 -15.60 -15.06
N TRP B 126 -4.85 -14.97 -15.37
CA TRP B 126 -4.92 -13.59 -15.76
C TRP B 126 -4.67 -12.65 -14.62
N SER B 127 -4.92 -13.09 -13.35
CA SER B 127 -4.52 -12.36 -12.17
C SER B 127 -3.03 -12.20 -12.12
N LEU B 128 -2.25 -13.31 -12.27
CA LEU B 128 -0.81 -13.30 -12.33
C LEU B 128 -0.24 -12.35 -13.36
N VAL B 129 -0.95 -12.20 -14.51
CA VAL B 129 -0.59 -11.34 -15.61
C VAL B 129 -0.79 -9.91 -15.20
N VAL B 130 -2.02 -9.56 -14.76
CA VAL B 130 -2.41 -8.25 -14.29
C VAL B 130 -1.51 -7.75 -13.19
N LEU B 131 -1.15 -8.63 -12.22
CA LEU B 131 -0.24 -8.34 -11.14
C LEU B 131 1.13 -7.92 -11.58
N ALA B 132 1.69 -8.62 -12.58
CA ALA B 132 2.97 -8.31 -13.19
C ALA B 132 2.95 -6.96 -13.87
N ILE B 133 1.83 -6.68 -14.60
CA ILE B 133 1.57 -5.42 -15.27
C ILE B 133 1.58 -4.30 -14.26
N GLU B 134 0.76 -4.42 -13.18
CA GLU B 134 0.65 -3.45 -12.11
C GLU B 134 1.97 -3.13 -11.44
N ARG B 135 2.79 -4.17 -11.17
CA ARG B 135 4.11 -4.02 -10.59
C ARG B 135 5.04 -3.26 -11.49
N TYR B 136 5.00 -3.56 -12.82
CA TYR B 136 5.76 -2.88 -13.84
C TYR B 136 5.38 -1.42 -13.97
N VAL B 137 4.08 -1.11 -14.02
CA VAL B 137 3.55 0.23 -14.14
C VAL B 137 3.95 1.09 -12.98
N VAL B 138 3.70 0.60 -11.74
CA VAL B 138 3.95 1.33 -10.53
C VAL B 138 5.42 1.61 -10.29
N VAL B 139 6.30 0.61 -10.54
CA VAL B 139 7.67 0.71 -10.10
C VAL B 139 8.56 1.25 -11.20
N CYS B 140 8.46 0.68 -12.43
CA CYS B 140 9.27 1.08 -13.56
C CYS B 140 8.80 2.36 -14.19
N LYS B 141 7.51 2.74 -13.94
CA LYS B 141 6.91 3.99 -14.35
C LYS B 141 6.98 4.33 -15.82
N PRO B 142 6.40 3.55 -16.74
CA PRO B 142 6.46 3.79 -18.17
C PRO B 142 5.54 4.93 -18.53
N MET B 143 4.50 5.13 -17.70
CA MET B 143 3.43 6.08 -17.85
C MET B 143 2.50 5.60 -16.78
N SER B 144 2.10 6.52 -15.87
CA SER B 144 1.31 6.16 -14.72
C SER B 144 0.31 7.25 -14.50
N ASN B 145 0.44 8.00 -13.37
CA ASN B 145 -0.40 9.09 -12.94
C ASN B 145 -1.56 8.47 -12.21
N PHE B 146 -1.35 7.23 -11.70
CA PHE B 146 -2.32 6.45 -11.00
C PHE B 146 -1.75 6.22 -9.64
N ARG B 147 -2.63 6.22 -8.62
CA ARG B 147 -2.30 5.89 -7.26
C ARG B 147 -2.63 4.44 -7.06
N PHE B 148 -3.38 3.86 -8.03
CA PHE B 148 -3.88 2.51 -8.07
C PHE B 148 -5.07 2.47 -7.14
N GLY B 149 -5.94 3.50 -7.28
CA GLY B 149 -7.15 3.69 -6.51
C GLY B 149 -8.19 2.68 -6.91
N GLU B 150 -9.42 2.84 -6.34
CA GLU B 150 -10.54 1.93 -6.51
C GLU B 150 -10.86 1.58 -7.94
N ASN B 151 -10.90 2.58 -8.84
CA ASN B 151 -11.23 2.40 -10.24
C ASN B 151 -10.26 1.51 -10.97
N HIS B 152 -8.94 1.69 -10.75
CA HIS B 152 -7.90 0.90 -11.37
C HIS B 152 -7.93 -0.53 -10.94
N ALA B 153 -8.12 -0.78 -9.62
CA ALA B 153 -8.27 -2.09 -9.04
C ALA B 153 -9.39 -2.88 -9.67
N ILE B 154 -10.57 -2.22 -9.84
CA ILE B 154 -11.79 -2.76 -10.42
C ILE B 154 -11.58 -3.15 -11.86
N MET B 155 -10.91 -2.29 -12.66
CA MET B 155 -10.52 -2.56 -14.03
C MET B 155 -9.70 -3.82 -14.13
N GLY B 156 -8.67 -3.94 -13.24
CA GLY B 156 -7.83 -5.10 -13.08
C GLY B 156 -8.60 -6.38 -12.85
N VAL B 157 -9.60 -6.35 -11.94
CA VAL B 157 -10.46 -7.48 -11.63
C VAL B 157 -11.29 -7.88 -12.84
N ALA B 158 -11.96 -6.88 -13.47
CA ALA B 158 -12.81 -7.07 -14.62
C ALA B 158 -12.13 -7.73 -15.80
N PHE B 159 -10.89 -7.29 -16.12
CA PHE B 159 -10.08 -7.84 -17.19
C PHE B 159 -9.85 -9.33 -17.08
N THR B 160 -9.61 -9.85 -15.84
CA THR B 160 -9.30 -11.24 -15.60
C THR B 160 -10.51 -12.10 -15.88
N TRP B 161 -11.71 -11.64 -15.46
CA TRP B 161 -12.98 -12.27 -15.76
C TRP B 161 -13.24 -12.39 -17.22
N VAL B 162 -13.06 -11.29 -18.00
CA VAL B 162 -13.34 -11.26 -19.42
C VAL B 162 -12.48 -12.22 -20.21
N MET B 163 -11.15 -12.21 -19.95
CA MET B 163 -10.21 -13.12 -20.56
C MET B 163 -10.45 -14.57 -20.22
N ALA B 164 -10.92 -14.83 -18.97
CA ALA B 164 -11.16 -16.16 -18.48
C ALA B 164 -12.37 -16.79 -19.09
N LEU B 165 -13.48 -16.02 -19.16
CA LEU B 165 -14.71 -16.33 -19.84
C LEU B 165 -14.49 -16.60 -21.30
N ALA B 166 -13.59 -15.83 -21.95
CA ALA B 166 -13.17 -16.02 -23.32
C ALA B 166 -12.56 -17.38 -23.61
N CYS B 167 -12.22 -18.18 -22.57
CA CYS B 167 -11.60 -19.48 -22.71
C CYS B 167 -12.57 -20.51 -22.20
N ALA B 168 -13.17 -20.30 -21.01
CA ALA B 168 -14.04 -21.26 -20.39
C ALA B 168 -15.39 -21.40 -21.09
N ALA B 169 -15.91 -20.31 -21.70
CA ALA B 169 -17.21 -20.30 -22.35
C ALA B 169 -17.25 -20.99 -23.70
N PRO B 170 -16.32 -20.86 -24.67
CA PRO B 170 -16.35 -21.57 -25.95
C PRO B 170 -16.67 -23.06 -25.95
N PRO B 171 -16.16 -23.99 -25.14
CA PRO B 171 -16.53 -25.40 -25.22
C PRO B 171 -17.96 -25.68 -24.82
N LEU B 172 -18.71 -24.71 -24.23
CA LEU B 172 -20.10 -24.88 -23.88
C LEU B 172 -21.01 -24.57 -25.04
N VAL B 173 -20.50 -23.90 -26.11
CA VAL B 173 -21.31 -23.45 -27.22
C VAL B 173 -20.86 -24.17 -28.47
N GLY B 174 -20.08 -25.25 -28.31
CA GLY B 174 -19.82 -26.19 -29.38
C GLY B 174 -18.69 -25.72 -30.25
N TRP B 175 -17.75 -24.96 -29.66
CA TRP B 175 -16.55 -24.51 -30.34
C TRP B 175 -15.41 -25.41 -29.88
N SER B 176 -15.78 -26.52 -29.19
CA SER B 176 -14.96 -27.45 -28.47
C SER B 176 -15.97 -28.10 -27.56
N ARG B 177 -15.54 -29.10 -26.78
CA ARG B 177 -16.41 -29.84 -25.91
C ARG B 177 -15.66 -30.14 -24.66
N TYR B 178 -16.40 -30.40 -23.55
CA TYR B 178 -15.82 -30.91 -22.34
C TYR B 178 -15.93 -32.40 -22.41
N ILE B 179 -14.82 -33.07 -22.04
CA ILE B 179 -14.67 -34.50 -22.03
C ILE B 179 -13.66 -34.72 -20.94
N PRO B 180 -13.64 -35.85 -20.24
CA PRO B 180 -12.65 -36.13 -19.20
C PRO B 180 -11.19 -35.91 -19.57
N GLU B 181 -10.42 -35.32 -18.63
CA GLU B 181 -9.00 -35.13 -18.65
C GLU B 181 -8.52 -35.90 -17.45
N GLY B 182 -7.17 -35.99 -17.28
CA GLY B 182 -6.55 -36.60 -16.13
C GLY B 182 -6.81 -38.08 -16.14
N MET B 183 -7.15 -38.66 -14.96
CA MET B 183 -7.39 -40.08 -14.85
C MET B 183 -8.85 -40.36 -15.12
N GLN B 184 -9.56 -39.33 -15.66
CA GLN B 184 -10.88 -39.39 -16.23
C GLN B 184 -11.88 -39.10 -15.14
N CYS B 185 -11.42 -38.36 -14.09
CA CYS B 185 -12.20 -37.99 -12.93
C CYS B 185 -12.21 -36.49 -12.84
N SER B 186 -11.78 -35.81 -13.92
CA SER B 186 -11.87 -34.38 -14.05
C SER B 186 -12.27 -34.22 -15.47
N CYS B 187 -12.94 -33.10 -15.83
CA CYS B 187 -13.33 -32.84 -17.19
C CYS B 187 -12.54 -31.65 -17.62
N GLY B 188 -11.88 -31.77 -18.80
CA GLY B 188 -11.12 -30.70 -19.38
C GLY B 188 -11.62 -30.41 -20.75
N ILE B 189 -10.83 -29.58 -21.46
CA ILE B 189 -11.01 -29.17 -22.82
C ILE B 189 -10.46 -30.24 -23.72
N ASP B 190 -11.16 -30.53 -24.84
CA ASP B 190 -10.66 -31.43 -25.85
C ASP B 190 -9.75 -30.59 -26.71
N TYR B 191 -8.43 -30.85 -26.61
CA TYR B 191 -7.41 -30.08 -27.28
C TYR B 191 -6.49 -31.07 -27.95
N TYR B 192 -6.62 -32.34 -27.54
CA TYR B 192 -5.78 -33.45 -27.90
C TYR B 192 -5.82 -33.71 -29.37
N THR B 193 -7.03 -33.64 -29.96
CA THR B 193 -7.28 -33.90 -31.35
C THR B 193 -7.77 -32.60 -31.92
N PRO B 194 -7.36 -32.19 -33.12
CA PRO B 194 -7.92 -31.03 -33.80
C PRO B 194 -9.10 -31.53 -34.61
N HIS B 195 -10.16 -31.96 -33.89
CA HIS B 195 -11.33 -32.60 -34.46
C HIS B 195 -12.31 -31.54 -34.88
N GLU B 196 -12.52 -31.47 -36.22
CA GLU B 196 -13.24 -30.46 -36.94
C GLU B 196 -14.68 -30.33 -36.55
N GLU B 197 -15.37 -31.46 -36.29
CA GLU B 197 -16.80 -31.53 -36.01
C GLU B 197 -17.23 -30.72 -34.80
N THR B 198 -16.28 -30.36 -33.91
CA THR B 198 -16.56 -29.59 -32.73
C THR B 198 -15.76 -28.32 -32.78
N ASN B 199 -14.83 -28.19 -33.77
CA ASN B 199 -14.11 -26.97 -34.10
C ASN B 199 -12.92 -26.77 -33.20
N ASN B 200 -12.38 -27.90 -32.68
CA ASN B 200 -11.24 -27.96 -31.79
C ASN B 200 -10.01 -27.27 -32.30
N GLU B 201 -9.69 -27.45 -33.61
CA GLU B 201 -8.43 -27.01 -34.20
C GLU B 201 -8.16 -25.54 -34.04
N SER B 202 -9.14 -24.69 -34.42
CA SER B 202 -9.06 -23.24 -34.31
C SER B 202 -8.98 -22.78 -32.87
N PHE B 203 -9.74 -23.44 -31.98
CA PHE B 203 -9.76 -23.17 -30.56
C PHE B 203 -8.43 -23.42 -29.89
N VAL B 204 -7.75 -24.53 -30.23
CA VAL B 204 -6.46 -24.93 -29.70
C VAL B 204 -5.39 -23.92 -30.05
N ILE B 205 -5.42 -23.39 -31.29
CA ILE B 205 -4.50 -22.38 -31.77
C ILE B 205 -4.72 -21.09 -30.98
N TYR B 206 -5.99 -20.68 -30.84
CA TYR B 206 -6.42 -19.52 -30.08
C TYR B 206 -5.94 -19.57 -28.63
N MET B 207 -6.18 -20.70 -27.93
CA MET B 207 -5.73 -20.99 -26.59
C MET B 207 -4.24 -20.87 -26.40
N PHE B 208 -3.46 -21.55 -27.27
CA PHE B 208 -2.02 -21.57 -27.20
C PHE B 208 -1.41 -20.20 -27.33
N VAL B 209 -1.92 -19.39 -28.28
CA VAL B 209 -1.37 -18.09 -28.56
C VAL B 209 -1.79 -17.08 -27.51
N VAL B 210 -3.12 -16.86 -27.37
CA VAL B 210 -3.65 -15.77 -26.58
C VAL B 210 -3.55 -16.03 -25.09
N HIS B 211 -3.68 -17.31 -24.66
CA HIS B 211 -3.78 -17.64 -23.26
C HIS B 211 -2.54 -18.31 -22.72
N PHE B 212 -1.49 -18.56 -23.55
CA PHE B 212 -0.23 -19.01 -23.01
C PHE B 212 0.90 -18.11 -23.45
N ILE B 213 1.14 -17.99 -24.78
CA ILE B 213 2.26 -17.25 -25.34
C ILE B 213 2.27 -15.79 -24.96
N ILE B 214 1.14 -15.06 -25.18
CA ILE B 214 0.93 -13.70 -24.73
C ILE B 214 1.29 -13.50 -23.26
N PRO B 215 0.65 -14.18 -22.27
CA PRO B 215 1.08 -14.22 -20.88
C PRO B 215 2.56 -14.43 -20.65
N LEU B 216 3.17 -15.44 -21.32
CA LEU B 216 4.56 -15.79 -21.19
C LEU B 216 5.49 -14.65 -21.51
N ILE B 217 5.21 -13.91 -22.62
CA ILE B 217 5.95 -12.73 -23.02
C ILE B 217 5.83 -11.64 -21.99
N VAL B 218 4.58 -11.33 -21.56
CA VAL B 218 4.28 -10.30 -20.58
C VAL B 218 4.99 -10.53 -19.26
N ILE B 219 4.93 -11.77 -18.73
CA ILE B 219 5.56 -12.20 -17.50
C ILE B 219 7.05 -11.97 -17.52
N PHE B 220 7.72 -12.39 -18.62
CA PHE B 220 9.15 -12.24 -18.77
C PHE B 220 9.58 -10.79 -18.82
N PHE B 221 8.82 -9.96 -19.60
CA PHE B 221 9.05 -8.55 -19.78
C PHE B 221 9.00 -7.79 -18.49
N CYS B 222 7.82 -7.81 -17.83
CA CYS B 222 7.50 -7.14 -16.60
C CYS B 222 8.49 -7.41 -15.50
N TYR B 223 8.75 -8.70 -15.19
CA TYR B 223 9.62 -9.06 -14.09
C TYR B 223 11.09 -8.81 -14.40
N GLY B 224 11.50 -8.93 -15.68
CA GLY B 224 12.83 -8.54 -16.14
C GLY B 224 13.13 -7.07 -15.90
N GLN B 225 12.19 -6.20 -16.33
CA GLN B 225 12.13 -4.77 -16.10
C GLN B 225 12.24 -4.42 -14.64
N LEU B 226 11.42 -5.09 -13.81
CA LEU B 226 11.34 -4.92 -12.37
C LEU B 226 12.69 -5.16 -11.72
N VAL B 227 13.39 -6.25 -12.10
CA VAL B 227 14.73 -6.58 -11.63
C VAL B 227 15.74 -5.54 -12.04
N PHE B 228 15.62 -4.99 -13.27
CA PHE B 228 16.47 -3.95 -13.80
C PHE B 228 16.38 -2.71 -12.93
N THR B 229 15.16 -2.19 -12.75
CA THR B 229 14.79 -1.08 -11.89
C THR B 229 15.37 -1.21 -10.50
N VAL B 230 15.19 -2.38 -9.84
CA VAL B 230 15.58 -2.63 -8.47
C VAL B 230 17.09 -2.67 -8.32
N LYS B 231 17.82 -3.25 -9.30
CA LYS B 231 19.26 -3.22 -9.37
C LYS B 231 19.83 -1.82 -9.49
N GLU B 232 19.22 -0.99 -10.37
CA GLU B 232 19.56 0.38 -10.60
C GLU B 232 19.39 1.21 -9.35
N ALA B 233 18.21 1.09 -8.69
CA ALA B 233 17.85 1.68 -7.41
C ALA B 233 18.85 1.37 -6.32
N ALA B 234 19.31 0.09 -6.26
CA ALA B 234 20.24 -0.44 -5.28
C ALA B 234 21.58 0.23 -5.45
N ALA B 235 22.01 0.46 -6.72
CA ALA B 235 23.22 1.19 -7.05
C ALA B 235 23.15 2.62 -6.54
N GLN B 236 21.95 3.25 -6.61
CA GLN B 236 21.70 4.58 -6.10
C GLN B 236 21.38 4.59 -4.60
N GLN B 237 21.55 3.45 -3.90
CA GLN B 237 21.13 3.30 -2.52
C GLN B 237 22.12 2.39 -1.88
N GLN B 238 23.41 2.76 -1.95
CA GLN B 238 24.51 1.98 -1.41
C GLN B 238 24.82 2.45 -0.01
N GLU B 239 23.89 3.22 0.57
CA GLU B 239 23.97 3.72 1.93
C GLU B 239 23.19 2.78 2.81
N SER B 240 22.61 1.70 2.24
CA SER B 240 21.85 0.73 2.97
C SER B 240 22.29 -0.64 2.52
N ALA B 241 22.89 -1.39 3.49
CA ALA B 241 23.29 -2.78 3.37
C ALA B 241 22.11 -3.67 3.08
N THR B 242 21.00 -3.39 3.82
CA THR B 242 19.71 -4.03 3.74
C THR B 242 19.20 -4.05 2.34
N THR B 243 19.21 -2.87 1.66
CA THR B 243 18.76 -2.70 0.29
C THR B 243 19.53 -3.56 -0.68
N GLN B 244 20.85 -3.77 -0.48
CA GLN B 244 21.64 -4.63 -1.34
C GLN B 244 21.26 -6.08 -1.23
N LYS B 245 21.01 -6.57 0.00
CA LYS B 245 20.58 -7.92 0.26
C LYS B 245 19.22 -8.19 -0.33
N ALA B 246 18.29 -7.25 -0.08
CA ALA B 246 16.94 -7.18 -0.58
C ALA B 246 16.87 -7.26 -2.09
N GLU B 247 17.77 -6.54 -2.79
CA GLU B 247 17.83 -6.48 -4.24
C GLU B 247 18.12 -7.82 -4.83
N LYS B 248 19.06 -8.57 -4.21
CA LYS B 248 19.44 -9.92 -4.56
C LYS B 248 18.30 -10.89 -4.34
N GLU B 249 17.62 -10.76 -3.19
CA GLU B 249 16.45 -11.54 -2.81
C GLU B 249 15.32 -11.35 -3.78
N VAL B 250 15.02 -10.09 -4.17
CA VAL B 250 13.97 -9.69 -5.09
C VAL B 250 14.20 -10.29 -6.46
N THR B 251 15.47 -10.33 -6.93
CA THR B 251 15.86 -10.92 -8.19
C THR B 251 15.59 -12.40 -8.19
N ARG B 252 15.92 -13.09 -7.06
CA ARG B 252 15.66 -14.49 -6.81
C ARG B 252 14.18 -14.78 -6.88
N MET B 253 13.37 -13.99 -6.15
CA MET B 253 11.92 -14.00 -6.17
C MET B 253 11.35 -13.88 -7.56
N VAL B 254 11.88 -12.99 -8.42
CA VAL B 254 11.42 -12.77 -9.77
C VAL B 254 11.60 -13.99 -10.63
N ILE B 255 12.72 -14.73 -10.43
CA ILE B 255 12.98 -15.99 -11.10
C ILE B 255 11.92 -17.00 -10.71
N ILE B 256 11.62 -17.10 -9.38
CA ILE B 256 10.57 -17.92 -8.82
C ILE B 256 9.22 -17.59 -9.41
N MET B 257 8.87 -16.29 -9.55
CA MET B 257 7.63 -15.78 -10.10
C MET B 257 7.39 -16.19 -11.53
N VAL B 258 8.46 -16.14 -12.36
CA VAL B 258 8.43 -16.45 -13.76
C VAL B 258 8.23 -17.94 -13.92
N ILE B 259 9.06 -18.75 -13.21
CA ILE B 259 9.00 -20.18 -13.09
C ILE B 259 7.65 -20.68 -12.67
N ALA B 260 6.97 -19.98 -11.72
CA ALA B 260 5.69 -20.37 -11.20
C ALA B 260 4.61 -20.26 -12.25
N PHE B 261 4.71 -19.25 -13.16
CA PHE B 261 3.81 -19.12 -14.30
C PHE B 261 4.05 -20.24 -15.29
N LEU B 262 5.33 -20.58 -15.53
CA LEU B 262 5.73 -21.60 -16.46
C LEU B 262 5.20 -22.95 -16.07
N ILE B 263 5.47 -23.40 -14.82
CA ILE B 263 5.02 -24.65 -14.25
C ILE B 263 3.54 -24.86 -14.42
N CYS B 264 2.74 -23.79 -14.20
CA CYS B 264 1.32 -23.89 -14.19
C CYS B 264 0.69 -24.16 -15.55
N TRP B 265 1.17 -23.51 -16.64
CA TRP B 265 0.50 -23.56 -17.92
C TRP B 265 1.28 -24.18 -19.04
N LEU B 266 2.62 -24.27 -18.89
CA LEU B 266 3.51 -24.92 -19.84
C LEU B 266 3.16 -26.36 -20.08
N PRO B 267 2.86 -27.24 -19.09
CA PRO B 267 2.47 -28.62 -19.31
C PRO B 267 1.35 -28.80 -20.30
N TYR B 268 0.22 -28.06 -20.13
CA TYR B 268 -0.89 -28.08 -21.06
C TYR B 268 -0.51 -27.71 -22.47
N ALA B 269 0.27 -26.60 -22.62
CA ALA B 269 0.72 -26.12 -23.91
C ALA B 269 1.64 -27.09 -24.61
N GLY B 270 2.64 -27.61 -23.86
CA GLY B 270 3.63 -28.57 -24.29
C GLY B 270 3.06 -29.84 -24.83
N VAL B 271 2.18 -30.49 -24.02
CA VAL B 271 1.48 -31.72 -24.36
C VAL B 271 0.64 -31.54 -25.59
N ALA B 272 -0.20 -30.48 -25.64
CA ALA B 272 -1.07 -30.17 -26.76
C ALA B 272 -0.32 -30.03 -28.07
N PHE B 273 0.84 -29.32 -28.04
CA PHE B 273 1.68 -29.08 -29.18
C PHE B 273 2.31 -30.36 -29.69
N TYR B 274 2.82 -31.20 -28.76
CA TYR B 274 3.52 -32.43 -29.03
C TYR B 274 2.67 -33.41 -29.78
N ILE B 275 1.40 -33.61 -29.34
CA ILE B 275 0.45 -34.51 -29.96
C ILE B 275 0.15 -34.11 -31.38
N PHE B 276 0.08 -32.79 -31.69
CA PHE B 276 -0.12 -32.31 -33.04
C PHE B 276 1.08 -32.58 -33.94
N THR B 277 2.30 -32.34 -33.41
CA THR B 277 3.52 -32.47 -34.18
C THR B 277 3.86 -33.93 -34.43
N HIS B 278 3.54 -34.80 -33.45
CA HIS B 278 3.78 -36.22 -33.54
C HIS B 278 2.47 -36.83 -33.12
N GLN B 279 1.68 -37.29 -34.11
CA GLN B 279 0.35 -37.81 -33.89
C GLN B 279 0.48 -39.29 -33.83
N GLY B 280 -0.23 -39.92 -32.85
CA GLY B 280 -0.21 -41.34 -32.65
C GLY B 280 0.88 -41.73 -31.70
N SER B 281 1.35 -40.77 -30.85
CA SER B 281 2.35 -41.03 -29.86
C SER B 281 1.62 -41.47 -28.62
N ASP B 282 1.78 -42.76 -28.25
CA ASP B 282 1.14 -43.39 -27.13
C ASP B 282 1.54 -42.75 -25.82
N PHE B 283 0.52 -42.36 -25.03
CA PHE B 283 0.68 -41.87 -23.69
C PHE B 283 -0.59 -42.29 -23.01
N GLY B 284 -0.49 -42.56 -21.68
CA GLY B 284 -1.61 -42.99 -20.88
C GLY B 284 -2.36 -41.77 -20.43
N PRO B 285 -3.44 -41.92 -19.67
CA PRO B 285 -4.21 -40.80 -19.16
C PRO B 285 -3.55 -40.26 -17.92
N ILE B 286 -2.56 -41.00 -17.34
CA ILE B 286 -1.88 -40.61 -16.14
C ILE B 286 -0.90 -39.51 -16.47
N PHE B 287 -0.36 -39.53 -17.72
CA PHE B 287 0.44 -38.50 -18.32
C PHE B 287 -0.31 -37.19 -18.39
N MET B 288 -1.63 -37.27 -18.67
CA MET B 288 -2.52 -36.14 -18.78
C MET B 288 -2.95 -35.60 -17.44
N THR B 289 -2.65 -36.30 -16.31
CA THR B 289 -2.99 -35.85 -14.98
C THR B 289 -1.87 -34.97 -14.46
N ILE B 290 -0.66 -35.14 -15.02
CA ILE B 290 0.53 -34.39 -14.70
C ILE B 290 0.33 -32.88 -14.87
N PRO B 291 -0.16 -32.35 -16.01
CA PRO B 291 -0.50 -30.95 -16.17
C PRO B 291 -1.48 -30.42 -15.16
N ALA B 292 -2.44 -31.25 -14.70
CA ALA B 292 -3.48 -30.85 -13.77
C ALA B 292 -2.92 -30.64 -12.39
N PHE B 293 -1.96 -31.50 -11.98
CA PHE B 293 -1.28 -31.41 -10.70
C PHE B 293 -0.57 -30.08 -10.57
N PHE B 294 0.20 -29.72 -11.62
CA PHE B 294 0.94 -28.49 -11.72
C PHE B 294 0.09 -27.26 -11.69
N ALA B 295 -1.03 -27.28 -12.44
CA ALA B 295 -1.94 -26.16 -12.53
C ALA B 295 -2.62 -25.89 -11.21
N LYS B 296 -3.17 -26.95 -10.59
CA LYS B 296 -3.93 -26.90 -9.36
C LYS B 296 -3.16 -26.39 -8.17
N THR B 297 -1.83 -26.68 -8.11
CA THR B 297 -0.96 -26.26 -7.03
C THR B 297 -0.74 -24.77 -6.98
N SER B 298 -1.06 -24.02 -8.08
CA SER B 298 -0.89 -22.58 -8.10
C SER B 298 -1.80 -21.85 -7.14
N ALA B 299 -2.88 -22.52 -6.66
CA ALA B 299 -3.76 -22.00 -5.63
C ALA B 299 -3.05 -21.85 -4.29
N VAL B 300 -1.92 -22.56 -4.11
CA VAL B 300 -1.09 -22.53 -2.94
C VAL B 300 0.07 -21.60 -3.18
N TYR B 301 0.83 -21.76 -4.30
CA TYR B 301 2.09 -21.04 -4.44
C TYR B 301 1.94 -19.58 -4.81
N ASN B 302 0.89 -19.19 -5.57
CA ASN B 302 0.63 -17.78 -5.87
C ASN B 302 0.49 -16.89 -4.65
N PRO B 303 -0.36 -17.13 -3.64
CA PRO B 303 -0.41 -16.30 -2.43
C PRO B 303 0.83 -16.39 -1.59
N VAL B 304 1.60 -17.51 -1.62
CA VAL B 304 2.85 -17.59 -0.90
C VAL B 304 3.81 -16.54 -1.41
N ILE B 305 3.98 -16.46 -2.75
CA ILE B 305 4.81 -15.49 -3.41
C ILE B 305 4.34 -14.06 -3.19
N TYR B 306 3.03 -13.79 -3.37
CA TYR B 306 2.53 -12.43 -3.53
C TYR B 306 2.05 -11.78 -2.25
N ILE B 307 1.98 -12.53 -1.12
CA ILE B 307 1.39 -12.06 0.12
C ILE B 307 2.45 -12.18 1.17
N MET B 308 2.96 -13.40 1.42
CA MET B 308 3.88 -13.75 2.48
C MET B 308 5.15 -12.94 2.43
N MET B 309 5.61 -12.56 1.21
CA MET B 309 6.88 -11.91 1.01
C MET B 309 6.73 -10.41 1.08
N ASN B 310 5.62 -9.91 1.68
CA ASN B 310 5.42 -8.50 1.95
C ASN B 310 5.27 -8.37 3.44
N LYS B 311 6.06 -7.45 4.04
CA LYS B 311 6.20 -7.12 5.44
C LYS B 311 4.91 -6.95 6.21
N GLN B 312 3.96 -6.16 5.65
CA GLN B 312 2.75 -5.75 6.32
C GLN B 312 1.87 -6.91 6.68
N PHE B 313 1.55 -7.77 5.68
CA PHE B 313 0.75 -8.96 5.84
C PHE B 313 1.30 -9.87 6.91
N ARG B 314 2.64 -10.08 6.92
CA ARG B 314 3.36 -10.84 7.92
C ARG B 314 3.06 -10.39 9.33
N ASN B 315 3.25 -9.08 9.62
CA ASN B 315 2.97 -8.46 10.90
C ASN B 315 1.57 -8.72 11.38
N CYS B 316 0.57 -8.44 10.51
CA CYS B 316 -0.85 -8.67 10.73
C CYS B 316 -1.18 -10.11 11.03
N MET B 317 -0.59 -11.07 10.29
CA MET B 317 -0.74 -12.49 10.50
C MET B 317 -0.25 -12.94 11.85
N VAL B 318 0.92 -12.42 12.29
CA VAL B 318 1.51 -12.68 13.58
C VAL B 318 0.60 -12.20 14.67
N THR B 319 0.05 -10.97 14.53
CA THR B 319 -0.93 -10.37 15.44
C THR B 319 -2.15 -11.25 15.60
N THR B 320 -2.70 -11.77 14.48
CA THR B 320 -3.91 -12.57 14.45
C THR B 320 -3.69 -13.93 15.09
N LEU B 321 -2.51 -14.55 14.85
CA LEU B 321 -2.13 -15.82 15.43
C LEU B 321 -1.88 -15.72 16.92
N CYS B 322 -1.39 -14.54 17.38
CA CYS B 322 -1.15 -14.24 18.77
C CYS B 322 -2.32 -13.44 19.27
N CYS B 323 -3.55 -13.96 19.03
CA CYS B 323 -4.81 -13.51 19.58
C CYS B 323 -5.34 -12.39 18.73
N GLY B 324 -6.39 -12.69 17.93
CA GLY B 324 -6.99 -11.72 17.06
C GLY B 324 -8.03 -12.45 16.27
N1 SGV C . 7.10 17.08 2.18
C2 SGV C . 7.47 15.85 2.60
N3 SGV C . 6.80 15.01 3.41
C4 SGV C . 5.61 15.52 3.81
C5 SGV C . 5.10 16.78 3.48
C6 SGV C . 5.91 17.58 2.62
N6 SGV C . 5.53 18.86 2.18
C7 SGV C . 3.83 16.89 4.14
C8 SGV C . 3.64 15.70 4.82
N9 SGV C . 4.70 14.88 4.60
C1' SGV C . 4.87 13.53 5.14
C10 SGV C . 2.91 18.02 4.15
N11 SGV C . 1.61 17.72 4.50
O12 SGV C . 3.25 19.16 3.88
C2' SGV C . 5.35 13.56 6.58
O2' SGV C . 6.34 12.55 6.74
C3' SGV C . 4.08 13.23 7.34
O3' SGV C . 4.29 12.67 8.64
C4' SGV C . 3.43 12.25 6.41
O4' SGV C . 3.62 12.82 5.11
C5' SGV C . 1.96 12.00 6.70
O5' SGV C . 1.25 13.23 6.81
C1 RET D . -3.12 -23.39 -22.51
C2 RET D . -2.13 -23.67 -23.66
C3 RET D . -2.79 -24.25 -24.88
C4 RET D . -3.44 -25.57 -24.53
C5 RET D . -4.38 -25.45 -23.34
C6 RET D . -4.23 -24.49 -22.40
C7 RET D . -5.07 -24.36 -21.18
C8 RET D . -5.49 -25.38 -20.42
C9 RET D . -6.27 -25.22 -19.20
C10 RET D . -6.46 -26.28 -18.36
C11 RET D . -7.06 -26.22 -17.09
C12 RET D . -7.11 -27.32 -16.27
C13 RET D . -7.58 -27.32 -14.95
C14 RET D . -7.49 -28.50 -14.18
C15 RET D . -7.81 -28.59 -12.86
C16 RET D . -3.77 -22.02 -22.75
C17 RET D . -2.29 -23.30 -21.22
C18 RET D . -5.51 -26.48 -23.31
C19 RET D . -6.84 -23.84 -18.85
C20 RET D . -8.14 -26.04 -14.33
N LEU A 6 12.01 -5.00 0.82
CA LEU A 6 11.59 -5.92 -0.19
C LEU A 6 10.79 -5.12 -1.17
N GLU A 7 9.46 -5.17 -1.04
CA GLU A 7 8.49 -4.37 -1.77
C GLU A 7 8.66 -2.92 -1.43
N THR A 8 9.02 -2.63 -0.15
CA THR A 8 9.38 -1.30 0.29
C THR A 8 10.62 -0.80 -0.41
N VAL A 9 11.63 -1.67 -0.66
CA VAL A 9 12.78 -1.32 -1.46
C VAL A 9 12.40 -1.01 -2.90
N VAL A 10 11.43 -1.75 -3.50
CA VAL A 10 10.91 -1.46 -4.82
C VAL A 10 10.25 -0.09 -4.88
N ALA A 11 9.46 0.23 -3.82
CA ALA A 11 8.83 1.51 -3.68
C ALA A 11 9.85 2.61 -3.50
N ASN A 12 10.92 2.33 -2.74
CA ASN A 12 12.06 3.18 -2.50
C ASN A 12 12.80 3.43 -3.78
N SER A 13 12.94 2.38 -4.63
CA SER A 13 13.55 2.52 -5.93
C SER A 13 12.76 3.41 -6.83
N ALA A 14 11.40 3.32 -6.85
CA ALA A 14 10.61 4.25 -7.64
C ALA A 14 10.72 5.69 -7.19
N PHE A 15 10.84 5.91 -5.85
CA PHE A 15 11.04 7.20 -5.24
C PHE A 15 12.36 7.79 -5.65
N ILE A 16 13.44 6.96 -5.63
CA ILE A 16 14.80 7.31 -5.98
C ILE A 16 14.84 7.75 -7.42
N ALA A 17 14.06 7.05 -8.28
CA ALA A 17 13.98 7.32 -9.70
C ALA A 17 13.40 8.69 -9.94
N ALA A 18 12.30 9.02 -9.20
CA ALA A 18 11.68 10.32 -9.28
C ALA A 18 12.57 11.45 -8.80
N ARG A 19 13.30 11.20 -7.70
CA ARG A 19 14.22 12.11 -7.07
C ARG A 19 15.35 12.48 -7.98
N GLY A 20 15.86 11.47 -8.72
CA GLY A 20 16.95 11.58 -9.66
C GLY A 20 16.59 12.52 -10.78
N SER A 21 15.36 12.37 -11.31
CA SER A 21 14.80 13.24 -12.33
C SER A 21 14.64 14.65 -11.80
N PHE A 22 14.13 14.79 -10.54
CA PHE A 22 13.93 16.06 -9.90
C PHE A 22 15.24 16.80 -9.65
N ASP A 23 16.27 16.08 -9.16
CA ASP A 23 17.59 16.61 -8.85
C ASP A 23 18.28 17.09 -10.09
N ALA A 24 18.13 16.34 -11.20
CA ALA A 24 18.65 16.70 -12.50
C ALA A 24 17.59 17.45 -13.24
N MET A 182 -9.37 16.93 -9.98
CA MET A 182 -8.34 16.15 -10.59
C MET A 182 -8.60 14.74 -10.14
N GLY A 183 -7.65 14.14 -9.40
CA GLY A 183 -7.19 12.82 -9.73
C GLY A 183 -5.79 12.70 -9.25
N GLU A 184 -5.42 11.48 -8.80
CA GLU A 184 -4.15 11.17 -8.22
C GLU A 184 -3.29 10.47 -9.24
N ASP A 185 -3.73 10.48 -10.53
CA ASP A 185 -3.15 9.71 -11.59
C ASP A 185 -2.34 10.64 -12.45
N TRP A 186 -2.27 11.95 -12.06
CA TRP A 186 -1.68 13.00 -12.85
C TRP A 186 -0.39 13.38 -12.13
N PHE A 187 -0.10 12.64 -11.03
CA PHE A 187 1.09 12.75 -10.25
C PHE A 187 1.41 11.31 -10.00
N LEU A 188 2.65 10.87 -10.30
CA LEU A 188 3.05 9.50 -10.10
C LEU A 188 3.33 9.39 -8.62
N ASP A 189 2.83 8.32 -7.97
CA ASP A 189 2.81 8.24 -6.53
C ASP A 189 3.87 7.26 -6.15
N PHE A 190 4.60 7.57 -5.07
CA PHE A 190 5.68 6.77 -4.55
C PHE A 190 5.28 6.45 -3.15
N ARG A 191 6.25 5.89 -2.37
CA ARG A 191 6.10 5.59 -0.97
C ARG A 191 5.67 6.74 -0.12
N VAL A 192 4.93 6.39 0.95
CA VAL A 192 4.44 7.27 1.96
C VAL A 192 5.58 7.80 2.76
N LEU A 193 5.33 8.95 3.42
CA LEU A 193 6.30 9.71 4.16
C LEU A 193 5.78 9.70 5.58
N GLY A 194 4.56 9.12 5.74
CA GLY A 194 3.93 8.82 6.99
C GLY A 194 2.51 8.51 6.62
N ARG A 195 1.75 7.99 7.61
CA ARG A 195 0.35 7.75 7.45
C ARG A 195 -0.21 8.67 8.50
N GLY A 196 -0.86 9.76 8.04
CA GLY A 196 -1.58 10.71 8.86
C GLY A 196 -2.75 10.12 9.59
N GLY A 197 -3.56 11.00 10.24
CA GLY A 197 -4.78 10.62 10.91
C GLY A 197 -5.81 10.23 9.90
N PHE A 198 -5.84 10.98 8.78
CA PHE A 198 -6.79 10.82 7.70
C PHE A 198 -5.88 10.51 6.55
N GLY A 199 -5.99 9.28 6.00
CA GLY A 199 -5.29 8.79 4.83
C GLY A 199 -3.79 8.91 4.82
N GLU A 200 -3.20 8.44 3.71
CA GLU A 200 -1.77 8.39 3.46
C GLU A 200 -1.29 9.77 3.09
N VAL A 201 0.01 10.04 3.33
CA VAL A 201 0.65 11.23 2.82
C VAL A 201 1.90 10.72 2.15
N PHE A 202 1.91 10.72 0.80
CA PHE A 202 3.02 10.21 0.00
C PHE A 202 3.64 11.30 -0.81
N ALA A 203 4.92 11.09 -1.17
CA ALA A 203 5.59 11.90 -2.17
C ALA A 203 5.06 11.51 -3.53
N CYS A 204 5.17 12.43 -4.50
CA CYS A 204 4.55 12.26 -5.78
C CYS A 204 5.25 13.24 -6.68
N GLN A 205 5.06 13.14 -8.01
CA GLN A 205 5.80 13.99 -8.91
C GLN A 205 4.89 14.27 -10.05
N MET A 206 4.84 15.56 -10.44
CA MET A 206 4.29 16.07 -11.66
C MET A 206 4.99 15.54 -12.86
N LYS A 207 4.22 14.95 -13.80
CA LYS A 207 4.74 14.34 -14.99
C LYS A 207 4.78 15.35 -16.11
N ALA A 208 4.31 16.60 -15.85
CA ALA A 208 4.18 17.61 -16.86
C ALA A 208 4.94 18.84 -16.43
N THR A 209 5.68 18.77 -15.29
CA THR A 209 6.33 19.93 -14.71
C THR A 209 7.64 19.44 -14.15
N GLY A 210 7.70 18.14 -13.75
CA GLY A 210 8.92 17.49 -13.32
C GLY A 210 9.34 17.96 -11.96
N LYS A 211 8.36 18.35 -11.11
CA LYS A 211 8.60 18.84 -9.77
C LYS A 211 7.95 17.91 -8.80
N LEU A 212 8.58 17.73 -7.62
CA LEU A 212 8.13 16.86 -6.57
C LEU A 212 7.27 17.67 -5.65
N TYR A 213 6.17 17.02 -5.18
CA TYR A 213 5.22 17.61 -4.27
C TYR A 213 4.90 16.52 -3.31
N ALA A 214 4.51 16.87 -2.07
CA ALA A 214 3.83 15.98 -1.16
C ALA A 214 2.35 16.11 -1.39
N CYS A 215 1.64 14.96 -1.30
CA CYS A 215 0.20 14.89 -1.48
C CYS A 215 -0.34 14.38 -0.19
N LYS A 216 -0.88 15.30 0.65
CA LYS A 216 -1.61 14.96 1.84
C LYS A 216 -3.00 14.58 1.44
N LYS A 217 -3.28 13.24 1.47
CA LYS A 217 -4.60 12.71 1.26
C LYS A 217 -5.25 12.62 2.60
N LEU A 218 -6.55 13.02 2.67
CA LEU A 218 -7.38 12.94 3.83
C LEU A 218 -8.54 12.08 3.43
N ASN A 219 -8.57 10.81 3.89
CA ASN A 219 -9.58 9.84 3.51
C ASN A 219 -10.98 10.26 3.93
N LYS A 220 -11.95 10.18 2.97
CA LYS A 220 -13.33 10.58 3.09
C LYS A 220 -14.09 9.89 4.18
N LYS A 221 -13.81 8.58 4.36
CA LYS A 221 -14.43 7.73 5.33
C LYS A 221 -14.07 8.19 6.71
N ARG A 222 -12.74 8.33 6.99
CA ARG A 222 -12.19 8.79 8.23
C ARG A 222 -12.62 10.19 8.61
N LEU A 223 -12.83 11.08 7.59
CA LEU A 223 -13.33 12.43 7.75
C LEU A 223 -14.72 12.41 8.33
N LYS A 224 -15.62 11.57 7.79
CA LYS A 224 -16.98 11.38 8.27
C LYS A 224 -17.03 10.86 9.68
N LYS A 225 -16.15 9.88 10.03
CA LYS A 225 -16.11 9.26 11.33
C LYS A 225 -15.81 10.23 12.45
N ARG A 226 -14.70 11.01 12.32
CA ARG A 226 -14.30 11.99 13.31
C ARG A 226 -15.03 13.30 13.18
N LYS A 227 -15.76 13.51 12.06
CA LYS A 227 -16.36 14.78 11.67
C LYS A 227 -15.36 15.90 11.61
N GLY A 228 -14.28 15.69 10.80
CA GLY A 228 -13.11 16.55 10.77
C GLY A 228 -13.20 17.55 9.66
N TYR A 229 -14.42 17.98 9.30
CA TYR A 229 -14.69 18.83 8.16
C TYR A 229 -14.27 20.26 8.40
N GLN A 230 -14.47 20.78 9.63
CA GLN A 230 -14.13 22.14 10.00
C GLN A 230 -12.63 22.35 9.94
N GLY A 231 -11.86 21.39 10.52
CA GLY A 231 -10.42 21.43 10.66
C GLY A 231 -9.73 21.47 9.32
N ALA A 232 -10.33 20.75 8.35
CA ALA A 232 -9.88 20.65 6.99
C ALA A 232 -9.96 21.99 6.32
N MET A 233 -11.12 22.68 6.44
CA MET A 233 -11.40 23.95 5.81
C MET A 233 -10.48 25.05 6.28
N VAL A 234 -10.07 25.00 7.58
CA VAL A 234 -9.22 26.01 8.19
C VAL A 234 -7.85 25.93 7.57
N GLU A 235 -7.27 24.71 7.52
CA GLU A 235 -5.97 24.43 6.93
C GLU A 235 -5.89 24.84 5.47
N LYS A 236 -7.01 24.65 4.73
CA LYS A 236 -7.21 24.94 3.32
C LYS A 236 -7.02 26.43 3.14
N LYS A 237 -7.91 27.23 3.77
CA LYS A 237 -7.97 28.68 3.68
C LYS A 237 -6.68 29.37 4.03
N ILE A 238 -5.95 28.87 5.07
CA ILE A 238 -4.70 29.45 5.51
C ILE A 238 -3.63 29.24 4.46
N LEU A 239 -3.33 27.97 4.10
CA LEU A 239 -2.35 27.61 3.08
C LEU A 239 -2.57 28.23 1.72
N ALA A 240 -3.86 28.38 1.33
CA ALA A 240 -4.28 28.97 0.07
C ALA A 240 -3.86 30.41 -0.03
N LYS A 241 -3.82 31.12 1.12
CA LYS A 241 -3.59 32.53 1.22
C LYS A 241 -2.15 32.82 1.51
N VAL A 242 -1.50 31.94 2.31
CA VAL A 242 -0.19 32.19 2.86
C VAL A 242 0.80 31.24 2.24
N HIS A 243 1.76 31.84 1.52
CA HIS A 243 2.84 31.17 0.84
C HIS A 243 4.02 31.91 1.40
N SER A 244 4.92 31.18 2.10
CA SER A 244 6.10 31.78 2.67
C SER A 244 7.17 30.73 2.75
N ARG A 245 8.28 31.09 3.44
CA ARG A 245 9.42 30.23 3.65
C ARG A 245 9.39 29.69 5.06
N PHE A 246 8.26 29.87 5.78
CA PHE A 246 8.08 29.41 7.13
C PHE A 246 6.77 28.68 7.22
N ILE A 247 5.94 28.73 6.14
CA ILE A 247 4.74 27.94 6.00
C ILE A 247 4.75 27.58 4.54
N VAL A 248 4.50 26.28 4.22
CA VAL A 248 4.48 25.75 2.87
C VAL A 248 3.52 26.45 1.95
N SER A 249 3.90 26.53 0.65
CA SER A 249 3.05 27.01 -0.42
C SER A 249 2.14 25.87 -0.82
N LEU A 250 0.91 26.21 -1.27
CA LEU A 250 -0.06 25.27 -1.77
C LEU A 250 -0.05 25.38 -3.25
N ALA A 251 -0.01 24.24 -3.97
CA ALA A 251 0.12 24.24 -5.41
C ALA A 251 -1.16 23.82 -6.04
N TYR A 252 -1.91 22.88 -5.41
CA TYR A 252 -3.15 22.38 -5.97
C TYR A 252 -4.00 21.97 -4.81
N ALA A 253 -5.34 22.08 -4.98
CA ALA A 253 -6.30 21.59 -4.04
C ALA A 253 -7.36 20.95 -4.88
N PHE A 254 -7.37 19.60 -4.91
CA PHE A 254 -8.35 18.83 -5.64
C PHE A 254 -8.87 17.76 -4.74
N GLU A 255 -9.81 16.95 -5.28
CA GLU A 255 -10.41 15.83 -4.59
C GLU A 255 -10.36 14.69 -5.57
N THR A 256 -10.46 13.47 -5.02
CA THR A 256 -10.67 12.24 -5.75
C THR A 256 -11.99 11.78 -5.19
N LYS A 257 -12.33 10.48 -5.37
CA LYS A 257 -13.63 9.95 -4.99
C LYS A 257 -13.52 9.23 -3.67
N THR A 258 -12.34 9.26 -3.02
CA THR A 258 -12.04 8.44 -1.87
C THR A 258 -11.32 9.29 -0.85
N ASP A 259 -10.77 10.46 -1.26
CA ASP A 259 -9.98 11.27 -0.38
C ASP A 259 -9.92 12.66 -0.96
N LEU A 260 -9.66 13.66 -0.07
CA LEU A 260 -9.40 15.02 -0.42
C LEU A 260 -7.90 15.21 -0.44
N CYS A 261 -7.37 15.99 -1.40
CA CYS A 261 -5.95 16.13 -1.57
C CYS A 261 -5.58 17.57 -1.40
N LEU A 262 -4.48 17.81 -0.66
CA LEU A 262 -3.76 19.07 -0.71
C LEU A 262 -2.41 18.70 -1.20
N VAL A 263 -2.00 19.27 -2.35
CA VAL A 263 -0.71 19.02 -2.92
C VAL A 263 0.08 20.27 -2.68
N MET A 264 1.13 20.16 -1.85
CA MET A 264 1.92 21.25 -1.36
C MET A 264 3.34 21.00 -1.78
N THR A 265 4.17 22.06 -1.76
CA THR A 265 5.58 22.00 -2.08
C THR A 265 6.33 21.15 -1.09
N ILE A 266 7.33 20.38 -1.59
CA ILE A 266 8.17 19.49 -0.81
C ILE A 266 8.96 20.18 0.27
N MET A 267 9.20 19.38 1.32
CA MET A 267 9.98 19.71 2.47
C MET A 267 10.71 18.43 2.70
N ASN A 268 11.50 18.01 1.69
CA ASN A 268 12.19 16.75 1.69
C ASN A 268 13.50 17.01 2.38
N GLY A 269 13.80 16.15 3.37
CA GLY A 269 14.77 16.44 4.38
C GLY A 269 14.28 15.80 5.64
N GLY A 270 12.98 15.45 5.67
CA GLY A 270 12.30 14.80 6.77
C GLY A 270 11.87 15.79 7.80
N ASP A 271 11.20 15.28 8.85
CA ASP A 271 10.63 16.03 9.96
C ASP A 271 11.50 15.81 11.16
N ILE A 272 11.45 16.75 12.14
CA ILE A 272 12.24 16.72 13.37
C ILE A 272 12.02 15.43 14.13
N ARG A 273 10.77 14.91 14.14
CA ARG A 273 10.35 13.69 14.81
C ARG A 273 11.08 12.46 14.32
N TYR A 274 11.24 12.35 12.98
CA TYR A 274 11.97 11.30 12.29
C TYR A 274 13.39 11.24 12.75
N HIS A 275 14.01 12.43 12.90
CA HIS A 275 15.42 12.63 13.12
C HIS A 275 15.81 12.26 14.52
N ILE A 276 14.84 12.27 15.47
CA ILE A 276 14.99 11.78 16.83
C ILE A 276 15.43 10.33 16.83
N TYR A 277 14.83 9.51 15.94
CA TYR A 277 15.05 8.09 15.90
C TYR A 277 16.05 7.74 14.83
N ASN A 278 16.29 8.63 13.83
CA ASN A 278 17.13 8.28 12.70
C ASN A 278 18.59 8.50 12.99
N VAL A 279 18.93 9.43 13.93
CA VAL A 279 20.27 9.60 14.49
C VAL A 279 20.78 8.32 15.11
N ASP A 280 19.82 7.59 15.74
CA ASP A 280 19.93 6.35 16.44
C ASP A 280 18.69 6.45 17.31
N GLU A 281 17.99 5.32 17.55
CA GLU A 281 16.73 5.26 18.25
C GLU A 281 16.84 5.77 19.66
N ASP A 282 17.96 5.42 20.34
CA ASP A 282 18.29 5.91 21.65
C ASP A 282 19.49 6.76 21.41
N ASN A 283 19.34 8.08 21.65
CA ASN A 283 20.37 9.05 21.44
C ASN A 283 20.05 10.14 22.43
N PRO A 284 20.98 10.89 23.02
CA PRO A 284 20.67 11.90 24.02
C PRO A 284 20.19 13.16 23.35
N GLY A 285 20.06 13.16 22.00
CA GLY A 285 19.64 14.26 21.19
C GLY A 285 20.85 15.03 20.74
N PHE A 286 20.60 16.08 19.93
CA PHE A 286 21.63 16.91 19.37
C PHE A 286 21.91 18.06 20.29
N GLN A 287 23.12 18.65 20.12
CA GLN A 287 23.55 19.87 20.75
C GLN A 287 22.65 21.05 20.56
N GLU A 288 22.68 21.96 21.56
CA GLU A 288 21.83 23.12 21.71
C GLU A 288 21.77 24.06 20.52
N PRO A 289 22.85 24.56 19.89
CA PRO A 289 22.77 25.51 18.78
C PRO A 289 21.90 25.08 17.62
N ARG A 290 21.92 23.78 17.26
CA ARG A 290 21.17 23.25 16.15
C ARG A 290 19.68 23.28 16.42
N ALA A 291 19.30 22.98 17.69
CA ALA A 291 17.94 23.03 18.20
C ALA A 291 17.42 24.44 18.23
N ILE A 292 18.29 25.39 18.67
CA ILE A 292 18.03 26.81 18.77
C ILE A 292 17.69 27.37 17.41
N PHE A 293 18.47 27.02 16.36
CA PHE A 293 18.22 27.43 15.00
C PHE A 293 16.84 27.05 14.50
N TYR A 294 16.45 25.76 14.64
CA TYR A 294 15.13 25.33 14.19
C TYR A 294 13.99 26.00 14.94
N THR A 295 14.13 26.14 16.28
CA THR A 295 13.18 26.82 17.14
C THR A 295 12.96 28.26 16.77
N ALA A 296 14.04 29.01 16.46
CA ALA A 296 14.03 30.39 16.05
C ALA A 296 13.26 30.58 14.76
N GLN A 297 13.44 29.66 13.79
CA GLN A 297 12.75 29.70 12.51
C GLN A 297 11.28 29.44 12.67
N ILE A 298 10.90 28.53 13.60
CA ILE A 298 9.53 28.29 14.00
C ILE A 298 8.90 29.54 14.60
N VAL A 299 9.64 30.29 15.48
CA VAL A 299 9.19 31.53 16.10
C VAL A 299 8.78 32.55 15.07
N SER A 300 9.58 32.75 13.98
CA SER A 300 9.25 33.65 12.90
C SER A 300 7.95 33.28 12.21
N GLY A 301 7.71 31.96 12.02
CA GLY A 301 6.48 31.44 11.46
C GLY A 301 5.28 31.70 12.34
N LEU A 302 5.41 31.48 13.67
CA LEU A 302 4.41 31.75 14.67
C LEU A 302 4.05 33.22 14.70
N GLU A 303 5.06 34.10 14.63
CA GLU A 303 4.89 35.54 14.62
C GLU A 303 4.04 36.04 13.48
N HIS A 304 4.28 35.51 12.25
CA HIS A 304 3.51 35.86 11.07
C HIS A 304 2.05 35.50 11.20
N LEU A 305 1.75 34.33 11.82
CA LEU A 305 0.40 33.91 12.10
C LEU A 305 -0.28 34.83 13.08
N HIS A 306 0.44 35.19 14.17
CA HIS A 306 -0.07 35.98 15.27
C HIS A 306 -0.39 37.39 14.86
N GLN A 307 0.41 37.99 13.94
CA GLN A 307 0.16 39.30 13.37
C GLN A 307 -1.10 39.35 12.54
N ARG A 308 -1.58 38.19 12.04
CA ARG A 308 -2.80 38.04 11.28
C ARG A 308 -3.91 37.52 12.16
N ASN A 309 -3.63 37.34 13.47
CA ASN A 309 -4.56 36.97 14.51
C ASN A 309 -5.03 35.55 14.39
N ILE A 310 -4.08 34.63 14.14
CA ILE A 310 -4.32 33.22 13.97
C ILE A 310 -3.58 32.61 15.13
N ILE A 311 -4.28 31.77 15.91
CA ILE A 311 -3.70 31.02 17.00
C ILE A 311 -3.45 29.67 16.40
N TYR A 312 -2.21 29.16 16.51
CA TYR A 312 -1.80 27.93 15.86
C TYR A 312 -2.12 26.71 16.71
N ARG A 313 -2.20 26.90 18.05
CA ARG A 313 -2.40 25.88 19.06
C ARG A 313 -1.32 24.82 19.01
N ASP A 314 -1.70 23.53 18.82
CA ASP A 314 -0.80 22.39 18.80
C ASP A 314 0.26 22.47 17.73
N LEU A 315 1.53 22.47 18.20
CA LEU A 315 2.74 22.36 17.44
C LEU A 315 3.37 21.11 17.98
N LYS A 316 4.05 20.33 17.13
CA LYS A 316 4.76 19.17 17.58
C LYS A 316 5.90 18.90 16.64
N PRO A 317 6.93 18.12 16.99
CA PRO A 317 8.10 17.82 16.19
C PRO A 317 7.82 17.37 14.77
N GLU A 318 6.76 16.54 14.60
CA GLU A 318 6.32 15.97 13.36
C GLU A 318 5.69 16.99 12.45
N ASN A 319 5.40 18.20 12.96
CA ASN A 319 4.80 19.29 12.22
C ASN A 319 5.88 20.27 11.90
N VAL A 320 7.14 20.02 12.29
CA VAL A 320 8.26 20.82 11.86
C VAL A 320 8.98 20.01 10.82
N LEU A 321 8.92 20.49 9.54
CA LEU A 321 9.51 19.81 8.42
C LEU A 321 10.77 20.56 8.07
N LEU A 322 11.82 19.83 7.64
CA LEU A 322 13.08 20.33 7.11
C LEU A 322 13.04 20.23 5.61
N ASP A 323 13.63 21.23 4.89
CA ASP A 323 13.87 21.13 3.47
C ASP A 323 15.38 21.10 3.30
N ASP A 324 15.85 21.29 2.05
CA ASP A 324 17.24 21.19 1.68
C ASP A 324 17.88 22.56 1.60
N ASP A 325 17.16 23.61 2.08
CA ASP A 325 17.65 24.97 2.10
C ASP A 325 18.07 25.32 3.51
N GLY A 326 17.80 24.43 4.49
CA GLY A 326 18.08 24.66 5.89
C GLY A 326 17.09 25.62 6.49
N ASN A 327 15.85 25.62 5.95
CA ASN A 327 14.75 26.40 6.47
C ASN A 327 13.69 25.41 6.84
N VAL A 328 13.03 25.63 8.01
CA VAL A 328 12.00 24.73 8.47
C VAL A 328 10.71 25.46 8.30
N ARG A 329 9.60 24.70 8.20
CA ARG A 329 8.29 25.26 8.05
C ARG A 329 7.37 24.40 8.86
N ILE A 330 6.34 25.05 9.45
CA ILE A 330 5.27 24.37 10.15
C ILE A 330 4.30 23.82 9.13
N SER A 331 3.51 22.80 9.57
CA SER A 331 2.59 22.11 8.71
C SER A 331 1.51 21.60 9.60
N ASP A 332 0.28 21.44 9.03
CA ASP A 332 -0.93 21.04 9.70
C ASP A 332 -1.46 22.26 10.41
N LEU A 333 -2.30 23.02 9.70
CA LEU A 333 -2.83 24.29 10.13
C LEU A 333 -4.30 24.10 10.33
N GLY A 334 -4.71 22.82 10.55
CA GLY A 334 -6.07 22.41 10.75
C GLY A 334 -6.31 22.30 12.21
N LEU A 335 -5.23 22.42 13.02
CA LEU A 335 -5.25 22.44 14.45
C LEU A 335 -5.19 23.87 14.89
N ALA A 336 -5.22 24.83 13.93
CA ALA A 336 -5.20 26.25 14.16
C ALA A 336 -6.61 26.75 14.13
N VAL A 337 -6.83 28.02 14.52
CA VAL A 337 -8.08 28.71 14.38
C VAL A 337 -7.71 30.09 13.92
N GLU A 338 -8.47 30.62 12.95
CA GLU A 338 -8.34 31.96 12.45
C GLU A 338 -9.35 32.81 13.16
N LEU A 339 -8.86 33.83 13.89
CA LEU A 339 -9.65 34.79 14.60
C LEU A 339 -9.32 36.12 13.99
N LYS A 340 -9.72 37.22 14.67
CA LYS A 340 -9.50 38.57 14.22
C LYS A 340 -9.00 39.32 15.42
N ALA A 341 -8.43 40.52 15.19
CA ALA A 341 -8.00 41.42 16.23
C ALA A 341 -9.21 42.00 16.90
N GLY A 342 -9.32 41.77 18.22
CA GLY A 342 -10.38 42.28 19.04
C GLY A 342 -10.72 41.27 20.08
N GLN A 343 -10.33 40.00 19.85
CA GLN A 343 -10.33 38.99 20.87
C GLN A 343 -9.47 37.88 20.38
N THR A 344 -9.01 37.03 21.32
CA THR A 344 -8.23 35.86 21.04
C THR A 344 -8.68 34.84 22.05
N LYS A 345 -9.22 35.32 23.19
CA LYS A 345 -9.68 34.52 24.29
C LYS A 345 -10.96 33.85 23.90
N THR A 346 -10.90 32.50 23.73
CA THR A 346 -12.03 31.71 23.33
C THR A 346 -11.79 30.42 24.03
N LYS A 347 -12.84 29.87 24.69
CA LYS A 347 -12.83 28.53 25.25
C LYS A 347 -12.90 27.51 24.15
N GLY A 348 -12.33 26.31 24.38
CA GLY A 348 -12.38 25.29 23.38
C GLY A 348 -11.38 24.23 23.69
N TYR A 349 -11.37 23.20 22.82
CA TYR A 349 -10.48 22.07 22.86
C TYR A 349 -9.78 22.09 21.53
N ALA A 350 -8.47 21.79 21.53
CA ALA A 350 -7.69 21.78 20.33
C ALA A 350 -6.50 20.92 20.61
N GLY A 351 -5.84 20.42 19.54
CA GLY A 351 -4.65 19.62 19.65
C GLY A 351 -4.91 18.24 20.16
N THR A 352 -3.79 17.50 20.38
CA THR A 352 -3.79 16.12 20.78
C THR A 352 -3.10 16.12 22.13
N PRO A 353 -3.58 15.45 23.18
CA PRO A 353 -2.92 15.37 24.47
C PRO A 353 -1.48 14.90 24.40
N GLY A 354 -0.56 15.70 24.97
CA GLY A 354 0.86 15.40 25.02
C GLY A 354 1.62 16.54 24.41
N PHE A 355 0.89 17.59 23.95
CA PHE A 355 1.46 18.76 23.35
C PHE A 355 0.63 19.92 23.84
N MET A 356 -0.62 19.63 24.28
CA MET A 356 -1.58 20.57 24.78
C MET A 356 -1.12 21.30 26.01
N ALA A 357 -1.59 22.55 26.16
CA ALA A 357 -1.22 23.45 27.22
C ALA A 357 -2.27 23.33 28.29
N PRO A 358 -2.01 23.72 29.53
CA PRO A 358 -2.95 23.70 30.64
C PRO A 358 -4.33 24.27 30.34
N GLU A 359 -4.39 25.47 29.73
CA GLU A 359 -5.58 26.16 29.30
C GLU A 359 -6.51 25.35 28.45
N LEU A 360 -5.94 24.59 27.48
CA LEU A 360 -6.68 23.78 26.55
C LEU A 360 -7.37 22.62 27.23
N LEU A 361 -6.62 21.91 28.12
CA LEU A 361 -7.10 20.73 28.81
C LEU A 361 -8.24 21.00 29.74
N LEU A 362 -8.25 22.19 30.39
CA LEU A 362 -9.25 22.58 31.34
C LEU A 362 -10.45 23.21 30.67
N GLY A 363 -10.40 23.40 29.33
CA GLY A 363 -11.50 23.91 28.54
C GLY A 363 -11.65 25.40 28.74
N GLU A 364 -10.54 26.07 29.11
CA GLU A 364 -10.50 27.47 29.43
C GLU A 364 -10.11 28.23 28.20
N GLU A 365 -10.28 29.56 28.26
CA GLU A 365 -9.84 30.48 27.24
C GLU A 365 -8.35 30.46 27.07
N TYR A 366 -7.90 30.71 25.82
CA TYR A 366 -6.51 30.62 25.43
C TYR A 366 -6.24 31.71 24.44
N ASP A 367 -4.95 32.05 24.26
CA ASP A 367 -4.48 32.94 23.24
C ASP A 367 -3.18 32.35 22.77
N PHE A 368 -2.31 33.17 22.13
CA PHE A 368 -1.02 32.80 21.59
C PHE A 368 -0.08 32.10 22.55
N SER A 369 -0.27 32.24 23.89
CA SER A 369 0.53 31.61 24.93
C SER A 369 0.72 30.12 24.79
N VAL A 370 -0.36 29.40 24.39
CA VAL A 370 -0.42 27.96 24.23
C VAL A 370 0.51 27.47 23.14
N ASP A 371 0.72 28.31 22.10
CA ASP A 371 1.52 28.00 20.94
C ASP A 371 2.98 27.96 21.33
N TYR A 372 3.35 28.86 22.27
CA TYR A 372 4.63 28.92 22.88
C TYR A 372 4.88 27.82 23.88
N PHE A 373 3.81 27.26 24.50
CA PHE A 373 3.92 26.12 25.38
C PHE A 373 4.35 24.91 24.58
N ALA A 374 3.69 24.73 23.40
CA ALA A 374 3.94 23.71 22.41
C ALA A 374 5.32 23.80 21.83
N LEU A 375 5.82 25.04 21.59
CA LEU A 375 7.15 25.34 21.13
C LEU A 375 8.20 24.81 22.08
N GLY A 376 7.93 24.94 23.40
CA GLY A 376 8.75 24.49 24.48
C GLY A 376 8.91 23.01 24.47
N VAL A 377 7.77 22.28 24.32
CA VAL A 377 7.70 20.83 24.22
C VAL A 377 8.52 20.32 23.05
N THR A 378 8.45 21.06 21.91
CA THR A 378 9.11 20.75 20.66
C THR A 378 10.60 20.86 20.82
N LEU A 379 11.09 22.01 21.34
CA LEU A 379 12.46 22.29 21.67
C LEU A 379 13.05 21.27 22.62
N TYR A 380 12.24 20.80 23.61
CA TYR A 380 12.64 19.89 24.66
C TYR A 380 13.03 18.58 24.01
N GLU A 381 12.23 18.13 23.02
CA GLU A 381 12.52 16.96 22.25
C GLU A 381 13.73 17.12 21.34
N MET A 382 13.99 18.35 20.80
CA MET A 382 15.14 18.59 19.96
C MET A 382 16.47 18.36 20.65
N ILE A 383 16.58 18.73 21.95
CA ILE A 383 17.82 18.68 22.66
C ILE A 383 17.97 17.38 23.40
N ALA A 384 16.88 16.87 24.03
CA ALA A 384 16.98 15.73 24.92
C ALA A 384 16.58 14.45 24.27
N ALA A 385 15.99 14.52 23.05
CA ALA A 385 15.49 13.41 22.27
C ALA A 385 14.22 12.86 22.86
N ARG A 386 13.57 13.63 23.75
CA ARG A 386 12.29 13.29 24.30
C ARG A 386 11.70 14.57 24.79
N GLY A 387 10.35 14.66 24.79
CA GLY A 387 9.65 15.83 25.26
C GLY A 387 9.59 15.77 26.75
N PRO A 388 8.91 16.69 27.40
CA PRO A 388 8.72 16.67 28.84
C PRO A 388 7.69 15.63 29.24
N PHE A 389 6.65 15.38 28.41
CA PHE A 389 5.49 14.61 28.79
C PHE A 389 5.60 13.22 28.26
N ARG A 390 6.80 12.83 27.77
CA ARG A 390 7.10 11.48 27.39
C ARG A 390 8.54 11.28 27.73
N ALA A 391 8.85 10.05 28.17
CA ALA A 391 10.16 9.65 28.57
C ALA A 391 10.18 8.18 28.34
N ARG A 392 11.34 7.54 28.59
CA ARG A 392 11.55 6.15 28.28
C ARG A 392 11.03 5.34 29.44
N GLY A 393 9.76 4.86 29.29
CA GLY A 393 9.06 4.10 30.29
C GLY A 393 7.71 4.69 30.51
N GLU A 394 7.34 5.77 29.76
CA GLU A 394 6.03 6.36 29.81
C GLU A 394 5.20 5.76 28.72
N LYS A 395 3.88 5.65 28.99
CA LYS A 395 2.89 5.14 28.07
C LYS A 395 1.60 5.30 28.84
N VAL A 396 1.54 6.35 29.69
CA VAL A 396 0.41 6.73 30.50
C VAL A 396 -0.82 7.05 29.68
N GLU A 397 -2.01 6.77 30.26
CA GLU A 397 -3.30 7.04 29.66
C GLU A 397 -3.61 8.51 29.77
N ASN A 398 -4.66 8.98 29.04
CA ASN A 398 -4.99 10.36 28.81
C ASN A 398 -5.24 11.16 30.08
N LYS A 399 -5.97 10.58 31.07
CA LYS A 399 -6.27 11.24 32.32
C LYS A 399 -5.05 11.60 33.11
N GLU A 400 -4.08 10.66 33.19
CA GLU A 400 -2.82 10.84 33.87
C GLU A 400 -1.92 11.80 33.13
N LEU A 401 -1.93 11.76 31.78
CA LEU A 401 -1.17 12.62 30.90
C LEU A 401 -1.57 14.07 31.06
N LYS A 402 -2.90 14.31 31.23
CA LYS A 402 -3.49 15.59 31.55
C LYS A 402 -2.97 16.11 32.86
N GLN A 403 -2.83 15.22 33.87
CA GLN A 403 -2.28 15.56 35.17
C GLN A 403 -0.81 15.95 35.06
N ARG A 404 -0.01 15.25 34.21
CA ARG A 404 1.39 15.56 33.96
C ARG A 404 1.55 16.96 33.45
N VAL A 405 0.76 17.35 32.42
CA VAL A 405 0.82 18.67 31.82
C VAL A 405 0.51 19.78 32.82
N LEU A 406 -0.50 19.55 33.69
CA LEU A 406 -0.97 20.52 34.65
C LEU A 406 -0.10 20.69 35.88
N GLU A 407 0.60 19.63 36.35
CA GLU A 407 1.23 19.66 37.66
C GLU A 407 2.71 19.51 37.61
N GLN A 408 3.22 18.72 36.63
CA GLN A 408 4.60 18.27 36.63
C GLN A 408 5.40 19.13 35.69
N ALA A 409 6.46 19.77 36.24
CA ALA A 409 7.46 20.46 35.47
C ALA A 409 8.70 19.66 35.73
N VAL A 410 9.10 18.87 34.70
CA VAL A 410 10.19 17.93 34.75
C VAL A 410 11.54 18.57 34.99
N THR A 411 12.44 17.78 35.63
CA THR A 411 13.82 18.13 35.86
C THR A 411 14.53 18.32 34.55
N TYR A 412 15.44 19.31 34.48
CA TYR A 412 16.05 19.76 33.26
C TYR A 412 17.40 19.10 33.14
N PRO A 413 17.72 18.38 32.06
CA PRO A 413 19.03 17.80 31.80
C PRO A 413 20.16 18.78 31.91
N ASP A 414 21.38 18.29 32.20
CA ASP A 414 22.56 19.11 32.37
C ASP A 414 23.28 19.16 31.05
N LYS A 415 22.75 18.43 30.03
CA LYS A 415 23.16 18.50 28.64
C LYS A 415 22.87 19.88 28.10
N PHE A 416 21.73 20.44 28.53
CA PHE A 416 21.24 21.76 28.24
C PHE A 416 22.26 22.83 28.60
N SER A 417 22.30 23.90 27.77
CA SER A 417 22.97 25.14 28.08
C SER A 417 22.18 25.84 29.18
N PRO A 418 22.73 26.76 29.96
CA PRO A 418 21.99 27.51 30.98
C PRO A 418 20.82 28.27 30.40
N ALA A 419 21.00 28.88 29.21
CA ALA A 419 19.98 29.61 28.50
C ALA A 419 18.80 28.74 28.15
N SER A 420 19.04 27.50 27.67
CA SER A 420 17.98 26.57 27.31
C SER A 420 17.24 26.05 28.51
N LYS A 421 17.95 25.79 29.65
CA LYS A 421 17.35 25.39 30.91
C LYS A 421 16.35 26.41 31.37
N ASP A 422 16.78 27.70 31.41
CA ASP A 422 16.02 28.85 31.85
C ASP A 422 14.78 29.03 31.01
N PHE A 423 14.91 28.89 29.67
CA PHE A 423 13.84 29.01 28.71
C PHE A 423 12.76 27.96 28.94
N CYS A 424 13.18 26.69 29.16
CA CYS A 424 12.31 25.56 29.44
C CYS A 424 11.56 25.72 30.73
N GLU A 425 12.27 26.17 31.79
CA GLU A 425 11.75 26.47 33.10
C GLU A 425 10.62 27.48 33.08
N ALA A 426 10.78 28.55 32.26
CA ALA A 426 9.81 29.61 32.09
C ALA A 426 8.50 29.14 31.50
N LEU A 427 8.57 28.17 30.56
CA LEU A 427 7.44 27.65 29.84
C LEU A 427 6.71 26.60 30.61
N LEU A 428 7.41 25.84 31.49
CA LEU A 428 6.82 24.75 32.23
C LEU A 428 6.31 25.23 33.56
N GLN A 429 6.35 26.57 33.80
CA GLN A 429 5.56 27.17 34.84
C GLN A 429 4.16 27.26 34.31
N LYS A 430 3.19 26.61 35.01
CA LYS A 430 1.82 26.54 34.60
C LYS A 430 1.12 27.75 35.14
N ASP A 431 0.97 28.76 34.27
CA ASP A 431 0.32 30.01 34.49
C ASP A 431 0.74 30.77 33.25
N PRO A 432 -0.16 31.23 32.36
CA PRO A 432 0.20 31.88 31.11
C PRO A 432 0.94 33.18 31.32
N GLU A 433 0.61 33.94 32.39
CA GLU A 433 1.25 35.18 32.75
C GLU A 433 2.72 35.01 33.04
N LYS A 434 3.10 33.83 33.58
CA LYS A 434 4.46 33.48 33.93
C LYS A 434 5.06 32.61 32.88
N ARG A 435 4.32 32.35 31.79
CA ARG A 435 4.74 31.51 30.69
C ARG A 435 5.26 32.48 29.69
N LEU A 436 6.50 32.25 29.22
CA LEU A 436 7.15 33.10 28.25
C LEU A 436 6.42 33.02 26.93
N GLY A 437 6.28 34.17 26.24
CA GLY A 437 5.54 34.28 25.01
C GLY A 437 4.31 35.08 25.25
N PHE A 438 4.01 35.38 26.53
CA PHE A 438 2.85 36.14 26.91
C PHE A 438 3.31 36.87 28.12
N ARG A 439 3.26 38.21 28.03
CA ARG A 439 3.68 39.13 29.05
C ARG A 439 2.80 40.30 28.78
N ASP A 440 1.47 40.04 28.83
CA ASP A 440 0.39 41.01 28.74
C ASP A 440 0.01 41.17 27.30
N GLY A 441 0.34 40.16 26.45
CA GLY A 441 -0.03 40.12 25.06
C GLY A 441 1.18 40.26 24.21
N SER A 442 2.37 39.90 24.74
CA SER A 442 3.62 39.95 24.02
C SER A 442 3.66 38.88 22.94
N CYS A 443 4.48 39.10 21.89
CA CYS A 443 4.84 38.08 20.95
C CYS A 443 6.32 38.18 20.73
N ASP A 444 6.91 39.35 21.08
CA ASP A 444 8.31 39.63 20.91
C ASP A 444 8.93 39.77 22.29
N GLY A 445 8.17 39.36 23.35
CA GLY A 445 8.65 39.31 24.70
C GLY A 445 9.48 38.08 24.89
N LEU A 446 9.13 37.00 24.14
CA LEU A 446 9.87 35.77 24.05
C LEU A 446 11.27 35.98 23.55
N ARG A 447 11.39 36.83 22.50
CA ARG A 447 12.61 37.13 21.78
C ARG A 447 13.72 37.78 22.57
N THR A 448 13.47 38.22 23.82
CA THR A 448 14.45 38.90 24.63
C THR A 448 15.29 37.93 25.43
N HIS A 449 14.87 36.64 25.49
CA HIS A 449 15.48 35.62 26.32
C HIS A 449 16.93 35.36 25.94
N PRO A 450 17.84 35.02 26.87
CA PRO A 450 19.26 34.80 26.60
C PRO A 450 19.55 33.74 25.57
N LEU A 451 18.62 32.78 25.35
CA LEU A 451 18.64 31.74 24.35
C LEU A 451 18.94 32.22 22.94
N PHE A 452 18.50 33.47 22.63
CA PHE A 452 18.49 34.08 21.33
C PHE A 452 19.69 34.97 21.12
N ARG A 453 20.74 34.70 21.91
CA ARG A 453 22.04 35.33 21.90
C ARG A 453 22.72 35.20 20.55
N ASP A 454 22.55 34.03 19.90
CA ASP A 454 23.19 33.68 18.64
C ASP A 454 22.23 33.91 17.50
N ILE A 455 21.06 34.55 17.76
CA ILE A 455 20.02 34.77 16.79
C ILE A 455 19.91 36.26 16.59
N SER A 456 19.87 36.68 15.30
CA SER A 456 19.59 38.03 14.88
C SER A 456 18.28 37.90 14.16
N TRP A 457 17.27 38.68 14.60
CA TRP A 457 15.90 38.58 14.17
C TRP A 457 15.68 39.00 12.74
N ARG A 458 16.40 40.04 12.29
CA ARG A 458 16.28 40.57 10.95
C ARG A 458 16.72 39.57 9.92
N GLN A 459 17.82 38.84 10.22
CA GLN A 459 18.41 37.84 9.36
C GLN A 459 17.61 36.58 9.37
N LEU A 460 17.04 36.24 10.55
CA LEU A 460 16.18 35.10 10.79
C LEU A 460 14.94 35.12 9.96
N GLU A 461 14.23 36.28 9.93
CA GLU A 461 13.02 36.52 9.18
C GLU A 461 13.25 36.47 7.68
N ALA A 462 14.51 36.68 7.24
CA ALA A 462 14.89 36.69 5.86
C ALA A 462 15.43 35.33 5.48
N GLY A 463 15.49 34.39 6.46
CA GLY A 463 15.85 33.00 6.27
C GLY A 463 17.30 32.80 5.95
N MET A 464 18.18 33.61 6.58
CA MET A 464 19.60 33.61 6.27
C MET A 464 20.33 32.89 7.37
N LEU A 465 19.62 32.52 8.47
CA LEU A 465 20.19 31.80 9.57
C LEU A 465 19.78 30.37 9.34
N THR A 466 20.77 29.45 9.40
CA THR A 466 20.58 28.07 9.05
C THR A 466 21.17 27.22 10.16
N PRO A 467 20.76 25.95 10.28
CA PRO A 467 21.25 25.04 11.30
C PRO A 467 22.51 24.39 10.75
N PRO A 468 23.38 23.77 11.55
CA PRO A 468 24.60 23.15 11.09
C PRO A 468 24.37 21.81 10.41
N PHE A 469 23.10 21.44 10.09
CA PHE A 469 22.82 20.25 9.33
C PHE A 469 21.76 20.63 8.34
N VAL A 470 22.07 20.43 7.03
CA VAL A 470 21.15 20.67 5.95
C VAL A 470 21.08 19.34 5.24
N PRO A 471 19.92 18.66 5.15
CA PRO A 471 19.75 17.37 4.50
C PRO A 471 20.31 17.24 3.10
N ASP A 472 20.94 16.07 2.79
CA ASP A 472 21.38 15.68 1.47
C ASP A 472 20.19 15.43 0.57
N SER A 473 20.23 15.94 -0.69
CA SER A 473 19.20 15.76 -1.67
C SER A 473 19.06 14.33 -2.12
N ARG A 474 20.21 13.65 -2.37
CA ARG A 474 20.28 12.28 -2.81
C ARG A 474 19.69 11.29 -1.85
N THR A 475 19.93 11.49 -0.53
CA THR A 475 19.40 10.65 0.51
C THR A 475 17.98 11.08 0.75
N VAL A 476 17.02 10.15 0.58
CA VAL A 476 15.60 10.40 0.70
C VAL A 476 15.16 10.05 2.10
N TYR A 477 14.02 10.65 2.52
CA TYR A 477 13.44 10.49 3.83
C TYR A 477 12.05 10.02 3.55
N ALA A 478 11.71 8.79 4.01
CA ALA A 478 10.41 8.23 3.79
C ALA A 478 10.17 7.11 4.77
N LYS A 479 8.94 6.56 4.76
CA LYS A 479 8.50 5.48 5.60
C LYS A 479 7.83 4.46 4.73
N ASN A 480 7.65 3.23 5.26
CA ASN A 480 7.04 2.10 4.57
C ASN A 480 5.65 2.38 4.12
N ILE A 481 5.34 1.95 2.87
CA ILE A 481 4.06 2.15 2.22
C ILE A 481 3.41 0.80 2.19
N GLN A 482 4.19 -0.27 2.50
CA GLN A 482 3.69 -1.62 2.63
C GLN A 482 3.01 -1.77 3.96
N ASP A 483 3.34 -0.88 4.93
CA ASP A 483 2.77 -0.86 6.25
C ASP A 483 2.03 0.44 6.31
N VAL A 484 0.75 0.38 6.75
CA VAL A 484 -0.08 1.55 6.92
C VAL A 484 -0.85 1.35 8.20
N GLY A 485 -1.43 2.48 8.72
CA GLY A 485 -2.13 2.55 9.98
C GLY A 485 -3.48 1.90 9.92
N ALA A 486 -4.36 2.31 10.87
CA ALA A 486 -5.70 1.79 10.97
C ALA A 486 -6.49 2.79 11.77
N PHE A 487 -7.83 2.70 11.66
CA PHE A 487 -8.83 3.55 12.27
C PHE A 487 -10.03 3.38 11.37
N SER A 488 -11.26 3.40 11.96
CA SER A 488 -12.52 3.09 11.32
C SER A 488 -12.73 3.80 10.00
N THR A 489 -13.15 3.02 8.99
CA THR A 489 -13.69 3.48 7.74
C THR A 489 -14.97 2.69 7.61
N VAL A 490 -15.85 3.10 6.66
CA VAL A 490 -17.28 2.85 6.73
C VAL A 490 -17.60 1.38 6.76
N LYS A 491 -18.63 1.04 7.58
CA LYS A 491 -19.03 -0.32 7.84
C LYS A 491 -20.21 -0.67 6.98
N GLY A 492 -20.55 0.21 6.02
CA GLY A 492 -21.60 0.00 5.06
C GLY A 492 -22.23 1.34 4.79
N VAL A 493 -22.00 2.31 5.71
CA VAL A 493 -22.75 3.53 5.81
C VAL A 493 -22.36 4.47 4.71
N ALA A 494 -23.32 5.33 4.29
CA ALA A 494 -23.21 6.12 3.10
C ALA A 494 -23.21 7.56 3.52
N PHE A 495 -22.40 8.39 2.82
CA PHE A 495 -22.14 9.77 3.17
C PHE A 495 -23.38 10.62 3.09
N GLU A 496 -23.47 11.59 4.04
CA GLU A 496 -24.45 12.66 4.07
C GLU A 496 -24.26 13.57 2.89
N LYS A 497 -25.36 14.23 2.46
CA LYS A 497 -25.38 15.27 1.45
C LYS A 497 -24.40 16.38 1.77
N ALA A 498 -24.36 16.77 3.07
CA ALA A 498 -23.49 17.77 3.66
C ALA A 498 -22.02 17.50 3.41
N ASP A 499 -21.61 16.22 3.56
CA ASP A 499 -20.26 15.74 3.34
C ASP A 499 -19.82 15.97 1.92
N THR A 500 -20.68 15.58 0.94
CA THR A 500 -20.48 15.74 -0.48
C THR A 500 -20.26 17.18 -0.87
N GLU A 501 -21.04 18.10 -0.26
CA GLU A 501 -20.96 19.52 -0.47
C GLU A 501 -19.68 20.09 0.05
N PHE A 502 -19.19 19.57 1.20
CA PHE A 502 -17.90 19.94 1.76
C PHE A 502 -16.76 19.52 0.85
N PHE A 503 -16.85 18.30 0.25
CA PHE A 503 -15.83 17.75 -0.60
C PHE A 503 -15.64 18.57 -1.84
N GLN A 504 -16.76 19.00 -2.45
CA GLN A 504 -16.80 19.91 -3.59
C GLN A 504 -16.20 21.26 -3.28
N GLU A 505 -16.52 21.82 -2.09
CA GLU A 505 -16.09 23.12 -1.62
C GLU A 505 -14.61 23.18 -1.38
N PHE A 506 -14.06 22.12 -0.75
CA PHE A 506 -12.64 21.91 -0.49
C PHE A 506 -11.81 22.00 -1.75
N ALA A 507 -12.23 21.30 -2.83
CA ALA A 507 -11.52 21.25 -4.08
C ALA A 507 -11.69 22.58 -4.78
N SER A 508 -10.55 23.25 -5.05
CA SER A 508 -10.53 24.60 -5.54
C SER A 508 -9.29 24.74 -6.37
N MET B 1 -6.16 -39.34 -33.20
CA MET B 1 -4.86 -39.86 -33.49
C MET B 1 -4.92 -41.34 -33.23
N ASN B 2 -4.48 -41.76 -32.03
CA ASN B 2 -4.37 -43.14 -31.62
C ASN B 2 -5.35 -43.37 -30.50
N GLY B 3 -6.25 -42.39 -30.24
CA GLY B 3 -7.33 -42.51 -29.30
C GLY B 3 -8.53 -43.14 -29.93
N THR B 4 -9.73 -42.60 -29.57
CA THR B 4 -10.98 -43.05 -30.09
C THR B 4 -11.78 -41.81 -30.23
N GLU B 5 -12.14 -41.45 -31.48
CA GLU B 5 -12.87 -40.26 -31.82
C GLU B 5 -14.34 -40.51 -31.73
N GLY B 6 -15.08 -39.43 -31.44
CA GLY B 6 -16.51 -39.43 -31.36
C GLY B 6 -16.89 -37.99 -31.50
N PRO B 7 -18.15 -37.68 -31.79
CA PRO B 7 -18.65 -36.33 -31.96
C PRO B 7 -18.89 -35.67 -30.61
N ASN B 8 -18.41 -36.25 -29.50
CA ASN B 8 -18.57 -35.66 -28.20
C ASN B 8 -17.54 -36.24 -27.26
N PHE B 9 -16.55 -37.01 -27.78
CA PHE B 9 -15.51 -37.52 -26.91
C PHE B 9 -14.29 -37.76 -27.74
N TYR B 10 -13.13 -37.72 -27.07
CA TYR B 10 -11.88 -38.16 -27.63
C TYR B 10 -11.17 -38.81 -26.47
N VAL B 11 -11.33 -40.14 -26.33
CA VAL B 11 -10.64 -40.93 -25.33
C VAL B 11 -9.20 -41.02 -25.77
N PRO B 12 -8.15 -40.61 -25.05
CA PRO B 12 -6.77 -40.66 -25.56
C PRO B 12 -6.29 -42.07 -25.73
N PHE B 13 -6.82 -43.01 -24.90
CA PHE B 13 -6.56 -44.42 -24.97
C PHE B 13 -7.25 -45.00 -26.20
N SER B 14 -6.56 -45.94 -26.89
CA SER B 14 -7.01 -46.62 -28.08
C SER B 14 -8.13 -47.56 -27.73
N ASN B 15 -9.07 -47.79 -28.68
CA ASN B 15 -10.15 -48.74 -28.49
C ASN B 15 -9.59 -50.09 -28.80
N LYS B 16 -9.55 -50.98 -27.79
CA LYS B 16 -8.97 -52.29 -27.91
C LYS B 16 -9.34 -53.10 -26.71
N THR B 17 -10.06 -52.48 -25.73
CA THR B 17 -10.60 -53.18 -24.59
C THR B 17 -12.09 -53.33 -24.79
N GLY B 18 -12.63 -52.69 -25.86
CA GLY B 18 -13.98 -52.87 -26.33
C GLY B 18 -14.99 -52.14 -25.49
N VAL B 19 -14.53 -51.25 -24.60
CA VAL B 19 -15.37 -50.50 -23.70
C VAL B 19 -15.01 -49.04 -23.86
N VAL B 20 -14.18 -48.71 -24.87
CA VAL B 20 -13.70 -47.37 -25.10
C VAL B 20 -14.68 -46.73 -26.05
N ARG B 21 -15.68 -46.03 -25.47
CA ARG B 21 -16.69 -45.31 -26.21
C ARG B 21 -16.74 -43.99 -25.48
N SER B 22 -17.87 -43.68 -24.80
CA SER B 22 -18.01 -42.56 -23.90
C SER B 22 -17.18 -42.82 -22.66
N PRO B 23 -16.24 -41.97 -22.26
CA PRO B 23 -15.52 -42.13 -21.00
C PRO B 23 -16.37 -41.61 -19.86
N PHE B 24 -17.46 -40.89 -20.19
CA PHE B 24 -18.43 -40.35 -19.26
C PHE B 24 -19.11 -41.42 -18.45
N GLU B 25 -19.54 -42.53 -19.11
CA GLU B 25 -20.34 -43.55 -18.48
C GLU B 25 -19.51 -44.78 -18.22
N ALA B 26 -18.33 -44.89 -18.88
CA ALA B 26 -17.51 -46.07 -18.76
C ALA B 26 -16.67 -45.96 -17.51
N PRO B 27 -16.31 -47.07 -16.85
CA PRO B 27 -15.54 -47.04 -15.61
C PRO B 27 -14.09 -47.04 -16.00
N GLN B 28 -13.46 -45.85 -15.93
CA GLN B 28 -12.11 -45.57 -16.35
C GLN B 28 -11.12 -46.28 -15.47
N TYR B 29 -10.48 -47.32 -16.04
CA TYR B 29 -9.62 -48.26 -15.37
C TYR B 29 -8.88 -48.99 -16.44
N TYR B 30 -9.17 -48.65 -17.72
CA TYR B 30 -8.50 -49.18 -18.89
C TYR B 30 -7.46 -48.19 -19.32
N LEU B 31 -7.20 -47.16 -18.49
CA LEU B 31 -6.20 -46.17 -18.76
C LEU B 31 -5.75 -45.58 -17.44
N ALA B 32 -6.13 -46.22 -16.31
CA ALA B 32 -5.71 -45.78 -15.02
C ALA B 32 -5.75 -46.99 -14.12
N GLU B 33 -5.11 -46.86 -12.93
CA GLU B 33 -4.96 -47.93 -11.98
C GLU B 33 -5.61 -47.45 -10.70
N PRO B 34 -6.19 -48.32 -9.85
CA PRO B 34 -6.81 -47.93 -8.59
C PRO B 34 -5.88 -47.23 -7.62
N TRP B 35 -4.57 -47.56 -7.60
CA TRP B 35 -3.63 -46.97 -6.67
C TRP B 35 -3.39 -45.52 -7.04
N GLN B 36 -3.29 -45.24 -8.36
CA GLN B 36 -3.17 -43.93 -8.94
C GLN B 36 -4.32 -43.02 -8.61
N PHE B 37 -5.55 -43.59 -8.51
CA PHE B 37 -6.73 -42.88 -8.06
C PHE B 37 -6.70 -42.50 -6.61
N SER B 38 -6.14 -43.38 -5.74
CA SER B 38 -5.97 -43.09 -4.33
C SER B 38 -5.00 -41.94 -4.11
N MET B 39 -3.88 -41.94 -4.88
CA MET B 39 -2.91 -40.88 -4.89
C MET B 39 -3.45 -39.58 -5.42
N LEU B 40 -4.33 -39.64 -6.45
CA LEU B 40 -5.05 -38.53 -7.02
C LEU B 40 -5.94 -37.88 -5.99
N ALA B 41 -6.73 -38.71 -5.25
CA ALA B 41 -7.63 -38.24 -4.22
C ALA B 41 -6.89 -37.61 -3.06
N ALA B 42 -5.75 -38.21 -2.63
CA ALA B 42 -4.88 -37.65 -1.62
C ALA B 42 -4.37 -36.28 -1.98
N TYR B 43 -3.88 -36.16 -3.23
CA TYR B 43 -3.33 -34.95 -3.81
C TYR B 43 -4.35 -33.83 -3.91
N MET B 44 -5.58 -34.14 -4.37
CA MET B 44 -6.67 -33.18 -4.47
C MET B 44 -7.15 -32.68 -3.15
N PHE B 45 -7.10 -33.54 -2.11
CA PHE B 45 -7.47 -33.23 -0.74
C PHE B 45 -6.51 -32.21 -0.18
N LEU B 46 -5.19 -32.45 -0.36
CA LEU B 46 -4.09 -31.54 -0.08
C LEU B 46 -4.31 -30.16 -0.64
N LEU B 47 -4.60 -30.03 -1.95
CA LEU B 47 -4.81 -28.76 -2.64
C LEU B 47 -5.93 -27.93 -2.07
N ILE B 48 -6.99 -28.56 -1.51
CA ILE B 48 -8.11 -27.90 -0.86
C ILE B 48 -7.64 -27.39 0.48
N MET B 49 -7.01 -28.28 1.28
CA MET B 49 -6.49 -28.03 2.62
C MET B 49 -5.55 -26.86 2.71
N LEU B 50 -4.70 -26.65 1.67
CA LEU B 50 -3.80 -25.53 1.62
C LEU B 50 -4.48 -24.33 1.01
N GLY B 51 -5.14 -24.52 -0.16
CA GLY B 51 -5.69 -23.44 -0.96
C GLY B 51 -6.71 -22.58 -0.27
N PHE B 52 -7.68 -23.20 0.46
CA PHE B 52 -8.74 -22.49 1.13
C PHE B 52 -8.28 -21.57 2.26
N PRO B 53 -7.43 -21.98 3.22
CA PRO B 53 -6.91 -21.10 4.26
C PRO B 53 -6.14 -19.92 3.72
N ILE B 54 -5.21 -20.17 2.78
CA ILE B 54 -4.37 -19.19 2.13
C ILE B 54 -5.18 -18.07 1.49
N ASN B 55 -6.28 -18.41 0.79
CA ASN B 55 -7.09 -17.45 0.07
C ASN B 55 -7.99 -16.72 1.03
N PHE B 56 -8.42 -17.39 2.12
CA PHE B 56 -9.23 -16.79 3.17
C PHE B 56 -8.44 -15.69 3.86
N LEU B 57 -7.16 -15.97 4.21
CA LEU B 57 -6.23 -15.03 4.80
C LEU B 57 -6.07 -13.75 4.00
N THR B 58 -6.02 -13.85 2.65
CA THR B 58 -5.84 -12.72 1.76
C THR B 58 -6.96 -11.72 1.89
N LEU B 59 -8.22 -12.21 1.99
CA LEU B 59 -9.39 -11.39 2.21
C LEU B 59 -9.45 -10.85 3.62
N TYR B 60 -9.09 -11.72 4.59
CA TYR B 60 -9.23 -11.52 6.02
C TYR B 60 -8.37 -10.41 6.55
N VAL B 61 -7.07 -10.43 6.19
CA VAL B 61 -6.05 -9.51 6.63
C VAL B 61 -6.36 -8.07 6.28
N THR B 62 -7.07 -7.84 5.14
CA THR B 62 -7.42 -6.52 4.66
C THR B 62 -8.44 -5.88 5.57
N VAL B 63 -9.35 -6.70 6.17
CA VAL B 63 -10.34 -6.24 7.12
C VAL B 63 -9.71 -5.83 8.44
N GLN B 64 -8.51 -6.39 8.78
CA GLN B 64 -7.82 -6.14 10.03
C GLN B 64 -7.37 -4.72 10.17
N HIS B 65 -6.83 -4.14 9.07
CA HIS B 65 -6.46 -2.75 9.03
C HIS B 65 -7.22 -2.14 7.90
N LYS B 66 -8.14 -1.21 8.27
CA LYS B 66 -8.94 -0.33 7.45
C LYS B 66 -8.23 0.25 6.27
N LYS B 67 -7.04 0.84 6.53
CA LYS B 67 -6.20 1.60 5.63
C LYS B 67 -5.72 0.76 4.45
N LEU B 68 -5.78 -0.58 4.55
CA LEU B 68 -5.36 -1.52 3.53
C LEU B 68 -6.38 -1.60 2.43
N ARG B 69 -7.65 -1.21 2.72
CA ARG B 69 -8.73 -1.21 1.76
C ARG B 69 -8.50 0.01 0.91
N THR B 70 -7.89 -0.19 -0.29
CA THR B 70 -7.48 0.85 -1.19
C THR B 70 -7.36 0.16 -2.55
N PRO B 71 -7.24 0.90 -3.67
CA PRO B 71 -7.13 0.37 -5.03
C PRO B 71 -6.09 -0.71 -5.24
N LEU B 72 -4.91 -0.57 -4.60
CA LEU B 72 -3.78 -1.45 -4.80
C LEU B 72 -3.96 -2.83 -4.21
N ASN B 73 -5.03 -3.03 -3.40
CA ASN B 73 -5.32 -4.30 -2.76
C ASN B 73 -6.37 -5.05 -3.55
N TYR B 74 -7.14 -4.35 -4.43
CA TYR B 74 -8.18 -4.91 -5.28
C TYR B 74 -7.77 -6.17 -6.02
N ILE B 75 -6.57 -6.12 -6.63
CA ILE B 75 -6.00 -7.21 -7.39
C ILE B 75 -5.71 -8.42 -6.52
N LEU B 76 -5.33 -8.20 -5.23
CA LEU B 76 -5.06 -9.27 -4.29
C LEU B 76 -6.31 -9.99 -3.88
N LEU B 77 -7.41 -9.24 -3.66
CA LEU B 77 -8.71 -9.80 -3.40
C LEU B 77 -9.21 -10.62 -4.56
N ASN B 78 -9.01 -10.10 -5.80
CA ASN B 78 -9.36 -10.74 -7.04
C ASN B 78 -8.65 -12.06 -7.20
N LEU B 79 -7.31 -12.07 -6.95
CA LEU B 79 -6.47 -13.25 -6.94
C LEU B 79 -6.99 -14.34 -6.03
N ALA B 80 -7.41 -13.97 -4.81
CA ALA B 80 -7.92 -14.91 -3.83
C ALA B 80 -9.22 -15.54 -4.28
N VAL B 81 -10.12 -14.74 -4.90
CA VAL B 81 -11.37 -15.20 -5.45
C VAL B 81 -11.19 -16.17 -6.60
N ALA B 82 -10.27 -15.84 -7.53
CA ALA B 82 -9.87 -16.67 -8.65
C ALA B 82 -9.44 -18.05 -8.23
N ASP B 83 -8.55 -18.08 -7.22
CA ASP B 83 -8.01 -19.27 -6.59
C ASP B 83 -9.09 -20.12 -5.97
N LEU B 84 -10.11 -19.50 -5.34
CA LEU B 84 -11.21 -20.18 -4.70
C LEU B 84 -12.12 -20.83 -5.72
N PHE B 85 -12.29 -20.20 -6.91
CA PHE B 85 -12.92 -20.82 -8.06
C PHE B 85 -12.26 -22.11 -8.45
N MET B 86 -10.90 -22.16 -8.49
CA MET B 86 -10.15 -23.38 -8.76
C MET B 86 -10.40 -24.46 -7.73
N VAL B 87 -10.66 -24.08 -6.44
CA VAL B 87 -10.84 -25.01 -5.35
C VAL B 87 -12.17 -25.70 -5.47
N PHE B 88 -13.24 -24.93 -5.77
CA PHE B 88 -14.59 -25.45 -5.72
C PHE B 88 -15.06 -25.93 -7.06
N GLY B 89 -14.49 -25.39 -8.15
CA GLY B 89 -14.77 -25.82 -9.50
C GLY B 89 -13.99 -27.03 -9.85
N GLY B 90 -12.67 -27.04 -9.52
CA GLY B 90 -11.77 -28.07 -9.92
C GLY B 90 -11.56 -29.12 -8.86
N PHE B 91 -10.92 -28.72 -7.73
CA PHE B 91 -10.34 -29.64 -6.78
C PHE B 91 -11.33 -30.59 -6.14
N THR B 92 -12.48 -30.05 -5.66
CA THR B 92 -13.52 -30.77 -4.95
C THR B 92 -14.19 -31.82 -5.80
N THR B 93 -14.63 -31.42 -7.02
CA THR B 93 -15.17 -32.30 -8.03
C THR B 93 -14.28 -33.47 -8.34
N THR B 94 -12.97 -33.19 -8.60
CA THR B 94 -11.99 -34.19 -8.96
C THR B 94 -11.73 -35.16 -7.83
N LEU B 95 -11.78 -34.67 -6.57
CA LEU B 95 -11.69 -35.49 -5.37
C LEU B 95 -12.82 -36.47 -5.26
N TYR B 96 -14.07 -36.01 -5.53
CA TYR B 96 -15.27 -36.84 -5.50
C TYR B 96 -15.21 -37.96 -6.53
N THR B 97 -14.93 -37.59 -7.80
CA THR B 97 -14.89 -38.48 -8.94
C THR B 97 -13.82 -39.52 -8.84
N SER B 98 -12.58 -39.15 -8.40
CA SER B 98 -11.44 -40.03 -8.25
C SER B 98 -11.68 -41.25 -7.41
N LEU B 99 -12.53 -41.14 -6.36
CA LEU B 99 -12.80 -42.23 -5.45
C LEU B 99 -13.77 -43.24 -6.03
N HIS B 100 -14.54 -42.86 -7.09
CA HIS B 100 -15.28 -43.80 -7.90
C HIS B 100 -14.40 -44.36 -8.99
N GLY B 101 -13.35 -43.59 -9.36
CA GLY B 101 -12.37 -43.93 -10.36
C GLY B 101 -12.84 -43.57 -11.73
N TYR B 102 -13.91 -42.76 -11.86
CA TYR B 102 -14.36 -42.29 -13.14
C TYR B 102 -15.25 -41.12 -12.86
N PHE B 103 -15.64 -40.42 -13.95
CA PHE B 103 -16.38 -39.18 -13.89
C PHE B 103 -17.84 -39.58 -13.79
N VAL B 104 -18.54 -39.16 -12.72
CA VAL B 104 -19.86 -39.66 -12.41
C VAL B 104 -20.92 -38.61 -12.61
N PHE B 105 -20.56 -37.38 -13.06
CA PHE B 105 -21.53 -36.31 -13.21
C PHE B 105 -22.04 -36.25 -14.63
N GLY B 106 -21.51 -37.11 -15.54
CA GLY B 106 -22.00 -37.27 -16.89
C GLY B 106 -21.53 -36.15 -17.80
N PRO B 107 -21.87 -36.16 -19.09
CA PRO B 107 -21.47 -35.18 -20.08
C PRO B 107 -21.85 -33.76 -19.73
N THR B 108 -23.05 -33.53 -19.17
CA THR B 108 -23.52 -32.21 -18.80
C THR B 108 -22.72 -31.69 -17.64
N GLY B 109 -22.48 -32.56 -16.64
CA GLY B 109 -21.62 -32.35 -15.50
C GLY B 109 -20.22 -31.96 -15.88
N CYS B 110 -19.65 -32.65 -16.90
CA CYS B 110 -18.35 -32.40 -17.47
C CYS B 110 -18.22 -31.01 -18.02
N ASN B 111 -19.29 -30.50 -18.69
CA ASN B 111 -19.31 -29.18 -19.26
C ASN B 111 -19.32 -28.11 -18.18
N LEU B 112 -20.15 -28.32 -17.13
CA LEU B 112 -20.22 -27.48 -15.95
C LEU B 112 -18.93 -27.41 -15.18
N GLU B 113 -18.42 -28.57 -14.72
CA GLU B 113 -17.23 -28.76 -13.92
C GLU B 113 -16.01 -28.22 -14.59
N GLY B 114 -15.90 -28.50 -15.91
CA GLY B 114 -14.82 -28.08 -16.77
C GLY B 114 -14.82 -26.59 -16.94
N PHE B 115 -16.02 -25.98 -16.95
CA PHE B 115 -16.20 -24.55 -17.07
C PHE B 115 -15.69 -23.86 -15.84
N PHE B 116 -16.07 -24.34 -14.64
CA PHE B 116 -15.72 -23.70 -13.38
C PHE B 116 -14.24 -23.81 -13.10
N ALA B 117 -13.64 -24.98 -13.40
CA ALA B 117 -12.23 -25.22 -13.24
C ALA B 117 -11.39 -24.35 -14.14
N THR B 118 -11.78 -24.28 -15.44
CA THR B 118 -11.11 -23.49 -16.47
C THR B 118 -11.20 -22.03 -16.16
N LEU B 119 -12.43 -21.55 -15.83
CA LEU B 119 -12.72 -20.18 -15.45
C LEU B 119 -11.81 -19.72 -14.35
N GLY B 120 -11.77 -20.50 -13.24
CA GLY B 120 -10.89 -20.31 -12.10
C GLY B 120 -9.45 -20.10 -12.49
N GLY B 121 -8.85 -21.11 -13.16
CA GLY B 121 -7.48 -21.11 -13.62
C GLY B 121 -7.13 -19.98 -14.55
N GLU B 122 -8.10 -19.51 -15.35
CA GLU B 122 -7.90 -18.48 -16.32
C GLU B 122 -7.92 -17.13 -15.68
N ILE B 123 -8.82 -16.87 -14.70
CA ILE B 123 -8.82 -15.66 -13.90
C ILE B 123 -7.50 -15.55 -13.15
N ALA B 124 -6.97 -16.68 -12.60
CA ALA B 124 -5.66 -16.79 -11.97
C ALA B 124 -4.54 -16.37 -12.89
N LEU B 125 -4.50 -16.95 -14.12
CA LEU B 125 -3.59 -16.63 -15.20
C LEU B 125 -3.53 -15.14 -15.46
N TRP B 126 -4.70 -14.53 -15.69
CA TRP B 126 -4.83 -13.13 -16.03
C TRP B 126 -4.55 -12.21 -14.87
N SER B 127 -4.74 -12.67 -13.61
CA SER B 127 -4.35 -11.96 -12.40
C SER B 127 -2.86 -11.74 -12.41
N LEU B 128 -2.07 -12.83 -12.61
CA LEU B 128 -0.64 -12.78 -12.78
C LEU B 128 -0.15 -11.83 -13.85
N VAL B 129 -0.92 -11.69 -14.95
CA VAL B 129 -0.61 -10.80 -16.07
C VAL B 129 -0.79 -9.38 -15.63
N VAL B 130 -2.01 -9.05 -15.14
CA VAL B 130 -2.41 -7.75 -14.63
C VAL B 130 -1.46 -7.26 -13.55
N LEU B 131 -1.08 -8.14 -12.61
CA LEU B 131 -0.15 -7.90 -11.54
C LEU B 131 1.21 -7.45 -12.00
N ALA B 132 1.76 -8.12 -13.03
CA ALA B 132 3.01 -7.77 -13.66
C ALA B 132 2.96 -6.42 -14.32
N ILE B 133 1.84 -6.14 -15.02
CA ILE B 133 1.55 -4.88 -15.67
C ILE B 133 1.56 -3.76 -14.67
N GLU B 134 0.78 -3.90 -13.58
CA GLU B 134 0.67 -2.94 -12.49
C GLU B 134 2.00 -2.60 -11.85
N ARG B 135 2.85 -3.62 -11.59
CA ARG B 135 4.18 -3.43 -11.05
C ARG B 135 5.06 -2.64 -11.98
N TYR B 136 5.00 -2.97 -13.29
CA TYR B 136 5.69 -2.29 -14.35
C TYR B 136 5.30 -0.84 -14.49
N VAL B 137 3.98 -0.55 -14.50
CA VAL B 137 3.42 0.78 -14.63
C VAL B 137 3.84 1.67 -13.50
N VAL B 138 3.66 1.20 -12.24
CA VAL B 138 3.93 1.95 -11.05
C VAL B 138 5.40 2.28 -10.89
N VAL B 139 6.29 1.29 -11.14
CA VAL B 139 7.67 1.41 -10.75
C VAL B 139 8.52 1.94 -11.88
N CYS B 140 8.38 1.33 -13.08
CA CYS B 140 9.16 1.72 -14.26
C CYS B 140 8.66 2.98 -14.89
N LYS B 141 7.38 3.35 -14.62
CA LYS B 141 6.75 4.59 -15.04
C LYS B 141 6.78 4.81 -16.54
N PRO B 142 6.23 3.90 -17.37
CA PRO B 142 6.42 3.90 -18.81
C PRO B 142 5.61 4.96 -19.52
N MET B 143 4.37 5.27 -19.09
CA MET B 143 3.51 6.16 -19.81
C MET B 143 2.58 6.89 -18.90
N SER B 144 2.13 8.07 -19.37
CA SER B 144 1.28 9.01 -18.69
C SER B 144 -0.15 8.54 -18.63
N ASN B 145 -0.87 9.00 -17.59
CA ASN B 145 -2.30 8.86 -17.36
C ASN B 145 -2.60 7.53 -16.74
N PHE B 146 -1.57 6.88 -16.14
CA PHE B 146 -1.74 5.63 -15.44
C PHE B 146 -0.83 5.65 -14.25
N ARG B 147 -1.36 5.16 -13.11
CA ARG B 147 -0.63 5.04 -11.89
C ARG B 147 -1.14 3.73 -11.38
N PHE B 148 -2.23 3.73 -10.57
CA PHE B 148 -2.83 2.54 -10.01
C PHE B 148 -3.97 3.08 -9.17
N GLY B 149 -4.64 4.16 -9.67
CA GLY B 149 -5.77 4.78 -9.02
C GLY B 149 -6.97 3.88 -9.13
N GLU B 150 -8.11 4.31 -8.55
CA GLU B 150 -9.35 3.55 -8.47
C GLU B 150 -9.80 2.97 -9.80
N ASN B 151 -9.78 3.80 -10.87
CA ASN B 151 -10.19 3.42 -12.20
C ASN B 151 -9.35 2.32 -12.78
N HIS B 152 -8.01 2.42 -12.62
CA HIS B 152 -7.06 1.47 -13.15
C HIS B 152 -7.20 0.11 -12.52
N ALA B 153 -7.34 0.09 -11.17
CA ALA B 153 -7.58 -1.09 -10.37
C ALA B 153 -8.80 -1.87 -10.79
N ILE B 154 -9.94 -1.15 -11.00
CA ILE B 154 -11.21 -1.69 -11.41
C ILE B 154 -11.14 -2.31 -12.77
N MET B 155 -10.49 -1.60 -13.73
CA MET B 155 -10.22 -2.05 -15.08
C MET B 155 -9.47 -3.35 -15.09
N GLY B 156 -8.36 -3.41 -14.30
CA GLY B 156 -7.56 -4.58 -14.08
C GLY B 156 -8.32 -5.79 -13.62
N VAL B 157 -9.21 -5.61 -12.62
CA VAL B 157 -10.04 -6.67 -12.09
C VAL B 157 -11.02 -7.19 -13.12
N ALA B 158 -11.75 -6.26 -13.79
CA ALA B 158 -12.70 -6.56 -14.84
C ALA B 158 -12.11 -7.35 -15.98
N PHE B 159 -10.88 -6.95 -16.41
CA PHE B 159 -10.11 -7.57 -17.46
C PHE B 159 -9.84 -9.04 -17.22
N THR B 160 -9.56 -9.46 -15.95
CA THR B 160 -9.22 -10.85 -15.67
C THR B 160 -10.41 -11.74 -15.88
N TRP B 161 -11.61 -11.31 -15.42
CA TRP B 161 -12.85 -12.00 -15.70
C TRP B 161 -13.16 -12.13 -17.17
N VAL B 162 -13.07 -11.01 -17.94
CA VAL B 162 -13.44 -10.98 -19.34
C VAL B 162 -12.60 -11.90 -20.21
N MET B 163 -11.25 -11.83 -20.06
CA MET B 163 -10.33 -12.69 -20.75
C MET B 163 -10.48 -14.14 -20.42
N ALA B 164 -10.86 -14.45 -19.15
CA ALA B 164 -11.02 -15.78 -18.65
C ALA B 164 -12.24 -16.44 -19.21
N LEU B 165 -13.37 -15.70 -19.21
CA LEU B 165 -14.63 -16.05 -19.83
C LEU B 165 -14.47 -16.29 -21.30
N ALA B 166 -13.63 -15.48 -21.99
CA ALA B 166 -13.27 -15.64 -23.39
C ALA B 166 -12.64 -16.98 -23.73
N CYS B 167 -12.23 -17.79 -22.72
CA CYS B 167 -11.58 -19.07 -22.90
C CYS B 167 -12.50 -20.13 -22.36
N ALA B 168 -13.04 -19.94 -21.14
CA ALA B 168 -13.85 -20.91 -20.46
C ALA B 168 -15.22 -21.09 -21.07
N ALA B 169 -15.81 -20.02 -21.64
CA ALA B 169 -17.15 -20.03 -22.21
C ALA B 169 -17.26 -20.71 -23.57
N PRO B 170 -16.38 -20.55 -24.58
CA PRO B 170 -16.48 -21.21 -25.87
C PRO B 170 -16.80 -22.69 -25.92
N PRO B 171 -16.26 -23.66 -25.17
CA PRO B 171 -16.62 -25.07 -25.33
C PRO B 171 -18.06 -25.37 -24.95
N LEU B 172 -18.79 -24.42 -24.32
CA LEU B 172 -20.17 -24.58 -23.93
C LEU B 172 -21.12 -24.24 -25.06
N VAL B 173 -20.62 -23.54 -26.12
CA VAL B 173 -21.44 -23.10 -27.23
C VAL B 173 -21.00 -23.85 -28.45
N GLY B 174 -20.10 -24.85 -28.27
CA GLY B 174 -19.80 -25.85 -29.26
C GLY B 174 -18.54 -25.53 -30.00
N TRP B 175 -17.80 -24.48 -29.59
CA TRP B 175 -16.51 -24.17 -30.16
C TRP B 175 -15.52 -24.87 -29.27
N SER B 176 -15.12 -26.09 -29.70
CA SER B 176 -14.51 -27.13 -28.92
C SER B 176 -15.52 -27.68 -27.94
N ARG B 177 -15.09 -28.54 -27.00
CA ARG B 177 -15.98 -29.20 -26.09
C ARG B 177 -15.19 -29.57 -24.87
N TYR B 178 -15.91 -29.80 -23.75
CA TYR B 178 -15.32 -30.34 -22.55
C TYR B 178 -15.49 -31.83 -22.62
N ILE B 179 -14.39 -32.54 -22.26
CA ILE B 179 -14.30 -33.98 -22.25
C ILE B 179 -13.28 -34.24 -21.17
N PRO B 180 -13.29 -35.36 -20.46
CA PRO B 180 -12.31 -35.70 -19.44
C PRO B 180 -10.86 -35.57 -19.89
N GLU B 181 -10.00 -35.02 -19.01
CA GLU B 181 -8.56 -34.92 -19.16
C GLU B 181 -8.00 -35.68 -17.99
N GLY B 182 -6.66 -35.85 -17.95
CA GLY B 182 -5.95 -36.48 -16.85
C GLY B 182 -6.29 -37.92 -16.72
N MET B 183 -6.68 -38.36 -15.50
CA MET B 183 -7.03 -39.74 -15.21
C MET B 183 -8.52 -39.90 -15.43
N GLN B 184 -9.17 -38.85 -15.99
CA GLN B 184 -10.49 -38.82 -16.53
C GLN B 184 -11.46 -38.49 -15.43
N CYS B 185 -10.99 -37.74 -14.41
CA CYS B 185 -11.76 -37.37 -13.25
C CYS B 185 -11.83 -35.88 -13.17
N SER B 186 -11.30 -35.19 -14.20
CA SER B 186 -11.43 -33.77 -14.35
C SER B 186 -11.67 -33.60 -15.81
N CYS B 187 -12.33 -32.50 -16.22
CA CYS B 187 -12.67 -32.24 -17.60
C CYS B 187 -11.87 -31.06 -18.06
N GLY B 188 -11.21 -31.22 -19.23
CA GLY B 188 -10.47 -30.15 -19.85
C GLY B 188 -11.01 -29.94 -21.23
N ILE B 189 -10.27 -29.13 -22.02
CA ILE B 189 -10.54 -28.81 -23.39
C ILE B 189 -10.04 -29.93 -24.26
N ASP B 190 -10.81 -30.28 -25.32
CA ASP B 190 -10.41 -31.24 -26.31
C ASP B 190 -9.51 -30.50 -27.28
N TYR B 191 -8.19 -30.51 -26.98
CA TYR B 191 -7.20 -29.81 -27.75
C TYR B 191 -6.40 -30.84 -28.49
N TYR B 192 -6.61 -32.12 -28.10
CA TYR B 192 -5.88 -33.27 -28.54
C TYR B 192 -6.02 -33.50 -30.02
N THR B 193 -7.26 -33.37 -30.53
CA THR B 193 -7.60 -33.59 -31.91
C THR B 193 -7.98 -32.26 -32.52
N PRO B 194 -7.93 -32.11 -33.84
CA PRO B 194 -8.40 -30.92 -34.53
C PRO B 194 -9.78 -31.26 -35.06
N HIS B 195 -10.63 -31.95 -34.26
CA HIS B 195 -11.92 -32.45 -34.64
C HIS B 195 -12.86 -31.35 -35.07
N GLU B 196 -13.17 -31.36 -36.38
CA GLU B 196 -13.87 -30.36 -37.14
C GLU B 196 -15.26 -30.05 -36.69
N GLU B 197 -16.06 -31.07 -36.27
CA GLU B 197 -17.46 -30.91 -35.93
C GLU B 197 -17.71 -29.94 -34.79
N THR B 198 -16.66 -29.63 -34.00
CA THR B 198 -16.73 -28.69 -32.91
C THR B 198 -15.72 -27.60 -33.16
N ASN B 199 -14.87 -27.76 -34.19
CA ASN B 199 -13.94 -26.75 -34.69
C ASN B 199 -12.83 -26.53 -33.71
N ASN B 200 -12.26 -27.66 -33.20
CA ASN B 200 -11.16 -27.72 -32.26
C ASN B 200 -9.94 -26.98 -32.75
N GLU B 201 -9.61 -27.11 -34.06
CA GLU B 201 -8.39 -26.64 -34.66
C GLU B 201 -8.16 -25.16 -34.47
N SER B 202 -9.17 -24.34 -34.79
CA SER B 202 -9.16 -22.90 -34.61
C SER B 202 -9.07 -22.49 -33.16
N PHE B 203 -9.79 -23.22 -32.27
CA PHE B 203 -9.81 -22.98 -30.84
C PHE B 203 -8.45 -23.18 -30.22
N VAL B 204 -7.73 -24.26 -30.60
CA VAL B 204 -6.42 -24.61 -30.10
C VAL B 204 -5.40 -23.54 -30.43
N ILE B 205 -5.48 -22.97 -31.66
CA ILE B 205 -4.63 -21.90 -32.11
C ILE B 205 -4.90 -20.66 -31.28
N TYR B 206 -6.20 -20.30 -31.10
CA TYR B 206 -6.65 -19.19 -30.29
C TYR B 206 -6.14 -19.24 -28.86
N MET B 207 -6.33 -20.40 -28.17
CA MET B 207 -5.82 -20.67 -26.85
C MET B 207 -4.34 -20.51 -26.69
N PHE B 208 -3.56 -21.17 -27.57
CA PHE B 208 -2.12 -21.18 -27.52
C PHE B 208 -1.53 -19.80 -27.68
N VAL B 209 -2.06 -18.99 -28.62
CA VAL B 209 -1.54 -17.69 -28.93
C VAL B 209 -1.98 -16.68 -27.90
N VAL B 210 -3.31 -16.47 -27.74
CA VAL B 210 -3.84 -15.37 -26.96
C VAL B 210 -3.70 -15.60 -25.48
N HIS B 211 -3.80 -16.87 -25.02
CA HIS B 211 -3.89 -17.17 -23.61
C HIS B 211 -2.64 -17.80 -23.08
N PHE B 212 -1.60 -18.06 -23.91
CA PHE B 212 -0.31 -18.47 -23.36
C PHE B 212 0.79 -17.56 -23.84
N ILE B 213 1.03 -17.50 -25.17
CA ILE B 213 2.14 -16.79 -25.78
C ILE B 213 2.13 -15.31 -25.46
N ILE B 214 1.00 -14.61 -25.69
CA ILE B 214 0.77 -13.23 -25.28
C ILE B 214 1.14 -12.99 -23.82
N PRO B 215 0.53 -13.62 -22.80
CA PRO B 215 0.96 -13.60 -21.41
C PRO B 215 2.44 -13.77 -21.18
N LEU B 216 3.07 -14.80 -21.80
CA LEU B 216 4.46 -15.10 -21.67
C LEU B 216 5.36 -13.97 -22.07
N ILE B 217 5.05 -13.31 -23.22
CA ILE B 217 5.77 -12.16 -23.72
C ILE B 217 5.67 -10.98 -22.78
N VAL B 218 4.41 -10.65 -22.36
CA VAL B 218 4.11 -9.55 -21.47
C VAL B 218 4.83 -9.66 -20.15
N ILE B 219 4.77 -10.86 -19.53
CA ILE B 219 5.43 -11.22 -18.29
C ILE B 219 6.91 -11.02 -18.35
N PHE B 220 7.57 -11.49 -19.43
CA PHE B 220 9.00 -11.36 -19.62
C PHE B 220 9.42 -9.92 -19.74
N PHE B 221 8.66 -9.12 -20.53
CA PHE B 221 8.87 -7.70 -20.74
C PHE B 221 8.85 -6.92 -19.45
N CYS B 222 7.69 -6.97 -18.75
CA CYS B 222 7.39 -6.30 -17.51
C CYS B 222 8.43 -6.54 -16.45
N TYR B 223 8.76 -7.83 -16.19
CA TYR B 223 9.69 -8.22 -15.16
C TYR B 223 11.13 -7.90 -15.50
N GLY B 224 11.50 -7.95 -16.80
CA GLY B 224 12.78 -7.50 -17.29
C GLY B 224 13.04 -6.06 -16.99
N GLN B 225 12.05 -5.20 -17.36
CA GLN B 225 11.97 -3.80 -17.04
C GLN B 225 12.09 -3.50 -15.57
N LEU B 226 11.31 -4.22 -14.73
CA LEU B 226 11.27 -4.07 -13.29
C LEU B 226 12.62 -4.30 -12.66
N VAL B 227 13.33 -5.39 -13.05
CA VAL B 227 14.67 -5.72 -12.60
C VAL B 227 15.67 -4.67 -13.01
N PHE B 228 15.52 -4.14 -14.25
CA PHE B 228 16.35 -3.09 -14.79
C PHE B 228 16.25 -1.85 -13.94
N THR B 229 15.03 -1.33 -13.74
CA THR B 229 14.69 -0.20 -12.91
C THR B 229 15.27 -0.28 -11.51
N VAL B 230 15.10 -1.43 -10.81
CA VAL B 230 15.52 -1.58 -9.42
C VAL B 230 17.03 -1.62 -9.29
N LYS B 231 17.73 -2.28 -10.26
CA LYS B 231 19.18 -2.27 -10.36
C LYS B 231 19.75 -0.89 -10.57
N GLU B 232 19.12 -0.14 -11.51
CA GLU B 232 19.47 1.21 -11.89
C GLU B 232 19.37 2.15 -10.73
N ALA B 233 18.21 2.14 -10.03
CA ALA B 233 17.93 2.89 -8.82
C ALA B 233 18.94 2.67 -7.73
N ALA B 234 19.35 1.39 -7.51
CA ALA B 234 20.30 1.02 -6.49
C ALA B 234 21.66 1.59 -6.78
N ALA B 235 22.08 1.55 -8.07
CA ALA B 235 23.30 2.15 -8.55
C ALA B 235 23.35 3.66 -8.36
N GLN B 236 22.19 4.34 -8.57
CA GLN B 236 22.05 5.77 -8.46
C GLN B 236 21.79 6.27 -7.07
N GLN B 237 21.87 5.39 -6.04
CA GLN B 237 21.58 5.78 -4.69
C GLN B 237 21.68 4.55 -3.84
N GLN B 238 22.71 4.57 -2.96
CA GLN B 238 23.00 3.51 -2.03
C GLN B 238 22.88 4.21 -0.72
N GLU B 239 22.44 3.49 0.32
CA GLU B 239 22.20 4.12 1.59
C GLU B 239 22.27 3.11 2.69
N SER B 240 22.28 1.80 2.36
CA SER B 240 22.41 0.80 3.37
C SER B 240 22.83 -0.45 2.67
N ALA B 241 23.52 -1.35 3.42
CA ALA B 241 23.93 -2.67 3.02
C ALA B 241 22.72 -3.50 2.65
N THR B 242 21.67 -3.39 3.50
CA THR B 242 20.36 -4.01 3.35
C THR B 242 19.77 -3.73 2.00
N THR B 243 19.71 -2.44 1.58
CA THR B 243 19.12 -2.01 0.32
C THR B 243 19.79 -2.64 -0.88
N GLN B 244 21.14 -2.82 -0.85
CA GLN B 244 21.89 -3.47 -1.91
C GLN B 244 21.60 -4.94 -2.03
N LYS B 245 21.48 -5.63 -0.87
CA LYS B 245 21.13 -7.03 -0.74
C LYS B 245 19.75 -7.27 -1.27
N ALA B 246 18.81 -6.41 -0.85
CA ALA B 246 17.42 -6.34 -1.25
C ALA B 246 17.26 -6.26 -2.74
N GLU B 247 18.08 -5.44 -3.45
CA GLU B 247 18.01 -5.29 -4.89
C GLU B 247 18.31 -6.59 -5.61
N LYS B 248 19.34 -7.32 -5.12
CA LYS B 248 19.75 -8.61 -5.62
C LYS B 248 18.69 -9.67 -5.37
N GLU B 249 18.12 -9.66 -4.14
CA GLU B 249 17.08 -10.53 -3.66
C GLU B 249 15.82 -10.37 -4.46
N VAL B 250 15.39 -9.12 -4.74
CA VAL B 250 14.24 -8.74 -5.52
C VAL B 250 14.36 -9.28 -6.93
N THR B 251 15.57 -9.22 -7.53
CA THR B 251 15.85 -9.76 -8.84
C THR B 251 15.66 -11.26 -8.85
N ARG B 252 16.15 -11.95 -7.79
CA ARG B 252 15.99 -13.38 -7.57
C ARG B 252 14.53 -13.77 -7.50
N MET B 253 13.74 -13.07 -6.66
CA MET B 253 12.31 -13.17 -6.53
C MET B 253 11.59 -13.05 -7.86
N VAL B 254 11.99 -12.08 -8.71
CA VAL B 254 11.39 -11.82 -10.00
C VAL B 254 11.56 -13.00 -10.93
N ILE B 255 12.73 -13.67 -10.87
CA ILE B 255 13.03 -14.88 -11.61
C ILE B 255 12.07 -15.97 -11.17
N ILE B 256 11.87 -16.15 -9.84
CA ILE B 256 10.92 -17.08 -9.24
C ILE B 256 9.52 -16.82 -9.74
N MET B 257 9.08 -15.54 -9.79
CA MET B 257 7.76 -15.11 -10.26
C MET B 257 7.49 -15.48 -11.70
N VAL B 258 8.51 -15.34 -12.58
CA VAL B 258 8.42 -15.63 -14.00
C VAL B 258 8.29 -17.12 -14.18
N ILE B 259 9.20 -17.88 -13.53
CA ILE B 259 9.24 -19.33 -13.44
C ILE B 259 7.92 -19.91 -12.99
N ALA B 260 7.25 -19.27 -12.00
CA ALA B 260 6.00 -19.74 -11.45
C ALA B 260 4.89 -19.67 -12.48
N PHE B 261 4.90 -18.64 -13.37
CA PHE B 261 3.97 -18.56 -14.48
C PHE B 261 4.24 -19.64 -15.49
N LEU B 262 5.53 -19.91 -15.77
CA LEU B 262 5.96 -20.90 -16.73
C LEU B 262 5.48 -22.26 -16.32
N ILE B 263 5.79 -22.70 -15.08
CA ILE B 263 5.38 -23.97 -14.52
C ILE B 263 3.90 -24.21 -14.67
N CYS B 264 3.09 -23.16 -14.42
CA CYS B 264 1.66 -23.30 -14.40
C CYS B 264 1.01 -23.56 -15.74
N TRP B 265 1.46 -22.87 -16.84
CA TRP B 265 0.75 -22.93 -18.10
C TRP B 265 1.53 -23.51 -19.23
N LEU B 266 2.88 -23.56 -19.12
CA LEU B 266 3.75 -24.16 -20.10
C LEU B 266 3.43 -25.62 -20.35
N PRO B 267 3.19 -26.52 -19.38
CA PRO B 267 2.84 -27.91 -19.62
C PRO B 267 1.68 -28.11 -20.55
N TYR B 268 0.54 -27.43 -20.30
CA TYR B 268 -0.61 -27.44 -21.18
C TYR B 268 -0.30 -26.99 -22.59
N ALA B 269 0.42 -25.85 -22.72
CA ALA B 269 0.77 -25.28 -23.99
C ALA B 269 1.68 -26.16 -24.80
N GLY B 270 2.76 -26.66 -24.18
CA GLY B 270 3.75 -27.56 -24.76
C GLY B 270 3.18 -28.83 -25.30
N VAL B 271 2.46 -29.58 -24.44
CA VAL B 271 1.81 -30.84 -24.76
C VAL B 271 0.82 -30.69 -25.89
N ALA B 272 -0.10 -29.70 -25.74
CA ALA B 272 -1.12 -29.36 -26.72
C ALA B 272 -0.55 -29.05 -28.08
N PHE B 273 0.55 -28.26 -28.11
CA PHE B 273 1.18 -27.83 -29.33
C PHE B 273 1.80 -29.00 -30.07
N TYR B 274 2.52 -29.90 -29.35
CA TYR B 274 3.20 -31.03 -29.96
C TYR B 274 2.26 -32.01 -30.64
N ILE B 275 1.15 -32.40 -29.95
CA ILE B 275 0.13 -33.28 -30.51
C ILE B 275 -0.59 -32.66 -31.69
N PHE B 276 -0.83 -31.33 -31.64
CA PHE B 276 -1.51 -30.59 -32.67
C PHE B 276 -0.70 -30.49 -33.95
N THR B 277 0.61 -30.20 -33.84
CA THR B 277 1.52 -30.03 -34.95
C THR B 277 1.86 -31.35 -35.61
N HIS B 278 1.96 -32.43 -34.81
CA HIS B 278 2.32 -33.73 -35.29
C HIS B 278 1.25 -34.65 -34.84
N GLN B 279 0.47 -35.18 -35.80
CA GLN B 279 -0.68 -36.01 -35.53
C GLN B 279 -0.17 -37.42 -35.49
N GLY B 280 -0.23 -38.04 -34.30
CA GLY B 280 0.22 -39.40 -34.07
C GLY B 280 1.13 -39.42 -32.89
N SER B 281 1.25 -38.28 -32.14
CA SER B 281 2.09 -38.15 -30.98
C SER B 281 1.69 -39.09 -29.88
N ASP B 282 2.70 -39.65 -29.16
CA ASP B 282 2.53 -40.54 -28.05
C ASP B 282 2.60 -39.72 -26.80
N PHE B 283 1.47 -39.69 -26.05
CA PHE B 283 1.39 -39.09 -24.74
C PHE B 283 0.47 -39.98 -23.97
N GLY B 284 0.87 -40.35 -22.73
CA GLY B 284 0.16 -41.27 -21.88
C GLY B 284 -1.06 -40.62 -21.27
N PRO B 285 -1.98 -41.36 -20.64
CA PRO B 285 -3.16 -40.79 -20.00
C PRO B 285 -2.81 -40.10 -18.71
N ILE B 286 -1.87 -40.71 -17.94
CA ILE B 286 -1.42 -40.28 -16.63
C ILE B 286 -0.50 -39.09 -16.82
N PHE B 287 0.18 -39.04 -17.99
CA PHE B 287 1.00 -37.95 -18.45
C PHE B 287 0.20 -36.66 -18.57
N MET B 288 -1.11 -36.74 -18.96
CA MET B 288 -1.98 -35.60 -19.11
C MET B 288 -2.46 -35.07 -17.78
N THR B 289 -2.20 -35.79 -16.66
CA THR B 289 -2.59 -35.35 -15.34
C THR B 289 -1.49 -34.48 -14.79
N ILE B 290 -0.25 -34.64 -15.31
CA ILE B 290 0.93 -33.87 -14.95
C ILE B 290 0.73 -32.36 -15.17
N PRO B 291 0.27 -31.85 -16.33
CA PRO B 291 -0.07 -30.45 -16.52
C PRO B 291 -1.10 -29.91 -15.56
N ALA B 292 -2.06 -30.76 -15.12
CA ALA B 292 -3.14 -30.37 -14.25
C ALA B 292 -2.62 -30.09 -12.86
N PHE B 293 -1.67 -30.93 -12.39
CA PHE B 293 -1.03 -30.77 -11.11
C PHE B 293 -0.33 -29.44 -10.99
N PHE B 294 0.46 -29.10 -12.04
CA PHE B 294 1.20 -27.86 -12.14
C PHE B 294 0.31 -26.65 -12.14
N ALA B 295 -0.81 -26.70 -12.90
CA ALA B 295 -1.75 -25.62 -13.02
C ALA B 295 -2.45 -25.35 -11.70
N LYS B 296 -2.96 -26.42 -11.05
CA LYS B 296 -3.73 -26.37 -9.83
C LYS B 296 -2.99 -25.81 -8.64
N THR B 297 -1.65 -26.05 -8.58
CA THR B 297 -0.80 -25.59 -7.50
C THR B 297 -0.65 -24.08 -7.46
N SER B 298 -0.98 -23.33 -8.55
CA SER B 298 -0.86 -21.89 -8.55
C SER B 298 -1.84 -21.21 -7.61
N ALA B 299 -2.90 -21.94 -7.19
CA ALA B 299 -3.85 -21.49 -6.19
C ALA B 299 -3.21 -21.35 -4.83
N VAL B 300 -2.05 -22.02 -4.63
CA VAL B 300 -1.28 -21.97 -3.43
C VAL B 300 -0.15 -21.00 -3.62
N TYR B 301 0.68 -21.12 -4.68
CA TYR B 301 1.91 -20.36 -4.75
C TYR B 301 1.79 -18.90 -5.11
N ASN B 302 0.79 -18.48 -5.92
CA ASN B 302 0.60 -17.06 -6.21
C ASN B 302 0.41 -16.21 -4.96
N PRO B 303 -0.53 -16.49 -4.02
CA PRO B 303 -0.65 -15.74 -2.78
C PRO B 303 0.52 -15.93 -1.85
N VAL B 304 1.27 -17.06 -1.91
CA VAL B 304 2.46 -17.23 -1.10
C VAL B 304 3.48 -16.16 -1.45
N ILE B 305 3.75 -15.97 -2.76
CA ILE B 305 4.67 -14.96 -3.24
C ILE B 305 4.20 -13.56 -2.89
N TYR B 306 2.91 -13.24 -3.13
CA TYR B 306 2.45 -11.86 -3.12
C TYR B 306 1.86 -11.38 -1.80
N ILE B 307 1.70 -12.28 -0.80
CA ILE B 307 1.05 -11.98 0.47
C ILE B 307 2.06 -12.29 1.53
N MET B 308 2.49 -13.57 1.65
CA MET B 308 3.34 -14.06 2.73
C MET B 308 4.65 -13.30 2.84
N MET B 309 5.22 -12.83 1.71
CA MET B 309 6.52 -12.17 1.69
C MET B 309 6.39 -10.67 1.85
N ASN B 310 5.24 -10.15 2.35
CA ASN B 310 5.01 -8.74 2.58
C ASN B 310 4.83 -8.51 4.07
N LYS B 311 5.59 -7.54 4.60
CA LYS B 311 5.72 -7.15 5.99
C LYS B 311 4.47 -6.98 6.81
N GLN B 312 3.47 -6.22 6.30
CA GLN B 312 2.26 -5.89 7.03
C GLN B 312 1.46 -7.11 7.36
N PHE B 313 1.16 -7.91 6.31
CA PHE B 313 0.43 -9.15 6.35
C PHE B 313 1.04 -10.13 7.33
N ARG B 314 2.40 -10.24 7.29
CA ARG B 314 3.21 -11.03 8.19
C ARG B 314 2.93 -10.71 9.64
N ASN B 315 3.05 -9.41 10.03
CA ASN B 315 2.79 -8.90 11.37
C ASN B 315 1.43 -9.33 11.88
N CYS B 316 0.37 -9.09 11.09
CA CYS B 316 -1.00 -9.46 11.38
C CYS B 316 -1.17 -10.95 11.62
N MET B 317 -0.55 -11.79 10.76
CA MET B 317 -0.55 -13.23 10.89
C MET B 317 0.08 -13.72 12.16
N VAL B 318 1.24 -13.13 12.55
CA VAL B 318 1.96 -13.43 13.76
C VAL B 318 1.12 -13.10 14.97
N THR B 319 0.47 -11.90 14.98
CA THR B 319 -0.44 -11.45 16.01
C THR B 319 -1.57 -12.43 16.23
N THR B 320 -2.20 -12.91 15.12
CA THR B 320 -3.34 -13.80 15.17
C THR B 320 -2.96 -15.18 15.68
N LEU B 321 -1.78 -15.69 15.26
CA LEU B 321 -1.28 -16.98 15.71
C LEU B 321 -0.86 -16.95 17.16
N CYS B 322 -0.36 -15.79 17.65
CA CYS B 322 0.02 -15.59 19.01
C CYS B 322 -1.10 -14.90 19.74
N CYS B 323 -2.33 -15.45 19.60
CA CYS B 323 -3.50 -15.11 20.38
C CYS B 323 -4.09 -13.78 19.98
N GLY B 324 -5.35 -13.81 19.49
CA GLY B 324 -6.08 -12.63 19.07
C GLY B 324 -5.89 -12.44 17.60
N1 SGV C . 7.84 16.66 2.79
C2 SGV C . 8.22 15.59 3.53
N3 SGV C . 7.48 14.87 4.41
C4 SGV C . 6.22 15.33 4.51
C5 SGV C . 5.68 16.44 3.83
C6 SGV C . 6.56 17.11 2.94
N6 SGV C . 6.17 18.24 2.20
C7 SGV C . 4.32 16.56 4.27
C8 SGV C . 4.10 15.54 5.18
N9 SGV C . 5.24 14.79 5.30
C1' SGV C . 5.42 13.64 6.18
C10 SGV C . 3.34 17.58 3.91
N11 SGV C . 2.03 17.20 4.09
O12 SGV C . 3.66 18.67 3.48
C2' SGV C . 5.68 14.07 7.60
O2' SGV C . 6.68 13.19 8.14
C3' SGV C . 4.34 13.84 8.26
O3' SGV C . 4.38 13.66 9.67
C4' SGV C . 3.89 12.59 7.54
O4' SGV C . 4.23 12.83 6.17
C5' SGV C . 2.40 12.29 7.70
O5' SGV C . 1.62 13.44 7.42
C1 RET D . -3.13 -22.90 -22.74
C2 RET D . -2.17 -23.08 -23.91
C3 RET D . -2.80 -23.74 -25.12
C4 RET D . -3.30 -25.11 -24.74
C5 RET D . -4.26 -25.05 -23.55
C6 RET D . -4.16 -24.07 -22.61
C7 RET D . -5.00 -24.00 -21.39
C8 RET D . -5.38 -25.04 -20.64
C9 RET D . -6.14 -24.92 -19.40
C10 RET D . -6.28 -26.01 -18.59
C11 RET D . -6.88 -25.99 -17.31
C12 RET D . -6.89 -27.10 -16.51
C13 RET D . -7.36 -27.13 -15.19
C14 RET D . -7.21 -28.31 -14.43
C15 RET D . -7.51 -28.41 -13.10
C16 RET D . -3.87 -21.57 -22.91
C17 RET D . -2.26 -22.81 -21.47
C18 RET D . -5.31 -26.15 -23.50
C19 RET D . -6.73 -23.57 -19.01
C20 RET D . -7.96 -25.86 -14.56
N LEU A 6 11.11 -5.34 0.72
CA LEU A 6 11.04 -6.40 -0.22
C LEU A 6 10.34 -5.78 -1.40
N GLU A 7 9.02 -5.99 -1.54
CA GLU A 7 8.15 -5.25 -2.44
C GLU A 7 8.10 -3.80 -1.99
N THR A 8 8.17 -3.60 -0.65
CA THR A 8 8.30 -2.30 -0.03
C THR A 8 9.59 -1.62 -0.42
N VAL A 9 10.71 -2.38 -0.56
CA VAL A 9 11.94 -1.88 -1.14
C VAL A 9 11.76 -1.51 -2.60
N VAL A 10 10.94 -2.24 -3.39
CA VAL A 10 10.62 -1.88 -4.77
C VAL A 10 9.92 -0.54 -4.81
N ALA A 11 9.00 -0.30 -3.85
CA ALA A 11 8.33 0.98 -3.71
C ALA A 11 9.32 2.08 -3.35
N ASN A 12 10.33 1.76 -2.48
CA ASN A 12 11.42 2.63 -2.13
C ASN A 12 12.29 2.91 -3.33
N SER A 13 12.51 1.90 -4.20
CA SER A 13 13.25 2.05 -5.44
C SER A 13 12.57 3.00 -6.38
N ALA A 14 11.22 2.95 -6.49
CA ALA A 14 10.50 3.91 -7.32
C ALA A 14 10.64 5.34 -6.80
N PHE A 15 10.70 5.51 -5.45
CA PHE A 15 10.96 6.78 -4.81
C PHE A 15 12.33 7.29 -5.14
N ILE A 16 13.37 6.41 -5.09
CA ILE A 16 14.75 6.74 -5.37
C ILE A 16 14.88 7.22 -6.79
N ALA A 17 14.11 6.60 -7.72
CA ALA A 17 14.08 6.94 -9.12
C ALA A 17 13.54 8.34 -9.30
N ALA A 18 12.44 8.67 -8.57
CA ALA A 18 11.82 9.97 -8.59
C ALA A 18 12.71 11.06 -8.04
N ARG A 19 13.46 10.74 -6.95
CA ARG A 19 14.39 11.60 -6.24
C ARG A 19 15.51 12.01 -7.16
N GLY A 20 15.99 11.05 -7.98
CA GLY A 20 17.04 11.22 -8.96
C GLY A 20 16.63 12.23 -10.00
N SER A 21 15.37 12.13 -10.50
CA SER A 21 14.77 13.04 -11.46
C SER A 21 14.64 14.43 -10.86
N PHE A 22 14.20 14.49 -9.58
CA PHE A 22 14.05 15.71 -8.81
C PHE A 22 15.38 16.41 -8.59
N ASP A 23 16.44 15.64 -8.26
CA ASP A 23 17.78 16.13 -8.02
C ASP A 23 18.36 16.74 -9.28
N ALA A 24 18.10 16.09 -10.44
CA ALA A 24 18.50 16.56 -11.74
C ALA A 24 17.40 17.40 -12.30
N MET A 182 -5.25 18.83 -11.27
CA MET A 182 -4.51 17.62 -11.08
C MET A 182 -5.44 16.66 -10.38
N GLY A 183 -4.92 15.49 -9.97
CA GLY A 183 -5.57 14.26 -10.29
C GLY A 183 -4.69 13.16 -9.82
N GLU A 184 -5.21 11.91 -9.86
CA GLU A 184 -4.51 10.74 -9.37
C GLU A 184 -3.51 10.25 -10.39
N ASP A 185 -3.65 10.68 -11.66
CA ASP A 185 -2.85 10.21 -12.77
C ASP A 185 -1.77 11.25 -13.00
N TRP A 186 -1.86 12.41 -12.31
CA TRP A 186 -1.03 13.56 -12.51
C TRP A 186 -0.01 13.59 -11.42
N PHE A 187 -0.08 12.60 -10.51
CA PHE A 187 0.91 12.42 -9.50
C PHE A 187 1.16 10.95 -9.42
N LEU A 188 2.45 10.59 -9.54
CA LEU A 188 2.96 9.25 -9.43
C LEU A 188 3.06 8.99 -7.96
N ASP A 189 2.61 7.82 -7.47
CA ASP A 189 2.51 7.60 -6.04
C ASP A 189 3.64 6.68 -5.70
N PHE A 190 4.30 6.95 -4.56
CA PHE A 190 5.38 6.16 -4.03
C PHE A 190 5.00 5.73 -2.65
N ARG A 191 6.01 5.18 -1.94
CA ARG A 191 6.01 4.83 -0.54
C ARG A 191 5.62 5.99 0.32
N VAL A 192 5.00 5.68 1.48
CA VAL A 192 4.55 6.67 2.44
C VAL A 192 5.71 7.38 3.08
N LEU A 193 5.41 8.58 3.61
CA LEU A 193 6.31 9.51 4.24
C LEU A 193 5.82 9.65 5.65
N GLY A 194 4.67 9.01 5.97
CA GLY A 194 4.15 8.98 7.31
C GLY A 194 2.76 8.44 7.25
N ARG A 195 2.25 8.16 8.46
CA ARG A 195 0.96 7.59 8.71
C ARG A 195 0.18 8.61 9.48
N GLY A 196 -0.83 9.21 8.81
CA GLY A 196 -1.82 10.06 9.45
C GLY A 196 -2.85 9.22 10.16
N GLY A 197 -4.00 9.86 10.49
CA GLY A 197 -5.13 9.20 11.08
C GLY A 197 -6.27 9.32 10.12
N PHE A 198 -6.21 10.35 9.24
CA PHE A 198 -7.29 10.72 8.35
C PHE A 198 -6.96 10.22 6.97
N GLY A 199 -5.76 9.62 6.79
CA GLY A 199 -5.37 9.05 5.54
C GLY A 199 -3.89 9.00 5.55
N GLU A 200 -3.32 8.38 4.49
CA GLU A 200 -1.91 8.16 4.30
C GLU A 200 -1.33 9.48 3.87
N VAL A 201 -0.02 9.69 4.10
CA VAL A 201 0.64 10.85 3.56
C VAL A 201 1.84 10.27 2.90
N PHE A 202 1.82 10.24 1.55
CA PHE A 202 2.82 9.62 0.74
C PHE A 202 3.53 10.62 -0.13
N ALA A 203 4.77 10.24 -0.53
CA ALA A 203 5.54 10.98 -1.50
C ALA A 203 4.96 10.76 -2.86
N CYS A 204 5.22 11.73 -3.76
CA CYS A 204 4.57 11.77 -5.02
C CYS A 204 5.39 12.68 -5.89
N GLN A 205 5.12 12.67 -7.21
CA GLN A 205 5.92 13.41 -8.15
C GLN A 205 4.99 13.88 -9.22
N MET A 206 5.13 15.17 -9.61
CA MET A 206 4.48 15.74 -10.76
C MET A 206 4.91 15.09 -12.03
N LYS A 207 3.91 14.62 -12.81
CA LYS A 207 4.09 13.92 -14.05
C LYS A 207 4.80 14.79 -15.07
N ALA A 208 4.47 16.10 -15.10
CA ALA A 208 4.89 17.00 -16.14
C ALA A 208 6.02 17.90 -15.68
N THR A 209 6.47 17.80 -14.41
CA THR A 209 7.41 18.75 -13.86
C THR A 209 8.63 17.98 -13.43
N GLY A 210 8.43 16.81 -12.77
CA GLY A 210 9.52 15.94 -12.37
C GLY A 210 10.07 16.42 -11.06
N LYS A 211 9.20 17.00 -10.22
CA LYS A 211 9.51 17.55 -8.93
C LYS A 211 8.74 16.78 -7.91
N LEU A 212 9.34 16.59 -6.70
CA LEU A 212 8.78 15.82 -5.62
C LEU A 212 7.96 16.73 -4.76
N TYR A 213 6.80 16.22 -4.30
CA TYR A 213 5.88 16.92 -3.44
C TYR A 213 5.43 15.86 -2.48
N ALA A 214 5.02 16.26 -1.26
CA ALA A 214 4.24 15.41 -0.37
C ALA A 214 2.78 15.64 -0.63
N CYS A 215 1.98 14.54 -0.56
CA CYS A 215 0.55 14.55 -0.75
C CYS A 215 -0.07 14.04 0.52
N LYS A 216 -0.59 14.97 1.34
CA LYS A 216 -1.41 14.69 2.50
C LYS A 216 -2.80 14.38 2.04
N LYS A 217 -3.15 13.07 2.11
CA LYS A 217 -4.45 12.58 1.74
C LYS A 217 -5.32 12.66 2.95
N LEU A 218 -6.57 13.13 2.73
CA LEU A 218 -7.63 13.08 3.70
C LEU A 218 -8.67 12.28 2.99
N ASN A 219 -8.84 10.98 3.36
CA ASN A 219 -9.77 10.06 2.74
C ASN A 219 -11.20 10.53 2.92
N LYS A 220 -11.98 10.53 1.82
CA LYS A 220 -13.36 10.97 1.73
C LYS A 220 -14.27 10.25 2.70
N LYS A 221 -14.02 8.93 2.87
CA LYS A 221 -14.77 8.06 3.74
C LYS A 221 -14.59 8.48 5.17
N ARG A 222 -13.32 8.58 5.62
CA ARG A 222 -12.94 9.01 6.95
C ARG A 222 -13.39 10.42 7.28
N LEU A 223 -13.44 11.32 6.27
CA LEU A 223 -13.92 12.68 6.41
C LEU A 223 -15.37 12.72 6.80
N LYS A 224 -16.23 11.95 6.09
CA LYS A 224 -17.64 11.83 6.37
C LYS A 224 -17.92 11.24 7.74
N LYS A 225 -17.17 10.18 8.12
CA LYS A 225 -17.33 9.48 9.38
C LYS A 225 -17.08 10.34 10.59
N ARG A 226 -15.90 11.01 10.62
CA ARG A 226 -15.45 11.87 11.68
C ARG A 226 -16.01 13.27 11.60
N LYS A 227 -16.65 13.62 10.46
CA LYS A 227 -17.09 14.96 10.12
C LYS A 227 -15.97 16.00 10.22
N GLY A 228 -14.86 15.75 9.49
CA GLY A 228 -13.62 16.49 9.62
C GLY A 228 -13.50 17.58 8.59
N TYR A 229 -14.65 18.15 8.17
CA TYR A 229 -14.74 19.10 7.10
C TYR A 229 -14.21 20.45 7.49
N GLN A 230 -14.45 20.88 8.75
CA GLN A 230 -14.01 22.18 9.23
C GLN A 230 -12.50 22.26 9.26
N GLY A 231 -11.84 21.20 9.79
CA GLY A 231 -10.41 21.14 10.00
C GLY A 231 -9.63 21.22 8.72
N ALA A 232 -10.20 20.62 7.64
CA ALA A 232 -9.61 20.60 6.32
C ALA A 232 -9.57 21.98 5.72
N MET A 233 -10.71 22.72 5.77
CA MET A 233 -10.86 24.03 5.19
C MET A 233 -9.98 25.06 5.83
N VAL A 234 -9.74 24.93 7.17
CA VAL A 234 -8.95 25.84 7.95
C VAL A 234 -7.50 25.75 7.53
N GLU A 235 -6.94 24.53 7.48
CA GLU A 235 -5.58 24.25 7.09
C GLU A 235 -5.25 24.76 5.69
N LYS A 236 -6.23 24.62 4.76
CA LYS A 236 -6.18 25.03 3.38
C LYS A 236 -5.99 26.53 3.36
N LYS A 237 -6.99 27.28 3.88
CA LYS A 237 -7.07 28.72 3.87
C LYS A 237 -5.87 29.41 4.49
N ILE A 238 -5.31 28.85 5.59
CA ILE A 238 -4.19 29.43 6.30
C ILE A 238 -2.96 29.33 5.43
N LEU A 239 -2.56 28.10 5.02
CA LEU A 239 -1.42 27.87 4.14
C LEU A 239 -1.50 28.61 2.82
N ALA A 240 -2.72 28.75 2.26
CA ALA A 240 -3.02 29.46 1.02
C ALA A 240 -2.66 30.92 1.10
N LYS A 241 -2.79 31.52 2.30
CA LYS A 241 -2.60 32.93 2.51
C LYS A 241 -1.20 33.22 3.00
N VAL A 242 -0.64 32.29 3.80
CA VAL A 242 0.61 32.49 4.51
C VAL A 242 1.63 31.58 3.90
N HIS A 243 2.64 32.20 3.27
CA HIS A 243 3.72 31.53 2.61
C HIS A 243 4.94 32.25 3.08
N SER A 244 5.92 31.50 3.65
CA SER A 244 7.17 32.07 4.04
C SER A 244 8.19 30.96 3.93
N ARG A 245 9.27 31.04 4.74
CA ARG A 245 10.33 30.06 4.79
C ARG A 245 10.32 29.41 6.15
N PHE A 246 9.20 29.57 6.91
CA PHE A 246 8.98 28.98 8.21
C PHE A 246 7.57 28.48 8.27
N ILE A 247 6.76 28.80 7.23
CA ILE A 247 5.44 28.25 7.02
C ILE A 247 5.54 27.67 5.64
N VAL A 248 5.14 26.38 5.48
CA VAL A 248 5.16 25.67 4.23
C VAL A 248 4.29 26.33 3.19
N SER A 249 4.70 26.27 1.91
CA SER A 249 3.91 26.73 0.81
C SER A 249 3.05 25.60 0.32
N LEU A 250 1.83 25.93 -0.13
CA LEU A 250 0.87 25.01 -0.68
C LEU A 250 0.93 25.21 -2.16
N ALA A 251 0.99 24.10 -2.94
CA ALA A 251 1.22 24.18 -4.36
C ALA A 251 -0.05 23.83 -5.09
N TYR A 252 -0.85 22.88 -4.56
CA TYR A 252 -2.08 22.47 -5.22
C TYR A 252 -3.00 22.01 -4.13
N ALA A 253 -4.32 22.19 -4.36
CA ALA A 253 -5.36 21.66 -3.52
C ALA A 253 -6.38 21.16 -4.50
N PHE A 254 -6.46 19.82 -4.67
CA PHE A 254 -7.42 19.21 -5.56
C PHE A 254 -8.07 18.08 -4.83
N GLU A 255 -9.00 17.41 -5.54
CA GLU A 255 -9.75 16.29 -5.04
C GLU A 255 -9.65 15.28 -6.14
N THR A 256 -9.88 14.00 -5.78
CA THR A 256 -9.97 12.90 -6.70
C THR A 256 -11.31 12.29 -6.37
N LYS A 257 -11.40 10.94 -6.30
CA LYS A 257 -12.63 10.22 -6.04
C LYS A 257 -12.45 9.46 -4.75
N THR A 258 -11.31 9.68 -4.04
CA THR A 258 -10.89 8.81 -2.97
C THR A 258 -10.47 9.70 -1.83
N ASP A 259 -9.96 10.92 -2.13
CA ASP A 259 -9.35 11.73 -1.10
C ASP A 259 -9.29 13.16 -1.56
N LEU A 260 -9.21 14.07 -0.57
CA LEU A 260 -8.89 15.46 -0.74
C LEU A 260 -7.41 15.54 -0.49
N CYS A 261 -6.72 16.38 -1.29
CA CYS A 261 -5.29 16.39 -1.34
C CYS A 261 -4.83 17.76 -0.95
N LEU A 262 -3.77 17.83 -0.10
CA LEU A 262 -2.99 19.02 -0.01
C LEU A 262 -1.66 18.56 -0.48
N VAL A 263 -1.19 19.18 -1.58
CA VAL A 263 0.08 18.88 -2.19
C VAL A 263 0.95 20.05 -1.90
N MET A 264 2.04 19.85 -1.11
CA MET A 264 2.82 20.96 -0.62
C MET A 264 4.23 20.80 -1.11
N THR A 265 4.97 21.93 -1.08
CA THR A 265 6.34 22.09 -1.47
C THR A 265 7.27 21.29 -0.61
N ILE A 266 8.33 20.72 -1.24
CA ILE A 266 9.41 19.92 -0.68
C ILE A 266 9.77 20.17 0.76
N MET A 267 9.86 19.06 1.52
CA MET A 267 10.21 19.00 2.91
C MET A 267 10.65 17.57 2.97
N ASN A 268 11.69 17.25 2.16
CA ASN A 268 12.13 15.91 1.86
C ASN A 268 13.22 15.49 2.80
N GLY A 269 13.41 16.24 3.91
CA GLY A 269 14.55 16.15 4.76
C GLY A 269 14.22 15.36 5.99
N GLY A 270 12.97 14.83 6.07
CA GLY A 270 12.47 14.09 7.21
C GLY A 270 11.94 15.04 8.25
N ASP A 271 11.43 14.47 9.38
CA ASP A 271 10.75 15.22 10.41
C ASP A 271 11.70 15.32 11.55
N ILE A 272 11.53 16.33 12.43
CA ILE A 272 12.29 16.48 13.65
C ILE A 272 12.13 15.25 14.52
N ARG A 273 10.90 14.66 14.56
CA ARG A 273 10.58 13.45 15.29
C ARG A 273 11.38 12.26 14.83
N TYR A 274 11.49 12.10 13.49
CA TYR A 274 12.30 11.11 12.80
C TYR A 274 13.73 11.23 13.20
N HIS A 275 14.18 12.51 13.28
CA HIS A 275 15.53 12.96 13.46
C HIS A 275 16.00 12.75 14.86
N ILE A 276 15.07 12.63 15.85
CA ILE A 276 15.39 12.22 17.21
C ILE A 276 16.10 10.88 17.17
N TYR A 277 15.62 9.95 16.31
CA TYR A 277 16.14 8.60 16.25
C TYR A 277 17.15 8.47 15.12
N ASN A 278 17.13 9.38 14.10
CA ASN A 278 17.96 9.23 12.92
C ASN A 278 19.35 9.81 13.11
N VAL A 279 19.51 10.79 14.04
CA VAL A 279 20.77 11.39 14.46
C VAL A 279 21.73 10.34 14.95
N ASP A 280 21.16 9.32 15.62
CA ASP A 280 21.72 8.14 16.21
C ASP A 280 20.82 7.92 17.39
N GLU A 281 20.65 6.65 17.78
CA GLU A 281 19.79 6.27 18.88
C GLU A 281 20.65 6.10 20.10
N ASP A 282 21.98 6.35 19.95
CA ASP A 282 22.97 6.36 20.99
C ASP A 282 23.22 7.79 21.35
N ASN A 283 22.53 8.73 20.67
CA ASN A 283 22.53 10.15 20.96
C ASN A 283 21.10 10.38 21.41
N PRO A 284 20.81 10.65 22.67
CA PRO A 284 19.43 10.70 23.15
C PRO A 284 18.95 12.11 22.99
N GLY A 285 18.62 12.51 21.75
CA GLY A 285 18.22 13.85 21.40
C GLY A 285 19.45 14.60 20.99
N PHE A 286 19.23 15.67 20.18
CA PHE A 286 20.25 16.52 19.59
C PHE A 286 21.19 17.12 20.58
N GLN A 287 22.40 17.44 20.07
CA GLN A 287 23.42 18.26 20.68
C GLN A 287 22.83 19.64 20.89
N GLU A 288 23.27 20.36 21.94
CA GLU A 288 22.68 21.63 22.33
C GLU A 288 22.60 22.68 21.23
N PRO A 289 23.61 23.07 20.45
CA PRO A 289 23.47 24.05 19.37
C PRO A 289 22.41 23.72 18.37
N ARG A 290 22.29 22.42 18.00
CA ARG A 290 21.37 21.93 17.01
C ARG A 290 19.92 22.01 17.45
N ALA A 291 19.65 21.71 18.75
CA ALA A 291 18.33 21.81 19.35
C ALA A 291 17.89 23.25 19.46
N ILE A 292 18.83 24.14 19.88
CA ILE A 292 18.62 25.56 20.06
C ILE A 292 18.24 26.19 18.75
N PHE A 293 18.95 25.84 17.65
CA PHE A 293 18.68 26.29 16.31
C PHE A 293 17.28 26.00 15.85
N TYR A 294 16.83 24.72 15.96
CA TYR A 294 15.49 24.33 15.56
C TYR A 294 14.39 25.01 16.34
N THR A 295 14.55 25.13 17.68
CA THR A 295 13.62 25.85 18.54
C THR A 295 13.44 27.29 18.17
N ALA A 296 14.55 28.00 17.88
CA ALA A 296 14.57 29.39 17.46
C ALA A 296 13.81 29.59 16.17
N GLN A 297 13.97 28.66 15.21
CA GLN A 297 13.32 28.66 13.92
C GLN A 297 11.84 28.42 14.02
N ILE A 298 11.44 27.53 14.96
CA ILE A 298 10.05 27.27 15.30
C ILE A 298 9.39 28.51 15.84
N VAL A 299 10.10 29.28 16.71
CA VAL A 299 9.63 30.53 17.27
C VAL A 299 9.30 31.53 16.19
N SER A 300 10.16 31.68 15.16
CA SER A 300 9.92 32.57 14.04
C SER A 300 8.66 32.23 13.26
N GLY A 301 8.39 30.92 13.07
CA GLY A 301 7.18 30.44 12.43
C GLY A 301 5.93 30.71 13.23
N LEU A 302 5.98 30.46 14.56
CA LEU A 302 4.90 30.74 15.49
C LEU A 302 4.57 32.20 15.54
N GLU A 303 5.60 33.06 15.58
CA GLU A 303 5.50 34.50 15.61
C GLU A 303 4.78 35.08 14.44
N HIS A 304 5.09 34.58 13.21
CA HIS A 304 4.47 35.00 11.98
C HIS A 304 2.99 34.72 11.95
N LEU A 305 2.57 33.55 12.50
CA LEU A 305 1.18 33.17 12.66
C LEU A 305 0.47 34.08 13.62
N HIS A 306 1.12 34.38 14.77
CA HIS A 306 0.58 35.16 15.86
C HIS A 306 0.35 36.59 15.46
N GLN A 307 1.23 37.14 14.60
CA GLN A 307 1.11 38.45 14.01
C GLN A 307 -0.10 38.62 13.11
N ARG A 308 -0.65 37.49 12.57
CA ARG A 308 -1.85 37.50 11.76
C ARG A 308 -3.04 37.10 12.61
N ASN A 309 -2.80 36.84 13.92
CA ASN A 309 -3.79 36.53 14.93
C ASN A 309 -4.34 35.14 14.74
N ILE A 310 -3.44 34.17 14.53
CA ILE A 310 -3.74 32.78 14.30
C ILE A 310 -3.14 32.09 15.48
N ILE A 311 -3.94 31.22 16.17
CA ILE A 311 -3.46 30.43 17.27
C ILE A 311 -3.20 29.09 16.62
N TYR A 312 -1.97 28.57 16.79
CA TYR A 312 -1.51 27.35 16.14
C TYR A 312 -2.18 26.11 16.70
N ARG A 313 -2.20 26.00 18.05
CA ARG A 313 -2.81 24.93 18.83
C ARG A 313 -2.18 23.58 18.57
N ASP A 314 -1.39 23.08 19.55
CA ASP A 314 -0.71 21.79 19.54
C ASP A 314 0.40 21.78 18.50
N LEU A 315 1.65 21.79 19.02
CA LEU A 315 2.86 21.60 18.24
C LEU A 315 3.47 20.36 18.80
N LYS A 316 4.05 19.54 17.91
CA LYS A 316 4.79 18.37 18.29
C LYS A 316 5.92 18.21 17.30
N PRO A 317 6.99 17.46 17.60
CA PRO A 317 8.17 17.26 16.76
C PRO A 317 7.88 16.86 15.33
N GLU A 318 6.86 16.01 15.12
CA GLU A 318 6.46 15.47 13.85
C GLU A 318 5.80 16.50 12.97
N ASN A 319 5.47 17.69 13.53
CA ASN A 319 4.83 18.78 12.83
C ASN A 319 5.87 19.83 12.54
N VAL A 320 7.13 19.60 12.95
CA VAL A 320 8.25 20.41 12.55
C VAL A 320 9.00 19.60 11.53
N LEU A 321 8.99 20.05 10.26
CA LEU A 321 9.58 19.34 9.15
C LEU A 321 10.88 19.97 8.76
N LEU A 322 11.86 19.14 8.31
CA LEU A 322 13.11 19.55 7.72
C LEU A 322 12.98 19.40 6.23
N ASP A 323 13.61 20.33 5.45
CA ASP A 323 13.71 20.23 4.02
C ASP A 323 15.19 20.10 3.70
N ASP A 324 15.54 20.00 2.40
CA ASP A 324 16.88 19.80 1.93
C ASP A 324 17.49 21.12 1.49
N ASP A 325 16.73 22.24 1.60
CA ASP A 325 17.16 23.54 1.18
C ASP A 325 17.65 24.36 2.35
N GLY A 326 17.65 23.78 3.58
CA GLY A 326 18.01 24.46 4.80
C GLY A 326 16.78 25.14 5.34
N ASN A 327 16.71 25.22 6.70
CA ASN A 327 15.67 25.84 7.48
C ASN A 327 14.51 24.89 7.63
N VAL A 328 13.82 24.97 8.79
CA VAL A 328 12.73 24.09 9.13
C VAL A 328 11.48 24.90 9.04
N ARG A 329 10.31 24.23 8.87
CA ARG A 329 9.05 24.92 8.81
C ARG A 329 8.08 24.05 9.54
N ILE A 330 7.12 24.69 10.26
CA ILE A 330 5.99 24.03 10.86
C ILE A 330 4.93 23.78 9.82
N SER A 331 4.04 22.81 10.10
CA SER A 331 2.98 22.43 9.21
C SER A 331 1.96 21.73 10.06
N ASP A 332 0.68 21.81 9.65
CA ASP A 332 -0.50 21.26 10.29
C ASP A 332 -1.22 22.43 10.87
N LEU A 333 -2.09 23.05 10.04
CA LEU A 333 -2.81 24.25 10.37
C LEU A 333 -4.26 23.86 10.48
N GLY A 334 -4.53 22.54 10.65
CA GLY A 334 -5.85 21.98 10.71
C GLY A 334 -6.33 21.98 12.13
N LEU A 335 -5.39 22.16 13.09
CA LEU A 335 -5.68 22.27 14.51
C LEU A 335 -5.73 23.72 14.86
N ALA A 336 -5.24 24.61 13.95
CA ALA A 336 -5.18 26.04 14.14
C ALA A 336 -6.54 26.65 14.00
N VAL A 337 -6.65 27.93 14.45
CA VAL A 337 -7.86 28.70 14.28
C VAL A 337 -7.39 30.08 13.90
N GLU A 338 -8.12 30.71 12.93
CA GLU A 338 -7.92 32.07 12.51
C GLU A 338 -8.95 32.87 13.26
N LEU A 339 -8.47 33.81 14.09
CA LEU A 339 -9.30 34.67 14.89
C LEU A 339 -9.07 36.07 14.41
N LYS A 340 -10.18 36.83 14.27
CA LYS A 340 -10.20 38.21 13.85
C LYS A 340 -9.45 39.09 14.80
N ALA A 341 -8.91 40.22 14.29
CA ALA A 341 -8.29 41.25 15.11
C ALA A 341 -9.38 41.92 15.91
N GLY A 342 -9.34 41.74 17.24
CA GLY A 342 -10.30 42.33 18.15
C GLY A 342 -10.54 41.37 19.27
N GLN A 343 -10.19 40.08 19.08
CA GLN A 343 -10.15 39.13 20.17
C GLN A 343 -9.27 37.99 19.77
N THR A 344 -8.83 37.23 20.79
CA THR A 344 -8.03 36.05 20.63
C THR A 344 -8.56 35.08 21.65
N LYS A 345 -9.25 35.59 22.70
CA LYS A 345 -9.83 34.79 23.75
C LYS A 345 -11.12 34.21 23.29
N THR A 346 -11.13 32.87 23.20
CA THR A 346 -12.29 32.11 22.83
C THR A 346 -11.99 30.75 23.38
N LYS A 347 -13.05 29.99 23.74
CA LYS A 347 -12.97 28.62 24.18
C LYS A 347 -12.91 27.71 22.98
N GLY A 348 -12.57 26.42 23.21
CA GLY A 348 -12.48 25.45 22.15
C GLY A 348 -11.62 24.34 22.63
N TYR A 349 -11.47 23.29 21.77
CA TYR A 349 -10.64 22.15 22.06
C TYR A 349 -10.06 21.75 20.73
N ALA A 350 -8.73 21.51 20.68
CA ALA A 350 -8.06 21.09 19.48
C ALA A 350 -6.77 20.48 19.95
N GLY A 351 -6.19 19.57 19.14
CA GLY A 351 -4.93 18.93 19.43
C GLY A 351 -5.16 17.73 20.32
N THR A 352 -4.04 17.08 20.71
CA THR A 352 -4.03 15.84 21.46
C THR A 352 -3.33 16.17 22.75
N PRO A 353 -3.81 15.77 23.94
CA PRO A 353 -3.15 15.95 25.24
C PRO A 353 -1.70 15.56 25.27
N GLY A 354 -0.89 16.25 26.12
CA GLY A 354 0.53 16.02 26.27
C GLY A 354 1.29 17.04 25.49
N PHE A 355 0.58 17.89 24.71
CA PHE A 355 1.15 18.97 23.94
C PHE A 355 0.30 20.16 24.24
N MET A 356 -1.01 19.91 24.53
CA MET A 356 -2.00 20.89 24.87
C MET A 356 -1.69 21.55 26.18
N ALA A 357 -2.09 22.84 26.31
CA ALA A 357 -1.79 23.65 27.46
C ALA A 357 -2.92 23.45 28.44
N PRO A 358 -2.73 23.75 29.72
CA PRO A 358 -3.75 23.68 30.77
C PRO A 358 -5.08 24.30 30.42
N GLU A 359 -5.07 25.54 29.87
CA GLU A 359 -6.22 26.31 29.43
C GLU A 359 -7.13 25.56 28.51
N LEU A 360 -6.55 24.85 27.52
CA LEU A 360 -7.28 24.12 26.51
C LEU A 360 -8.02 22.95 27.08
N LEU A 361 -7.34 22.18 27.96
CA LEU A 361 -7.83 20.97 28.58
C LEU A 361 -9.01 21.24 29.50
N LEU A 362 -9.00 22.40 30.18
CA LEU A 362 -10.03 22.79 31.12
C LEU A 362 -11.19 23.46 30.42
N GLY A 363 -11.09 23.66 29.09
CA GLY A 363 -12.16 24.19 28.26
C GLY A 363 -12.29 25.68 28.42
N GLU A 364 -11.18 26.34 28.79
CA GLU A 364 -11.13 27.75 29.09
C GLU A 364 -10.68 28.46 27.86
N GLU A 365 -10.86 29.80 27.86
CA GLU A 365 -10.36 30.69 26.84
C GLU A 365 -8.86 30.68 26.77
N TYR A 366 -8.32 30.87 25.55
CA TYR A 366 -6.91 30.75 25.27
C TYR A 366 -6.54 31.82 24.30
N ASP A 367 -5.23 32.13 24.22
CA ASP A 367 -4.67 32.98 23.21
C ASP A 367 -3.33 32.37 22.89
N PHE A 368 -2.38 33.17 22.34
CA PHE A 368 -1.06 32.73 21.92
C PHE A 368 -0.22 32.00 22.95
N SER A 369 -0.53 32.17 24.27
CA SER A 369 0.15 31.54 25.38
C SER A 369 0.33 30.04 25.28
N VAL A 370 -0.73 29.34 24.79
CA VAL A 370 -0.82 27.90 24.66
C VAL A 370 0.20 27.32 23.71
N ASP A 371 0.55 28.11 22.67
CA ASP A 371 1.50 27.78 21.64
C ASP A 371 2.88 27.72 22.20
N TYR A 372 3.16 28.61 23.19
CA TYR A 372 4.42 28.65 23.89
C TYR A 372 4.56 27.48 24.84
N PHE A 373 3.42 26.93 25.35
CA PHE A 373 3.44 25.74 26.18
C PHE A 373 3.89 24.54 25.36
N ALA A 374 3.31 24.42 24.15
CA ALA A 374 3.61 23.39 23.18
C ALA A 374 5.05 23.42 22.73
N LEU A 375 5.60 24.65 22.53
CA LEU A 375 6.98 24.92 22.18
C LEU A 375 7.95 24.35 23.19
N GLY A 376 7.60 24.49 24.50
CA GLY A 376 8.35 24.02 25.64
C GLY A 376 8.46 22.52 25.63
N VAL A 377 7.32 21.83 25.41
CA VAL A 377 7.22 20.40 25.27
C VAL A 377 8.10 19.91 24.13
N THR A 378 8.12 20.66 23.00
CA THR A 378 8.86 20.33 21.80
C THR A 378 10.35 20.37 22.05
N LEU A 379 10.89 21.50 22.59
CA LEU A 379 12.29 21.65 22.96
C LEU A 379 12.76 20.59 23.94
N TYR A 380 11.91 20.22 24.91
CA TYR A 380 12.20 19.25 25.95
C TYR A 380 12.43 17.91 25.30
N GLU A 381 11.60 17.57 24.30
CA GLU A 381 11.71 16.36 23.53
C GLU A 381 12.95 16.36 22.66
N MET A 382 13.40 17.53 22.14
CA MET A 382 14.60 17.60 21.32
C MET A 382 15.84 17.18 22.05
N ILE A 383 15.95 17.53 23.35
CA ILE A 383 17.15 17.33 24.11
C ILE A 383 17.12 16.03 24.85
N ALA A 384 15.95 15.66 25.45
CA ALA A 384 15.89 14.55 26.37
C ALA A 384 15.37 13.30 25.71
N ALA A 385 14.83 13.41 24.48
CA ALA A 385 14.24 12.32 23.72
C ALA A 385 13.12 11.65 24.47
N ARG A 386 12.31 12.46 25.18
CA ARG A 386 11.10 12.03 25.83
C ARG A 386 10.35 13.30 26.14
N GLY A 387 9.01 13.18 26.33
CA GLY A 387 8.15 14.31 26.61
C GLY A 387 8.21 14.65 28.07
N PRO A 388 7.67 15.76 28.54
CA PRO A 388 7.61 16.06 29.96
C PRO A 388 6.58 15.20 30.67
N PHE A 389 5.44 14.93 29.99
CA PHE A 389 4.26 14.36 30.60
C PHE A 389 4.14 12.91 30.26
N ARG A 390 5.09 12.39 29.46
CA ARG A 390 5.24 10.98 29.23
C ARG A 390 6.70 10.75 29.13
N ALA A 391 7.21 9.76 29.90
CA ALA A 391 8.60 9.39 29.90
C ALA A 391 8.72 8.25 28.93
N ARG A 392 9.30 7.12 29.37
CA ARG A 392 9.57 6.00 28.52
C ARG A 392 8.92 4.87 29.24
N GLY A 393 7.74 4.44 28.73
CA GLY A 393 6.96 3.38 29.32
C GLY A 393 5.54 3.86 29.52
N GLU A 394 5.21 5.07 28.99
CA GLU A 394 3.90 5.66 29.15
C GLU A 394 3.23 5.79 27.81
N LYS A 395 2.10 5.06 27.66
CA LYS A 395 1.20 5.13 26.54
C LYS A 395 -0.17 5.43 27.10
N VAL A 396 -0.19 5.92 28.36
CA VAL A 396 -1.30 6.33 29.19
C VAL A 396 -2.49 6.96 28.50
N GLU A 397 -3.69 6.71 29.06
CA GLU A 397 -4.96 7.27 28.66
C GLU A 397 -4.97 8.77 28.81
N ASN A 398 -5.81 9.44 27.98
CA ASN A 398 -5.89 10.88 27.81
C ASN A 398 -6.21 11.61 29.09
N LYS A 399 -7.15 11.09 29.91
CA LYS A 399 -7.56 11.72 31.15
C LYS A 399 -6.43 11.87 32.15
N GLU A 400 -5.59 10.83 32.30
CA GLU A 400 -4.44 10.84 33.16
C GLU A 400 -3.36 11.73 32.64
N LEU A 401 -3.18 11.76 31.30
CA LEU A 401 -2.23 12.59 30.59
C LEU A 401 -2.53 14.05 30.80
N LYS A 402 -3.84 14.42 30.81
CA LYS A 402 -4.34 15.73 31.15
C LYS A 402 -3.96 16.13 32.55
N GLN A 403 -4.02 15.19 33.52
CA GLN A 403 -3.63 15.43 34.89
C GLN A 403 -2.14 15.70 34.98
N ARG A 404 -1.32 14.98 34.19
CA ARG A 404 0.12 15.18 34.09
C ARG A 404 0.44 16.59 33.62
N VAL A 405 -0.24 17.06 32.55
CA VAL A 405 -0.05 18.37 31.94
C VAL A 405 -0.31 19.49 32.93
N LEU A 406 -1.34 19.32 33.77
CA LEU A 406 -1.81 20.30 34.72
C LEU A 406 -0.92 20.45 35.95
N GLU A 407 -0.22 19.37 36.38
CA GLU A 407 0.40 19.35 37.69
C GLU A 407 1.90 19.24 37.63
N GLN A 408 2.43 18.53 36.61
CA GLN A 408 3.83 18.16 36.57
C GLN A 408 4.67 19.21 35.90
N ALA A 409 5.97 19.20 36.26
CA ALA A 409 6.99 20.02 35.66
C ALA A 409 8.23 19.27 36.02
N VAL A 410 8.31 18.02 35.48
CA VAL A 410 9.30 17.00 35.74
C VAL A 410 10.71 17.50 35.49
N THR A 411 11.65 17.00 36.33
CA THR A 411 13.10 17.16 36.32
C THR A 411 13.71 17.31 34.95
N TYR A 412 14.75 18.16 34.86
CA TYR A 412 15.35 18.57 33.62
C TYR A 412 16.75 18.02 33.65
N PRO A 413 17.14 17.08 32.77
CA PRO A 413 18.49 16.54 32.66
C PRO A 413 19.58 17.57 32.50
N ASP A 414 20.85 17.13 32.68
CA ASP A 414 22.01 18.00 32.65
C ASP A 414 22.61 18.00 31.27
N LYS A 415 21.94 17.32 30.29
CA LYS A 415 22.32 17.36 28.88
C LYS A 415 21.92 18.70 28.31
N PHE A 416 20.88 19.31 28.92
CA PHE A 416 20.43 20.67 28.71
C PHE A 416 21.51 21.62 29.09
N SER A 417 21.64 22.74 28.33
CA SER A 417 22.38 23.91 28.70
C SER A 417 21.61 24.60 29.81
N PRO A 418 22.18 25.46 30.64
CA PRO A 418 21.45 26.19 31.66
C PRO A 418 20.34 27.04 31.07
N ALA A 419 20.60 27.71 29.94
CA ALA A 419 19.64 28.51 29.23
C ALA A 419 18.44 27.73 28.75
N SER A 420 18.65 26.52 28.16
CA SER A 420 17.56 25.70 27.64
C SER A 420 16.72 25.12 28.75
N LYS A 421 17.38 24.71 29.86
CA LYS A 421 16.77 24.20 31.06
C LYS A 421 15.82 25.20 31.66
N ASP A 422 16.31 26.44 31.85
CA ASP A 422 15.63 27.58 32.40
C ASP A 422 14.42 27.94 31.56
N PHE A 423 14.58 27.91 30.22
CA PHE A 423 13.55 28.20 29.26
C PHE A 423 12.39 27.23 29.36
N CYS A 424 12.70 25.91 29.48
CA CYS A 424 11.71 24.85 29.67
C CYS A 424 10.97 24.98 30.98
N GLU A 425 11.70 25.26 32.08
CA GLU A 425 11.16 25.50 33.41
C GLU A 425 10.12 26.59 33.45
N ALA A 426 10.39 27.72 32.75
CA ALA A 426 9.53 28.87 32.64
C ALA A 426 8.20 28.57 31.99
N LEU A 427 8.21 27.66 30.98
CA LEU A 427 7.07 27.34 30.16
C LEU A 427 6.13 26.36 30.79
N LEU A 428 6.63 25.47 31.68
CA LEU A 428 5.83 24.42 32.28
C LEU A 428 5.25 24.91 33.58
N GLN A 429 5.47 26.21 33.89
CA GLN A 429 4.74 26.97 34.87
C GLN A 429 3.28 27.04 34.46
N LYS A 430 2.38 27.03 35.47
CA LYS A 430 0.94 26.94 35.30
C LYS A 430 0.30 28.30 35.28
N ASP A 431 1.10 29.38 35.16
CA ASP A 431 0.59 30.71 35.05
C ASP A 431 1.01 31.22 33.69
N PRO A 432 0.11 31.69 32.81
CA PRO A 432 0.45 32.17 31.47
C PRO A 432 1.31 33.42 31.52
N GLU A 433 1.10 34.29 32.52
CA GLU A 433 1.87 35.50 32.73
C GLU A 433 3.34 35.20 32.97
N LYS A 434 3.62 34.03 33.59
CA LYS A 434 4.95 33.58 33.90
C LYS A 434 5.41 32.57 32.89
N ARG A 435 4.57 32.30 31.86
CA ARG A 435 4.86 31.36 30.81
C ARG A 435 5.54 32.23 29.80
N LEU A 436 6.85 31.98 29.65
CA LEU A 436 7.77 32.76 28.86
C LEU A 436 7.37 32.92 27.43
N GLY A 437 6.93 34.16 27.09
CA GLY A 437 6.54 34.53 25.76
C GLY A 437 5.34 35.40 25.84
N PHE A 438 4.61 35.35 26.97
CA PHE A 438 3.35 36.03 27.13
C PHE A 438 3.48 36.89 28.35
N ARG A 439 3.53 38.21 28.11
CA ARG A 439 3.57 39.24 29.11
C ARG A 439 2.45 40.18 28.82
N ASP A 440 1.53 39.76 27.91
CA ASP A 440 0.24 40.36 27.60
C ASP A 440 0.40 40.99 26.25
N GLY A 441 0.13 40.21 25.19
CA GLY A 441 0.16 40.67 23.82
C GLY A 441 1.56 40.85 23.31
N SER A 442 2.50 39.98 23.76
CA SER A 442 3.88 40.01 23.32
C SER A 442 4.12 38.71 22.61
N CYS A 443 4.89 38.79 21.51
CA CYS A 443 5.49 37.64 20.86
C CYS A 443 6.98 37.84 20.89
N ASP A 444 7.43 38.96 21.49
CA ASP A 444 8.83 39.32 21.58
C ASP A 444 9.27 39.10 23.00
N GLY A 445 8.40 38.49 23.84
CA GLY A 445 8.70 38.09 25.20
C GLY A 445 9.68 36.96 25.22
N LEU A 446 9.59 36.07 24.19
CA LEU A 446 10.48 34.96 23.95
C LEU A 446 11.91 35.39 23.75
N ARG A 447 12.13 36.47 22.96
CA ARG A 447 13.42 36.97 22.54
C ARG A 447 14.36 37.43 23.63
N THR A 448 13.88 37.58 24.89
CA THR A 448 14.67 38.14 25.96
C THR A 448 15.49 37.09 26.70
N HIS A 449 15.22 35.78 26.46
CA HIS A 449 15.86 34.73 27.21
C HIS A 449 17.33 34.60 26.83
N PRO A 450 18.25 34.23 27.74
CA PRO A 450 19.68 34.08 27.45
C PRO A 450 19.98 33.07 26.36
N LEU A 451 19.06 32.11 26.12
CA LEU A 451 19.06 31.10 25.10
C LEU A 451 19.33 31.62 23.70
N PHE A 452 18.87 32.86 23.44
CA PHE A 452 18.84 33.53 22.16
C PHE A 452 20.00 34.47 21.99
N ARG A 453 21.08 34.24 22.77
CA ARG A 453 22.31 35.00 22.75
C ARG A 453 23.06 34.75 21.47
N ASP A 454 22.76 33.61 20.80
CA ASP A 454 23.41 33.14 19.59
C ASP A 454 22.52 33.42 18.41
N ILE A 455 21.40 34.16 18.63
CA ILE A 455 20.40 34.44 17.63
C ILE A 455 20.34 35.92 17.42
N SER A 456 20.34 36.31 16.11
CA SER A 456 20.02 37.63 15.66
C SER A 456 18.68 37.42 15.03
N TRP A 457 17.63 38.04 15.63
CA TRP A 457 16.25 37.74 15.32
C TRP A 457 15.80 38.18 13.96
N ARG A 458 16.25 39.35 13.47
CA ARG A 458 15.88 39.87 12.18
C ARG A 458 16.39 39.00 11.04
N GLN A 459 17.62 38.48 11.18
CA GLN A 459 18.26 37.65 10.18
C GLN A 459 17.66 36.26 10.21
N LEU A 460 17.31 35.78 11.42
CA LEU A 460 16.63 34.52 11.65
C LEU A 460 15.30 34.45 10.95
N GLU A 461 14.47 35.52 11.11
CA GLU A 461 13.13 35.67 10.58
C GLU A 461 13.09 35.70 9.07
N ALA A 462 14.23 36.05 8.42
CA ALA A 462 14.33 36.13 6.98
C ALA A 462 14.93 34.85 6.44
N GLY A 463 15.30 33.90 7.33
CA GLY A 463 15.75 32.57 6.99
C GLY A 463 17.18 32.53 6.60
N MET A 464 18.03 33.40 7.20
CA MET A 464 19.41 33.56 6.79
C MET A 464 20.31 32.86 7.76
N LEU A 465 19.75 32.28 8.85
CA LEU A 465 20.51 31.57 9.86
C LEU A 465 20.03 30.16 9.75
N THR A 466 20.92 29.26 9.27
CA THR A 466 20.61 27.89 8.97
C THR A 466 21.08 26.98 10.09
N PRO A 467 20.39 25.86 10.39
CA PRO A 467 20.75 24.91 11.42
C PRO A 467 22.09 24.26 11.14
N PRO A 468 22.82 23.70 12.11
CA PRO A 468 24.12 23.05 11.89
C PRO A 468 23.97 21.67 11.26
N PHE A 469 22.76 21.27 10.82
CA PHE A 469 22.55 20.04 10.09
C PHE A 469 21.51 20.39 9.08
N VAL A 470 21.82 20.16 7.78
CA VAL A 470 20.90 20.39 6.69
C VAL A 470 20.85 19.09 5.93
N PRO A 471 19.70 18.43 5.80
CA PRO A 471 19.51 17.18 5.06
C PRO A 471 20.08 17.16 3.65
N ASP A 472 20.64 15.99 3.24
CA ASP A 472 21.08 15.72 1.88
C ASP A 472 19.87 15.40 1.04
N SER A 473 19.97 15.70 -0.29
CA SER A 473 18.90 15.51 -1.24
C SER A 473 19.09 14.22 -2.00
N ARG A 474 20.12 13.41 -1.65
CA ARG A 474 20.40 12.15 -2.30
C ARG A 474 20.30 11.07 -1.25
N THR A 475 19.74 11.40 -0.06
CA THR A 475 19.61 10.46 1.04
C THR A 475 18.16 10.44 1.39
N VAL A 476 17.58 9.21 1.46
CA VAL A 476 16.18 8.97 1.76
C VAL A 476 15.89 9.13 3.23
N TYR A 477 14.61 9.44 3.57
CA TYR A 477 14.14 9.65 4.93
C TYR A 477 12.77 9.04 4.98
N ALA A 478 12.37 8.54 6.18
CA ALA A 478 11.08 7.97 6.49
C ALA A 478 10.91 6.54 6.03
N LYS A 479 10.06 5.78 6.76
CA LYS A 479 9.70 4.39 6.53
C LYS A 479 8.97 4.19 5.23
N ASN A 480 9.00 2.94 4.72
CA ASN A 480 8.31 2.52 3.52
C ASN A 480 6.84 2.26 3.83
N ILE A 481 6.03 2.07 2.76
CA ILE A 481 4.58 1.96 2.82
C ILE A 481 4.18 0.71 3.56
N GLN A 482 3.26 0.88 4.55
CA GLN A 482 2.83 -0.21 5.40
C GLN A 482 1.84 0.34 6.40
N ASP A 483 1.11 1.43 6.04
CA ASP A 483 0.16 2.09 6.92
C ASP A 483 -0.98 1.20 7.35
N VAL A 484 -1.41 1.37 8.62
CA VAL A 484 -2.55 0.71 9.20
C VAL A 484 -3.46 1.79 9.70
N GLY A 485 -4.79 1.54 9.61
CA GLY A 485 -5.81 2.49 9.94
C GLY A 485 -6.42 2.16 11.26
N ALA A 486 -7.23 3.10 11.78
CA ALA A 486 -7.94 2.97 13.02
C ALA A 486 -9.18 3.78 12.83
N PHE A 487 -10.32 3.28 13.38
CA PHE A 487 -11.65 3.82 13.25
C PHE A 487 -12.18 3.59 11.86
N SER A 488 -13.37 2.95 11.77
CA SER A 488 -13.98 2.45 10.56
C SER A 488 -14.20 3.49 9.50
N THR A 489 -13.98 3.06 8.23
CA THR A 489 -14.48 3.69 7.03
C THR A 489 -15.85 3.10 6.79
N VAL A 490 -16.59 3.64 5.78
CA VAL A 490 -18.02 3.60 5.68
C VAL A 490 -18.58 2.20 5.62
N LYS A 491 -19.81 2.02 6.16
CA LYS A 491 -20.50 0.75 6.25
C LYS A 491 -21.39 0.56 5.05
N GLY A 492 -21.13 1.33 3.96
CA GLY A 492 -21.82 1.23 2.71
C GLY A 492 -22.56 2.51 2.50
N VAL A 493 -22.09 3.59 3.17
CA VAL A 493 -22.86 4.79 3.38
C VAL A 493 -22.42 5.72 2.29
N ALA A 494 -23.37 6.10 1.42
CA ALA A 494 -23.08 6.82 0.20
C ALA A 494 -23.07 8.28 0.52
N PHE A 495 -22.17 9.04 -0.16
CA PHE A 495 -21.92 10.44 0.13
C PHE A 495 -23.15 11.28 -0.13
N GLU A 496 -23.41 12.21 0.81
CA GLU A 496 -24.43 13.22 0.74
C GLU A 496 -24.01 14.30 -0.22
N LYS A 497 -25.00 15.07 -0.72
CA LYS A 497 -24.82 16.26 -1.53
C LYS A 497 -23.89 17.25 -0.86
N ALA A 498 -24.06 17.43 0.48
CA ALA A 498 -23.25 18.29 1.32
C ALA A 498 -21.77 17.96 1.27
N ASP A 499 -21.43 16.64 1.33
CA ASP A 499 -20.08 16.14 1.29
C ASP A 499 -19.36 16.47 0.01
N THR A 500 -20.01 16.20 -1.15
CA THR A 500 -19.54 16.51 -2.49
C THR A 500 -19.28 17.98 -2.70
N GLU A 501 -20.18 18.83 -2.15
CA GLU A 501 -20.12 20.28 -2.24
C GLU A 501 -18.95 20.81 -1.45
N PHE A 502 -18.64 20.19 -0.29
CA PHE A 502 -17.47 20.50 0.48
C PHE A 502 -16.20 20.15 -0.29
N PHE A 503 -16.19 18.98 -0.98
CA PHE A 503 -15.03 18.50 -1.70
C PHE A 503 -14.62 19.41 -2.83
N GLN A 504 -15.60 19.89 -3.65
CA GLN A 504 -15.37 20.88 -4.68
C GLN A 504 -14.90 22.21 -4.14
N GLU A 505 -15.50 22.66 -3.01
CA GLU A 505 -15.26 23.94 -2.37
C GLU A 505 -13.84 24.03 -1.87
N PHE A 506 -13.36 22.93 -1.22
CA PHE A 506 -11.98 22.74 -0.82
C PHE A 506 -11.00 22.91 -1.96
N ALA A 507 -11.29 22.25 -3.12
CA ALA A 507 -10.44 22.25 -4.29
C ALA A 507 -10.35 23.63 -4.90
N SER A 508 -9.15 23.98 -5.41
CA SER A 508 -8.83 25.30 -5.90
C SER A 508 -8.80 25.23 -7.39
N MET B 1 -6.67 -42.39 -34.34
CA MET B 1 -5.36 -41.90 -34.07
C MET B 1 -4.77 -42.67 -32.92
N ASN B 2 -5.30 -42.48 -31.70
CA ASN B 2 -4.78 -43.08 -30.50
C ASN B 2 -5.80 -42.83 -29.42
N GLY B 3 -7.08 -42.70 -29.82
CA GLY B 3 -8.17 -42.61 -28.90
C GLY B 3 -9.36 -43.20 -29.58
N THR B 4 -10.54 -42.56 -29.38
CA THR B 4 -11.74 -42.90 -30.09
C THR B 4 -12.35 -41.55 -30.28
N GLU B 5 -12.46 -41.15 -31.57
CA GLU B 5 -12.91 -39.84 -31.94
C GLU B 5 -14.41 -39.81 -32.05
N GLY B 6 -14.96 -38.61 -31.83
CA GLY B 6 -16.36 -38.35 -31.90
C GLY B 6 -16.44 -36.86 -31.78
N PRO B 7 -17.60 -36.25 -31.96
CA PRO B 7 -17.76 -34.82 -31.84
C PRO B 7 -18.35 -34.56 -30.49
N ASN B 8 -17.96 -35.37 -29.48
CA ASN B 8 -18.40 -35.17 -28.13
C ASN B 8 -17.51 -35.94 -27.19
N PHE B 9 -16.60 -36.81 -27.69
CA PHE B 9 -15.67 -37.47 -26.81
C PHE B 9 -14.42 -37.81 -27.56
N TYR B 10 -13.27 -37.68 -26.85
CA TYR B 10 -11.99 -38.13 -27.32
C TYR B 10 -11.26 -38.66 -26.11
N VAL B 11 -11.34 -39.98 -25.85
CA VAL B 11 -10.60 -40.63 -24.79
C VAL B 11 -9.14 -40.67 -25.23
N PRO B 12 -8.14 -40.12 -24.55
CA PRO B 12 -6.75 -40.09 -25.00
C PRO B 12 -6.06 -41.43 -24.82
N PHE B 13 -6.82 -42.51 -24.55
CA PHE B 13 -6.34 -43.86 -24.45
C PHE B 13 -6.93 -44.55 -25.64
N SER B 14 -6.08 -45.22 -26.43
CA SER B 14 -6.40 -45.90 -27.67
C SER B 14 -7.39 -47.02 -27.45
N ASN B 15 -8.28 -47.25 -28.44
CA ASN B 15 -9.27 -48.30 -28.41
C ASN B 15 -8.55 -49.57 -28.77
N LYS B 16 -8.55 -50.54 -27.83
CA LYS B 16 -7.85 -51.78 -27.97
C LYS B 16 -8.28 -52.67 -26.84
N THR B 17 -9.16 -52.16 -25.96
CA THR B 17 -9.77 -52.92 -24.90
C THR B 17 -11.13 -53.33 -25.39
N GLY B 18 -11.93 -52.35 -25.87
CA GLY B 18 -13.18 -52.59 -26.56
C GLY B 18 -14.27 -51.83 -25.88
N VAL B 19 -13.92 -51.03 -24.85
CA VAL B 19 -14.86 -50.31 -24.02
C VAL B 19 -14.55 -48.84 -24.11
N VAL B 20 -13.72 -48.43 -25.10
CA VAL B 20 -13.32 -47.05 -25.24
C VAL B 20 -14.34 -46.38 -26.12
N ARG B 21 -15.34 -45.73 -25.48
CA ARG B 21 -16.40 -45.01 -26.12
C ARG B 21 -16.45 -43.72 -25.36
N SER B 22 -17.67 -43.24 -24.97
CA SER B 22 -17.86 -42.10 -24.11
C SER B 22 -17.28 -42.36 -22.74
N PRO B 23 -16.41 -41.53 -22.18
CA PRO B 23 -15.90 -41.68 -20.82
C PRO B 23 -16.88 -41.12 -19.82
N PHE B 24 -17.95 -40.43 -20.29
CA PHE B 24 -19.02 -39.90 -19.48
C PHE B 24 -19.76 -40.98 -18.74
N GLU B 25 -20.03 -42.10 -19.44
CA GLU B 25 -20.92 -43.12 -18.96
C GLU B 25 -20.09 -44.30 -18.56
N ALA B 26 -19.04 -44.61 -19.37
CA ALA B 26 -18.17 -45.74 -19.15
C ALA B 26 -17.37 -45.56 -17.88
N PRO B 27 -17.08 -46.60 -17.10
CA PRO B 27 -16.31 -46.49 -15.89
C PRO B 27 -14.86 -46.54 -16.33
N GLN B 28 -14.06 -45.58 -15.85
CA GLN B 28 -12.71 -45.38 -16.32
C GLN B 28 -11.80 -46.12 -15.39
N TYR B 29 -11.29 -47.27 -15.89
CA TYR B 29 -10.54 -48.23 -15.14
C TYR B 29 -9.87 -49.13 -16.15
N TYR B 30 -10.05 -48.85 -17.47
CA TYR B 30 -9.43 -49.56 -18.56
C TYR B 30 -8.25 -48.78 -19.03
N LEU B 31 -7.81 -47.78 -18.22
CA LEU B 31 -6.72 -46.91 -18.55
C LEU B 31 -6.23 -46.29 -17.28
N ALA B 32 -6.88 -46.61 -16.13
CA ALA B 32 -6.46 -46.13 -14.84
C ALA B 32 -6.69 -47.25 -13.87
N GLU B 33 -6.13 -47.12 -12.65
CA GLU B 33 -6.21 -48.12 -11.61
C GLU B 33 -6.83 -47.46 -10.40
N PRO B 34 -7.45 -48.19 -9.47
CA PRO B 34 -8.02 -47.65 -8.23
C PRO B 34 -7.06 -46.89 -7.36
N TRP B 35 -5.75 -47.28 -7.34
CA TRP B 35 -4.76 -46.67 -6.48
C TRP B 35 -4.46 -45.26 -6.94
N GLN B 36 -4.36 -45.08 -8.27
CA GLN B 36 -4.16 -43.80 -8.92
C GLN B 36 -5.26 -42.80 -8.64
N PHE B 37 -6.52 -43.30 -8.49
CA PHE B 37 -7.65 -42.51 -8.09
C PHE B 37 -7.60 -42.07 -6.65
N SER B 38 -7.08 -42.93 -5.75
CA SER B 38 -6.88 -42.59 -4.35
C SER B 38 -5.87 -41.48 -4.19
N MET B 39 -4.75 -41.56 -4.97
CA MET B 39 -3.73 -40.55 -5.04
C MET B 39 -4.23 -39.25 -5.63
N LEU B 40 -5.10 -39.32 -6.66
CA LEU B 40 -5.78 -38.19 -7.27
C LEU B 40 -6.62 -37.46 -6.24
N ALA B 41 -7.44 -38.22 -5.48
CA ALA B 41 -8.31 -37.72 -4.45
C ALA B 41 -7.54 -37.07 -3.33
N ALA B 42 -6.40 -37.68 -2.92
CA ALA B 42 -5.47 -37.13 -1.96
C ALA B 42 -4.93 -35.78 -2.38
N TYR B 43 -4.49 -35.68 -3.66
CA TYR B 43 -3.93 -34.48 -4.24
C TYR B 43 -4.93 -33.35 -4.28
N MET B 44 -6.20 -33.65 -4.67
CA MET B 44 -7.27 -32.67 -4.72
C MET B 44 -7.68 -32.17 -3.36
N PHE B 45 -7.61 -33.05 -2.33
CA PHE B 45 -7.93 -32.74 -0.96
C PHE B 45 -6.95 -31.73 -0.41
N LEU B 46 -5.64 -31.99 -0.62
CA LEU B 46 -4.52 -31.11 -0.36
C LEU B 46 -4.72 -29.71 -0.91
N LEU B 47 -5.03 -29.59 -2.23
CA LEU B 47 -5.22 -28.33 -2.92
C LEU B 47 -6.32 -27.46 -2.34
N ILE B 48 -7.38 -28.07 -1.76
CA ILE B 48 -8.46 -27.40 -1.08
C ILE B 48 -7.97 -26.88 0.25
N MET B 49 -7.34 -27.79 1.05
CA MET B 49 -6.81 -27.56 2.38
C MET B 49 -5.84 -26.42 2.47
N LEU B 50 -5.00 -26.23 1.44
CA LEU B 50 -4.05 -25.13 1.39
C LEU B 50 -4.71 -23.92 0.79
N GLY B 51 -5.37 -24.08 -0.37
CA GLY B 51 -5.89 -22.99 -1.17
C GLY B 51 -6.90 -22.11 -0.47
N PHE B 52 -7.87 -22.70 0.26
CA PHE B 52 -8.92 -21.96 0.92
C PHE B 52 -8.44 -21.06 2.06
N PRO B 53 -7.60 -21.49 3.03
CA PRO B 53 -7.06 -20.62 4.08
C PRO B 53 -6.27 -19.46 3.54
N ILE B 54 -5.33 -19.73 2.61
CA ILE B 54 -4.47 -18.78 1.94
C ILE B 54 -5.25 -17.64 1.31
N ASN B 55 -6.37 -17.96 0.61
CA ASN B 55 -7.16 -17.00 -0.12
C ASN B 55 -8.04 -16.24 0.83
N PHE B 56 -8.47 -16.89 1.94
CA PHE B 56 -9.24 -16.25 2.99
C PHE B 56 -8.43 -15.16 3.67
N LEU B 57 -7.16 -15.45 4.02
CA LEU B 57 -6.21 -14.52 4.58
C LEU B 57 -6.02 -13.25 3.77
N THR B 58 -5.97 -13.36 2.43
CA THR B 58 -5.81 -12.27 1.49
C THR B 58 -6.93 -11.26 1.61
N LEU B 59 -8.18 -11.77 1.74
CA LEU B 59 -9.36 -10.97 1.93
C LEU B 59 -9.41 -10.36 3.32
N TYR B 60 -8.98 -11.16 4.34
CA TYR B 60 -9.05 -10.86 5.74
C TYR B 60 -8.20 -9.68 6.14
N VAL B 61 -6.92 -9.68 5.71
CA VAL B 61 -5.93 -8.70 6.11
C VAL B 61 -6.30 -7.27 5.75
N THR B 62 -7.03 -7.04 4.63
CA THR B 62 -7.42 -5.70 4.26
C THR B 62 -8.49 -5.16 5.19
N VAL B 63 -9.39 -6.05 5.68
CA VAL B 63 -10.43 -5.73 6.65
C VAL B 63 -9.83 -5.44 8.01
N GLN B 64 -8.63 -5.99 8.30
CA GLN B 64 -7.95 -5.90 9.57
C GLN B 64 -7.57 -4.47 9.88
N HIS B 65 -7.08 -3.72 8.86
CA HIS B 65 -6.73 -2.33 9.02
C HIS B 65 -7.29 -1.56 7.87
N LYS B 66 -8.08 -0.51 8.21
CA LYS B 66 -8.69 0.47 7.33
C LYS B 66 -7.85 0.97 6.18
N LYS B 67 -6.61 1.46 6.48
CA LYS B 67 -5.69 2.05 5.52
C LYS B 67 -5.23 1.12 4.43
N LEU B 68 -5.37 -0.22 4.64
CA LEU B 68 -5.02 -1.24 3.69
C LEU B 68 -6.08 -1.37 2.63
N ARG B 69 -7.31 -0.88 2.91
CA ARG B 69 -8.42 -0.89 1.98
C ARG B 69 -8.18 0.31 1.09
N THR B 70 -7.47 0.10 -0.04
CA THR B 70 -7.02 1.12 -0.96
C THR B 70 -6.98 0.49 -2.32
N PRO B 71 -6.95 1.26 -3.42
CA PRO B 71 -6.92 0.77 -4.79
C PRO B 71 -5.94 -0.31 -5.15
N LEU B 72 -4.70 -0.23 -4.62
CA LEU B 72 -3.60 -1.09 -4.98
C LEU B 72 -3.74 -2.51 -4.46
N ASN B 73 -4.73 -2.76 -3.58
CA ASN B 73 -4.99 -4.06 -3.00
C ASN B 73 -6.11 -4.76 -3.71
N TYR B 74 -6.95 -4.03 -4.50
CA TYR B 74 -8.07 -4.55 -5.27
C TYR B 74 -7.72 -5.79 -6.07
N ILE B 75 -6.57 -5.75 -6.77
CA ILE B 75 -6.04 -6.81 -7.60
C ILE B 75 -5.71 -8.04 -6.77
N LEU B 76 -5.26 -7.86 -5.51
CA LEU B 76 -4.95 -8.94 -4.59
C LEU B 76 -6.18 -9.66 -4.15
N LEU B 77 -7.27 -8.91 -3.87
CA LEU B 77 -8.57 -9.46 -3.57
C LEU B 77 -9.11 -10.26 -4.73
N ASN B 78 -8.94 -9.74 -5.97
CA ASN B 78 -9.32 -10.39 -7.21
C ASN B 78 -8.61 -11.70 -7.38
N LEU B 79 -7.27 -11.73 -7.16
CA LEU B 79 -6.44 -12.93 -7.18
C LEU B 79 -6.97 -14.01 -6.27
N ALA B 80 -7.36 -13.64 -5.03
CA ALA B 80 -7.90 -14.57 -4.06
C ALA B 80 -9.20 -15.18 -4.50
N VAL B 81 -10.09 -14.36 -5.12
CA VAL B 81 -11.36 -14.77 -5.68
C VAL B 81 -11.20 -15.74 -6.84
N ALA B 82 -10.26 -15.44 -7.76
CA ALA B 82 -9.89 -16.26 -8.89
C ALA B 82 -9.49 -17.64 -8.49
N ASP B 83 -8.61 -17.72 -7.47
CA ASP B 83 -8.10 -18.92 -6.86
C ASP B 83 -9.21 -19.76 -6.25
N LEU B 84 -10.22 -19.10 -5.63
CA LEU B 84 -11.36 -19.74 -5.01
C LEU B 84 -12.28 -20.36 -6.04
N PHE B 85 -12.42 -19.72 -7.23
CA PHE B 85 -13.06 -20.32 -8.39
C PHE B 85 -12.42 -21.64 -8.77
N MET B 86 -11.08 -21.73 -8.79
CA MET B 86 -10.36 -22.97 -9.05
C MET B 86 -10.67 -24.04 -8.01
N VAL B 87 -10.92 -23.64 -6.73
CA VAL B 87 -11.16 -24.55 -5.63
C VAL B 87 -12.52 -25.20 -5.79
N PHE B 88 -13.56 -24.40 -6.10
CA PHE B 88 -14.93 -24.86 -6.07
C PHE B 88 -15.39 -25.35 -7.41
N GLY B 89 -14.78 -24.84 -8.51
CA GLY B 89 -15.06 -25.28 -9.85
C GLY B 89 -14.31 -26.53 -10.18
N GLY B 90 -13.00 -26.56 -9.83
CA GLY B 90 -12.13 -27.64 -10.20
C GLY B 90 -11.96 -28.67 -9.12
N PHE B 91 -11.32 -28.28 -8.00
CA PHE B 91 -10.77 -29.21 -7.02
C PHE B 91 -11.80 -30.11 -6.37
N THR B 92 -12.93 -29.52 -5.92
CA THR B 92 -14.00 -30.20 -5.21
C THR B 92 -14.70 -31.23 -6.05
N THR B 93 -15.11 -30.83 -7.28
CA THR B 93 -15.68 -31.71 -8.28
C THR B 93 -14.82 -32.91 -8.57
N THR B 94 -13.50 -32.70 -8.81
CA THR B 94 -12.56 -33.74 -9.15
C THR B 94 -12.36 -34.70 -8.00
N LEU B 95 -12.39 -34.19 -6.75
CA LEU B 95 -12.34 -34.98 -5.53
C LEU B 95 -13.53 -35.91 -5.41
N TYR B 96 -14.76 -35.42 -5.68
CA TYR B 96 -15.97 -36.19 -5.66
C TYR B 96 -15.97 -37.33 -6.66
N THR B 97 -15.69 -36.99 -7.93
CA THR B 97 -15.70 -37.87 -9.09
C THR B 97 -14.68 -38.98 -9.00
N SER B 98 -13.44 -38.66 -8.56
CA SER B 98 -12.33 -39.59 -8.43
C SER B 98 -12.63 -40.84 -7.63
N LEU B 99 -13.49 -40.72 -6.59
CA LEU B 99 -13.83 -41.82 -5.71
C LEU B 99 -14.82 -42.77 -6.35
N HIS B 100 -15.54 -42.34 -7.41
CA HIS B 100 -16.32 -43.22 -8.27
C HIS B 100 -15.43 -43.83 -9.32
N GLY B 101 -14.32 -43.13 -9.64
CA GLY B 101 -13.32 -43.54 -10.59
C GLY B 101 -13.61 -43.03 -11.95
N TYR B 102 -14.66 -42.19 -12.12
CA TYR B 102 -14.96 -41.60 -13.39
C TYR B 102 -15.86 -40.43 -13.10
N PHE B 103 -16.16 -39.65 -14.16
CA PHE B 103 -16.89 -38.41 -14.08
C PHE B 103 -18.35 -38.81 -14.11
N VAL B 104 -19.12 -38.46 -13.04
CA VAL B 104 -20.45 -38.98 -12.83
C VAL B 104 -21.50 -37.90 -12.96
N PHE B 105 -21.13 -36.66 -13.41
CA PHE B 105 -22.09 -35.59 -13.54
C PHE B 105 -22.61 -35.53 -14.96
N GLY B 106 -22.09 -36.42 -15.86
CA GLY B 106 -22.59 -36.59 -17.21
C GLY B 106 -22.12 -35.50 -18.14
N PRO B 107 -22.49 -35.56 -19.42
CA PRO B 107 -22.06 -34.63 -20.45
C PRO B 107 -22.34 -33.17 -20.16
N THR B 108 -23.53 -32.87 -19.57
CA THR B 108 -23.95 -31.53 -19.23
C THR B 108 -23.11 -31.00 -18.09
N GLY B 109 -22.90 -31.88 -17.07
CA GLY B 109 -22.04 -31.67 -15.94
C GLY B 109 -20.63 -31.32 -16.33
N CYS B 110 -20.08 -32.04 -17.34
CA CYS B 110 -18.77 -31.83 -17.90
C CYS B 110 -18.61 -30.44 -18.47
N ASN B 111 -19.65 -29.91 -19.15
CA ASN B 111 -19.63 -28.59 -19.72
C ASN B 111 -19.63 -27.52 -18.66
N LEU B 112 -20.46 -27.69 -17.61
CA LEU B 112 -20.52 -26.84 -16.44
C LEU B 112 -19.24 -26.77 -15.65
N GLU B 113 -18.77 -27.95 -15.18
CA GLU B 113 -17.61 -28.17 -14.36
C GLU B 113 -16.36 -27.67 -15.03
N GLY B 114 -16.25 -27.95 -16.35
CA GLY B 114 -15.15 -27.55 -17.20
C GLY B 114 -15.11 -26.08 -17.37
N PHE B 115 -16.30 -25.42 -17.40
CA PHE B 115 -16.43 -23.99 -17.53
C PHE B 115 -15.91 -23.31 -16.29
N PHE B 116 -16.31 -23.78 -15.08
CA PHE B 116 -15.93 -23.15 -13.83
C PHE B 116 -14.47 -23.33 -13.52
N ALA B 117 -13.90 -24.52 -13.82
CA ALA B 117 -12.50 -24.80 -13.65
C ALA B 117 -11.63 -23.95 -14.53
N THR B 118 -12.00 -23.85 -15.84
CA THR B 118 -11.31 -23.07 -16.84
C THR B 118 -11.37 -21.61 -16.51
N LEU B 119 -12.58 -21.10 -16.18
CA LEU B 119 -12.82 -19.73 -15.78
C LEU B 119 -11.91 -19.31 -14.66
N GLY B 120 -11.88 -20.11 -13.57
CA GLY B 120 -11.01 -19.95 -12.43
C GLY B 120 -9.57 -19.78 -12.78
N GLY B 121 -8.98 -20.79 -13.45
CA GLY B 121 -7.59 -20.80 -13.86
C GLY B 121 -7.19 -19.67 -14.77
N GLU B 122 -8.15 -19.18 -15.59
CA GLU B 122 -7.91 -18.15 -16.57
C GLU B 122 -7.93 -16.79 -15.92
N ILE B 123 -8.87 -16.53 -14.96
CA ILE B 123 -8.88 -15.32 -14.16
C ILE B 123 -7.58 -15.21 -13.39
N ALA B 124 -7.09 -16.33 -12.83
CA ALA B 124 -5.80 -16.44 -12.15
C ALA B 124 -4.66 -16.02 -13.05
N LEU B 125 -4.57 -16.62 -14.27
CA LEU B 125 -3.62 -16.28 -15.32
C LEU B 125 -3.56 -14.80 -15.58
N TRP B 126 -4.73 -14.18 -15.86
CA TRP B 126 -4.83 -12.79 -16.22
C TRP B 126 -4.57 -11.86 -15.07
N SER B 127 -4.80 -12.31 -13.80
CA SER B 127 -4.42 -11.58 -12.61
C SER B 127 -2.92 -11.40 -12.58
N LEU B 128 -2.15 -12.50 -12.74
CA LEU B 128 -0.71 -12.48 -12.86
C LEU B 128 -0.16 -11.56 -13.93
N VAL B 129 -0.90 -11.42 -15.06
CA VAL B 129 -0.54 -10.57 -16.16
C VAL B 129 -0.71 -9.14 -15.76
N VAL B 130 -1.93 -8.77 -15.29
CA VAL B 130 -2.29 -7.46 -14.80
C VAL B 130 -1.35 -6.97 -13.70
N LEU B 131 -1.00 -7.85 -12.74
CA LEU B 131 -0.08 -7.58 -11.65
C LEU B 131 1.29 -7.16 -12.11
N ALA B 132 1.85 -7.88 -13.10
CA ALA B 132 3.11 -7.60 -13.73
C ALA B 132 3.10 -6.26 -14.44
N ILE B 133 1.98 -5.96 -15.15
CA ILE B 133 1.72 -4.72 -15.84
C ILE B 133 1.75 -3.58 -14.87
N GLU B 134 0.98 -3.65 -13.75
CA GLU B 134 0.93 -2.61 -12.74
C GLU B 134 2.27 -2.28 -12.15
N ARG B 135 3.08 -3.32 -11.83
CA ARG B 135 4.41 -3.14 -11.28
C ARG B 135 5.33 -2.46 -12.26
N TYR B 136 5.28 -2.87 -13.54
CA TYR B 136 6.04 -2.27 -14.61
C TYR B 136 5.70 -0.81 -14.84
N VAL B 137 4.40 -0.49 -14.95
CA VAL B 137 3.90 0.85 -15.18
C VAL B 137 4.29 1.81 -14.10
N VAL B 138 3.99 1.44 -12.83
CA VAL B 138 4.20 2.27 -11.68
C VAL B 138 5.65 2.54 -11.40
N VAL B 139 6.53 1.51 -11.52
CA VAL B 139 7.87 1.61 -11.01
C VAL B 139 8.82 2.03 -12.11
N CYS B 140 8.77 1.35 -13.28
CA CYS B 140 9.65 1.63 -14.41
C CYS B 140 9.27 2.87 -15.16
N LYS B 141 8.00 3.33 -15.02
CA LYS B 141 7.48 4.58 -15.57
C LYS B 141 7.55 4.66 -17.10
N PRO B 142 6.79 3.90 -17.90
CA PRO B 142 6.99 3.85 -19.33
C PRO B 142 5.90 4.63 -20.05
N MET B 143 4.79 4.98 -19.36
CA MET B 143 3.65 5.60 -19.99
C MET B 143 3.19 6.71 -19.11
N SER B 144 2.34 7.59 -19.69
CA SER B 144 1.80 8.76 -19.04
C SER B 144 0.33 8.57 -18.91
N ASN B 145 -0.26 9.22 -17.86
CA ASN B 145 -1.68 9.28 -17.59
C ASN B 145 -2.20 7.96 -17.10
N PHE B 146 -1.47 7.30 -16.17
CA PHE B 146 -1.96 6.09 -15.58
C PHE B 146 -1.42 6.05 -14.17
N ARG B 147 -2.30 5.65 -13.25
CA ARG B 147 -1.99 5.34 -11.88
C ARG B 147 -3.11 4.39 -11.61
N PHE B 148 -2.88 3.37 -10.74
CA PHE B 148 -3.85 2.34 -10.44
C PHE B 148 -4.76 2.83 -9.35
N GLY B 149 -5.59 3.86 -9.65
CA GLY B 149 -6.55 4.45 -8.74
C GLY B 149 -7.81 3.67 -8.86
N GLU B 150 -8.89 4.04 -8.11
CA GLU B 150 -10.13 3.28 -8.06
C GLU B 150 -10.73 2.89 -9.39
N ASN B 151 -10.83 3.85 -10.35
CA ASN B 151 -11.39 3.60 -11.67
C ASN B 151 -10.59 2.60 -12.48
N HIS B 152 -9.26 2.76 -12.46
CA HIS B 152 -8.31 1.88 -13.14
C HIS B 152 -8.31 0.51 -12.57
N ALA B 153 -8.32 0.42 -11.23
CA ALA B 153 -8.35 -0.80 -10.45
C ALA B 153 -9.52 -1.68 -10.79
N ILE B 154 -10.73 -1.08 -10.86
CA ILE B 154 -11.97 -1.74 -11.20
C ILE B 154 -11.93 -2.26 -12.60
N MET B 155 -11.44 -1.43 -13.56
CA MET B 155 -11.22 -1.79 -14.94
C MET B 155 -10.32 -3.00 -15.10
N GLY B 156 -9.16 -2.99 -14.39
CA GLY B 156 -8.20 -4.06 -14.28
C GLY B 156 -8.78 -5.37 -13.84
N VAL B 157 -9.64 -5.32 -12.79
CA VAL B 157 -10.33 -6.47 -12.23
C VAL B 157 -11.30 -7.03 -13.25
N ALA B 158 -12.13 -6.17 -13.86
CA ALA B 158 -13.08 -6.52 -14.90
C ALA B 158 -12.44 -7.20 -16.08
N PHE B 159 -11.27 -6.68 -16.53
CA PHE B 159 -10.47 -7.19 -17.62
C PHE B 159 -10.08 -8.64 -17.46
N THR B 160 -9.74 -9.09 -16.22
CA THR B 160 -9.29 -10.45 -15.98
C THR B 160 -10.44 -11.41 -16.20
N TRP B 161 -11.66 -11.05 -15.72
CA TRP B 161 -12.88 -11.79 -16.00
C TRP B 161 -13.16 -11.91 -17.49
N VAL B 162 -13.08 -10.79 -18.25
CA VAL B 162 -13.40 -10.74 -19.67
C VAL B 162 -12.52 -11.65 -20.50
N MET B 163 -11.18 -11.57 -20.29
CA MET B 163 -10.20 -12.40 -20.95
C MET B 163 -10.36 -13.87 -20.64
N ALA B 164 -10.81 -14.19 -19.42
CA ALA B 164 -11.03 -15.54 -18.93
C ALA B 164 -12.24 -16.17 -19.56
N LEU B 165 -13.34 -15.39 -19.62
CA LEU B 165 -14.58 -15.70 -20.30
C LEU B 165 -14.36 -15.96 -21.76
N ALA B 166 -13.45 -15.19 -22.40
CA ALA B 166 -13.03 -15.40 -23.78
C ALA B 166 -12.44 -16.76 -24.08
N CYS B 167 -12.13 -17.58 -23.03
CA CYS B 167 -11.55 -18.89 -23.13
C CYS B 167 -12.55 -19.88 -22.62
N ALA B 168 -13.19 -19.63 -21.46
CA ALA B 168 -14.11 -20.57 -20.86
C ALA B 168 -15.42 -20.69 -21.61
N ALA B 169 -15.89 -19.59 -22.25
CA ALA B 169 -17.16 -19.55 -22.93
C ALA B 169 -17.19 -20.24 -24.29
N PRO B 170 -16.22 -20.15 -25.23
CA PRO B 170 -16.25 -20.83 -26.52
C PRO B 170 -16.64 -22.30 -26.54
N PRO B 171 -16.20 -23.26 -25.73
CA PRO B 171 -16.63 -24.65 -25.86
C PRO B 171 -18.10 -24.88 -25.56
N LEU B 172 -18.82 -23.89 -24.98
CA LEU B 172 -20.22 -23.98 -24.69
C LEU B 172 -21.09 -23.62 -25.86
N VAL B 173 -20.52 -22.96 -26.90
CA VAL B 173 -21.28 -22.44 -28.02
C VAL B 173 -20.86 -23.17 -29.27
N GLY B 174 -20.11 -24.29 -29.11
CA GLY B 174 -19.85 -25.23 -30.19
C GLY B 174 -18.71 -24.77 -31.03
N TRP B 175 -17.75 -24.03 -30.43
CA TRP B 175 -16.54 -23.61 -31.09
C TRP B 175 -15.43 -24.53 -30.62
N SER B 176 -15.81 -25.55 -29.81
CA SER B 176 -14.92 -26.42 -29.09
C SER B 176 -15.88 -27.20 -28.23
N ARG B 177 -15.36 -28.12 -27.38
CA ARG B 177 -16.17 -28.96 -26.54
C ARG B 177 -15.39 -29.29 -25.31
N TYR B 178 -16.11 -29.49 -24.17
CA TYR B 178 -15.55 -29.98 -22.94
C TYR B 178 -15.71 -31.46 -22.97
N ILE B 179 -14.64 -32.18 -22.57
CA ILE B 179 -14.56 -33.62 -22.55
C ILE B 179 -13.59 -33.87 -21.43
N PRO B 180 -13.64 -34.99 -20.69
CA PRO B 180 -12.69 -35.31 -19.64
C PRO B 180 -11.23 -35.19 -20.01
N GLU B 181 -10.42 -34.63 -19.08
CA GLU B 181 -8.99 -34.50 -19.15
C GLU B 181 -8.50 -35.27 -17.96
N GLY B 182 -7.16 -35.42 -17.83
CA GLY B 182 -6.51 -36.06 -16.70
C GLY B 182 -6.86 -37.52 -16.65
N MET B 183 -7.27 -38.02 -15.44
CA MET B 183 -7.60 -39.41 -15.26
C MET B 183 -9.06 -39.60 -15.52
N GLN B 184 -9.71 -38.56 -16.10
CA GLN B 184 -11.03 -38.58 -16.70
C GLN B 184 -12.05 -38.28 -15.63
N CYS B 185 -11.61 -37.56 -14.58
CA CYS B 185 -12.43 -37.20 -13.44
C CYS B 185 -12.43 -35.70 -13.33
N SER B 186 -11.89 -35.02 -14.35
CA SER B 186 -11.98 -33.59 -14.46
C SER B 186 -12.23 -33.38 -15.92
N CYS B 187 -12.85 -32.24 -16.30
CA CYS B 187 -13.15 -31.96 -17.68
C CYS B 187 -12.32 -30.79 -18.07
N GLY B 188 -11.60 -30.93 -19.22
CA GLY B 188 -10.86 -29.85 -19.79
C GLY B 188 -11.34 -29.64 -21.18
N ILE B 189 -10.58 -28.80 -21.91
CA ILE B 189 -10.75 -28.46 -23.29
C ILE B 189 -10.13 -29.55 -24.13
N ASP B 190 -10.80 -29.94 -25.25
CA ASP B 190 -10.25 -30.87 -26.21
C ASP B 190 -9.20 -30.13 -27.00
N TYR B 191 -7.95 -30.63 -26.94
CA TYR B 191 -6.83 -30.04 -27.63
C TYR B 191 -6.08 -31.19 -28.24
N TYR B 192 -6.41 -32.41 -27.79
CA TYR B 192 -5.81 -33.68 -28.15
C TYR B 192 -5.99 -33.94 -29.62
N THR B 193 -7.20 -33.62 -30.13
CA THR B 193 -7.57 -33.81 -31.50
C THR B 193 -7.84 -32.42 -32.01
N PRO B 194 -7.33 -32.01 -33.18
CA PRO B 194 -7.69 -30.76 -33.80
C PRO B 194 -8.87 -31.06 -34.68
N HIS B 195 -10.04 -31.28 -34.05
CA HIS B 195 -11.25 -31.77 -34.65
C HIS B 195 -12.08 -30.62 -35.12
N GLU B 196 -12.03 -30.40 -36.46
CA GLU B 196 -12.60 -29.31 -37.21
C GLU B 196 -14.09 -29.19 -37.08
N GLU B 197 -14.81 -30.34 -37.05
CA GLU B 197 -16.25 -30.43 -37.04
C GLU B 197 -16.91 -29.75 -35.85
N THR B 198 -16.15 -29.47 -34.76
CA THR B 198 -16.66 -28.80 -33.59
C THR B 198 -15.82 -27.55 -33.42
N ASN B 199 -14.73 -27.42 -34.23
CA ASN B 199 -13.92 -26.23 -34.43
C ASN B 199 -12.84 -26.14 -33.38
N ASN B 200 -12.46 -27.30 -32.79
CA ASN B 200 -11.42 -27.47 -31.80
C ASN B 200 -10.10 -26.93 -32.25
N GLU B 201 -9.73 -27.17 -33.53
CA GLU B 201 -8.44 -26.83 -34.12
C GLU B 201 -8.12 -25.36 -34.03
N SER B 202 -9.06 -24.49 -34.47
CA SER B 202 -8.93 -23.05 -34.46
C SER B 202 -8.82 -22.49 -33.06
N PHE B 203 -9.61 -23.08 -32.13
CA PHE B 203 -9.63 -22.72 -30.73
C PHE B 203 -8.29 -22.98 -30.06
N VAL B 204 -7.66 -24.15 -30.35
CA VAL B 204 -6.38 -24.56 -29.79
C VAL B 204 -5.28 -23.60 -30.18
N ILE B 205 -5.29 -23.12 -31.45
CA ILE B 205 -4.35 -22.14 -31.96
C ILE B 205 -4.51 -20.83 -31.23
N TYR B 206 -5.79 -20.37 -31.09
CA TYR B 206 -6.17 -19.19 -30.35
C TYR B 206 -5.68 -19.20 -28.92
N MET B 207 -5.91 -20.30 -28.18
CA MET B 207 -5.44 -20.54 -26.83
C MET B 207 -3.95 -20.42 -26.69
N PHE B 208 -3.18 -21.14 -27.55
CA PHE B 208 -1.74 -21.18 -27.49
C PHE B 208 -1.12 -19.81 -27.68
N VAL B 209 -1.64 -19.02 -28.64
CA VAL B 209 -1.08 -17.72 -28.93
C VAL B 209 -1.49 -16.69 -27.91
N VAL B 210 -2.82 -16.46 -27.75
CA VAL B 210 -3.33 -15.35 -26.99
C VAL B 210 -3.23 -15.59 -25.50
N HIS B 211 -3.36 -16.85 -25.04
CA HIS B 211 -3.47 -17.14 -23.63
C HIS B 211 -2.23 -17.81 -23.08
N PHE B 212 -1.19 -18.09 -23.90
CA PHE B 212 0.07 -18.54 -23.35
C PHE B 212 1.20 -17.66 -23.81
N ILE B 213 1.45 -17.58 -25.14
CA ILE B 213 2.59 -16.87 -25.70
C ILE B 213 2.61 -15.39 -25.36
N ILE B 214 1.50 -14.66 -25.60
CA ILE B 214 1.31 -13.28 -25.18
C ILE B 214 1.66 -13.06 -23.70
N PRO B 215 1.00 -13.69 -22.72
CA PRO B 215 1.39 -13.72 -21.32
C PRO B 215 2.85 -13.94 -21.05
N LEU B 216 3.47 -14.97 -21.68
CA LEU B 216 4.85 -15.35 -21.51
C LEU B 216 5.80 -14.21 -21.84
N ILE B 217 5.53 -13.51 -22.97
CA ILE B 217 6.28 -12.34 -23.41
C ILE B 217 6.17 -11.23 -22.39
N VAL B 218 4.93 -10.90 -21.98
CA VAL B 218 4.62 -9.86 -21.02
C VAL B 218 5.32 -10.06 -19.70
N ILE B 219 5.26 -11.29 -19.14
CA ILE B 219 5.89 -11.69 -17.89
C ILE B 219 7.37 -11.45 -17.91
N PHE B 220 8.06 -11.89 -18.98
CA PHE B 220 9.50 -11.72 -19.13
C PHE B 220 9.90 -10.26 -19.22
N PHE B 221 9.15 -9.47 -20.02
CA PHE B 221 9.35 -8.07 -20.26
C PHE B 221 9.30 -7.25 -19.00
N CYS B 222 8.11 -7.27 -18.34
CA CYS B 222 7.78 -6.58 -17.12
C CYS B 222 8.76 -6.80 -16.02
N TYR B 223 9.04 -8.08 -15.67
CA TYR B 223 9.92 -8.40 -14.57
C TYR B 223 11.37 -8.14 -14.86
N GLY B 224 11.81 -8.29 -16.14
CA GLY B 224 13.14 -7.90 -16.59
C GLY B 224 13.43 -6.44 -16.38
N GLN B 225 12.49 -5.58 -16.84
CA GLN B 225 12.44 -4.15 -16.63
C GLN B 225 12.50 -3.77 -15.18
N LEU B 226 11.66 -4.42 -14.35
CA LEU B 226 11.56 -4.22 -12.93
C LEU B 226 12.87 -4.44 -12.22
N VAL B 227 13.58 -5.55 -12.54
CA VAL B 227 14.90 -5.86 -12.02
C VAL B 227 15.92 -4.83 -12.43
N PHE B 228 15.85 -4.34 -13.68
CA PHE B 228 16.73 -3.30 -14.22
C PHE B 228 16.62 -2.04 -13.40
N THR B 229 15.39 -1.51 -13.27
CA THR B 229 15.02 -0.38 -12.44
C THR B 229 15.56 -0.47 -11.03
N VAL B 230 15.36 -1.64 -10.36
CA VAL B 230 15.72 -1.87 -8.98
C VAL B 230 17.23 -1.91 -8.79
N LYS B 231 17.99 -2.49 -9.74
CA LYS B 231 19.43 -2.48 -9.77
C LYS B 231 19.99 -1.08 -9.86
N GLU B 232 19.41 -0.25 -10.76
CA GLU B 232 19.76 1.13 -10.97
C GLU B 232 19.55 1.98 -9.74
N ALA B 233 18.34 1.89 -9.13
CA ALA B 233 17.93 2.50 -7.89
C ALA B 233 18.86 2.20 -6.74
N ALA B 234 19.27 0.91 -6.63
CA ALA B 234 20.13 0.40 -5.58
C ALA B 234 21.51 1.01 -5.69
N ALA B 235 22.02 1.17 -6.93
CA ALA B 235 23.27 1.85 -7.21
C ALA B 235 23.24 3.30 -6.77
N GLN B 236 22.07 3.98 -6.93
CA GLN B 236 21.86 5.36 -6.55
C GLN B 236 21.49 5.53 -5.09
N GLN B 237 21.58 4.46 -4.27
CA GLN B 237 21.17 4.52 -2.89
C GLN B 237 21.90 3.36 -2.28
N GLN B 238 23.24 3.35 -2.50
CA GLN B 238 24.14 2.29 -2.14
C GLN B 238 24.78 2.63 -0.82
N GLU B 239 24.19 3.64 -0.13
CA GLU B 239 24.57 4.05 1.20
C GLU B 239 23.68 3.33 2.20
N SER B 240 22.81 2.42 1.71
CA SER B 240 21.94 1.62 2.52
C SER B 240 22.26 0.20 2.17
N ALA B 241 22.87 -0.52 3.15
CA ALA B 241 23.24 -1.92 3.08
C ALA B 241 22.05 -2.80 2.84
N THR B 242 20.94 -2.50 3.57
CA THR B 242 19.65 -3.14 3.50
C THR B 242 19.14 -3.19 2.09
N THR B 243 19.14 -2.02 1.39
CA THR B 243 18.69 -1.86 0.02
C THR B 243 19.46 -2.73 -0.94
N GLN B 244 20.79 -2.91 -0.73
CA GLN B 244 21.62 -3.75 -1.57
C GLN B 244 21.28 -5.21 -1.47
N LYS B 245 21.04 -5.71 -0.23
CA LYS B 245 20.64 -7.07 0.04
C LYS B 245 19.30 -7.37 -0.57
N ALA B 246 18.34 -6.46 -0.33
CA ALA B 246 17.00 -6.43 -0.84
C ALA B 246 16.95 -6.51 -2.34
N GLU B 247 17.85 -5.78 -3.04
CA GLU B 247 17.96 -5.71 -4.48
C GLU B 247 18.29 -7.05 -5.09
N LYS B 248 19.21 -7.82 -4.44
CA LYS B 248 19.59 -9.16 -4.80
C LYS B 248 18.42 -10.12 -4.60
N GLU B 249 17.73 -9.98 -3.44
CA GLU B 249 16.57 -10.77 -3.07
C GLU B 249 15.43 -10.58 -4.05
N VAL B 250 15.12 -9.33 -4.44
CA VAL B 250 14.09 -8.94 -5.38
C VAL B 250 14.30 -9.58 -6.73
N THR B 251 15.57 -9.63 -7.19
CA THR B 251 15.95 -10.28 -8.43
C THR B 251 15.68 -11.76 -8.38
N ARG B 252 16.01 -12.41 -7.23
CA ARG B 252 15.75 -13.81 -6.94
C ARG B 252 14.27 -14.11 -7.01
N MET B 253 13.45 -13.29 -6.30
CA MET B 253 12.02 -13.29 -6.31
C MET B 253 11.44 -13.22 -7.71
N VAL B 254 12.00 -12.35 -8.59
CA VAL B 254 11.55 -12.17 -9.96
C VAL B 254 11.74 -13.42 -10.78
N ILE B 255 12.84 -14.17 -10.55
CA ILE B 255 13.10 -15.45 -11.17
C ILE B 255 12.03 -16.44 -10.76
N ILE B 256 11.70 -16.51 -9.45
CA ILE B 256 10.64 -17.31 -8.88
C ILE B 256 9.30 -16.98 -9.52
N MET B 257 8.98 -15.68 -9.70
CA MET B 257 7.75 -15.17 -10.30
C MET B 257 7.56 -15.61 -11.74
N VAL B 258 8.66 -15.62 -12.52
CA VAL B 258 8.66 -15.99 -13.92
C VAL B 258 8.42 -17.47 -14.01
N ILE B 259 9.19 -18.26 -13.22
CA ILE B 259 9.08 -19.70 -13.06
C ILE B 259 7.68 -20.13 -12.68
N ALA B 260 7.00 -19.37 -11.81
CA ALA B 260 5.67 -19.68 -11.34
C ALA B 260 4.65 -19.58 -12.45
N PHE B 261 4.82 -18.61 -13.39
CA PHE B 261 4.00 -18.51 -14.58
C PHE B 261 4.24 -19.66 -15.52
N LEU B 262 5.53 -20.06 -15.68
CA LEU B 262 5.94 -21.13 -16.56
C LEU B 262 5.33 -22.44 -16.14
N ILE B 263 5.52 -22.85 -14.87
CA ILE B 263 4.99 -24.07 -14.29
C ILE B 263 3.52 -24.23 -14.54
N CYS B 264 2.73 -23.15 -14.41
CA CYS B 264 1.30 -23.25 -14.50
C CYS B 264 0.77 -23.54 -15.90
N TRP B 265 1.34 -22.91 -16.96
CA TRP B 265 0.74 -23.01 -18.29
C TRP B 265 1.59 -23.67 -19.34
N LEU B 266 2.92 -23.75 -19.11
CA LEU B 266 3.85 -24.45 -19.98
C LEU B 266 3.49 -25.90 -20.17
N PRO B 267 3.13 -26.71 -19.16
CA PRO B 267 2.71 -28.10 -19.33
C PRO B 267 1.60 -28.29 -20.33
N TYR B 268 0.49 -27.52 -20.23
CA TYR B 268 -0.60 -27.56 -21.19
C TYR B 268 -0.17 -27.28 -22.60
N ALA B 269 0.64 -26.22 -22.81
CA ALA B 269 1.14 -25.83 -24.11
C ALA B 269 2.05 -26.87 -24.71
N GLY B 270 3.02 -27.36 -23.90
CA GLY B 270 4.00 -28.36 -24.24
C GLY B 270 3.40 -29.66 -24.71
N VAL B 271 2.49 -30.23 -23.89
CA VAL B 271 1.75 -31.45 -24.16
C VAL B 271 0.92 -31.31 -25.41
N ALA B 272 0.13 -30.21 -25.54
CA ALA B 272 -0.71 -29.95 -26.71
C ALA B 272 0.07 -29.94 -28.00
N PHE B 273 1.25 -29.28 -28.00
CA PHE B 273 2.14 -29.15 -29.14
C PHE B 273 2.70 -30.50 -29.53
N TYR B 274 3.12 -31.29 -28.52
CA TYR B 274 3.74 -32.60 -28.65
C TYR B 274 2.84 -33.58 -29.35
N ILE B 275 1.54 -33.62 -28.95
CA ILE B 275 0.51 -34.43 -29.54
C ILE B 275 0.28 -34.07 -31.00
N PHE B 276 0.37 -32.78 -31.38
CA PHE B 276 0.22 -32.36 -32.75
C PHE B 276 1.38 -32.82 -33.62
N THR B 277 2.62 -32.69 -33.10
CA THR B 277 3.84 -33.00 -33.83
C THR B 277 4.01 -34.48 -34.00
N HIS B 278 3.58 -35.27 -32.99
CA HIS B 278 3.65 -36.71 -33.01
C HIS B 278 2.26 -37.11 -32.66
N GLN B 279 1.45 -37.38 -33.71
CA GLN B 279 0.04 -37.62 -33.59
C GLN B 279 -0.19 -39.02 -34.07
N GLY B 280 -1.00 -39.78 -33.30
CA GLY B 280 -1.28 -41.17 -33.56
C GLY B 280 -0.43 -42.02 -32.67
N SER B 281 0.15 -41.40 -31.60
CA SER B 281 0.99 -42.06 -30.65
C SER B 281 0.26 -41.99 -29.35
N ASP B 282 -0.04 -43.18 -28.77
CA ASP B 282 -0.76 -43.33 -27.52
C ASP B 282 0.16 -43.02 -26.37
N PHE B 283 -0.24 -42.00 -25.57
CA PHE B 283 0.40 -41.66 -24.32
C PHE B 283 -0.74 -41.66 -23.35
N GLY B 284 -0.50 -42.25 -22.15
CA GLY B 284 -1.51 -42.50 -21.14
C GLY B 284 -2.24 -41.28 -20.64
N PRO B 285 -3.32 -41.46 -19.89
CA PRO B 285 -4.14 -40.38 -19.36
C PRO B 285 -3.48 -39.77 -18.15
N ILE B 286 -2.51 -40.49 -17.51
CA ILE B 286 -1.85 -40.06 -16.30
C ILE B 286 -0.85 -38.99 -16.65
N PHE B 287 -0.27 -39.07 -17.88
CA PHE B 287 0.55 -38.06 -18.49
C PHE B 287 -0.17 -36.74 -18.64
N MET B 288 -1.50 -36.81 -18.95
CA MET B 288 -2.35 -35.65 -19.10
C MET B 288 -2.81 -35.09 -17.77
N THR B 289 -2.55 -35.78 -16.64
CA THR B 289 -2.93 -35.30 -15.32
C THR B 289 -1.82 -34.45 -14.76
N ILE B 290 -0.58 -34.63 -15.28
CA ILE B 290 0.60 -33.90 -14.90
C ILE B 290 0.43 -32.39 -15.10
N PRO B 291 -0.01 -31.87 -16.26
CA PRO B 291 -0.34 -30.47 -16.44
C PRO B 291 -1.36 -29.92 -15.48
N ALA B 292 -2.34 -30.75 -15.05
CA ALA B 292 -3.42 -30.32 -14.17
C ALA B 292 -2.91 -30.07 -12.78
N PHE B 293 -1.98 -30.93 -12.29
CA PHE B 293 -1.35 -30.80 -11.00
C PHE B 293 -0.62 -29.49 -10.87
N PHE B 294 0.21 -29.18 -11.89
CA PHE B 294 0.99 -27.97 -11.99
C PHE B 294 0.14 -26.71 -12.04
N ALA B 295 -0.94 -26.73 -12.84
CA ALA B 295 -1.84 -25.61 -13.00
C ALA B 295 -2.56 -25.30 -11.72
N LYS B 296 -3.15 -26.34 -11.08
CA LYS B 296 -3.96 -26.25 -9.89
C LYS B 296 -3.24 -25.70 -8.68
N THR B 297 -1.93 -25.99 -8.57
CA THR B 297 -1.09 -25.55 -7.47
C THR B 297 -0.88 -24.04 -7.47
N SER B 298 -1.16 -23.31 -8.59
CA SER B 298 -1.00 -21.87 -8.64
C SER B 298 -1.96 -21.13 -7.74
N ALA B 299 -3.05 -21.81 -7.31
CA ALA B 299 -4.00 -21.29 -6.34
C ALA B 299 -3.38 -21.13 -4.97
N VAL B 300 -2.25 -21.83 -4.73
CA VAL B 300 -1.49 -21.77 -3.52
C VAL B 300 -0.32 -20.83 -3.71
N TYR B 301 0.50 -20.99 -4.77
CA TYR B 301 1.76 -20.28 -4.84
C TYR B 301 1.66 -18.83 -5.23
N ASN B 302 0.67 -18.42 -6.07
CA ASN B 302 0.51 -17.01 -6.41
C ASN B 302 0.33 -16.10 -5.19
N PRO B 303 -0.61 -16.31 -4.26
CA PRO B 303 -0.73 -15.49 -3.05
C PRO B 303 0.43 -15.64 -2.11
N VAL B 304 1.16 -16.79 -2.09
CA VAL B 304 2.35 -16.93 -1.28
C VAL B 304 3.39 -15.92 -1.72
N ILE B 305 3.65 -15.84 -3.04
CA ILE B 305 4.61 -14.93 -3.63
C ILE B 305 4.23 -13.48 -3.39
N TYR B 306 2.96 -13.10 -3.63
CA TYR B 306 2.62 -11.70 -3.67
C TYR B 306 2.10 -11.14 -2.37
N ILE B 307 1.88 -11.98 -1.34
CA ILE B 307 1.34 -11.53 -0.07
C ILE B 307 2.30 -11.92 1.03
N MET B 308 2.53 -13.24 1.23
CA MET B 308 3.31 -13.79 2.33
C MET B 308 4.74 -13.30 2.33
N MET B 309 5.32 -13.08 1.13
CA MET B 309 6.69 -12.68 0.98
C MET B 309 6.87 -11.19 0.94
N ASN B 310 5.87 -10.42 1.44
CA ASN B 310 5.99 -8.99 1.62
C ASN B 310 5.75 -8.73 3.09
N LYS B 311 6.66 -7.90 3.66
CA LYS B 311 6.78 -7.51 5.04
C LYS B 311 5.52 -7.06 5.76
N GLN B 312 4.70 -6.14 5.17
CA GLN B 312 3.55 -5.58 5.83
C GLN B 312 2.46 -6.58 6.18
N PHE B 313 1.98 -7.31 5.15
CA PHE B 313 0.97 -8.35 5.26
C PHE B 313 1.37 -9.41 6.25
N ARG B 314 2.65 -9.82 6.16
CA ARG B 314 3.32 -10.80 6.99
C ARG B 314 3.17 -10.45 8.44
N ASN B 315 3.57 -9.23 8.85
CA ASN B 315 3.46 -8.71 10.20
C ASN B 315 2.06 -8.82 10.76
N CYS B 316 1.05 -8.30 10.02
CA CYS B 316 -0.35 -8.34 10.40
C CYS B 316 -0.88 -9.74 10.64
N MET B 317 -0.54 -10.67 9.72
CA MET B 317 -0.88 -12.07 9.80
C MET B 317 -0.27 -12.78 10.99
N VAL B 318 1.02 -12.50 11.28
CA VAL B 318 1.77 -13.02 12.40
C VAL B 318 1.14 -12.59 13.70
N THR B 319 0.76 -11.29 13.81
CA THR B 319 0.06 -10.72 14.94
C THR B 319 -1.22 -11.47 15.22
N THR B 320 -2.03 -11.75 14.17
CA THR B 320 -3.31 -12.42 14.30
C THR B 320 -3.15 -13.87 14.71
N LEU B 321 -2.13 -14.57 14.16
CA LEU B 321 -1.82 -15.95 14.46
C LEU B 321 -1.29 -16.13 15.86
N CYS B 322 -0.58 -15.12 16.39
CA CYS B 322 -0.01 -15.14 17.71
C CYS B 322 -0.92 -14.40 18.66
N CYS B 323 -2.22 -14.77 18.65
CA CYS B 323 -3.19 -14.43 19.67
C CYS B 323 -3.55 -12.97 19.63
N GLY B 324 -3.90 -12.47 18.42
CA GLY B 324 -4.28 -11.09 18.22
C GLY B 324 -5.32 -11.07 17.15
N1 SGV C . 6.88 16.02 3.82
C2 SGV C . 7.04 14.81 4.40
N3 SGV C . 6.20 14.17 5.26
C4 SGV C . 5.11 14.90 5.54
C5 SGV C . 4.81 16.18 5.05
C6 SGV C . 5.75 16.74 4.13
N6 SGV C . 5.58 17.97 3.52
C7 SGV C . 3.58 16.58 5.68
C8 SGV C . 3.19 15.52 6.49
N9 SGV C . 4.10 14.50 6.36
C1' SGV C . 4.07 13.22 7.06
C10 SGV C . 2.89 17.86 5.59
N11 SGV C . 1.63 17.90 6.13
O12 SGV C . 3.39 18.86 5.08
C2' SGV C . 4.71 13.32 8.44
O2' SGV C . 5.45 12.12 8.67
C3' SGV C . 3.49 13.40 9.33
O3' SGV C . 3.72 13.01 10.69
C4' SGV C . 2.55 12.46 8.62
O4' SGV C . 2.72 12.78 7.24
C5' SGV C . 1.09 12.60 9.04
O5' SGV C . 0.66 13.95 8.99
C1 RET D . -3.03 -22.88 -22.93
C2 RET D . -2.35 -22.84 -24.30
C3 RET D . -1.97 -24.22 -24.79
C4 RET D . -3.22 -25.06 -24.99
C5 RET D . -4.14 -25.02 -23.76
C6 RET D . -4.08 -24.04 -22.82
C7 RET D . -4.97 -23.95 -21.64
C8 RET D . -5.36 -24.97 -20.87
C9 RET D . -6.19 -24.83 -19.69
C10 RET D . -6.35 -25.89 -18.84
C11 RET D . -7.01 -25.83 -17.60
C12 RET D . -7.05 -26.91 -16.76
C13 RET D . -7.57 -26.91 -15.46
C14 RET D . -7.44 -28.07 -14.66
C15 RET D . -7.80 -28.13 -13.34
C16 RET D . -3.68 -21.51 -22.69
C17 RET D . -1.94 -23.08 -21.85
C18 RET D . -5.14 -26.18 -23.69
C19 RET D . -6.87 -23.48 -19.39
C20 RET D . -8.24 -25.65 -14.91
N LEU A 6 11.12 -5.46 1.00
CA LEU A 6 10.85 -6.46 0.01
C LEU A 6 10.26 -5.70 -1.13
N GLU A 7 8.91 -5.70 -1.22
CA GLU A 7 8.10 -4.84 -2.05
C GLU A 7 8.27 -3.42 -1.57
N THR A 8 8.45 -3.26 -0.25
CA THR A 8 8.72 -2.01 0.41
C THR A 8 10.03 -1.42 -0.07
N VAL A 9 11.07 -2.25 -0.30
CA VAL A 9 12.28 -1.83 -0.96
C VAL A 9 12.05 -1.41 -2.40
N VAL A 10 11.15 -2.09 -3.15
CA VAL A 10 10.76 -1.70 -4.50
C VAL A 10 10.13 -0.33 -4.51
N ALA A 11 9.26 -0.06 -3.51
CA ALA A 11 8.64 1.23 -3.33
C ALA A 11 9.67 2.29 -3.01
N ASN A 12 10.69 1.94 -2.18
CA ASN A 12 11.82 2.79 -1.85
C ASN A 12 12.65 3.06 -3.07
N SER A 13 12.83 2.04 -3.95
CA SER A 13 13.53 2.17 -5.19
C SER A 13 12.83 3.13 -6.13
N ALA A 14 11.47 3.11 -6.20
CA ALA A 14 10.76 4.06 -7.02
C ALA A 14 10.92 5.50 -6.55
N PHE A 15 11.03 5.71 -5.20
CA PHE A 15 11.30 7.00 -4.62
C PHE A 15 12.66 7.51 -5.01
N ILE A 16 13.68 6.62 -4.94
CA ILE A 16 15.06 6.92 -5.25
C ILE A 16 15.17 7.35 -6.69
N ALA A 17 14.38 6.68 -7.58
CA ALA A 17 14.31 6.95 -8.99
C ALA A 17 13.76 8.34 -9.26
N ALA A 18 12.65 8.70 -8.54
CA ALA A 18 12.02 9.99 -8.68
C ALA A 18 12.91 11.13 -8.22
N ARG A 19 13.65 10.91 -7.09
CA ARG A 19 14.57 11.85 -6.49
C ARG A 19 15.69 12.17 -7.42
N GLY A 20 16.20 11.13 -8.13
CA GLY A 20 17.29 11.20 -9.08
C GLY A 20 16.94 12.10 -10.23
N SER A 21 15.70 11.95 -10.76
CA SER A 21 15.15 12.77 -11.81
C SER A 21 15.01 14.21 -11.34
N PHE A 22 14.53 14.41 -10.09
CA PHE A 22 14.36 15.71 -9.48
C PHE A 22 15.68 16.43 -9.28
N ASP A 23 16.70 15.70 -8.79
CA ASP A 23 18.03 16.22 -8.53
C ASP A 23 18.71 16.66 -9.81
N ALA A 24 18.51 15.87 -10.89
CA ALA A 24 19.01 16.18 -12.21
C ALA A 24 17.94 16.95 -12.94
N MET A 182 -7.69 17.99 -10.32
CA MET A 182 -6.76 17.02 -10.82
C MET A 182 -7.17 15.71 -10.21
N GLY A 183 -6.25 15.05 -9.47
CA GLY A 183 -5.99 13.65 -9.69
C GLY A 183 -4.57 13.51 -10.12
N GLU A 184 -4.29 12.44 -10.90
CA GLU A 184 -2.97 12.06 -11.33
C GLU A 184 -2.72 12.51 -12.75
N ASP A 185 -3.43 13.59 -13.18
CA ASP A 185 -3.49 14.05 -14.56
C ASP A 185 -2.43 15.12 -14.76
N TRP A 186 -1.55 15.27 -13.76
CA TRP A 186 -0.62 16.37 -13.64
C TRP A 186 0.34 15.99 -12.57
N PHE A 187 0.11 14.85 -11.86
CA PHE A 187 1.00 14.39 -10.85
C PHE A 187 1.17 12.91 -10.97
N LEU A 188 2.46 12.49 -11.04
CA LEU A 188 2.89 11.11 -11.01
C LEU A 188 2.87 10.78 -9.54
N ASP A 189 2.33 9.61 -9.14
CA ASP A 189 2.13 9.33 -7.74
C ASP A 189 3.20 8.33 -7.40
N PHE A 190 3.83 8.48 -6.22
CA PHE A 190 4.83 7.56 -5.74
C PHE A 190 4.36 7.05 -4.40
N ARG A 191 5.29 6.35 -3.72
CA ARG A 191 5.20 5.88 -2.37
C ARG A 191 4.89 6.94 -1.36
N VAL A 192 4.19 6.52 -0.28
CA VAL A 192 3.83 7.34 0.83
C VAL A 192 5.05 7.75 1.61
N LEU A 193 4.90 8.87 2.35
CA LEU A 193 5.92 9.53 3.10
C LEU A 193 5.45 9.49 4.53
N GLY A 194 4.22 8.97 4.74
CA GLY A 194 3.62 8.78 6.02
C GLY A 194 2.18 8.52 5.78
N ARG A 195 1.48 8.11 6.86
CA ARG A 195 0.06 7.94 6.83
C ARG A 195 -0.35 8.96 7.84
N GLY A 196 -0.97 10.07 7.35
CA GLY A 196 -1.58 11.10 8.15
C GLY A 196 -2.87 10.62 8.75
N GLY A 197 -3.47 11.42 9.65
CA GLY A 197 -4.73 11.10 10.29
C GLY A 197 -5.86 10.99 9.31
N PHE A 198 -6.01 11.98 8.41
CA PHE A 198 -7.13 12.06 7.52
C PHE A 198 -6.90 11.21 6.30
N GLY A 199 -5.62 11.02 5.91
CA GLY A 199 -5.31 10.15 4.82
C GLY A 199 -3.84 10.19 4.62
N GLU A 200 -3.38 9.58 3.51
CA GLU A 200 -2.00 9.39 3.17
C GLU A 200 -1.40 10.66 2.67
N VAL A 201 -0.05 10.79 2.81
CA VAL A 201 0.67 11.91 2.26
C VAL A 201 1.79 11.29 1.51
N PHE A 202 1.74 11.32 0.15
CA PHE A 202 2.73 10.69 -0.70
C PHE A 202 3.43 11.75 -1.49
N ALA A 203 4.67 11.42 -1.91
CA ALA A 203 5.43 12.23 -2.84
C ALA A 203 4.87 12.06 -4.22
N CYS A 204 5.12 13.06 -5.07
CA CYS A 204 4.50 13.14 -6.36
C CYS A 204 5.35 14.10 -7.14
N GLN A 205 5.16 14.16 -8.47
CA GLN A 205 6.01 14.93 -9.33
C GLN A 205 5.15 15.45 -10.41
N MET A 206 5.33 16.75 -10.76
CA MET A 206 4.74 17.42 -11.87
C MET A 206 5.14 16.81 -13.17
N LYS A 207 4.12 16.45 -13.97
CA LYS A 207 4.23 15.75 -15.23
C LYS A 207 5.09 16.53 -16.20
N ALA A 208 4.94 17.88 -16.22
CA ALA A 208 5.55 18.71 -17.22
C ALA A 208 6.80 19.37 -16.69
N THR A 209 6.83 19.77 -15.39
CA THR A 209 7.88 20.65 -14.91
C THR A 209 8.90 19.89 -14.10
N GLY A 210 8.61 18.61 -13.76
CA GLY A 210 9.56 17.70 -13.13
C GLY A 210 10.02 18.14 -11.77
N LYS A 211 9.11 18.71 -10.95
CA LYS A 211 9.41 19.17 -9.62
C LYS A 211 8.60 18.36 -8.67
N LEU A 212 9.15 18.06 -7.48
CA LEU A 212 8.52 17.23 -6.47
C LEU A 212 7.70 18.07 -5.56
N TYR A 213 6.52 17.53 -5.19
CA TYR A 213 5.59 18.17 -4.29
C TYR A 213 5.12 17.03 -3.42
N ALA A 214 4.70 17.34 -2.18
CA ALA A 214 3.93 16.44 -1.36
C ALA A 214 2.46 16.68 -1.62
N CYS A 215 1.68 15.59 -1.63
CA CYS A 215 0.25 15.62 -1.85
C CYS A 215 -0.36 15.05 -0.61
N LYS A 216 -0.86 15.93 0.28
CA LYS A 216 -1.61 15.59 1.46
C LYS A 216 -3.03 15.28 1.10
N LYS A 217 -3.37 13.98 1.12
CA LYS A 217 -4.69 13.46 0.88
C LYS A 217 -5.41 13.44 2.20
N LEU A 218 -6.69 13.88 2.18
CA LEU A 218 -7.60 13.78 3.28
C LEU A 218 -8.71 12.95 2.71
N ASN A 219 -8.76 11.66 3.07
CA ASN A 219 -9.74 10.70 2.60
C ASN A 219 -11.14 11.07 3.01
N LYS A 220 -12.08 11.00 2.04
CA LYS A 220 -13.47 11.35 2.14
C LYS A 220 -14.21 10.60 3.23
N LYS A 221 -13.86 9.30 3.40
CA LYS A 221 -14.43 8.42 4.39
C LYS A 221 -14.09 8.90 5.79
N ARG A 222 -12.78 9.09 6.04
CA ARG A 222 -12.20 9.55 7.28
C ARG A 222 -12.64 10.93 7.69
N LEU A 223 -12.91 11.81 6.69
CA LEU A 223 -13.45 13.14 6.86
C LEU A 223 -14.82 13.08 7.48
N LYS A 224 -15.73 12.21 6.95
CA LYS A 224 -17.06 12.02 7.46
C LYS A 224 -17.06 11.48 8.87
N LYS A 225 -16.15 10.52 9.18
CA LYS A 225 -16.07 9.91 10.49
C LYS A 225 -15.73 10.88 11.60
N ARG A 226 -14.63 11.67 11.42
CA ARG A 226 -14.19 12.63 12.41
C ARG A 226 -14.93 13.94 12.35
N LYS A 227 -15.72 14.16 11.26
CA LYS A 227 -16.36 15.42 10.94
C LYS A 227 -15.32 16.52 10.83
N GLY A 228 -14.28 16.29 10.01
CA GLY A 228 -13.07 17.08 9.97
C GLY A 228 -13.12 18.11 8.88
N TYR A 229 -14.33 18.61 8.58
CA TYR A 229 -14.60 19.51 7.48
C TYR A 229 -14.11 20.89 7.76
N GLN A 230 -14.25 21.36 9.02
CA GLN A 230 -13.81 22.67 9.47
C GLN A 230 -12.30 22.77 9.38
N GLY A 231 -11.59 21.72 9.87
CA GLY A 231 -10.14 21.66 10.01
C GLY A 231 -9.46 21.75 8.67
N ALA A 232 -10.10 21.16 7.63
CA ALA A 232 -9.64 21.14 6.27
C ALA A 232 -9.66 22.55 5.71
N MET A 233 -10.78 23.28 5.89
CA MET A 233 -11.00 24.61 5.36
C MET A 233 -10.03 25.62 5.93
N VAL A 234 -9.65 25.43 7.22
CA VAL A 234 -8.75 26.32 7.94
C VAL A 234 -7.36 26.22 7.36
N GLU A 235 -6.84 24.97 7.22
CA GLU A 235 -5.54 24.68 6.67
C GLU A 235 -5.36 25.19 5.27
N LYS A 236 -6.45 25.12 4.46
CA LYS A 236 -6.55 25.57 3.09
C LYS A 236 -6.30 27.05 3.05
N LYS A 237 -7.21 27.84 3.67
CA LYS A 237 -7.20 29.28 3.67
C LYS A 237 -5.92 29.89 4.18
N ILE A 238 -5.30 29.31 5.24
CA ILE A 238 -4.07 29.83 5.83
C ILE A 238 -2.94 29.64 4.85
N LEU A 239 -2.63 28.38 4.44
CA LEU A 239 -1.56 28.07 3.50
C LEU A 239 -1.67 28.79 2.17
N ALA A 240 -2.91 28.98 1.67
CA ALA A 240 -3.24 29.68 0.45
C ALA A 240 -2.84 31.14 0.48
N LYS A 241 -2.89 31.74 1.69
CA LYS A 241 -2.72 33.14 1.93
C LYS A 241 -1.32 33.45 2.35
N VAL A 242 -0.68 32.51 3.10
CA VAL A 242 0.59 32.72 3.72
C VAL A 242 1.58 31.82 3.03
N HIS A 243 2.54 32.47 2.34
CA HIS A 243 3.61 31.82 1.62
C HIS A 243 4.80 32.51 2.20
N SER A 244 5.64 31.76 2.94
CA SER A 244 6.83 32.29 3.54
C SER A 244 7.90 31.25 3.38
N ARG A 245 8.98 31.37 4.18
CA ARG A 245 10.08 30.44 4.23
C ARG A 245 10.03 29.76 5.57
N PHE A 246 8.88 29.89 6.28
CA PHE A 246 8.62 29.29 7.58
C PHE A 246 7.22 28.71 7.53
N ILE A 247 6.47 28.99 6.44
CA ILE A 247 5.20 28.38 6.16
C ILE A 247 5.32 27.94 4.73
N VAL A 248 5.01 26.65 4.44
CA VAL A 248 5.05 26.09 3.10
C VAL A 248 4.10 26.80 2.17
N SER A 249 4.54 27.01 0.91
CA SER A 249 3.69 27.51 -0.14
C SER A 249 2.70 26.46 -0.56
N LEU A 250 1.46 26.90 -0.92
CA LEU A 250 0.43 26.04 -1.44
C LEU A 250 0.40 26.30 -2.91
N ALA A 251 0.35 25.21 -3.72
CA ALA A 251 0.42 25.33 -5.16
C ALA A 251 -0.92 24.99 -5.75
N TYR A 252 -1.66 24.03 -5.13
CA TYR A 252 -2.92 23.58 -5.68
C TYR A 252 -3.78 23.08 -4.54
N ALA A 253 -5.12 23.24 -4.71
CA ALA A 253 -6.10 22.64 -3.85
C ALA A 253 -7.15 22.14 -4.79
N PHE A 254 -7.17 20.81 -5.02
CA PHE A 254 -8.11 20.12 -5.86
C PHE A 254 -8.63 18.94 -5.09
N GLU A 255 -9.54 18.16 -5.72
CA GLU A 255 -10.11 16.99 -5.13
C GLU A 255 -9.99 15.94 -6.20
N THR A 256 -10.05 14.67 -5.76
CA THR A 256 -10.11 13.50 -6.60
C THR A 256 -11.40 12.86 -6.15
N LYS A 257 -11.58 11.54 -6.39
CA LYS A 257 -12.84 10.86 -6.16
C LYS A 257 -12.88 10.25 -4.79
N THR A 258 -11.76 10.31 -4.03
CA THR A 258 -11.60 9.54 -2.83
C THR A 258 -10.97 10.40 -1.77
N ASP A 259 -10.51 11.63 -2.14
CA ASP A 259 -9.75 12.43 -1.22
C ASP A 259 -9.74 13.87 -1.68
N LEU A 260 -9.52 14.79 -0.73
CA LEU A 260 -9.24 16.19 -0.95
C LEU A 260 -7.75 16.33 -0.87
N CYS A 261 -7.15 17.17 -1.75
CA CYS A 261 -5.72 17.25 -1.90
C CYS A 261 -5.26 18.63 -1.58
N LEU A 262 -4.15 18.74 -0.81
CA LEU A 262 -3.37 19.94 -0.69
C LEU A 262 -2.03 19.59 -1.24
N VAL A 263 -1.58 20.30 -2.29
CA VAL A 263 -0.31 20.06 -2.91
C VAL A 263 0.58 21.19 -2.49
N MET A 264 1.62 20.86 -1.69
CA MET A 264 2.49 21.83 -1.07
C MET A 264 3.89 21.54 -1.53
N THR A 265 4.78 22.55 -1.37
CA THR A 265 6.19 22.47 -1.68
C THR A 265 6.90 21.47 -0.81
N ILE A 266 7.87 20.74 -1.43
CA ILE A 266 8.68 19.72 -0.79
C ILE A 266 9.50 20.19 0.38
N MET A 267 9.71 19.23 1.29
CA MET A 267 10.43 19.39 2.52
C MET A 267 11.08 18.05 2.67
N ASN A 268 11.97 17.70 1.70
CA ASN A 268 12.56 16.38 1.56
C ASN A 268 13.79 16.23 2.41
N GLY A 269 13.67 16.63 3.69
CA GLY A 269 14.76 16.76 4.61
C GLY A 269 14.37 16.03 5.85
N GLY A 270 13.08 15.61 5.93
CA GLY A 270 12.47 14.86 7.01
C GLY A 270 12.02 15.80 8.09
N ASP A 271 11.40 15.23 9.15
CA ASP A 271 10.81 15.95 10.26
C ASP A 271 11.71 15.79 11.45
N ILE A 272 11.63 16.75 12.42
CA ILE A 272 12.42 16.74 13.64
C ILE A 272 12.23 15.45 14.44
N ARG A 273 10.98 14.91 14.47
CA ARG A 273 10.63 13.70 15.19
C ARG A 273 11.37 12.50 14.67
N TYR A 274 11.46 12.39 13.33
CA TYR A 274 12.19 11.39 12.57
C TYR A 274 13.65 11.40 12.93
N HIS A 275 14.22 12.61 13.06
CA HIS A 275 15.64 12.87 13.17
C HIS A 275 16.21 12.49 14.48
N ILE A 276 15.35 12.40 15.53
CA ILE A 276 15.71 11.85 16.83
C ILE A 276 16.23 10.43 16.65
N TYR A 277 15.55 9.63 15.80
CA TYR A 277 15.84 8.24 15.61
C TYR A 277 16.71 8.02 14.39
N ASN A 278 16.75 8.98 13.42
CA ASN A 278 17.44 8.75 12.17
C ASN A 278 18.91 9.06 12.23
N VAL A 279 19.33 9.98 13.14
CA VAL A 279 20.72 10.27 13.46
C VAL A 279 21.46 9.02 13.91
N ASP A 280 20.72 8.18 14.66
CA ASP A 280 21.11 6.97 15.29
C ASP A 280 19.91 6.74 16.18
N GLU A 281 19.46 5.47 16.28
CA GLU A 281 18.26 5.04 16.98
C GLU A 281 18.29 5.43 18.43
N ASP A 282 19.47 5.29 19.07
CA ASP A 282 19.70 5.68 20.43
C ASP A 282 20.58 6.89 20.31
N ASN A 283 20.04 8.06 20.70
CA ASN A 283 20.75 9.32 20.65
C ASN A 283 20.20 10.09 21.83
N PRO A 284 20.99 10.74 22.69
CA PRO A 284 20.49 11.41 23.88
C PRO A 284 19.93 12.75 23.52
N GLY A 285 19.88 13.08 22.21
CA GLY A 285 19.43 14.34 21.67
C GLY A 285 20.67 15.08 21.28
N PHE A 286 20.47 16.28 20.69
CA PHE A 286 21.54 17.08 20.15
C PHE A 286 21.98 18.07 21.18
N GLN A 287 23.20 18.61 20.97
CA GLN A 287 23.72 19.76 21.66
C GLN A 287 22.88 20.99 21.45
N GLU A 288 22.89 21.87 22.48
CA GLU A 288 22.04 23.04 22.60
C GLU A 288 22.05 23.98 21.42
N PRO A 289 23.14 24.48 20.82
CA PRO A 289 23.09 25.42 19.70
C PRO A 289 22.27 24.97 18.51
N ARG A 290 22.30 23.67 18.16
CA ARG A 290 21.58 23.13 17.03
C ARG A 290 20.08 23.15 17.26
N ALA A 291 19.68 22.84 18.52
CA ALA A 291 18.32 22.87 18.99
C ALA A 291 17.77 24.27 19.04
N ILE A 292 18.61 25.22 19.52
CA ILE A 292 18.30 26.64 19.65
C ILE A 292 17.97 27.23 18.31
N PHE A 293 18.79 26.91 17.28
CA PHE A 293 18.57 27.32 15.91
C PHE A 293 17.22 26.88 15.36
N TYR A 294 16.86 25.58 15.48
CA TYR A 294 15.59 25.09 14.99
C TYR A 294 14.39 25.71 15.70
N THR A 295 14.48 25.87 17.04
CA THR A 295 13.50 26.53 17.87
C THR A 295 13.23 27.96 17.46
N ALA A 296 14.31 28.72 17.16
CA ALA A 296 14.28 30.10 16.71
C ALA A 296 13.52 30.23 15.41
N GLN A 297 13.74 29.29 14.47
CA GLN A 297 13.08 29.24 13.19
C GLN A 297 11.61 28.93 13.31
N ILE A 298 11.23 28.03 14.25
CA ILE A 298 9.84 27.75 14.59
C ILE A 298 9.15 28.99 15.12
N VAL A 299 9.83 29.76 16.01
CA VAL A 299 9.35 31.01 16.59
C VAL A 299 9.01 32.03 15.54
N SER A 300 9.86 32.20 14.50
CA SER A 300 9.63 33.13 13.40
C SER A 300 8.36 32.79 12.65
N GLY A 301 8.10 31.48 12.44
CA GLY A 301 6.90 30.98 11.82
C GLY A 301 5.67 31.25 12.64
N LEU A 302 5.77 31.03 13.98
CA LEU A 302 4.71 31.30 14.93
C LEU A 302 4.35 32.77 14.94
N GLU A 303 5.37 33.67 14.93
CA GLU A 303 5.20 35.10 14.91
C GLU A 303 4.43 35.61 13.72
N HIS A 304 4.73 35.09 12.50
CA HIS A 304 4.04 35.48 11.28
C HIS A 304 2.57 35.16 11.33
N LEU A 305 2.19 34.00 11.92
CA LEU A 305 0.81 33.62 12.13
C LEU A 305 0.13 34.52 13.13
N HIS A 306 0.82 34.84 14.25
CA HIS A 306 0.31 35.60 15.37
C HIS A 306 0.01 37.03 15.00
N GLN A 307 0.83 37.61 14.08
CA GLN A 307 0.66 38.93 13.53
C GLN A 307 -0.59 39.07 12.69
N ARG A 308 -1.16 37.95 12.19
CA ARG A 308 -2.39 37.94 11.43
C ARG A 308 -3.53 37.50 12.33
N ASN A 309 -3.23 37.25 13.63
CA ASN A 309 -4.16 36.88 14.69
C ASN A 309 -4.64 35.47 14.51
N ILE A 310 -3.69 34.54 14.23
CA ILE A 310 -3.95 33.15 14.01
C ILE A 310 -3.22 32.49 15.14
N ILE A 311 -3.94 31.60 15.88
CA ILE A 311 -3.38 30.81 16.95
C ILE A 311 -3.15 29.47 16.32
N TYR A 312 -1.91 28.94 16.42
CA TYR A 312 -1.53 27.70 15.77
C TYR A 312 -1.93 26.48 16.60
N ARG A 313 -2.03 26.67 17.94
CA ARG A 313 -2.32 25.65 18.93
C ARG A 313 -1.29 24.54 18.91
N ASP A 314 -1.70 23.28 18.59
CA ASP A 314 -0.87 22.11 18.56
C ASP A 314 0.30 22.24 17.59
N LEU A 315 1.51 22.27 18.20
CA LEU A 315 2.81 22.26 17.57
C LEU A 315 3.46 21.03 18.13
N LYS A 316 4.23 20.30 17.29
CA LYS A 316 4.98 19.16 17.75
C LYS A 316 6.09 18.89 16.78
N PRO A 317 7.15 18.16 17.14
CA PRO A 317 8.32 17.86 16.30
C PRO A 317 7.99 17.34 14.92
N GLU A 318 6.97 16.48 14.83
CA GLU A 318 6.51 15.83 13.63
C GLU A 318 5.81 16.79 12.69
N ASN A 319 5.49 18.02 13.16
CA ASN A 319 4.86 19.05 12.38
C ASN A 319 5.90 20.08 12.03
N VAL A 320 7.17 19.87 12.46
CA VAL A 320 8.27 20.70 12.05
C VAL A 320 9.06 19.89 11.04
N LEU A 321 9.02 20.35 9.77
CA LEU A 321 9.68 19.72 8.66
C LEU A 321 10.90 20.51 8.31
N LEU A 322 11.98 19.80 7.87
CA LEU A 322 13.20 20.35 7.33
C LEU A 322 13.10 20.24 5.83
N ASP A 323 13.62 21.25 5.10
CA ASP A 323 13.77 21.20 3.66
C ASP A 323 15.20 20.79 3.39
N ASP A 324 15.72 21.06 2.17
CA ASP A 324 17.03 20.64 1.74
C ASP A 324 18.03 21.74 1.97
N ASP A 325 17.60 22.86 2.60
CA ASP A 325 18.45 23.97 2.98
C ASP A 325 18.69 23.89 4.47
N GLY A 326 18.00 22.94 5.17
CA GLY A 326 18.08 22.72 6.59
C GLY A 326 17.10 23.57 7.35
N ASN A 327 16.67 24.72 6.77
CA ASN A 327 15.63 25.60 7.30
C ASN A 327 14.34 24.87 7.49
N VAL A 328 13.60 25.20 8.58
CA VAL A 328 12.40 24.47 8.93
C VAL A 328 11.20 25.33 8.67
N ARG A 329 10.04 24.65 8.50
CA ARG A 329 8.76 25.27 8.32
C ARG A 329 7.80 24.39 9.06
N ILE A 330 6.76 25.01 9.67
CA ILE A 330 5.66 24.30 10.29
C ILE A 330 4.70 23.83 9.21
N SER A 331 3.89 22.82 9.53
CA SER A 331 3.01 22.18 8.59
C SER A 331 1.83 21.65 9.35
N ASP A 332 0.68 21.54 8.66
CA ASP A 332 -0.61 21.12 9.19
C ASP A 332 -1.18 22.26 9.97
N LEU A 333 -1.83 23.20 9.25
CA LEU A 333 -2.35 24.43 9.81
C LEU A 333 -3.83 24.25 9.99
N GLY A 334 -4.28 22.97 10.10
CA GLY A 334 -5.67 22.59 10.24
C GLY A 334 -5.95 22.40 11.69
N LEU A 335 -4.88 22.51 12.53
CA LEU A 335 -4.95 22.42 13.96
C LEU A 335 -4.97 23.84 14.51
N ALA A 336 -4.96 24.85 13.60
CA ALA A 336 -4.95 26.26 13.92
C ALA A 336 -6.37 26.76 13.92
N VAL A 337 -6.55 28.03 14.33
CA VAL A 337 -7.80 28.75 14.20
C VAL A 337 -7.41 30.14 13.77
N GLU A 338 -8.18 30.71 12.82
CA GLU A 338 -8.05 32.08 12.39
C GLU A 338 -9.08 32.85 13.16
N LEU A 339 -8.61 33.82 13.97
CA LEU A 339 -9.46 34.72 14.72
C LEU A 339 -9.27 36.07 14.10
N LYS A 340 -10.29 36.94 14.24
CA LYS A 340 -10.26 38.32 13.78
C LYS A 340 -9.26 39.10 14.59
N ALA A 341 -8.71 40.18 13.98
CA ALA A 341 -7.88 41.12 14.68
C ALA A 341 -8.78 41.94 15.57
N GLY A 342 -8.59 41.81 16.90
CA GLY A 342 -9.38 42.49 17.89
C GLY A 342 -9.86 41.48 18.89
N GLN A 343 -9.41 40.21 18.76
CA GLN A 343 -9.56 39.23 19.79
C GLN A 343 -8.45 38.25 19.55
N THR A 344 -8.10 37.50 20.61
CA THR A 344 -7.10 36.46 20.58
C THR A 344 -7.51 35.48 21.65
N LYS A 345 -8.53 35.83 22.48
CA LYS A 345 -8.98 35.01 23.57
C LYS A 345 -10.33 34.48 23.24
N THR A 346 -10.46 33.14 23.26
CA THR A 346 -11.70 32.46 23.02
C THR A 346 -11.54 31.16 23.75
N LYS A 347 -12.66 30.65 24.33
CA LYS A 347 -12.72 29.35 24.95
C LYS A 347 -12.88 28.29 23.89
N GLY A 348 -12.69 27.01 24.29
CA GLY A 348 -12.84 25.90 23.40
C GLY A 348 -11.86 24.83 23.75
N TYR A 349 -11.88 23.76 22.93
CA TYR A 349 -11.01 22.63 23.01
C TYR A 349 -10.27 22.66 21.70
N ALA A 350 -8.96 22.30 21.73
CA ALA A 350 -8.14 22.35 20.56
C ALA A 350 -7.01 21.40 20.77
N GLY A 351 -6.25 21.12 19.68
CA GLY A 351 -5.11 20.24 19.68
C GLY A 351 -5.46 18.81 19.95
N THR A 352 -4.41 17.96 20.07
CA THR A 352 -4.53 16.54 20.21
C THR A 352 -3.88 16.23 21.55
N PRO A 353 -4.47 15.43 22.46
CA PRO A 353 -3.89 15.02 23.74
C PRO A 353 -2.41 14.71 23.74
N GLY A 354 -1.67 15.28 24.72
CA GLY A 354 -0.24 15.10 24.87
C GLY A 354 0.51 16.08 24.03
N PHE A 355 -0.21 17.04 23.41
CA PHE A 355 0.35 18.09 22.58
C PHE A 355 -0.56 19.27 22.82
N MET A 356 -0.98 19.46 24.09
CA MET A 356 -1.91 20.48 24.51
C MET A 356 -1.37 21.14 25.75
N ALA A 357 -1.92 22.34 26.05
CA ALA A 357 -1.49 23.19 27.12
C ALA A 357 -2.59 23.16 28.15
N PRO A 358 -2.34 23.53 29.41
CA PRO A 358 -3.32 23.57 30.49
C PRO A 358 -4.64 24.22 30.18
N GLU A 359 -4.62 25.44 29.58
CA GLU A 359 -5.77 26.23 29.17
C GLU A 359 -6.77 25.48 28.34
N LEU A 360 -6.27 24.69 27.36
CA LEU A 360 -7.06 23.92 26.43
C LEU A 360 -7.82 22.82 27.12
N LEU A 361 -7.14 22.07 28.02
CA LEU A 361 -7.69 20.93 28.73
C LEU A 361 -8.83 21.32 29.65
N LEU A 362 -8.75 22.51 30.27
CA LEU A 362 -9.75 23.00 31.19
C LEU A 362 -10.87 23.72 30.49
N GLY A 363 -10.78 23.89 29.15
CA GLY A 363 -11.82 24.49 28.33
C GLY A 363 -11.88 25.98 28.51
N GLU A 364 -10.76 26.58 28.98
CA GLU A 364 -10.66 27.98 29.30
C GLU A 364 -10.23 28.71 28.06
N GLU A 365 -10.21 30.06 28.14
CA GLU A 365 -9.69 30.92 27.11
C GLU A 365 -8.22 30.71 26.90
N TYR A 366 -7.77 30.91 25.65
CA TYR A 366 -6.40 30.68 25.25
C TYR A 366 -6.10 31.67 24.16
N ASP A 367 -4.82 32.06 24.07
CA ASP A 367 -4.31 32.87 22.99
C ASP A 367 -3.04 32.18 22.60
N PHE A 368 -2.09 32.93 21.99
CA PHE A 368 -0.79 32.49 21.54
C PHE A 368 0.05 31.80 22.59
N SER A 369 -0.25 31.98 23.90
CA SER A 369 0.42 31.37 25.03
C SER A 369 0.59 29.87 24.95
N VAL A 370 -0.47 29.15 24.49
CA VAL A 370 -0.53 27.71 24.36
C VAL A 370 0.49 27.17 23.39
N ASP A 371 0.79 27.97 22.34
CA ASP A 371 1.70 27.68 21.27
C ASP A 371 3.10 27.66 21.79
N TYR A 372 3.39 28.55 22.77
CA TYR A 372 4.67 28.64 23.42
C TYR A 372 4.87 27.50 24.39
N PHE A 373 3.77 26.92 24.95
CA PHE A 373 3.85 25.74 25.81
C PHE A 373 4.31 24.55 24.99
N ALA A 374 3.68 24.40 23.80
CA ALA A 374 3.97 23.40 22.79
C ALA A 374 5.39 23.49 22.27
N LEU A 375 5.88 24.73 22.06
CA LEU A 375 7.24 25.07 21.64
C LEU A 375 8.26 24.52 22.61
N GLY A 376 7.95 24.63 23.91
CA GLY A 376 8.76 24.17 25.01
C GLY A 376 8.92 22.69 24.98
N VAL A 377 7.79 21.96 24.79
CA VAL A 377 7.72 20.53 24.63
C VAL A 377 8.57 20.05 23.45
N THR A 378 8.52 20.81 22.33
CA THR A 378 9.21 20.54 21.08
C THR A 378 10.70 20.61 21.29
N LEU A 379 11.19 21.73 21.87
CA LEU A 379 12.57 21.97 22.26
C LEU A 379 13.09 20.91 23.19
N TYR A 380 12.23 20.42 24.12
CA TYR A 380 12.54 19.47 25.17
C TYR A 380 12.96 18.19 24.50
N GLU A 381 12.24 17.78 23.43
CA GLU A 381 12.62 16.63 22.65
C GLU A 381 13.89 16.83 21.86
N MET A 382 14.19 18.06 21.37
CA MET A 382 15.40 18.29 20.59
C MET A 382 16.68 18.00 21.36
N ILE A 383 16.71 18.36 22.66
CA ILE A 383 17.90 18.26 23.46
C ILE A 383 17.94 16.95 24.21
N ALA A 384 16.78 16.49 24.76
CA ALA A 384 16.76 15.35 25.65
C ALA A 384 16.36 14.08 24.97
N ALA A 385 15.85 14.17 23.72
CA ALA A 385 15.39 13.07 22.90
C ALA A 385 14.03 12.58 23.34
N ARG A 386 13.30 13.36 24.17
CA ARG A 386 11.95 13.05 24.53
C ARG A 386 11.35 14.31 25.06
N GLY A 387 10.00 14.41 24.99
CA GLY A 387 9.25 15.54 25.47
C GLY A 387 9.07 15.39 26.96
N PRO A 388 8.40 16.30 27.64
CA PRO A 388 8.14 16.20 29.06
C PRO A 388 7.08 15.17 29.38
N PHE A 389 5.94 15.22 28.66
CA PHE A 389 4.75 14.47 29.00
C PHE A 389 4.66 13.28 28.10
N ARG A 390 5.63 13.11 27.19
CA ARG A 390 5.78 11.95 26.37
C ARG A 390 7.13 11.33 26.69
N ALA A 391 7.72 11.69 27.86
CA ALA A 391 8.94 11.11 28.36
C ALA A 391 8.74 9.63 28.59
N ARG A 392 9.80 8.83 28.35
CA ARG A 392 9.73 7.39 28.32
C ARG A 392 9.30 6.80 29.64
N GLY A 393 8.44 5.76 29.57
CA GLY A 393 7.86 5.11 30.71
C GLY A 393 6.47 5.63 30.94
N GLU A 394 5.91 6.40 29.97
CA GLU A 394 4.57 6.92 30.04
C GLU A 394 3.82 6.31 28.88
N LYS A 395 2.59 5.84 29.17
CA LYS A 395 1.71 5.25 28.20
C LYS A 395 0.36 5.22 28.89
N VAL A 396 0.23 6.00 30.00
CA VAL A 396 -0.97 6.16 30.80
C VAL A 396 -2.12 6.74 30.00
N GLU A 397 -3.35 6.35 30.41
CA GLU A 397 -4.63 6.82 29.89
C GLU A 397 -4.75 8.32 29.88
N ASN A 398 -5.74 8.83 29.10
CA ASN A 398 -5.95 10.23 28.79
C ASN A 398 -6.15 11.09 30.02
N LYS A 399 -6.94 10.61 31.01
CA LYS A 399 -7.22 11.31 32.24
C LYS A 399 -5.99 11.61 33.05
N GLU A 400 -5.07 10.62 33.17
CA GLU A 400 -3.83 10.75 33.89
C GLU A 400 -2.86 11.67 33.18
N LEU A 401 -2.83 11.60 31.83
CA LEU A 401 -2.01 12.42 30.95
C LEU A 401 -2.39 13.88 31.07
N LYS A 402 -3.71 14.16 31.19
CA LYS A 402 -4.28 15.46 31.44
C LYS A 402 -3.80 16.01 32.74
N GLN A 403 -3.71 15.15 33.80
CA GLN A 403 -3.20 15.55 35.10
C GLN A 403 -1.74 15.90 35.03
N ARG A 404 -0.92 15.15 34.24
CA ARG A 404 0.49 15.42 34.08
C ARG A 404 0.72 16.81 33.50
N VAL A 405 0.00 17.15 32.40
CA VAL A 405 0.11 18.42 31.72
C VAL A 405 -0.24 19.59 32.61
N LEU A 406 -1.31 19.43 33.44
CA LEU A 406 -1.84 20.46 34.29
C LEU A 406 -1.03 20.76 35.54
N GLU A 407 -0.33 19.75 36.12
CA GLU A 407 0.21 19.89 37.46
C GLU A 407 1.69 19.80 37.50
N GLN A 408 2.28 18.96 36.61
CA GLN A 408 3.66 18.57 36.74
C GLN A 408 4.55 19.52 36.02
N ALA A 409 5.59 20.00 36.75
CA ALA A 409 6.70 20.73 36.18
C ALA A 409 7.78 19.69 36.20
N VAL A 410 8.02 19.06 35.02
CA VAL A 410 8.88 17.92 34.83
C VAL A 410 10.31 18.26 35.18
N THR A 411 11.03 17.30 35.85
CA THR A 411 12.43 17.43 36.22
C THR A 411 13.28 17.62 35.00
N TYR A 412 14.18 18.63 35.06
CA TYR A 412 14.89 19.13 33.90
C TYR A 412 16.22 18.45 33.77
N PRO A 413 16.56 17.82 32.63
CA PRO A 413 17.87 17.28 32.33
C PRO A 413 19.01 18.23 32.53
N ASP A 414 20.21 17.69 32.81
CA ASP A 414 21.41 18.46 33.07
C ASP A 414 22.23 18.49 31.80
N LYS A 415 21.69 17.90 30.71
CA LYS A 415 22.28 17.98 29.39
C LYS A 415 22.00 19.35 28.82
N PHE A 416 20.92 19.99 29.33
CA PHE A 416 20.54 21.36 29.06
C PHE A 416 21.62 22.32 29.49
N SER A 417 21.75 23.43 28.74
CA SER A 417 22.55 24.58 29.11
C SER A 417 21.78 25.35 30.17
N PRO A 418 22.33 26.33 30.88
CA PRO A 418 21.60 27.16 31.82
C PRO A 418 20.45 27.89 31.18
N ALA A 419 20.66 28.42 29.95
CA ALA A 419 19.66 29.09 29.17
C ALA A 419 18.50 28.17 28.83
N SER A 420 18.81 26.91 28.45
CA SER A 420 17.83 25.90 28.10
C SER A 420 17.04 25.43 29.29
N LYS A 421 17.71 25.28 30.48
CA LYS A 421 17.06 24.96 31.74
C LYS A 421 16.02 25.97 32.10
N ASP A 422 16.42 27.26 32.10
CA ASP A 422 15.62 28.39 32.46
C ASP A 422 14.39 28.51 31.58
N PHE A 423 14.59 28.33 30.25
CA PHE A 423 13.55 28.39 29.25
C PHE A 423 12.50 27.34 29.47
N CYS A 424 12.93 26.07 29.73
CA CYS A 424 12.06 24.96 30.01
C CYS A 424 11.27 25.13 31.28
N GLU A 425 11.95 25.58 32.35
CA GLU A 425 11.39 25.86 33.65
C GLU A 425 10.25 26.83 33.63
N ALA A 426 10.39 27.94 32.87
CA ALA A 426 9.38 28.96 32.71
C ALA A 426 8.11 28.48 32.05
N LEU A 427 8.23 27.59 31.05
CA LEU A 427 7.11 27.12 30.27
C LEU A 427 6.36 26.02 30.95
N LEU A 428 7.06 25.19 31.75
CA LEU A 428 6.47 24.06 32.44
C LEU A 428 6.06 24.47 33.82
N GLN A 429 6.17 25.79 34.14
CA GLN A 429 5.56 26.39 35.27
C GLN A 429 4.24 26.92 34.79
N LYS A 430 3.16 26.57 35.53
CA LYS A 430 1.80 26.94 35.26
C LYS A 430 1.60 28.43 35.30
N ASP A 431 0.62 28.92 34.50
CA ASP A 431 0.14 30.28 34.39
C ASP A 431 0.70 30.89 33.14
N PRO A 432 -0.09 31.51 32.25
CA PRO A 432 0.37 32.13 31.02
C PRO A 432 1.29 33.29 31.32
N GLU A 433 1.03 34.04 32.42
CA GLU A 433 1.83 35.16 32.87
C GLU A 433 3.26 34.79 33.17
N LYS A 434 3.47 33.52 33.62
CA LYS A 434 4.76 33.01 34.00
C LYS A 434 5.33 32.18 32.87
N ARG A 435 4.59 32.12 31.73
CA ARG A 435 4.95 31.37 30.57
C ARG A 435 5.51 32.41 29.64
N LEU A 436 6.68 32.11 29.03
CA LEU A 436 7.38 32.99 28.12
C LEU A 436 6.56 33.29 26.89
N GLY A 437 6.69 34.54 26.38
CA GLY A 437 6.00 35.00 25.20
C GLY A 437 4.68 35.61 25.53
N PHE A 438 4.37 35.77 26.83
CA PHE A 438 3.11 36.31 27.25
C PHE A 438 3.45 37.11 28.47
N ARG A 439 3.07 38.40 28.42
CA ARG A 439 3.23 39.37 29.46
C ARG A 439 2.04 40.27 29.26
N ASP A 440 0.92 39.65 28.80
CA ASP A 440 -0.40 40.17 28.56
C ASP A 440 -0.58 40.06 27.07
N GLY A 441 0.20 39.15 26.44
CA GLY A 441 0.22 38.89 25.03
C GLY A 441 1.38 39.65 24.46
N SER A 442 2.30 38.91 23.80
CA SER A 442 3.45 39.48 23.17
C SER A 442 3.93 38.43 22.19
N CYS A 443 4.88 38.79 21.31
CA CYS A 443 5.60 37.83 20.51
C CYS A 443 7.07 38.16 20.61
N ASP A 444 7.39 39.37 21.11
CA ASP A 444 8.74 39.85 21.23
C ASP A 444 9.13 39.82 22.68
N GLY A 445 8.22 39.32 23.57
CA GLY A 445 8.51 39.10 24.97
C GLY A 445 9.25 37.81 25.12
N LEU A 446 8.95 36.84 24.22
CA LEU A 446 9.62 35.56 24.09
C LEU A 446 11.08 35.74 23.80
N ARG A 447 11.38 36.67 22.86
CA ARG A 447 12.68 37.00 22.32
C ARG A 447 13.72 37.51 23.30
N THR A 448 13.33 37.84 24.55
CA THR A 448 14.24 38.45 25.50
C THR A 448 15.00 37.41 26.30
N HIS A 449 14.58 36.12 26.20
CA HIS A 449 15.15 35.04 26.97
C HIS A 449 16.60 34.80 26.59
N PRO A 450 17.51 34.41 27.51
CA PRO A 450 18.92 34.18 27.22
C PRO A 450 19.20 33.15 26.16
N LEU A 451 18.25 32.21 25.92
CA LEU A 451 18.26 31.21 24.88
C LEU A 451 18.57 31.75 23.49
N PHE A 452 18.13 33.00 23.22
CA PHE A 452 18.16 33.64 21.93
C PHE A 452 19.33 34.56 21.76
N ARG A 453 20.38 34.34 22.57
CA ARG A 453 21.62 35.08 22.59
C ARG A 453 22.34 35.06 21.26
N ASP A 454 22.28 33.90 20.55
CA ASP A 454 23.01 33.65 19.32
C ASP A 454 22.12 33.89 18.12
N ILE A 455 20.93 34.50 18.31
CA ILE A 455 19.97 34.72 17.26
C ILE A 455 19.93 36.19 16.94
N SER A 456 20.10 36.51 15.63
CA SER A 456 19.94 37.83 15.09
C SER A 456 18.57 37.84 14.48
N TRP A 457 17.72 38.81 14.92
CA TRP A 457 16.31 38.86 14.58
C TRP A 457 16.04 39.22 13.15
N ARG A 458 16.84 40.14 12.56
CA ARG A 458 16.68 40.57 11.20
C ARG A 458 16.93 39.46 10.21
N GLN A 459 17.96 38.63 10.49
CA GLN A 459 18.36 37.52 9.67
C GLN A 459 17.41 36.38 9.83
N LEU A 460 16.89 36.18 11.07
CA LEU A 460 15.89 35.20 11.38
C LEU A 460 14.61 35.38 10.61
N GLU A 461 14.07 36.63 10.59
CA GLU A 461 12.82 36.96 9.95
C GLU A 461 12.82 36.80 8.44
N ALA A 462 14.02 36.88 7.81
CA ALA A 462 14.16 36.72 6.38
C ALA A 462 14.59 35.31 6.05
N GLY A 463 14.81 34.46 7.09
CA GLY A 463 15.12 33.06 6.97
C GLY A 463 16.47 32.80 6.38
N MET A 464 17.50 33.54 6.86
CA MET A 464 18.84 33.50 6.33
C MET A 464 19.71 32.70 7.26
N LEU A 465 19.15 32.23 8.41
CA LEU A 465 19.88 31.48 9.39
C LEU A 465 19.78 30.04 8.99
N THR A 466 20.93 29.33 9.05
CA THR A 466 21.03 27.95 8.62
C THR A 466 21.37 27.20 9.88
N PRO A 467 20.66 26.13 10.26
CA PRO A 467 20.92 25.42 11.49
C PRO A 467 21.98 24.36 11.22
N PRO A 468 22.69 23.83 12.21
CA PRO A 468 23.63 22.73 12.05
C PRO A 468 22.93 21.51 11.47
N PHE A 469 23.54 20.88 10.44
CA PHE A 469 23.04 19.75 9.70
C PHE A 469 22.08 20.24 8.64
N VAL A 470 22.43 19.98 7.37
CA VAL A 470 21.63 20.32 6.22
C VAL A 470 21.43 19.00 5.51
N PRO A 471 20.20 18.52 5.28
CA PRO A 471 19.89 17.26 4.60
C PRO A 471 20.58 17.03 3.27
N ASP A 472 20.98 15.76 3.02
CA ASP A 472 21.51 15.27 1.76
C ASP A 472 20.35 15.01 0.82
N SER A 473 20.62 15.06 -0.51
CA SER A 473 19.62 14.92 -1.54
C SER A 473 19.56 13.50 -2.05
N ARG A 474 20.44 12.60 -1.55
CA ARG A 474 20.46 11.20 -1.94
C ARG A 474 20.07 10.35 -0.76
N THR A 475 19.55 10.99 0.31
CA THR A 475 19.12 10.32 1.52
C THR A 475 17.63 10.41 1.54
N VAL A 476 16.97 9.26 1.86
CA VAL A 476 15.55 9.09 1.87
C VAL A 476 15.09 9.34 3.28
N TYR A 477 14.06 10.22 3.45
CA TYR A 477 13.51 10.58 4.74
C TYR A 477 12.06 10.15 4.79
N ALA A 478 11.58 9.43 3.74
CA ALA A 478 10.25 8.87 3.64
C ALA A 478 9.98 7.80 4.67
N LYS A 479 8.71 7.74 5.15
CA LYS A 479 8.24 6.69 6.03
C LYS A 479 7.70 5.60 5.16
N ASN A 480 8.06 4.34 5.50
CA ASN A 480 7.65 3.11 4.84
C ASN A 480 6.17 2.96 4.63
N ILE A 481 5.81 2.13 3.63
CA ILE A 481 4.47 1.98 3.14
C ILE A 481 3.86 0.77 3.81
N GLN A 482 4.60 0.18 4.79
CA GLN A 482 4.15 -0.93 5.59
C GLN A 482 4.15 -0.55 7.05
N ASP A 483 4.58 0.68 7.38
CA ASP A 483 4.58 1.24 8.73
C ASP A 483 3.42 2.19 8.83
N VAL A 484 2.60 2.25 7.76
CA VAL A 484 1.37 2.99 7.64
C VAL A 484 0.34 2.57 8.67
N GLY A 485 -0.44 3.57 9.15
CA GLY A 485 -1.45 3.39 10.16
C GLY A 485 -2.75 3.15 9.47
N ALA A 486 -3.87 3.27 10.24
CA ALA A 486 -5.19 3.10 9.71
C ALA A 486 -6.12 3.77 10.66
N PHE A 487 -7.34 4.11 10.18
CA PHE A 487 -8.34 4.81 10.94
C PHE A 487 -9.63 4.45 10.26
N SER A 488 -10.78 4.52 10.99
CA SER A 488 -12.09 4.07 10.55
C SER A 488 -12.51 4.66 9.21
N THR A 489 -12.91 3.76 8.29
CA THR A 489 -13.55 4.10 7.05
C THR A 489 -14.83 3.32 7.01
N VAL A 490 -15.72 3.66 6.06
CA VAL A 490 -17.15 3.44 6.11
C VAL A 490 -17.52 1.98 6.23
N LYS A 491 -18.64 1.74 6.93
CA LYS A 491 -19.13 0.42 7.23
C LYS A 491 -20.14 0.00 6.19
N GLY A 492 -20.27 0.79 5.09
CA GLY A 492 -21.11 0.50 3.96
C GLY A 492 -22.18 1.55 3.90
N VAL A 493 -21.90 2.73 4.46
CA VAL A 493 -22.90 3.70 4.82
C VAL A 493 -22.65 4.92 3.96
N ALA A 494 -23.74 5.51 3.42
CA ALA A 494 -23.69 6.49 2.37
C ALA A 494 -23.55 7.86 2.97
N PHE A 495 -22.76 8.73 2.27
CA PHE A 495 -22.38 10.05 2.72
C PHE A 495 -23.55 10.99 2.80
N GLU A 496 -23.49 11.92 3.78
CA GLU A 496 -24.35 13.06 3.92
C GLU A 496 -24.15 14.03 2.78
N LYS A 497 -25.23 14.77 2.42
CA LYS A 497 -25.24 15.85 1.46
C LYS A 497 -24.19 16.90 1.77
N ALA A 498 -24.04 17.24 3.07
CA ALA A 498 -23.12 18.20 3.64
C ALA A 498 -21.68 17.93 3.27
N ASP A 499 -21.28 16.64 3.33
CA ASP A 499 -19.95 16.17 3.02
C ASP A 499 -19.57 16.47 1.60
N THR A 500 -20.49 16.12 0.64
CA THR A 500 -20.39 16.36 -0.79
C THR A 500 -20.23 17.82 -1.11
N GLU A 501 -20.98 18.69 -0.38
CA GLU A 501 -20.97 20.12 -0.56
C GLU A 501 -19.65 20.73 -0.14
N PHE A 502 -19.04 20.20 0.95
CA PHE A 502 -17.71 20.60 1.34
C PHE A 502 -16.68 20.20 0.32
N PHE A 503 -16.80 18.97 -0.26
CA PHE A 503 -15.82 18.44 -1.19
C PHE A 503 -15.72 19.26 -2.45
N GLN A 504 -16.88 19.66 -3.04
CA GLN A 504 -16.93 20.57 -4.17
C GLN A 504 -16.37 21.94 -3.86
N GLU A 505 -16.71 22.48 -2.65
CA GLU A 505 -16.34 23.81 -2.20
C GLU A 505 -14.86 23.96 -2.01
N PHE A 506 -14.21 22.94 -1.40
CA PHE A 506 -12.78 22.82 -1.24
C PHE A 506 -12.03 22.92 -2.55
N ALA A 507 -12.49 22.16 -3.58
CA ALA A 507 -11.84 22.06 -4.86
C ALA A 507 -11.83 23.38 -5.59
N SER A 508 -10.70 23.66 -6.27
CA SER A 508 -10.47 24.94 -6.88
C SER A 508 -9.31 24.76 -7.82
N MET B 1 -7.78 -41.23 -33.02
CA MET B 1 -6.40 -41.28 -33.37
C MET B 1 -5.86 -42.50 -32.69
N ASN B 2 -5.09 -42.30 -31.59
CA ASN B 2 -4.47 -43.36 -30.83
C ASN B 2 -5.34 -43.64 -29.63
N GLY B 3 -6.43 -42.86 -29.48
CA GLY B 3 -7.45 -43.03 -28.49
C GLY B 3 -8.65 -43.68 -29.09
N THR B 4 -9.83 -43.08 -28.83
CA THR B 4 -11.10 -43.53 -29.33
C THR B 4 -11.85 -42.27 -29.63
N GLU B 5 -12.18 -42.06 -30.92
CA GLU B 5 -12.84 -40.88 -31.41
C GLU B 5 -14.33 -41.01 -31.29
N GLY B 6 -14.98 -39.85 -31.16
CA GLY B 6 -16.40 -39.76 -31.04
C GLY B 6 -16.74 -38.32 -31.29
N PRO B 7 -18.00 -38.02 -31.61
CA PRO B 7 -18.47 -36.68 -31.90
C PRO B 7 -18.70 -35.87 -30.64
N ASN B 8 -18.28 -36.37 -29.46
CA ASN B 8 -18.44 -35.62 -28.23
C ASN B 8 -17.51 -36.18 -27.19
N PHE B 9 -16.58 -37.09 -27.59
CA PHE B 9 -15.63 -37.63 -26.64
C PHE B 9 -14.40 -38.01 -27.40
N TYR B 10 -13.24 -37.92 -26.73
CA TYR B 10 -12.01 -38.44 -27.23
C TYR B 10 -11.29 -38.98 -26.02
N VAL B 11 -11.46 -40.28 -25.72
CA VAL B 11 -10.71 -40.96 -24.69
C VAL B 11 -9.32 -41.15 -25.25
N PRO B 12 -8.20 -40.67 -24.70
CA PRO B 12 -6.88 -40.85 -25.29
C PRO B 12 -6.36 -42.26 -25.06
N PHE B 13 -7.22 -43.20 -24.62
CA PHE B 13 -6.94 -44.59 -24.41
C PHE B 13 -7.83 -45.32 -25.39
N SER B 14 -7.27 -46.37 -26.04
CA SER B 14 -7.92 -47.19 -27.03
C SER B 14 -9.10 -47.98 -26.51
N ASN B 15 -10.10 -48.22 -27.39
CA ASN B 15 -11.31 -48.96 -27.08
C ASN B 15 -10.96 -50.42 -26.96
N LYS B 16 -11.38 -51.06 -25.85
CA LYS B 16 -11.05 -52.45 -25.61
C LYS B 16 -11.86 -52.96 -24.45
N THR B 17 -12.81 -52.14 -23.92
CA THR B 17 -13.66 -52.56 -22.82
C THR B 17 -15.07 -52.15 -23.09
N GLY B 18 -15.30 -51.18 -24.01
CA GLY B 18 -16.61 -50.80 -24.49
C GLY B 18 -17.21 -49.69 -23.68
N VAL B 19 -16.45 -49.17 -22.69
CA VAL B 19 -16.84 -48.07 -21.82
C VAL B 19 -15.94 -46.93 -22.17
N VAL B 20 -15.34 -47.01 -23.38
CA VAL B 20 -14.39 -46.08 -23.93
C VAL B 20 -15.16 -45.23 -24.92
N ARG B 21 -16.50 -45.44 -24.99
CA ARG B 21 -17.41 -44.65 -25.77
C ARG B 21 -18.21 -43.78 -24.83
N SER B 22 -18.04 -43.98 -23.51
CA SER B 22 -18.62 -43.13 -22.51
C SER B 22 -17.63 -43.04 -21.39
N PRO B 23 -16.64 -42.14 -21.41
CA PRO B 23 -15.74 -41.92 -20.29
C PRO B 23 -16.40 -41.11 -19.19
N PHE B 24 -17.73 -40.89 -19.28
CA PHE B 24 -18.51 -40.18 -18.30
C PHE B 24 -18.89 -41.11 -17.17
N GLU B 25 -20.16 -41.61 -17.17
CA GLU B 25 -20.76 -42.32 -16.06
C GLU B 25 -20.65 -43.80 -16.30
N ALA B 26 -19.39 -44.29 -16.33
CA ALA B 26 -19.06 -45.66 -16.57
C ALA B 26 -17.75 -45.81 -15.87
N PRO B 27 -17.35 -46.97 -15.34
CA PRO B 27 -16.10 -47.14 -14.62
C PRO B 27 -14.91 -46.77 -15.46
N GLN B 28 -13.91 -46.11 -14.86
CA GLN B 28 -12.74 -45.59 -15.55
C GLN B 28 -11.53 -46.35 -15.06
N TYR B 29 -11.75 -47.61 -14.62
CA TYR B 29 -10.75 -48.47 -14.02
C TYR B 29 -10.12 -49.31 -15.11
N TYR B 30 -10.41 -49.00 -16.39
CA TYR B 30 -9.87 -49.69 -17.54
C TYR B 30 -8.68 -48.91 -18.06
N LEU B 31 -8.31 -47.80 -17.37
CA LEU B 31 -7.18 -47.01 -17.78
C LEU B 31 -6.61 -46.34 -16.56
N ALA B 32 -7.07 -46.73 -15.36
CA ALA B 32 -6.55 -46.24 -14.12
C ALA B 32 -6.73 -47.36 -13.14
N GLU B 33 -5.98 -47.29 -12.02
CA GLU B 33 -5.96 -48.31 -11.00
C GLU B 33 -6.65 -47.73 -9.78
N PRO B 34 -7.21 -48.52 -8.86
CA PRO B 34 -7.84 -48.04 -7.65
C PRO B 34 -6.94 -47.21 -6.76
N TRP B 35 -5.62 -47.53 -6.72
CA TRP B 35 -4.67 -46.85 -5.87
C TRP B 35 -4.43 -45.46 -6.40
N GLN B 36 -4.34 -45.32 -7.75
CA GLN B 36 -4.20 -44.05 -8.45
C GLN B 36 -5.34 -43.11 -8.20
N PHE B 37 -6.59 -43.64 -8.04
CA PHE B 37 -7.75 -42.87 -7.67
C PHE B 37 -7.69 -42.36 -6.25
N SER B 38 -7.14 -43.18 -5.31
CA SER B 38 -6.93 -42.79 -3.93
C SER B 38 -5.95 -41.66 -3.82
N MET B 39 -4.84 -41.74 -4.59
CA MET B 39 -3.81 -40.71 -4.70
C MET B 39 -4.33 -39.44 -5.32
N LEU B 40 -5.21 -39.55 -6.35
CA LEU B 40 -5.90 -38.45 -6.99
C LEU B 40 -6.74 -37.70 -5.99
N ALA B 41 -7.55 -38.45 -5.19
CA ALA B 41 -8.41 -37.90 -4.17
C ALA B 41 -7.62 -37.23 -3.07
N ALA B 42 -6.50 -37.84 -2.63
CA ALA B 42 -5.57 -37.27 -1.68
C ALA B 42 -5.01 -35.95 -2.11
N TYR B 43 -4.55 -35.88 -3.39
CA TYR B 43 -3.95 -34.70 -3.98
C TYR B 43 -4.93 -33.55 -4.06
N MET B 44 -6.18 -33.83 -4.49
CA MET B 44 -7.24 -32.85 -4.56
C MET B 44 -7.66 -32.31 -3.22
N PHE B 45 -7.62 -33.18 -2.17
CA PHE B 45 -7.96 -32.85 -0.81
C PHE B 45 -6.97 -31.84 -0.26
N LEU B 46 -5.66 -32.12 -0.45
CA LEU B 46 -4.53 -31.25 -0.17
C LEU B 46 -4.71 -29.86 -0.72
N LEU B 47 -4.99 -29.75 -2.03
CA LEU B 47 -5.17 -28.50 -2.75
C LEU B 47 -6.28 -27.62 -2.21
N ILE B 48 -7.35 -28.23 -1.65
CA ILE B 48 -8.45 -27.54 -1.01
C ILE B 48 -7.99 -27.01 0.34
N MET B 49 -7.38 -27.91 1.16
CA MET B 49 -6.89 -27.64 2.49
C MET B 49 -5.90 -26.50 2.58
N LEU B 50 -5.03 -26.34 1.56
CA LEU B 50 -4.09 -25.25 1.50
C LEU B 50 -4.73 -24.04 0.88
N GLY B 51 -5.39 -24.21 -0.29
CA GLY B 51 -5.91 -23.14 -1.11
C GLY B 51 -6.91 -22.25 -0.44
N PHE B 52 -7.89 -22.83 0.30
CA PHE B 52 -8.95 -22.09 0.95
C PHE B 52 -8.47 -21.18 2.08
N PRO B 53 -7.64 -21.58 3.05
CA PRO B 53 -7.11 -20.70 4.08
C PRO B 53 -6.32 -19.55 3.53
N ILE B 54 -5.38 -19.81 2.60
CA ILE B 54 -4.52 -18.85 1.95
C ILE B 54 -5.30 -17.73 1.28
N ASN B 55 -6.41 -18.08 0.58
CA ASN B 55 -7.21 -17.13 -0.17
C ASN B 55 -8.13 -16.38 0.76
N PHE B 56 -8.58 -17.03 1.87
CA PHE B 56 -9.39 -16.40 2.88
C PHE B 56 -8.61 -15.29 3.56
N LEU B 57 -7.35 -15.57 3.95
CA LEU B 57 -6.42 -14.61 4.51
C LEU B 57 -6.21 -13.37 3.68
N THR B 58 -6.12 -13.51 2.33
CA THR B 58 -5.91 -12.43 1.39
C THR B 58 -7.03 -11.41 1.45
N LEU B 59 -8.29 -11.90 1.54
CA LEU B 59 -9.47 -11.08 1.67
C LEU B 59 -9.56 -10.47 3.05
N TYR B 60 -9.20 -11.26 4.08
CA TYR B 60 -9.34 -10.95 5.49
C TYR B 60 -8.48 -9.80 5.92
N VAL B 61 -7.17 -9.86 5.55
CA VAL B 61 -6.16 -8.90 5.93
C VAL B 61 -6.46 -7.50 5.44
N THR B 62 -7.12 -7.36 4.27
CA THR B 62 -7.44 -6.06 3.74
C THR B 62 -8.53 -5.40 4.56
N VAL B 63 -9.49 -6.20 5.08
CA VAL B 63 -10.51 -5.77 6.01
C VAL B 63 -9.95 -5.45 7.38
N GLN B 64 -8.80 -6.08 7.75
CA GLN B 64 -8.20 -6.01 9.06
C GLN B 64 -7.75 -4.63 9.40
N HIS B 65 -7.15 -3.92 8.42
CA HIS B 65 -6.75 -2.55 8.59
C HIS B 65 -7.35 -1.79 7.44
N LYS B 66 -8.16 -0.77 7.80
CA LYS B 66 -8.83 0.19 6.96
C LYS B 66 -8.05 0.70 5.79
N LYS B 67 -6.81 1.20 6.04
CA LYS B 67 -5.95 1.85 5.08
C LYS B 67 -5.55 0.96 3.92
N LEU B 68 -5.67 -0.38 4.12
CA LEU B 68 -5.35 -1.38 3.12
C LEU B 68 -6.43 -1.48 2.10
N ARG B 69 -7.67 -1.04 2.43
CA ARG B 69 -8.82 -1.04 1.56
C ARG B 69 -8.62 0.14 0.63
N THR B 70 -7.88 -0.07 -0.48
CA THR B 70 -7.49 0.93 -1.43
C THR B 70 -7.45 0.26 -2.79
N PRO B 71 -7.42 1.00 -3.89
CA PRO B 71 -7.36 0.49 -5.26
C PRO B 71 -6.30 -0.54 -5.55
N LEU B 72 -5.09 -0.37 -4.96
CA LEU B 72 -3.93 -1.17 -5.25
C LEU B 72 -4.00 -2.59 -4.71
N ASN B 73 -5.02 -2.89 -3.87
CA ASN B 73 -5.24 -4.21 -3.31
C ASN B 73 -6.27 -4.96 -4.09
N TYR B 74 -7.08 -4.28 -4.94
CA TYR B 74 -8.15 -4.85 -5.75
C TYR B 74 -7.74 -6.11 -6.48
N ILE B 75 -6.56 -6.10 -7.14
CA ILE B 75 -6.05 -7.23 -7.90
C ILE B 75 -5.78 -8.42 -7.01
N LEU B 76 -5.36 -8.19 -5.74
CA LEU B 76 -5.08 -9.22 -4.76
C LEU B 76 -6.34 -9.91 -4.31
N LEU B 77 -7.40 -9.11 -4.08
CA LEU B 77 -8.71 -9.62 -3.76
C LEU B 77 -9.26 -10.45 -4.88
N ASN B 78 -9.09 -9.98 -6.14
CA ASN B 78 -9.49 -10.64 -7.36
C ASN B 78 -8.83 -11.98 -7.50
N LEU B 79 -7.49 -12.05 -7.30
CA LEU B 79 -6.71 -13.26 -7.27
C LEU B 79 -7.24 -14.28 -6.31
N ALA B 80 -7.60 -13.86 -5.08
CA ALA B 80 -8.12 -14.75 -4.08
C ALA B 80 -9.44 -15.35 -4.46
N VAL B 81 -10.35 -14.56 -5.07
CA VAL B 81 -11.62 -15.01 -5.59
C VAL B 81 -11.47 -15.99 -6.71
N ALA B 82 -10.58 -15.67 -7.68
CA ALA B 82 -10.23 -16.50 -8.82
C ALA B 82 -9.80 -17.88 -8.46
N ASP B 83 -8.86 -17.96 -7.48
CA ASP B 83 -8.32 -19.17 -6.92
C ASP B 83 -9.39 -20.02 -6.29
N LEU B 84 -10.36 -19.38 -5.60
CA LEU B 84 -11.46 -20.04 -4.94
C LEU B 84 -12.44 -20.61 -5.92
N PHE B 85 -12.66 -19.94 -7.07
CA PHE B 85 -13.40 -20.50 -8.19
C PHE B 85 -12.82 -21.81 -8.67
N MET B 86 -11.47 -21.89 -8.81
CA MET B 86 -10.75 -23.09 -9.16
C MET B 86 -10.90 -24.19 -8.11
N VAL B 87 -11.04 -23.81 -6.80
CA VAL B 87 -11.12 -24.73 -5.68
C VAL B 87 -12.45 -25.42 -5.69
N PHE B 88 -13.55 -24.66 -5.89
CA PHE B 88 -14.89 -25.15 -5.71
C PHE B 88 -15.47 -25.64 -7.02
N GLY B 89 -14.96 -25.11 -8.15
CA GLY B 89 -15.34 -25.55 -9.47
C GLY B 89 -14.61 -26.80 -9.85
N GLY B 90 -13.28 -26.82 -9.61
CA GLY B 90 -12.44 -27.89 -10.05
C GLY B 90 -12.20 -28.90 -8.97
N PHE B 91 -11.47 -28.49 -7.90
CA PHE B 91 -10.84 -29.40 -6.96
C PHE B 91 -11.82 -30.30 -6.22
N THR B 92 -12.92 -29.71 -5.69
CA THR B 92 -13.92 -30.39 -4.89
C THR B 92 -14.66 -31.43 -5.68
N THR B 93 -15.14 -31.05 -6.88
CA THR B 93 -15.77 -31.93 -7.84
C THR B 93 -14.93 -33.14 -8.17
N THR B 94 -13.62 -32.90 -8.50
CA THR B 94 -12.68 -33.95 -8.87
C THR B 94 -12.40 -34.89 -7.73
N LEU B 95 -12.38 -34.38 -6.47
CA LEU B 95 -12.25 -35.14 -5.25
C LEU B 95 -13.41 -36.08 -5.05
N TYR B 96 -14.65 -35.58 -5.27
CA TYR B 96 -15.87 -36.34 -5.14
C TYR B 96 -15.93 -37.50 -6.11
N THR B 97 -15.71 -37.21 -7.41
CA THR B 97 -15.76 -38.13 -8.51
C THR B 97 -14.72 -39.22 -8.43
N SER B 98 -13.45 -38.87 -8.09
CA SER B 98 -12.33 -39.78 -7.97
C SER B 98 -12.57 -40.95 -7.05
N LEU B 99 -13.35 -40.76 -5.96
CA LEU B 99 -13.63 -41.78 -4.98
C LEU B 99 -14.67 -42.77 -5.45
N HIS B 100 -15.47 -42.42 -6.49
CA HIS B 100 -16.29 -43.37 -7.21
C HIS B 100 -15.47 -44.04 -8.28
N GLY B 101 -14.41 -43.35 -8.74
CA GLY B 101 -13.48 -43.80 -9.76
C GLY B 101 -14.03 -43.56 -11.12
N TYR B 102 -15.02 -42.64 -11.24
CA TYR B 102 -15.56 -42.24 -12.52
C TYR B 102 -16.32 -40.96 -12.27
N PHE B 103 -16.65 -40.24 -13.37
CA PHE B 103 -17.26 -38.95 -13.33
C PHE B 103 -18.75 -39.20 -13.25
N VAL B 104 -19.41 -38.72 -12.17
CA VAL B 104 -20.75 -39.15 -11.84
C VAL B 104 -21.80 -38.15 -12.25
N PHE B 105 -21.40 -36.96 -12.77
CA PHE B 105 -22.34 -35.91 -13.09
C PHE B 105 -22.75 -35.91 -14.54
N GLY B 106 -22.18 -36.83 -15.37
CA GLY B 106 -22.61 -37.02 -16.73
C GLY B 106 -22.08 -35.96 -17.67
N PRO B 107 -22.39 -36.03 -18.96
CA PRO B 107 -21.92 -35.11 -19.99
C PRO B 107 -22.23 -33.66 -19.72
N THR B 108 -23.44 -33.34 -19.19
CA THR B 108 -23.85 -31.98 -18.89
C THR B 108 -23.02 -31.47 -17.72
N GLY B 109 -22.85 -32.34 -16.70
CA GLY B 109 -22.00 -32.14 -15.56
C GLY B 109 -20.57 -31.83 -15.92
N CYS B 110 -20.02 -32.56 -16.90
CA CYS B 110 -18.68 -32.41 -17.45
C CYS B 110 -18.46 -31.03 -18.01
N ASN B 111 -19.49 -30.49 -18.71
CA ASN B 111 -19.45 -29.17 -19.29
C ASN B 111 -19.45 -28.10 -18.23
N LEU B 112 -20.30 -28.27 -17.19
CA LEU B 112 -20.37 -27.42 -16.01
C LEU B 112 -19.08 -27.37 -15.21
N GLU B 113 -18.59 -28.54 -14.74
CA GLU B 113 -17.41 -28.72 -13.93
C GLU B 113 -16.19 -28.19 -14.62
N GLY B 114 -16.08 -28.49 -15.93
CA GLY B 114 -14.99 -28.07 -16.79
C GLY B 114 -14.98 -26.59 -16.96
N PHE B 115 -16.18 -25.96 -17.00
CA PHE B 115 -16.37 -24.55 -17.15
C PHE B 115 -15.87 -23.83 -15.92
N PHE B 116 -16.27 -24.29 -14.72
CA PHE B 116 -15.94 -23.64 -13.47
C PHE B 116 -14.48 -23.75 -13.15
N ALA B 117 -13.87 -24.94 -13.43
CA ALA B 117 -12.46 -25.18 -13.23
C ALA B 117 -11.60 -24.32 -14.12
N THR B 118 -11.96 -24.26 -15.43
CA THR B 118 -11.27 -23.47 -16.43
C THR B 118 -11.36 -22.02 -16.14
N LEU B 119 -12.59 -21.53 -15.83
CA LEU B 119 -12.88 -20.17 -15.47
C LEU B 119 -12.00 -19.71 -14.34
N GLY B 120 -12.00 -20.48 -13.22
CA GLY B 120 -11.15 -20.27 -12.06
C GLY B 120 -9.71 -20.06 -12.39
N GLY B 121 -9.08 -21.09 -13.01
CA GLY B 121 -7.68 -21.08 -13.41
C GLY B 121 -7.29 -19.97 -14.35
N GLU B 122 -8.24 -19.53 -15.21
CA GLU B 122 -8.00 -18.53 -16.22
C GLU B 122 -8.04 -17.14 -15.63
N ILE B 123 -9.01 -16.86 -14.71
CA ILE B 123 -9.05 -15.60 -13.98
C ILE B 123 -7.77 -15.44 -13.19
N ALA B 124 -7.31 -16.55 -12.55
CA ALA B 124 -6.06 -16.63 -11.81
C ALA B 124 -4.88 -16.27 -12.66
N LEU B 125 -4.73 -16.92 -13.84
CA LEU B 125 -3.74 -16.67 -14.87
C LEU B 125 -3.62 -15.22 -15.22
N TRP B 126 -4.77 -14.59 -15.57
CA TRP B 126 -4.83 -13.22 -16.00
C TRP B 126 -4.60 -12.24 -14.88
N SER B 127 -4.88 -12.63 -13.62
CA SER B 127 -4.51 -11.87 -12.44
C SER B 127 -3.02 -11.71 -12.35
N LEU B 128 -2.26 -12.83 -12.46
CA LEU B 128 -0.80 -12.83 -12.45
C LEU B 128 -0.19 -11.90 -13.48
N VAL B 129 -0.88 -11.78 -14.65
CA VAL B 129 -0.48 -10.96 -15.77
C VAL B 129 -0.69 -9.51 -15.42
N VAL B 130 -1.93 -9.16 -15.04
CA VAL B 130 -2.33 -7.83 -14.61
C VAL B 130 -1.46 -7.30 -13.49
N LEU B 131 -1.15 -8.14 -12.47
CA LEU B 131 -0.28 -7.81 -11.36
C LEU B 131 1.10 -7.39 -11.77
N ALA B 132 1.71 -8.13 -12.72
CA ALA B 132 3.01 -7.84 -13.27
C ALA B 132 2.99 -6.52 -14.01
N ILE B 133 1.91 -6.26 -14.79
CA ILE B 133 1.64 -5.04 -15.52
C ILE B 133 1.60 -3.88 -14.55
N GLU B 134 0.76 -3.95 -13.50
CA GLU B 134 0.63 -2.93 -12.47
C GLU B 134 1.93 -2.59 -11.79
N ARG B 135 2.76 -3.60 -11.46
CA ARG B 135 4.06 -3.40 -10.86
C ARG B 135 4.99 -2.64 -11.78
N TYR B 136 4.97 -3.00 -13.08
CA TYR B 136 5.72 -2.33 -14.12
C TYR B 136 5.30 -0.88 -14.30
N VAL B 137 3.97 -0.62 -14.37
CA VAL B 137 3.37 0.68 -14.57
C VAL B 137 3.75 1.62 -13.47
N VAL B 138 3.54 1.19 -12.20
CA VAL B 138 3.77 1.99 -11.03
C VAL B 138 5.23 2.33 -10.85
N VAL B 139 6.15 1.36 -11.07
CA VAL B 139 7.52 1.54 -10.66
C VAL B 139 8.36 2.06 -11.80
N CYS B 140 8.29 1.42 -12.99
CA CYS B 140 9.06 1.83 -14.16
C CYS B 140 8.52 3.05 -14.85
N LYS B 141 7.22 3.37 -14.62
CA LYS B 141 6.56 4.58 -15.09
C LYS B 141 6.60 4.76 -16.60
N PRO B 142 6.01 3.88 -17.41
CA PRO B 142 6.13 3.90 -18.87
C PRO B 142 5.31 5.02 -19.47
N MET B 143 4.13 5.32 -18.89
CA MET B 143 3.19 6.27 -19.44
C MET B 143 2.59 7.00 -18.28
N SER B 144 2.38 8.32 -18.46
CA SER B 144 1.80 9.19 -17.47
C SER B 144 0.31 9.05 -17.50
N ASN B 145 -0.32 9.24 -16.31
CA ASN B 145 -1.74 9.25 -16.08
C ASN B 145 -2.21 7.83 -15.86
N PHE B 146 -1.27 6.94 -15.47
CA PHE B 146 -1.54 5.57 -15.14
C PHE B 146 -0.76 5.28 -13.91
N ARG B 147 -1.45 4.74 -12.88
CA ARG B 147 -0.82 4.35 -11.64
C ARG B 147 -1.48 3.05 -11.32
N PHE B 148 -2.60 3.10 -10.57
CA PHE B 148 -3.32 1.96 -10.11
C PHE B 148 -4.49 2.57 -9.36
N GLY B 149 -4.98 3.75 -9.84
CA GLY B 149 -6.10 4.47 -9.28
C GLY B 149 -7.37 3.69 -9.48
N GLU B 150 -8.52 4.15 -8.91
CA GLU B 150 -9.78 3.42 -8.96
C GLU B 150 -10.20 2.94 -10.32
N ASN B 151 -10.13 3.82 -11.36
CA ASN B 151 -10.49 3.47 -12.71
C ASN B 151 -9.62 2.38 -13.31
N HIS B 152 -8.28 2.50 -13.10
CA HIS B 152 -7.32 1.55 -13.60
C HIS B 152 -7.47 0.19 -12.97
N ALA B 153 -7.63 0.17 -11.63
CA ALA B 153 -7.85 -1.00 -10.82
C ALA B 153 -9.03 -1.83 -11.24
N ILE B 154 -10.19 -1.14 -11.47
CA ILE B 154 -11.44 -1.72 -11.89
C ILE B 154 -11.32 -2.35 -13.26
N MET B 155 -10.69 -1.61 -14.21
CA MET B 155 -10.40 -2.08 -15.55
C MET B 155 -9.59 -3.35 -15.54
N GLY B 156 -8.50 -3.36 -14.75
CA GLY B 156 -7.65 -4.50 -14.50
C GLY B 156 -8.37 -5.74 -14.03
N VAL B 157 -9.28 -5.58 -13.03
CA VAL B 157 -10.07 -6.65 -12.49
C VAL B 157 -11.02 -7.22 -13.51
N ALA B 158 -11.77 -6.33 -14.20
CA ALA B 158 -12.72 -6.66 -15.23
C ALA B 158 -12.10 -7.44 -16.36
N PHE B 159 -10.88 -7.01 -16.79
CA PHE B 159 -10.08 -7.63 -17.83
C PHE B 159 -9.77 -9.09 -17.57
N THR B 160 -9.49 -9.49 -16.31
CA THR B 160 -9.13 -10.86 -16.01
C THR B 160 -10.31 -11.78 -16.22
N TRP B 161 -11.51 -11.33 -15.77
CA TRP B 161 -12.76 -12.01 -16.02
C TRP B 161 -13.07 -12.17 -17.48
N VAL B 162 -12.94 -11.10 -18.29
CA VAL B 162 -13.25 -11.10 -19.72
C VAL B 162 -12.39 -12.07 -20.49
N MET B 163 -11.06 -12.05 -20.26
CA MET B 163 -10.12 -12.97 -20.85
C MET B 163 -10.35 -14.41 -20.46
N ALA B 164 -10.82 -14.64 -19.22
CA ALA B 164 -11.07 -15.95 -18.68
C ALA B 164 -12.27 -16.59 -19.28
N LEU B 165 -13.37 -15.79 -19.38
CA LEU B 165 -14.60 -16.12 -20.05
C LEU B 165 -14.37 -16.41 -21.51
N ALA B 166 -13.46 -15.66 -22.17
CA ALA B 166 -13.03 -15.90 -23.54
C ALA B 166 -12.45 -17.28 -23.79
N CYS B 167 -12.13 -18.06 -22.72
CA CYS B 167 -11.55 -19.37 -22.83
C CYS B 167 -12.55 -20.37 -22.29
N ALA B 168 -13.13 -20.10 -21.10
CA ALA B 168 -14.02 -21.02 -20.45
C ALA B 168 -15.38 -21.14 -21.10
N ALA B 169 -15.89 -20.05 -21.71
CA ALA B 169 -17.21 -20.01 -22.31
C ALA B 169 -17.31 -20.70 -23.67
N PRO B 170 -16.41 -20.55 -24.66
CA PRO B 170 -16.48 -21.22 -25.96
C PRO B 170 -16.83 -22.70 -26.00
N PRO B 171 -16.31 -23.66 -25.22
CA PRO B 171 -16.70 -25.06 -25.35
C PRO B 171 -18.14 -25.35 -24.99
N LEU B 172 -18.87 -24.39 -24.39
CA LEU B 172 -20.26 -24.54 -24.04
C LEU B 172 -21.17 -24.20 -25.19
N VAL B 173 -20.64 -23.52 -26.23
CA VAL B 173 -21.43 -23.04 -27.36
C VAL B 173 -20.93 -23.72 -28.60
N GLY B 174 -20.13 -24.80 -28.44
CA GLY B 174 -19.81 -25.71 -29.52
C GLY B 174 -18.62 -25.26 -30.30
N TRP B 175 -17.71 -24.50 -29.64
CA TRP B 175 -16.45 -24.10 -30.22
C TRP B 175 -15.48 -24.77 -29.29
N SER B 176 -14.95 -25.94 -29.73
CA SER B 176 -14.33 -26.96 -28.90
C SER B 176 -15.39 -27.55 -27.98
N ARG B 177 -14.99 -28.43 -27.04
CA ARG B 177 -15.92 -29.12 -26.19
C ARG B 177 -15.22 -29.53 -24.93
N TYR B 178 -16.00 -29.76 -23.85
CA TYR B 178 -15.49 -30.34 -22.63
C TYR B 178 -15.70 -31.82 -22.72
N ILE B 179 -14.65 -32.58 -22.31
CA ILE B 179 -14.61 -34.01 -22.33
C ILE B 179 -13.67 -34.34 -21.19
N PRO B 180 -13.77 -35.47 -20.50
CA PRO B 180 -12.84 -35.85 -19.45
C PRO B 180 -11.37 -35.75 -19.81
N GLU B 181 -10.54 -35.23 -18.88
CA GLU B 181 -9.11 -35.18 -18.94
C GLU B 181 -8.64 -35.96 -17.75
N GLY B 182 -7.31 -36.17 -17.63
CA GLY B 182 -6.70 -36.81 -16.49
C GLY B 182 -7.10 -38.25 -16.39
N MET B 183 -7.53 -38.70 -15.19
CA MET B 183 -7.91 -40.07 -14.94
C MET B 183 -9.39 -40.22 -15.23
N GLN B 184 -9.99 -39.17 -15.82
CA GLN B 184 -11.29 -39.14 -16.44
C GLN B 184 -12.32 -38.81 -15.38
N CYS B 185 -11.86 -38.17 -14.28
CA CYS B 185 -12.67 -37.77 -13.15
C CYS B 185 -12.60 -36.27 -13.05
N SER B 186 -12.00 -35.63 -14.07
CA SER B 186 -12.01 -34.19 -14.20
C SER B 186 -12.23 -34.00 -15.67
N CYS B 187 -12.81 -32.85 -16.07
CA CYS B 187 -13.09 -32.53 -17.43
C CYS B 187 -12.24 -31.38 -17.84
N GLY B 188 -11.55 -31.51 -19.00
CA GLY B 188 -10.78 -30.42 -19.55
C GLY B 188 -11.29 -30.16 -20.93
N ILE B 189 -10.53 -29.31 -21.65
CA ILE B 189 -10.77 -28.91 -23.02
C ILE B 189 -10.22 -29.99 -23.93
N ASP B 190 -10.95 -30.31 -25.03
CA ASP B 190 -10.51 -31.26 -26.01
C ASP B 190 -9.59 -30.53 -26.96
N TYR B 191 -8.27 -30.64 -26.70
CA TYR B 191 -7.24 -29.99 -27.48
C TYR B 191 -6.45 -31.08 -28.14
N TYR B 192 -6.80 -32.35 -27.84
CA TYR B 192 -6.09 -33.53 -28.26
C TYR B 192 -6.52 -33.90 -29.65
N THR B 193 -7.70 -33.42 -30.07
CA THR B 193 -8.30 -33.75 -31.34
C THR B 193 -8.48 -32.43 -32.06
N PRO B 194 -8.09 -32.29 -33.33
CA PRO B 194 -8.43 -31.15 -34.15
C PRO B 194 -9.72 -31.52 -34.85
N HIS B 195 -10.85 -31.53 -34.10
CA HIS B 195 -12.13 -31.99 -34.57
C HIS B 195 -12.80 -30.80 -35.17
N GLU B 196 -12.75 -30.72 -36.53
CA GLU B 196 -13.15 -29.59 -37.34
C GLU B 196 -14.60 -29.25 -37.17
N GLU B 197 -15.46 -30.29 -37.08
CA GLU B 197 -16.90 -30.21 -36.96
C GLU B 197 -17.36 -29.48 -35.72
N THR B 198 -16.47 -29.33 -34.72
CA THR B 198 -16.75 -28.72 -33.44
C THR B 198 -15.82 -27.54 -33.29
N ASN B 199 -14.85 -27.38 -34.21
CA ASN B 199 -14.01 -26.21 -34.39
C ASN B 199 -12.86 -26.19 -33.42
N ASN B 200 -12.46 -27.39 -32.90
CA ASN B 200 -11.42 -27.58 -31.92
C ASN B 200 -10.08 -26.98 -32.32
N GLU B 201 -9.69 -27.16 -33.62
CA GLU B 201 -8.38 -26.78 -34.14
C GLU B 201 -8.07 -25.32 -33.98
N SER B 202 -9.01 -24.44 -34.40
CA SER B 202 -8.88 -23.00 -34.31
C SER B 202 -8.81 -22.54 -32.87
N PHE B 203 -9.60 -23.18 -31.98
CA PHE B 203 -9.64 -22.90 -30.56
C PHE B 203 -8.30 -23.19 -29.90
N VAL B 204 -7.65 -24.33 -30.24
CA VAL B 204 -6.37 -24.74 -29.70
C VAL B 204 -5.28 -23.74 -30.02
N ILE B 205 -5.30 -23.20 -31.27
CA ILE B 205 -4.38 -22.18 -31.73
C ILE B 205 -4.58 -20.91 -30.94
N TYR B 206 -5.86 -20.49 -30.78
CA TYR B 206 -6.25 -19.34 -30.01
C TYR B 206 -5.76 -19.39 -28.57
N MET B 207 -6.00 -20.53 -27.88
CA MET B 207 -5.54 -20.80 -26.55
C MET B 207 -4.04 -20.70 -26.39
N PHE B 208 -3.28 -21.38 -27.25
CA PHE B 208 -1.83 -21.42 -27.20
C PHE B 208 -1.22 -20.05 -27.35
N VAL B 209 -1.73 -19.22 -28.29
CA VAL B 209 -1.17 -17.92 -28.55
C VAL B 209 -1.59 -16.93 -27.50
N VAL B 210 -2.92 -16.70 -27.37
CA VAL B 210 -3.46 -15.60 -26.58
C VAL B 210 -3.38 -15.85 -25.10
N HIS B 211 -3.52 -17.12 -24.64
CA HIS B 211 -3.64 -17.42 -23.24
C HIS B 211 -2.40 -18.08 -22.69
N PHE B 212 -1.36 -18.36 -23.52
CA PHE B 212 -0.10 -18.84 -22.97
C PHE B 212 1.04 -17.97 -23.41
N ILE B 213 1.30 -17.87 -24.74
CA ILE B 213 2.45 -17.16 -25.29
C ILE B 213 2.49 -15.70 -24.92
N ILE B 214 1.39 -14.94 -25.17
CA ILE B 214 1.20 -13.57 -24.75
C ILE B 214 1.53 -13.37 -23.26
N PRO B 215 0.85 -13.99 -22.29
CA PRO B 215 1.23 -14.02 -20.89
C PRO B 215 2.68 -14.28 -20.59
N LEU B 216 3.30 -15.32 -21.22
CA LEU B 216 4.68 -15.71 -21.04
C LEU B 216 5.64 -14.59 -21.36
N ILE B 217 5.37 -13.87 -22.48
CA ILE B 217 6.14 -12.73 -22.94
C ILE B 217 6.05 -11.60 -21.93
N VAL B 218 4.81 -11.27 -21.49
CA VAL B 218 4.53 -10.23 -20.51
C VAL B 218 5.26 -10.48 -19.20
N ILE B 219 5.23 -11.72 -18.70
CA ILE B 219 5.88 -12.18 -17.48
C ILE B 219 7.37 -11.93 -17.53
N PHE B 220 8.03 -12.29 -18.66
CA PHE B 220 9.44 -12.07 -18.86
C PHE B 220 9.81 -10.60 -18.89
N PHE B 221 9.01 -9.80 -19.63
CA PHE B 221 9.20 -8.37 -19.79
C PHE B 221 9.20 -7.63 -18.48
N CYS B 222 8.04 -7.66 -17.79
CA CYS B 222 7.75 -7.04 -16.53
C CYS B 222 8.77 -7.33 -15.47
N TYR B 223 9.03 -8.63 -15.20
CA TYR B 223 9.93 -9.03 -14.14
C TYR B 223 11.39 -8.77 -14.46
N GLY B 224 11.77 -8.86 -15.76
CA GLY B 224 13.08 -8.46 -16.25
C GLY B 224 13.38 -7.02 -15.98
N GLN B 225 12.42 -6.14 -16.35
CA GLN B 225 12.38 -4.72 -16.07
C GLN B 225 12.54 -4.42 -14.61
N LEU B 226 11.75 -5.10 -13.75
CA LEU B 226 11.76 -4.96 -12.31
C LEU B 226 13.13 -5.23 -11.72
N VAL B 227 13.80 -6.33 -12.12
CA VAL B 227 15.14 -6.65 -11.67
C VAL B 227 16.15 -5.63 -12.11
N PHE B 228 16.02 -5.10 -13.35
CA PHE B 228 16.86 -4.07 -13.91
C PHE B 228 16.80 -2.80 -13.09
N THR B 229 15.57 -2.27 -12.91
CA THR B 229 15.23 -1.12 -12.09
C THR B 229 15.81 -1.20 -10.70
N VAL B 230 15.63 -2.35 -10.02
CA VAL B 230 16.04 -2.57 -8.64
C VAL B 230 17.54 -2.62 -8.50
N LYS B 231 18.25 -3.24 -9.48
CA LYS B 231 19.69 -3.22 -9.55
C LYS B 231 20.27 -1.83 -9.69
N GLU B 232 19.66 -1.03 -10.60
CA GLU B 232 20.02 0.34 -10.87
C GLU B 232 19.87 1.20 -9.64
N ALA B 233 18.68 1.12 -8.99
CA ALA B 233 18.31 1.76 -7.74
C ALA B 233 19.28 1.47 -6.63
N ALA B 234 19.72 0.19 -6.50
CA ALA B 234 20.62 -0.29 -5.48
C ALA B 234 21.98 0.34 -5.65
N ALA B 235 22.45 0.48 -6.91
CA ALA B 235 23.66 1.17 -7.28
C ALA B 235 23.62 2.63 -6.88
N GLN B 236 22.44 3.28 -7.01
CA GLN B 236 22.20 4.65 -6.63
C GLN B 236 21.88 4.79 -5.15
N GLN B 237 22.04 3.71 -4.36
CA GLN B 237 21.64 3.67 -2.98
C GLN B 237 22.67 2.87 -2.25
N GLN B 238 23.97 3.22 -2.46
CA GLN B 238 25.08 2.59 -1.78
C GLN B 238 25.26 3.38 -0.52
N GLU B 239 24.47 3.02 0.50
CA GLU B 239 24.45 3.67 1.78
C GLU B 239 23.53 2.85 2.65
N SER B 240 22.91 1.79 2.09
CA SER B 240 22.01 0.93 2.80
C SER B 240 22.38 -0.47 2.44
N ALA B 241 22.85 -1.23 3.47
CA ALA B 241 23.18 -2.64 3.41
C ALA B 241 21.96 -3.45 3.04
N THR B 242 20.82 -3.09 3.66
CA THR B 242 19.50 -3.65 3.48
C THR B 242 19.12 -3.65 2.03
N THR B 243 19.25 -2.50 1.33
CA THR B 243 18.91 -2.34 -0.07
C THR B 243 19.70 -3.27 -0.96
N GLN B 244 20.99 -3.52 -0.66
CA GLN B 244 21.81 -4.43 -1.43
C GLN B 244 21.36 -5.87 -1.32
N LYS B 245 21.01 -6.31 -0.09
CA LYS B 245 20.50 -7.63 0.19
C LYS B 245 19.18 -7.87 -0.50
N ALA B 246 18.28 -6.88 -0.35
CA ALA B 246 16.98 -6.77 -0.96
C ALA B 246 17.01 -6.92 -2.45
N GLU B 247 18.00 -6.29 -3.11
CA GLU B 247 18.18 -6.32 -4.55
C GLU B 247 18.42 -7.71 -5.05
N LYS B 248 19.26 -8.48 -4.31
CA LYS B 248 19.56 -9.87 -4.55
C LYS B 248 18.34 -10.73 -4.36
N GLU B 249 17.57 -10.47 -3.27
CA GLU B 249 16.35 -11.15 -2.92
C GLU B 249 15.31 -10.97 -4.01
N VAL B 250 15.12 -9.73 -4.52
CA VAL B 250 14.17 -9.37 -5.56
C VAL B 250 14.45 -10.13 -6.83
N THR B 251 15.74 -10.30 -7.18
CA THR B 251 16.17 -11.06 -8.33
C THR B 251 15.79 -12.52 -8.18
N ARG B 252 16.01 -13.11 -6.97
CA ARG B 252 15.64 -14.46 -6.62
C ARG B 252 14.16 -14.70 -6.76
N MET B 253 13.35 -13.81 -6.14
CA MET B 253 11.91 -13.76 -6.22
C MET B 253 11.39 -13.76 -7.64
N VAL B 254 12.01 -12.96 -8.53
CA VAL B 254 11.63 -12.83 -9.91
C VAL B 254 11.81 -14.14 -10.67
N ILE B 255 12.89 -14.90 -10.36
CA ILE B 255 13.11 -16.22 -10.92
C ILE B 255 12.00 -17.16 -10.50
N ILE B 256 11.64 -17.16 -9.19
CA ILE B 256 10.54 -17.92 -8.61
C ILE B 256 9.23 -17.59 -9.30
N MET B 257 8.93 -16.29 -9.53
CA MET B 257 7.74 -15.79 -10.19
C MET B 257 7.58 -16.26 -11.61
N VAL B 258 8.69 -16.31 -12.37
CA VAL B 258 8.72 -16.72 -13.76
C VAL B 258 8.47 -18.21 -13.83
N ILE B 259 9.21 -19.00 -13.02
CA ILE B 259 9.07 -20.42 -12.82
C ILE B 259 7.66 -20.82 -12.47
N ALA B 260 6.97 -20.04 -11.62
CA ALA B 260 5.63 -20.31 -11.20
C ALA B 260 4.65 -20.20 -12.35
N PHE B 261 4.87 -19.25 -13.29
CA PHE B 261 4.07 -19.14 -14.50
C PHE B 261 4.29 -20.33 -15.40
N LEU B 262 5.57 -20.78 -15.52
CA LEU B 262 5.95 -21.87 -16.37
C LEU B 262 5.30 -23.15 -15.96
N ILE B 263 5.46 -23.56 -14.67
CA ILE B 263 4.90 -24.76 -14.10
C ILE B 263 3.42 -24.91 -14.37
N CYS B 264 2.65 -23.81 -14.23
CA CYS B 264 1.23 -23.86 -14.33
C CYS B 264 0.69 -24.13 -15.73
N TRP B 265 1.27 -23.51 -16.78
CA TRP B 265 0.66 -23.57 -18.11
C TRP B 265 1.50 -24.22 -19.15
N LEU B 266 2.83 -24.36 -18.93
CA LEU B 266 3.73 -25.04 -19.83
C LEU B 266 3.33 -26.49 -20.09
N PRO B 267 2.94 -27.33 -19.13
CA PRO B 267 2.51 -28.71 -19.38
C PRO B 267 1.41 -28.82 -20.42
N TYR B 268 0.31 -28.05 -20.28
CA TYR B 268 -0.78 -27.98 -21.23
C TYR B 268 -0.34 -27.60 -22.61
N ALA B 269 0.51 -26.56 -22.72
CA ALA B 269 1.05 -26.04 -23.95
C ALA B 269 1.92 -27.06 -24.63
N GLY B 270 2.83 -27.71 -23.88
CA GLY B 270 3.75 -28.73 -24.31
C GLY B 270 3.08 -29.91 -24.95
N VAL B 271 2.11 -30.53 -24.24
CA VAL B 271 1.32 -31.66 -24.72
C VAL B 271 0.55 -31.31 -25.97
N ALA B 272 -0.18 -30.16 -25.96
CA ALA B 272 -0.95 -29.66 -27.08
C ALA B 272 -0.15 -29.47 -28.35
N PHE B 273 1.08 -28.91 -28.20
CA PHE B 273 2.00 -28.66 -29.29
C PHE B 273 2.49 -29.97 -29.88
N TYR B 274 2.83 -30.93 -28.99
CA TYR B 274 3.38 -32.23 -29.32
C TYR B 274 2.49 -33.07 -30.20
N ILE B 275 1.18 -33.17 -29.88
CA ILE B 275 0.25 -33.93 -30.69
C ILE B 275 0.12 -33.40 -32.11
N PHE B 276 0.15 -32.06 -32.31
CA PHE B 276 0.12 -31.45 -33.61
C PHE B 276 1.38 -31.71 -34.41
N THR B 277 2.56 -31.58 -33.76
CA THR B 277 3.84 -31.69 -34.43
C THR B 277 4.15 -33.13 -34.78
N HIS B 278 3.70 -34.07 -33.93
CA HIS B 278 3.90 -35.48 -34.14
C HIS B 278 2.59 -36.11 -33.85
N GLN B 279 1.92 -36.66 -34.91
CA GLN B 279 0.63 -37.28 -34.79
C GLN B 279 0.72 -38.54 -33.97
N GLY B 280 -0.33 -38.80 -33.16
CA GLY B 280 -0.39 -39.90 -32.23
C GLY B 280 0.45 -39.60 -31.01
N SER B 281 0.24 -40.41 -29.95
CA SER B 281 0.95 -40.27 -28.71
C SER B 281 1.17 -41.68 -28.21
N ASP B 282 2.14 -41.83 -27.29
CA ASP B 282 2.44 -43.09 -26.68
C ASP B 282 2.62 -42.74 -25.23
N PHE B 283 1.57 -42.11 -24.65
CA PHE B 283 1.51 -41.77 -23.26
C PHE B 283 0.08 -41.96 -22.88
N GLY B 284 -0.16 -42.53 -21.66
CA GLY B 284 -1.47 -42.87 -21.16
C GLY B 284 -2.21 -41.65 -20.67
N PRO B 285 -3.38 -41.83 -20.07
CA PRO B 285 -4.19 -40.74 -19.57
C PRO B 285 -3.70 -40.30 -18.21
N ILE B 286 -2.79 -41.06 -17.56
CA ILE B 286 -2.25 -40.71 -16.26
C ILE B 286 -1.23 -39.61 -16.45
N PHE B 287 -0.54 -39.61 -17.63
CA PHE B 287 0.33 -38.56 -18.11
C PHE B 287 -0.41 -37.25 -18.26
N MET B 288 -1.70 -37.33 -18.67
CA MET B 288 -2.56 -36.19 -18.88
C MET B 288 -3.09 -35.62 -17.58
N THR B 289 -2.88 -36.32 -16.43
CA THR B 289 -3.31 -35.83 -15.13
C THR B 289 -2.21 -34.96 -14.57
N ILE B 290 -0.96 -35.15 -15.05
CA ILE B 290 0.22 -34.40 -14.68
C ILE B 290 0.06 -32.90 -14.91
N PRO B 291 -0.34 -32.38 -16.09
CA PRO B 291 -0.61 -30.97 -16.30
C PRO B 291 -1.63 -30.38 -15.36
N ALA B 292 -2.65 -31.17 -14.94
CA ALA B 292 -3.72 -30.72 -14.08
C ALA B 292 -3.22 -30.50 -12.68
N PHE B 293 -2.33 -31.39 -12.19
CA PHE B 293 -1.72 -31.27 -10.88
C PHE B 293 -0.95 -29.99 -10.73
N PHE B 294 -0.10 -29.69 -11.73
CA PHE B 294 0.72 -28.50 -11.79
C PHE B 294 -0.08 -27.22 -11.82
N ALA B 295 -1.16 -27.20 -12.65
CA ALA B 295 -2.01 -26.05 -12.84
C ALA B 295 -2.76 -25.73 -11.58
N LYS B 296 -3.37 -26.75 -10.94
CA LYS B 296 -4.18 -26.61 -9.75
C LYS B 296 -3.43 -26.08 -8.55
N THR B 297 -2.13 -26.42 -8.43
CA THR B 297 -1.27 -26.00 -7.33
C THR B 297 -1.01 -24.50 -7.37
N SER B 298 -1.25 -23.80 -8.51
CA SER B 298 -1.03 -22.37 -8.59
C SER B 298 -1.99 -21.57 -7.73
N ALA B 299 -3.12 -22.18 -7.30
CA ALA B 299 -4.06 -21.61 -6.35
C ALA B 299 -3.44 -21.43 -4.98
N VAL B 300 -2.34 -22.17 -4.71
CA VAL B 300 -1.60 -22.10 -3.48
C VAL B 300 -0.41 -21.19 -3.67
N TYR B 301 0.43 -21.40 -4.71
CA TYR B 301 1.69 -20.69 -4.77
C TYR B 301 1.62 -19.25 -5.20
N ASN B 302 0.67 -18.86 -6.08
CA ASN B 302 0.52 -17.46 -6.47
C ASN B 302 0.30 -16.49 -5.30
N PRO B 303 -0.66 -16.66 -4.38
CA PRO B 303 -0.82 -15.81 -3.21
C PRO B 303 0.33 -15.93 -2.22
N VAL B 304 1.02 -17.09 -2.14
CA VAL B 304 2.20 -17.22 -1.28
C VAL B 304 3.26 -16.25 -1.72
N ILE B 305 3.57 -16.22 -3.03
CA ILE B 305 4.56 -15.36 -3.64
C ILE B 305 4.19 -13.90 -3.45
N TYR B 306 2.92 -13.51 -3.75
CA TYR B 306 2.59 -12.10 -3.86
C TYR B 306 2.07 -11.48 -2.59
N ILE B 307 1.82 -12.27 -1.52
CA ILE B 307 1.21 -11.78 -0.30
C ILE B 307 2.16 -12.10 0.82
N MET B 308 2.41 -13.41 1.07
CA MET B 308 3.19 -13.87 2.21
C MET B 308 4.59 -13.33 2.25
N MET B 309 5.22 -13.10 1.07
CA MET B 309 6.59 -12.66 0.97
C MET B 309 6.72 -11.15 0.92
N ASN B 310 5.67 -10.41 1.35
CA ASN B 310 5.67 -8.97 1.45
C ASN B 310 5.45 -8.63 2.91
N LYS B 311 6.32 -7.72 3.44
CA LYS B 311 6.44 -7.25 4.80
C LYS B 311 5.17 -6.87 5.52
N GLN B 312 4.27 -6.07 4.89
CA GLN B 312 3.08 -5.54 5.52
C GLN B 312 2.16 -6.64 5.96
N PHE B 313 1.81 -7.53 5.00
CA PHE B 313 0.99 -8.70 5.18
C PHE B 313 1.50 -9.60 6.26
N ARG B 314 2.84 -9.85 6.30
CA ARG B 314 3.51 -10.65 7.32
C ARG B 314 3.17 -10.17 8.70
N ASN B 315 3.40 -8.86 8.98
CA ASN B 315 3.10 -8.21 10.24
C ASN B 315 1.67 -8.42 10.69
N CYS B 316 0.69 -8.11 9.80
CA CYS B 316 -0.73 -8.28 10.02
C CYS B 316 -1.14 -9.69 10.36
N MET B 317 -0.59 -10.69 9.61
CA MET B 317 -0.82 -12.10 9.83
C MET B 317 -0.33 -12.57 11.18
N VAL B 318 0.88 -12.10 11.59
CA VAL B 318 1.44 -12.38 12.89
C VAL B 318 0.57 -11.83 13.98
N THR B 319 0.11 -10.55 13.84
CA THR B 319 -0.78 -9.90 14.78
C THR B 319 -2.07 -10.66 15.02
N THR B 320 -2.76 -11.12 13.94
CA THR B 320 -4.02 -11.82 14.09
C THR B 320 -3.85 -13.21 14.68
N LEU B 321 -2.77 -13.94 14.28
CA LEU B 321 -2.51 -15.28 14.78
C LEU B 321 -2.09 -15.28 16.23
N CYS B 322 -1.38 -14.21 16.67
CA CYS B 322 -0.97 -14.02 18.04
C CYS B 322 -1.95 -13.09 18.68
N CYS B 323 -3.26 -13.39 18.53
CA CYS B 323 -4.38 -12.78 19.22
C CYS B 323 -4.67 -11.43 18.59
N GLY B 324 -5.71 -11.38 17.74
CA GLY B 324 -6.07 -10.17 17.07
C GLY B 324 -7.09 -10.52 16.04
N1 SGV C . 7.96 16.44 2.50
C2 SGV C . 8.25 15.27 3.13
N3 SGV C . 7.48 14.57 3.99
C4 SGV C . 6.28 15.15 4.21
C5 SGV C . 5.85 16.36 3.66
C6 SGV C . 6.75 17.01 2.77
N6 SGV C . 6.45 18.23 2.14
C7 SGV C . 4.53 16.60 4.20
C8 SGV C . 4.25 15.53 5.03
N9 SGV C . 5.30 14.66 5.02
C1' SGV C . 5.40 13.42 5.79
C10 SGV C . 3.65 17.74 3.98
N11 SGV C . 2.33 17.53 4.28
O12 SGV C . 4.06 18.82 3.57
C2' SGV C . 5.74 13.71 7.25
O2' SGV C . 6.68 12.73 7.69
C3' SGV C . 4.40 13.55 7.92
O3' SGV C . 4.46 13.25 9.32
C4' SGV C . 3.82 12.41 7.13
O4' SGV C . 4.14 12.72 5.77
C5' SGV C . 2.33 12.18 7.32
O5' SGV C . 1.63 13.41 7.19
C1 RET D . -3.16 -23.21 -22.71
C2 RET D . -2.45 -23.16 -24.06
C3 RET D . -2.14 -24.53 -24.61
C4 RET D . -3.43 -25.29 -24.84
C5 RET D . -4.34 -25.27 -23.62
C6 RET D . -4.25 -24.32 -22.65
C7 RET D . -5.12 -24.25 -21.45
C8 RET D . -5.54 -25.29 -20.72
C9 RET D . -6.37 -25.15 -19.53
C10 RET D . -6.54 -26.22 -18.70
C11 RET D . -7.21 -26.17 -17.45
C12 RET D . -7.23 -27.25 -16.61
C13 RET D . -7.76 -27.23 -15.32
C14 RET D . -7.64 -28.37 -14.51
C15 RET D . -8.04 -28.45 -13.20
C16 RET D . -3.76 -21.82 -22.44
C17 RET D . -2.09 -23.46 -21.63
C18 RET D . -5.39 -26.39 -23.59
C19 RET D . -7.03 -23.81 -19.21
C20 RET D . -8.43 -25.96 -14.82
#